data_7OIM
#
_entry.id   7OIM
#
_cell.length_a   1.00
_cell.length_b   1.00
_cell.length_c   1.00
_cell.angle_alpha   90.00
_cell.angle_beta   90.00
_cell.angle_gamma   90.00
#
_symmetry.space_group_name_H-M   'P 1'
#
loop_
_entity.id
_entity.type
_entity.pdbx_description
1 polymer 'E3 ubiquitin-protein ligase RNF213'
2 non-polymer "ADENOSINE-5'-TRIPHOSPHATE"
3 non-polymer 'MAGNESIUM ION'
4 non-polymer 'ZINC ION'
5 non-polymer "ADENOSINE-5'-DIPHOSPHATE"
6 non-polymer 'PHOSPHOTHIOPHOSPHORIC ACID-ADENYLATE ESTER'
#
_entity_poly.entity_id   1
_entity_poly.type   'polypeptide(L)'
_entity_poly.pdbx_seq_one_letter_code
;MASWSHPQFEKGSTSAFNPRDTVTVYFHAIVSRHFGFNPEEHKVYVRGGEGLGQKGWTDACEMYCTQDLHDLGSLVEGKM
DIPRQSLDKPIPYKYVIHRGGSSKDTVEYEFIYEQAQKKGEHVNRCLRVVSTSLGNGDWHQYDDIICMRSTGFFQQAKNR
ILDSTRKELLKGKKQAAVVMLDRIFSVLQPWSDINLQSFMTQFLQFYSVVREPMIHDGRARKWTSLQYEEKEVWTNLWEH
VKKQMAPFLEGKSGESLPADCPVRSKLTLGLSILFMVEAAEFTVPKKDLDSLCYLLIPSAGSPEALHSDLSPVLRIRQRW
RIYLTNLCLRCIDERCDRWLGILPLLHTCMQKSPPKKNSKSQPEDTWAGLEGISFSEFRDKAPTRSQPLQFMQSKMALLR
VDEYLFRSWLSVVPLESLSSYLENSIDYLSDVPVRVLDCLQGISYRLPGLRKISNQNMKKDVENVFKMLMHLVDIYQHRI
FGENLLQIYLTECLTLHETVCNITANHQFFEIPALSAELICKLLELSPPGHTDEGLPEKSYEDLVTSTLQEALATTRNWL
RSLFKSRMLSISSAYVRLTYSEEMAVWRRLVEIGFPEKHGWKGSLLGDMEGRLKQEPPRLQISFFCSSQCRDGGLHDSVS
RSFEKCVIEAVSSACQSQTSVLEGLSCQDLQKFGTLLSAVITKSWPVHNGEPVFDVDEIFKYLLKWPDVRQLFELCGTNE
KIIDNITEEGRQLMATAESVFQKVAGELENGTIVVGQLELILEHQSQFLDIWNLNRRRLPSQEKACDVRSLLKRRRDDLL
FLKQEKRYVESLLRQLGRVKHLVQVDFGNIEIIHSQDLSNKKLNEAVIKLPNSSSYKRETHYCLSPDIREMASKLDSLKD
SHIFQDFWQETAESLNTLDKDPRELKVSLPEVLEYLYNPCYDNFYTLYENLKSGKITFAEVDAIFKDFVDKYDELKNDLK
FMCTMNPQDQKGWISERVGQIKEYHTLHQAVSSAKVILQVRRALGVTGDFSVLNPLLNFADSFEDFGNEKLDQISPQFIK
AKQLLQDISEPRQRCLEELARQTELVAWLHKALEDINELKVFVDLASISAGENDIDVDRVACFHDAVQGYASLLYKMDER
TNFSDFMNHLQELWRALDNDQHLPDKLKDSARNLEWLKTVKESHGSVELSSLSLATAINSRGVYVIEAPKDGQKISPDTV
LRLLLPDGHGYPEALRTYSTEELKELLNKLMLMSGKKDHNSNTEVEKFSEVFSNMQRLVHVFIKLHCAGNMLFRTWTAKV
YCCPDGGIFMNFGLELLSQLTEKGDVIQLLGALCRQMEDFLDNWKTVVAQKRAEHFYLNFYTAEQLVYLSSELRKPRPSE
AALMMLSFIKGKCTVQDLVQATSACESKADRYCLREVMKKLPQQLLSEPSLMGKLQVIMMQSLVYMSAFLPHCLDLDALG
RCLAHLATMGGTPVERPLPKGLQAGQPNLILCGHSEVLPAALAIYMQAPRQPLPTFDEVLLCTPATTIEEVELLLRRCLT
SGSQGHKVYSLLFADQLSYEVGCQAEEFFQSLCTRAHREDYQLVILCDAAREHCYIPSTFSQYKVPLVPQAPLPNIQAYL
QSHYQVPKRLLSAATVFRDGLCVGIVTSERAGVGKSLYVNTLHTKLKAKLRDETVPLKIIRLTEPHLDENQVLSALLPFL
KEKYQKMPVIFHIDISTSVQTGIPIFLFKLLILQYLMDINGKIWRRSPGHLYLVEIPQGLSVQPKRSSKLNARAPLFKFL
DLFPKVTCRPPKEVIDMELTPERSHTDPAMDPVEFCSEAFQRPYQYLKRFHQQQNLDTFQYEKGSVEGSPEECLQHFLIY
CGLINPSWSELRNFAWFLNCQLKDCEASIFCKSAFTGDTLRGFKNFVVTFMILMARDFATPTLHTSDQSPGRQSVTIGEV
VEEDLAPFSLRKRWESEPHPYVFFNGDHMTMTFIGFHLETNNNGYVDAINPSNGKVIKKDVMTKELFDGLRLQRVPFNID
FDNLPRYEKLERLCLALGIEWPIDPDETYELTTDNMLKILAIEMRFRCGIPVIIMGETGCGKTRLIKFLSDLKRGSVEAE
TMKLVKVHGGTTPSMIYSKVKEAERTAFSNKAQHKLDTILFFDEANTTEAVSCIKEILCDRTVDGEHLHEDSGLHIIAAC
NPYRKHSQEMILRLESAGLGYRVSAEETADRLGSIPLRQLVYRVHALPPSLIPLVWDFGQLNDSAEKLYIQQIVQRLVDS
VSVNPSETCVIADVLSASQMFMRKRENECGFVSLRDVERCVKVFRWFHDHSDMLLKELDKFLHESSDSTHTFERDPVLWS
LVMAIGVCYHASLEEKASYRTAIARCFPKPYNSSRAILDEVTHVQDLFLRGAPIRTNIARNLALKENVFMMVICIELKIP
LFLVGKPGSSKSLAKIIVADAMQGQAAFSELFRCLKQVHLVSFQCSPHSTPQGIISTFKQCARFQQGKDLGQYVSVVVLD
EVGLAEDSPKMPLKTLHPLLEDGCIEDDPAPYKKVGFVGISNWALDPAKMNRGIFVSRGSPNEKELIESAEGICSSDRLV
QDKIRGYFAPFAKAYETVCQKQDKEFFGLRDYYSLIKMVFAKAKASKRGLSPQDITHAVLRNFSGKDNIQALSIFTASLP
EARYKEEVSTVELIKQNIYPGPQASSRGLDGAESRYLLVLTRNYVALQILQQTFFEGQQPEIIFGSSFPQDQEYTQICRN
INRVKICMETGKMVVLLNLQNLYESLYDALNQYYVYLGGQKYVDLGLGTHRVKCRVHTAFRLIVIEEKDVVYKQFPVPLI
NRLEKHYLDMNTVLQPWQKSIVQELQQWAHEFADVKADQFIARHKYSPADVFIGYHSDACASVVLQAVERQGCRDLTEEL
YRKVSEEARSILLDCATPDAVVRLSGSSLGSFTAKQLSQEYYYAQQHNSFVDFLQAHLRMTHHECRAVFTEITTFSRLLT
GNDCDVLASELRGLASKPVVLSLQQYDTEYSFLKDVRSWLTNPGKRKVLVIQADFDDGTRSAQLVASAKYTAINEINKTQ
GTKDFVFVYFVTKLSRMGSGTSYVGFHGGLWRSVHIDDLRRSTIMASDVTKLQNVTISQLFKPEDKPEQEEMEIETSQSK
ELAEEQMEVEDSEEMKKASDPRSCDCSQFLDTTRLVQSCVQGAVGMLRDQNESCARNMRRVTILLDLLNEDNTRNASFLR
ESKMRLHVLLNKQEENQVRSLKEWVTREAANQDALQEAGTFRHTLWKRVQDVVTPILASMIAHIDRDGNLELLAQPDSPA
WVQDLWMFIYSDIKFLNISLVLNNTRSNSEMSFILVQSHMNLLKDAYNAVPFSWRIRDYLEELWVQAQYITDTEGLSKKF
VEIFQKTPLGVFLAQFPVAQQQKLLQSYLKDFLLLTMKVSSREELMFLQMALWSCLRELQEASGTPDETYKFPLSLPWVH
LAFQHFRTRLQNFSRILTIHPQVLSSLSQAAEKHSLAGCEMTLDAFAAMACAEMLKGDLLKPSPKAWLQLVKNLSTPLEL
VCSEGYLCDSGSMTRSVIQEVRALWNRIFSIALFVEHVLLGTESHIPELSPLVTTYVSLLDKCLEEDSNLKTCRPFVAVM
TTLCDCKDKASKKFSRFGIQPCFICHGDAQDPVCLPCDHVYCLRCIQTWLIPGQMMCPYCLTDLPDKFSPTVSQDHRKAI
EKHAQFRHMCNSFFVDLVSTMCFKDNTPPEKSVIDTLLSLLFVQKELLRDASQKHREHTKSLSPFDDVVDQTPVIRSVLL
KLLLKYSFHEVKDYIQNYLTQLEKKAFLTEDKTELYLLFISCLEDSVHQKTSAGCRNLEQVLREEGHFLRTYSPGLQGQE
PVRIASVEYLQEVARVRLCLDLAADFLSELQEGSELAEDKRRFLKHVEEFCTRVNNDWHRVYLVRKLSSQRGMEFVQSFS
KQGHPCQWVFPRKVIAQQKDHVSLMDRYLVHGNEYKAVRDATAKAVLECKTLDIGNALMACRSPKPQQTAYLLLALYTEV
AALYRSPNGSLHPEAKQLEAVNKFIKESKILSDPNIRCFARSLVDNTLPLLKIRSANSILKGTVTEMAVHVATILLCGHN
QILKPLRNLAFYPVNMANAFLPTMPEDLLVHARTWRGLENVTWYTCPRGHPCSVGECGRPMQESTCLDCGLPVGGLNHTP
HEGFSAIRNNEDRTQTGHVLGSPQSSGVAEVSDRGQSPVVFILTRLLTHLAMLVGATHNPQALTVIIKPWVQDPQGFLQQ
HIQRDLEQLTKMLGRSADETIHVVHLILSSLLRVQSHGVLNFNAELSTKGCRNNWEKHFETLLLRELKHLDKNLPAINAL
ISQDERISSNPVTKIIYGDPATFLPHLPQKSIIHCSKIWSCRRKITVEYLQHIVEQKNGKETVPVLWHFLQKEAELRLVK
FLPEILALQRDLVKQFQNVSRVEYSSIRGFIHSHSSDGLRKLLHDRITIFLSTWNALRRSLETNGEIKLPKDYCCSDLDL
DAEFEVILPRRQGLGLCGTALVSYLISLHNNMVYTVQKFSNEDNSYSVDISEVADLHVISYEVERDLNPLILSNCQYQVQ
QGGETSQEFDLEKIQRQISSRFLQGKPRLTLKGIPTLVYRRDWNYEHLFMDIKNKMAQSSLPNLAISTISGQLQSYSDAC
EALSIIEITLGFLSTAGGDPGMDLNVYIEEVLRMCDQTAQVLKAFSRCQLRHIIALWQFLSAHKSEQRLRLNKELFREID
VQYKEELSTQHQRLLGTFLNEAGLDAFLLELHEMIVLKLKGPRAANSFNPNWSLKDTLVSYMETKDSDILSEVESQFPEE
ILMSSCISVWKIAATRKWDRQSRGGGHHHHHHHHHH
;
_entity_poly.pdbx_strand_id   A
#
# COMPACT_ATOMS: atom_id res chain seq x y z
N LYS A 167 -70.91 76.81 24.66
CA LYS A 167 -70.28 76.20 25.82
C LYS A 167 -71.28 75.33 26.58
N GLU A 168 -72.55 75.72 26.54
CA GLU A 168 -73.59 74.98 27.25
C GLU A 168 -73.83 73.60 26.63
N LEU A 169 -73.71 73.49 25.31
CA LEU A 169 -73.80 72.19 24.67
C LEU A 169 -72.56 71.34 24.97
N LEU A 170 -71.41 71.99 25.15
CA LEU A 170 -70.18 71.27 25.48
C LEU A 170 -70.20 70.79 26.93
N LYS A 171 -70.87 71.54 27.82
CA LYS A 171 -71.06 71.06 29.19
C LYS A 171 -71.99 69.85 29.22
N GLY A 172 -73.04 69.87 28.39
CA GLY A 172 -73.87 68.69 28.24
C GLY A 172 -73.14 67.54 27.56
N LYS A 173 -72.22 67.86 26.64
CA LYS A 173 -71.38 66.84 26.02
C LYS A 173 -70.46 66.19 27.05
N LYS A 174 -69.91 66.99 27.97
CA LYS A 174 -69.06 66.45 29.03
C LYS A 174 -69.88 65.60 30.00
N GLN A 175 -71.12 66.00 30.27
CA GLN A 175 -71.97 65.22 31.16
C GLN A 175 -72.36 63.89 30.51
N ALA A 176 -72.62 63.90 29.20
CA ALA A 176 -72.86 62.66 28.47
C ALA A 176 -71.62 61.77 28.46
N ALA A 177 -70.44 62.38 28.34
CA ALA A 177 -69.19 61.63 28.39
C ALA A 177 -68.95 60.98 29.75
N VAL A 178 -69.23 61.72 30.84
CA VAL A 178 -68.97 61.16 32.16
C VAL A 178 -70.01 60.08 32.49
N VAL A 179 -71.25 60.22 32.01
CA VAL A 179 -72.23 59.18 32.33
C VAL A 179 -72.01 57.95 31.45
N MET A 180 -71.49 58.12 30.22
CA MET A 180 -71.20 56.96 29.39
C MET A 180 -69.96 56.23 29.88
N LEU A 181 -68.97 56.97 30.39
CA LEU A 181 -67.79 56.35 30.98
C LEU A 181 -68.16 55.62 32.27
N ASP A 182 -69.08 56.18 33.06
CA ASP A 182 -69.59 55.46 34.24
C ASP A 182 -70.37 54.20 33.83
N ARG A 183 -71.14 54.29 32.73
CA ARG A 183 -71.92 53.16 32.25
C ARG A 183 -71.01 52.02 31.79
N ILE A 184 -69.93 52.34 31.08
CA ILE A 184 -69.01 51.29 30.67
C ILE A 184 -68.05 50.88 31.78
N PHE A 185 -67.96 51.67 32.85
CA PHE A 185 -67.26 51.19 34.04
C PHE A 185 -68.12 50.25 34.88
N SER A 186 -69.45 50.37 34.78
CA SER A 186 -70.33 49.49 35.53
C SER A 186 -70.36 48.07 34.98
N VAL A 187 -70.15 47.90 33.67
CA VAL A 187 -70.19 46.57 33.07
C VAL A 187 -68.86 45.84 33.31
N LEU A 188 -67.83 46.58 33.74
CA LEU A 188 -66.53 45.99 34.05
C LEU A 188 -66.52 45.16 35.33
N GLN A 189 -67.58 45.18 36.13
CA GLN A 189 -67.58 44.42 37.37
C GLN A 189 -67.68 42.90 37.19
N PRO A 190 -68.45 42.33 36.26
CA PRO A 190 -68.18 40.94 35.87
C PRO A 190 -66.85 40.84 35.13
N TRP A 191 -66.10 39.78 35.41
CA TRP A 191 -64.72 39.63 34.95
C TRP A 191 -64.63 38.45 33.99
N SER A 192 -64.74 38.74 32.70
CA SER A 192 -64.63 37.73 31.66
C SER A 192 -64.21 38.40 30.36
N ASP A 193 -63.72 37.58 29.42
CA ASP A 193 -63.29 38.09 28.12
C ASP A 193 -64.48 38.45 27.24
N ILE A 194 -65.62 37.79 27.45
CA ILE A 194 -66.83 38.07 26.67
C ILE A 194 -67.32 39.49 26.96
N ASN A 195 -67.26 39.91 28.23
CA ASN A 195 -67.56 41.29 28.58
C ASN A 195 -66.52 42.24 27.99
N LEU A 196 -65.24 41.87 28.04
CA LEU A 196 -64.17 42.76 27.60
C LEU A 196 -64.17 42.95 26.08
N GLN A 197 -64.75 42.01 25.34
CA GLN A 197 -64.91 42.19 23.90
C GLN A 197 -65.91 43.30 23.59
N SER A 198 -66.87 43.55 24.49
CA SER A 198 -67.90 44.54 24.23
C SER A 198 -67.38 45.96 24.41
N PHE A 199 -66.37 46.18 25.26
CA PHE A 199 -65.95 47.55 25.55
C PHE A 199 -65.17 48.15 24.40
N MET A 200 -64.49 47.33 23.60
CA MET A 200 -63.83 47.86 22.40
C MET A 200 -64.85 48.23 21.34
N THR A 201 -66.00 47.56 21.33
CA THR A 201 -67.07 47.93 20.42
C THR A 201 -67.77 49.20 20.88
N GLN A 202 -67.86 49.41 22.20
CA GLN A 202 -68.54 50.57 22.73
C GLN A 202 -67.72 51.85 22.55
N PHE A 203 -66.41 51.76 22.74
CA PHE A 203 -65.57 52.95 22.65
C PHE A 203 -65.32 53.35 21.19
N LEU A 204 -65.29 52.38 20.28
CA LEU A 204 -65.15 52.69 18.85
C LEU A 204 -66.35 53.45 18.33
N GLN A 205 -67.56 53.06 18.75
CA GLN A 205 -68.76 53.81 18.38
C GLN A 205 -68.86 55.15 19.11
N PHE A 206 -68.33 55.23 20.33
CA PHE A 206 -68.27 56.51 21.03
C PHE A 206 -67.34 57.49 20.35
N TYR A 207 -66.18 57.02 19.88
CA TYR A 207 -65.27 57.88 19.15
C TYR A 207 -65.78 58.22 17.76
N SER A 208 -66.65 57.38 17.19
CA SER A 208 -67.19 57.62 15.86
C SER A 208 -68.15 58.81 15.86
N VAL A 209 -68.91 59.00 16.94
CA VAL A 209 -69.87 60.09 17.00
C VAL A 209 -69.29 61.38 17.55
N VAL A 210 -68.08 61.33 18.12
CA VAL A 210 -67.44 62.55 18.63
C VAL A 210 -66.21 62.87 17.78
N GLN A 227 -66.62 73.42 17.52
CA GLN A 227 -65.77 73.90 18.59
C GLN A 227 -65.25 72.74 19.44
N TYR A 228 -65.30 71.54 18.87
CA TYR A 228 -64.89 70.32 19.58
C TYR A 228 -63.46 69.98 19.16
N GLU A 229 -62.50 70.46 19.94
CA GLU A 229 -61.10 70.15 19.69
C GLU A 229 -60.75 68.76 20.21
N GLU A 230 -59.59 68.25 19.78
CA GLU A 230 -59.15 66.92 20.21
C GLU A 230 -58.67 66.92 21.66
N LYS A 231 -58.38 68.08 22.23
CA LYS A 231 -57.98 68.13 23.64
C LYS A 231 -59.17 67.91 24.56
N GLU A 232 -60.38 68.25 24.11
CA GLU A 232 -61.56 68.08 24.95
C GLU A 232 -61.94 66.62 25.11
N VAL A 233 -61.61 65.78 24.13
CA VAL A 233 -61.78 64.33 24.29
C VAL A 233 -60.82 63.80 25.35
N TRP A 234 -59.57 64.26 25.32
CA TRP A 234 -58.58 63.83 26.31
C TRP A 234 -58.78 64.51 27.65
N THR A 235 -59.45 65.66 27.69
CA THR A 235 -59.73 66.34 28.96
C THR A 235 -60.66 65.52 29.84
N ASN A 236 -61.70 64.92 29.25
CA ASN A 236 -62.61 64.08 30.01
C ASN A 236 -61.95 62.78 30.46
N LEU A 237 -61.05 62.22 29.63
CA LEU A 237 -60.37 60.99 30.00
C LEU A 237 -59.33 61.24 31.10
N TRP A 238 -58.67 62.40 31.06
CA TRP A 238 -57.67 62.71 32.08
C TRP A 238 -58.29 63.10 33.40
N GLU A 239 -59.54 63.59 33.40
CA GLU A 239 -60.19 64.00 34.64
C GLU A 239 -60.63 62.79 35.46
N HIS A 240 -61.12 61.73 34.82
CA HIS A 240 -61.48 60.53 35.57
C HIS A 240 -60.26 59.78 36.09
N VAL A 241 -59.20 59.68 35.28
CA VAL A 241 -58.11 58.77 35.61
C VAL A 241 -57.33 59.22 36.84
N LYS A 242 -57.38 60.51 37.18
CA LYS A 242 -56.77 60.98 38.42
C LYS A 242 -57.54 60.52 39.66
N LYS A 243 -58.81 60.14 39.51
CA LYS A 243 -59.68 59.84 40.63
C LYS A 243 -59.46 58.42 41.19
N GLN A 244 -59.32 57.40 40.32
CA GLN A 244 -59.31 56.03 40.81
C GLN A 244 -57.95 55.56 41.30
N MET A 245 -56.92 56.42 41.30
CA MET A 245 -55.71 56.11 42.06
C MET A 245 -55.98 56.07 43.56
N ALA A 246 -56.84 56.97 44.05
CA ALA A 246 -57.13 57.03 45.48
C ALA A 246 -57.76 55.76 46.06
N PRO A 247 -58.70 55.05 45.40
CA PRO A 247 -59.04 53.72 45.93
C PRO A 247 -58.00 52.65 45.63
N PHE A 248 -57.11 52.84 44.66
CA PHE A 248 -56.27 51.74 44.18
C PHE A 248 -54.81 51.85 44.55
N LEU A 249 -54.29 53.03 44.86
CA LEU A 249 -52.90 53.14 45.31
C LEU A 249 -52.73 52.53 46.70
N GLU A 250 -53.73 52.71 47.56
CA GLU A 250 -53.70 52.19 48.92
C GLU A 250 -54.49 50.90 49.05
N GLY A 251 -55.76 50.91 48.67
CA GLY A 251 -56.59 49.73 48.76
C GLY A 251 -56.49 48.83 47.54
N LYS A 266 -57.38 45.58 40.44
CA LYS A 266 -56.76 46.89 40.21
C LYS A 266 -55.85 46.85 39.00
N LEU A 267 -55.72 45.68 38.39
CA LEU A 267 -55.10 45.59 37.07
C LEU A 267 -56.03 46.02 35.95
N THR A 268 -57.35 45.88 36.13
CA THR A 268 -58.28 46.21 35.06
C THR A 268 -58.35 47.71 34.75
N LEU A 269 -57.94 48.57 35.69
CA LEU A 269 -57.91 50.00 35.42
C LEU A 269 -56.83 50.37 34.41
N GLY A 270 -55.64 49.76 34.53
CA GLY A 270 -54.58 50.07 33.59
C GLY A 270 -54.81 49.53 32.19
N LEU A 271 -55.32 48.30 32.09
CA LEU A 271 -55.70 47.78 30.78
C LEU A 271 -56.87 48.55 30.17
N SER A 272 -57.78 49.05 31.01
CA SER A 272 -58.89 49.83 30.49
C SER A 272 -58.44 51.19 29.99
N ILE A 273 -57.53 51.86 30.72
CA ILE A 273 -57.05 53.15 30.25
C ILE A 273 -56.07 52.99 29.10
N LEU A 274 -55.41 51.83 28.97
CA LEU A 274 -54.66 51.54 27.76
C LEU A 274 -55.58 51.37 26.55
N PHE A 275 -56.72 50.71 26.73
CA PHE A 275 -57.72 50.62 25.66
C PHE A 275 -58.26 52.00 25.29
N MET A 276 -58.43 52.86 26.29
CA MET A 276 -58.99 54.20 26.08
C MET A 276 -58.01 55.17 25.41
N VAL A 277 -56.71 55.07 25.67
CA VAL A 277 -55.79 55.98 25.00
C VAL A 277 -55.06 55.44 23.76
N GLU A 278 -54.84 54.12 23.67
CA GLU A 278 -54.70 53.51 22.34
C GLU A 278 -55.92 53.72 21.44
N ALA A 279 -57.12 53.78 22.01
CA ALA A 279 -58.33 54.01 21.23
C ALA A 279 -58.47 55.44 20.72
N ALA A 280 -57.54 56.35 20.98
CA ALA A 280 -57.62 57.67 20.37
C ALA A 280 -56.31 58.21 19.82
N GLU A 281 -55.18 57.54 20.03
CA GLU A 281 -53.80 58.00 19.78
C GLU A 281 -53.43 59.34 20.42
N PHE A 282 -53.47 59.37 21.76
CA PHE A 282 -53.48 60.60 22.56
C PHE A 282 -52.20 60.63 23.39
N THR A 283 -51.40 61.68 23.20
CA THR A 283 -50.28 61.97 24.10
C THR A 283 -50.72 61.99 25.57
N VAL A 284 -49.91 61.35 26.40
CA VAL A 284 -50.04 61.37 27.86
C VAL A 284 -48.95 62.28 28.42
N PRO A 285 -49.16 62.92 29.58
CA PRO A 285 -48.04 63.63 30.22
C PRO A 285 -47.08 62.63 30.86
N LYS A 286 -45.79 62.98 30.79
CA LYS A 286 -44.73 62.40 31.63
C LYS A 286 -45.08 62.15 33.09
N LYS A 287 -45.69 63.13 33.76
CA LYS A 287 -46.09 62.91 35.15
C LYS A 287 -47.19 61.86 35.31
N ASP A 288 -48.06 61.69 34.31
CA ASP A 288 -49.00 60.56 34.37
C ASP A 288 -48.39 59.19 34.05
N LEU A 289 -47.19 59.13 33.45
CA LEU A 289 -46.40 57.89 33.48
C LEU A 289 -46.00 57.43 34.88
N ASP A 290 -45.97 58.32 35.87
CA ASP A 290 -45.78 57.88 37.25
C ASP A 290 -46.96 57.07 37.78
N SER A 291 -48.19 57.37 37.33
CA SER A 291 -49.33 56.66 37.87
C SER A 291 -49.75 55.44 37.05
N LEU A 292 -49.83 55.56 35.72
CA LEU A 292 -50.46 54.51 34.90
C LEU A 292 -49.64 53.22 34.86
N CYS A 293 -48.31 53.32 34.90
CA CYS A 293 -47.47 52.15 34.97
C CYS A 293 -47.63 51.36 36.28
N TYR A 294 -47.92 52.05 37.38
CA TYR A 294 -48.21 51.37 38.65
C TYR A 294 -49.53 50.61 38.60
N LEU A 295 -50.46 51.03 37.74
CA LEU A 295 -51.70 50.29 37.51
C LEU A 295 -51.51 48.94 36.84
N LEU A 296 -50.32 48.67 36.31
CA LEU A 296 -50.03 47.41 35.61
C LEU A 296 -49.18 46.46 36.43
N ILE A 297 -48.36 46.97 37.35
CA ILE A 297 -47.45 46.20 38.19
C ILE A 297 -48.23 45.17 39.01
N PRO A 298 -48.04 43.86 38.75
CA PRO A 298 -48.93 42.80 39.30
C PRO A 298 -48.69 42.51 40.78
N SER A 299 -49.01 43.49 41.62
CA SER A 299 -49.00 43.29 43.06
C SER A 299 -50.13 42.34 43.47
N ALA A 300 -49.84 41.52 44.49
CA ALA A 300 -50.71 40.41 44.95
C ALA A 300 -51.05 39.43 43.83
N GLY A 301 -50.13 39.21 42.91
CA GLY A 301 -50.31 38.23 41.85
C GLY A 301 -49.13 37.29 41.80
N SER A 302 -48.47 37.13 42.95
CA SER A 302 -47.20 36.41 43.01
C SER A 302 -47.22 34.93 42.59
N PRO A 303 -48.31 34.15 42.72
CA PRO A 303 -48.32 32.85 42.03
C PRO A 303 -48.55 32.99 40.53
N GLU A 304 -47.91 32.09 39.78
CA GLU A 304 -48.08 32.04 38.34
C GLU A 304 -49.38 31.36 37.94
N ALA A 305 -49.97 30.56 38.83
CA ALA A 305 -51.30 30.03 38.58
C ALA A 305 -52.36 31.11 38.53
N LEU A 306 -52.20 32.18 39.32
CA LEU A 306 -53.10 33.33 39.19
C LEU A 306 -52.87 34.08 37.88
N HIS A 307 -51.65 34.03 37.34
CA HIS A 307 -51.42 34.62 36.02
C HIS A 307 -52.03 33.78 34.91
N SER A 308 -51.99 32.45 35.05
CA SER A 308 -52.73 31.60 34.12
C SER A 308 -54.23 31.73 34.28
N ASP A 309 -54.70 32.12 35.47
CA ASP A 309 -56.12 32.43 35.64
C ASP A 309 -56.50 33.77 35.01
N LEU A 310 -55.57 34.73 35.01
CA LEU A 310 -55.80 35.99 34.32
C LEU A 310 -55.57 35.90 32.81
N SER A 311 -54.92 34.83 32.35
CA SER A 311 -54.70 34.65 30.91
C SER A 311 -55.96 34.56 30.02
N PRO A 312 -57.07 33.88 30.39
CA PRO A 312 -58.23 33.85 29.47
C PRO A 312 -58.93 35.20 29.26
N VAL A 313 -58.59 36.22 30.05
CA VAL A 313 -58.96 37.60 29.76
C VAL A 313 -58.29 38.11 28.47
N LEU A 314 -57.06 37.71 28.20
CA LEU A 314 -56.26 38.30 27.13
C LEU A 314 -55.84 37.30 26.05
N ARG A 315 -56.79 36.46 25.60
CA ARG A 315 -56.48 35.24 24.85
C ARG A 315 -55.82 35.49 23.49
N ILE A 316 -56.21 36.54 22.77
CA ILE A 316 -55.54 36.80 21.49
C ILE A 316 -54.11 37.30 21.72
N ARG A 317 -53.15 36.56 21.17
CA ARG A 317 -51.73 36.74 21.42
C ARG A 317 -51.03 37.71 20.44
N GLN A 318 -51.77 38.55 19.70
CA GLN A 318 -51.11 39.37 18.67
C GLN A 318 -51.35 40.86 18.80
N ARG A 319 -52.56 41.29 19.15
CA ARG A 319 -52.88 42.72 19.22
C ARG A 319 -52.20 43.37 20.42
N TRP A 320 -52.30 42.70 21.57
CA TRP A 320 -51.70 43.15 22.82
C TRP A 320 -50.18 43.25 22.71
N ARG A 321 -49.54 42.43 21.89
CA ARG A 321 -48.10 42.50 21.74
C ARG A 321 -47.67 43.83 21.12
N ILE A 322 -48.40 44.27 20.10
CA ILE A 322 -48.10 45.57 19.50
C ILE A 322 -48.48 46.68 20.47
N TYR A 323 -49.56 46.47 21.25
CA TYR A 323 -49.98 47.46 22.25
C TYR A 323 -48.95 47.63 23.37
N LEU A 324 -48.47 46.54 23.93
CA LEU A 324 -47.45 46.64 24.97
C LEU A 324 -46.13 47.18 24.43
N THR A 325 -45.75 46.79 23.19
CA THR A 325 -44.49 47.28 22.66
C THR A 325 -44.52 48.78 22.32
N ASN A 326 -45.64 49.28 21.76
CA ASN A 326 -45.72 50.73 21.51
C ASN A 326 -45.77 51.49 22.83
N LEU A 327 -46.44 50.93 23.86
CA LEU A 327 -46.44 51.60 25.17
C LEU A 327 -45.05 51.64 25.80
N CYS A 328 -44.26 50.56 25.65
CA CYS A 328 -42.88 50.55 26.15
C CYS A 328 -42.04 51.60 25.44
N LEU A 329 -42.11 51.64 24.11
CA LEU A 329 -41.29 52.59 23.38
C LEU A 329 -41.81 54.01 23.58
N ARG A 330 -43.08 54.15 23.98
CA ARG A 330 -43.62 55.48 24.20
C ARG A 330 -43.11 55.99 25.54
N CYS A 331 -43.07 55.13 26.56
CA CYS A 331 -42.59 55.55 27.86
C CYS A 331 -41.08 55.45 28.00
N ILE A 332 -40.35 55.25 26.89
CA ILE A 332 -38.91 55.02 27.00
C ILE A 332 -38.13 56.32 27.19
N ASP A 333 -38.78 57.47 27.07
CA ASP A 333 -38.21 58.77 27.46
C ASP A 333 -37.88 58.83 28.96
N GLU A 334 -37.12 59.87 29.32
CA GLU A 334 -36.44 59.95 30.61
C GLU A 334 -37.36 60.25 31.80
N ARG A 335 -38.35 59.38 32.02
CA ARG A 335 -38.88 59.12 33.34
C ARG A 335 -38.58 57.68 33.72
N CYS A 336 -39.03 56.75 32.87
CA CYS A 336 -38.46 55.41 32.60
C CYS A 336 -37.98 54.65 33.82
N ASP A 337 -38.84 54.53 34.81
CA ASP A 337 -38.44 53.76 35.97
C ASP A 337 -39.37 52.58 36.24
N ARG A 338 -40.67 52.77 36.09
CA ARG A 338 -41.67 51.74 36.40
C ARG A 338 -41.87 50.71 35.30
N TRP A 339 -41.32 50.91 34.09
CA TRP A 339 -41.67 50.05 32.95
C TRP A 339 -41.09 48.65 33.06
N LEU A 340 -40.24 48.40 34.06
CA LEU A 340 -39.71 47.07 34.27
C LEU A 340 -40.77 46.16 34.88
N GLY A 341 -41.78 46.72 35.56
CA GLY A 341 -42.85 45.89 36.08
C GLY A 341 -43.93 45.50 35.10
N ILE A 342 -43.90 46.02 33.87
CA ILE A 342 -44.84 45.61 32.84
C ILE A 342 -44.35 44.35 32.11
N LEU A 343 -43.03 44.13 32.09
CA LEU A 343 -42.43 42.91 31.55
C LEU A 343 -42.98 41.57 32.07
N PRO A 344 -43.33 41.37 33.36
CA PRO A 344 -43.99 40.10 33.73
C PRO A 344 -45.35 39.86 33.10
N LEU A 345 -46.01 40.90 32.60
CA LEU A 345 -47.29 40.75 31.90
C LEU A 345 -47.09 40.18 30.51
N LEU A 346 -46.10 40.71 29.79
CA LEU A 346 -45.83 40.34 28.41
C LEU A 346 -44.94 39.12 28.26
N HIS A 347 -44.52 38.50 29.36
CA HIS A 347 -43.82 37.23 29.33
C HIS A 347 -44.66 35.99 29.69
N THR A 348 -45.96 36.13 29.99
CA THR A 348 -46.80 34.98 30.29
C THR A 348 -47.79 34.53 29.22
N CYS A 349 -48.04 35.33 28.19
CA CYS A 349 -48.98 34.96 27.13
C CYS A 349 -48.33 34.47 25.85
N MET A 350 -47.25 33.69 25.93
CA MET A 350 -46.54 33.15 24.76
C MET A 350 -45.83 31.86 25.18
N GLN A 351 -44.89 31.39 24.36
CA GLN A 351 -44.25 30.09 24.50
C GLN A 351 -43.28 30.09 25.69
N LYS A 352 -42.84 28.90 26.09
CA LYS A 352 -42.00 28.78 27.28
C LYS A 352 -40.56 29.21 26.98
N SER A 353 -39.67 28.95 27.93
CA SER A 353 -38.29 29.41 27.82
C SER A 353 -37.44 28.46 27.00
N PRO A 354 -36.80 28.92 25.93
CA PRO A 354 -35.92 28.05 25.15
C PRO A 354 -34.64 27.79 25.91
N PRO A 355 -34.30 26.53 26.18
CA PRO A 355 -33.12 26.23 26.99
C PRO A 355 -31.83 25.99 26.21
N LYS A 356 -31.80 26.28 24.92
CA LYS A 356 -30.68 25.85 24.08
C LYS A 356 -29.44 26.70 24.35
N LYS A 357 -28.33 26.24 23.78
CA LYS A 357 -27.04 26.93 23.90
C LYS A 357 -27.03 28.23 23.11
N ASN A 358 -26.12 29.12 23.50
CA ASN A 358 -26.00 30.45 22.94
C ASN A 358 -25.42 30.36 21.53
N SER A 359 -25.69 31.42 20.73
CA SER A 359 -25.39 31.55 19.30
C SER A 359 -26.06 30.46 18.46
N LYS A 360 -27.12 29.85 18.98
CA LYS A 360 -27.96 28.90 18.25
C LYS A 360 -29.37 29.41 18.08
N SER A 361 -30.00 29.90 19.15
CA SER A 361 -31.37 30.39 19.10
C SER A 361 -31.53 31.61 18.20
N GLN A 362 -31.04 32.78 18.67
CA GLN A 362 -31.06 34.07 17.96
C GLN A 362 -30.37 35.01 18.94
N PRO A 363 -29.96 36.24 18.54
CA PRO A 363 -29.60 37.26 19.54
C PRO A 363 -30.68 37.72 20.51
N GLU A 364 -30.30 38.69 21.34
CA GLU A 364 -30.81 38.89 22.71
C GLU A 364 -32.31 39.12 22.80
N ASP A 365 -32.97 39.60 21.74
CA ASP A 365 -34.38 39.95 21.87
C ASP A 365 -35.30 38.73 21.93
N THR A 366 -34.86 37.58 21.44
CA THR A 366 -35.67 36.38 21.56
C THR A 366 -35.42 35.64 22.86
N TRP A 367 -34.16 35.57 23.29
CA TRP A 367 -33.83 34.98 24.59
C TRP A 367 -34.45 35.76 25.74
N ALA A 368 -34.25 37.09 25.77
CA ALA A 368 -34.87 37.90 26.82
C ALA A 368 -36.39 37.99 26.64
N GLY A 369 -36.86 38.02 25.41
CA GLY A 369 -38.29 38.08 25.14
C GLY A 369 -38.86 39.46 24.96
N LEU A 370 -38.06 40.44 24.56
CA LEU A 370 -38.57 41.79 24.35
C LEU A 370 -39.07 42.04 22.93
N GLU A 371 -38.18 41.86 21.95
CA GLU A 371 -38.44 41.81 20.50
C GLU A 371 -38.97 43.11 19.92
N GLY A 372 -38.99 44.20 20.68
CA GLY A 372 -39.33 45.49 20.13
C GLY A 372 -38.62 46.69 20.74
N ILE A 373 -37.66 46.43 21.63
CA ILE A 373 -37.10 47.47 22.48
C ILE A 373 -35.61 47.60 22.16
N SER A 374 -35.18 48.83 21.86
CA SER A 374 -33.78 49.13 21.57
C SER A 374 -33.06 49.56 22.85
N PHE A 375 -32.80 48.56 23.70
CA PHE A 375 -32.08 48.79 24.94
C PHE A 375 -30.58 49.08 24.77
N SER A 376 -30.02 48.83 23.58
CA SER A 376 -28.56 48.90 23.42
C SER A 376 -27.96 50.30 23.49
N GLU A 377 -28.76 51.37 23.33
CA GLU A 377 -28.21 52.71 23.61
C GLU A 377 -28.19 53.04 25.10
N PHE A 378 -28.74 52.18 25.96
CA PHE A 378 -29.06 52.44 27.36
C PHE A 378 -28.16 51.68 28.31
N ARG A 379 -27.78 50.44 27.98
CA ARG A 379 -26.70 49.78 28.71
C ARG A 379 -25.34 50.42 28.40
N ASP A 380 -25.23 51.17 27.31
CA ASP A 380 -23.96 51.75 26.86
C ASP A 380 -24.20 53.24 26.67
N LYS A 381 -24.06 54.01 27.75
CA LYS A 381 -24.28 55.46 27.73
C LYS A 381 -23.53 56.07 28.91
N ALA A 382 -23.91 57.30 29.28
CA ALA A 382 -23.61 57.88 30.58
C ALA A 382 -24.73 57.56 31.57
N PRO A 383 -24.56 56.57 32.45
CA PRO A 383 -25.67 56.04 33.26
C PRO A 383 -26.09 56.96 34.40
N THR A 384 -26.72 58.08 34.04
CA THR A 384 -27.22 59.03 35.04
C THR A 384 -28.46 58.52 35.76
N ARG A 385 -29.11 57.47 35.26
CA ARG A 385 -30.37 56.95 35.81
C ARG A 385 -30.05 55.57 36.38
N SER A 386 -29.63 55.55 37.64
CA SER A 386 -29.37 54.32 38.39
C SER A 386 -30.58 53.85 39.20
N GLN A 387 -31.70 54.57 39.12
CA GLN A 387 -32.99 54.18 39.70
C GLN A 387 -33.57 52.80 39.31
N PRO A 388 -33.24 52.21 38.15
CA PRO A 388 -33.52 50.78 37.98
C PRO A 388 -32.98 49.82 39.04
N LEU A 389 -31.76 49.99 39.56
CA LEU A 389 -31.30 49.07 40.61
C LEU A 389 -32.06 49.22 41.93
N GLN A 390 -32.47 50.45 42.30
CA GLN A 390 -33.33 50.61 43.47
C GLN A 390 -34.70 49.98 43.23
N PHE A 391 -35.26 50.19 42.03
CA PHE A 391 -36.55 49.60 41.69
C PHE A 391 -36.49 48.06 41.74
N MET A 392 -35.39 47.48 41.26
CA MET A 392 -35.26 46.02 41.34
C MET A 392 -34.92 45.53 42.74
N GLN A 393 -34.31 46.36 43.58
CA GLN A 393 -34.15 45.99 44.99
C GLN A 393 -35.49 45.96 45.71
N SER A 394 -36.36 46.93 45.39
CA SER A 394 -37.62 47.07 46.12
C SER A 394 -38.62 46.00 45.72
N LYS A 395 -38.67 45.68 44.43
CA LYS A 395 -39.73 44.89 43.80
C LYS A 395 -39.33 43.46 43.53
N MET A 396 -38.66 42.81 44.48
CA MET A 396 -37.96 41.55 44.22
C MET A 396 -38.94 40.40 43.98
N ALA A 397 -40.12 40.45 44.61
CA ALA A 397 -41.07 39.34 44.56
C ALA A 397 -41.60 39.03 43.17
N LEU A 398 -41.52 39.98 42.23
CA LEU A 398 -41.89 39.70 40.85
C LEU A 398 -41.05 38.60 40.21
N LEU A 399 -39.84 38.31 40.75
CA LEU A 399 -39.11 37.16 40.20
C LEU A 399 -39.80 35.82 40.44
N ARG A 400 -40.77 35.72 41.37
CA ARG A 400 -41.50 34.46 41.50
C ARG A 400 -42.60 34.24 40.47
N VAL A 401 -42.96 35.24 39.65
CA VAL A 401 -44.18 35.08 38.86
C VAL A 401 -43.94 34.45 37.48
N ASP A 402 -42.68 34.32 37.05
CA ASP A 402 -42.38 33.76 35.74
C ASP A 402 -40.92 33.33 35.72
N GLU A 403 -40.41 33.01 34.53
CA GLU A 403 -39.00 32.67 34.31
C GLU A 403 -38.26 33.63 33.39
N TYR A 404 -38.96 34.42 32.59
CA TYR A 404 -38.30 35.38 31.70
C TYR A 404 -37.70 36.58 32.40
N LEU A 405 -38.19 36.95 33.60
CA LEU A 405 -37.92 38.29 34.11
C LEU A 405 -36.49 38.43 34.62
N PHE A 406 -35.92 37.36 35.19
CA PHE A 406 -34.52 37.35 35.58
C PHE A 406 -33.61 37.51 34.36
N ARG A 407 -33.97 36.85 33.25
CA ARG A 407 -33.19 36.95 32.02
C ARG A 407 -33.28 38.34 31.41
N SER A 408 -34.49 38.91 31.35
CA SER A 408 -34.67 40.21 30.72
C SER A 408 -34.08 41.33 31.58
N TRP A 409 -34.12 41.15 32.91
CA TRP A 409 -33.43 42.07 33.82
C TRP A 409 -31.92 41.93 33.72
N LEU A 410 -31.41 40.76 33.34
CA LEU A 410 -29.97 40.63 33.11
C LEU A 410 -29.51 41.38 31.86
N SER A 411 -30.35 41.46 30.84
CA SER A 411 -29.99 42.12 29.59
C SER A 411 -30.35 43.61 29.57
N VAL A 412 -30.81 44.16 30.68
CA VAL A 412 -31.03 45.60 30.79
C VAL A 412 -30.06 46.30 31.74
N VAL A 413 -29.41 45.58 32.65
CA VAL A 413 -28.56 46.21 33.66
C VAL A 413 -27.21 46.67 33.11
N PRO A 414 -26.70 47.81 33.56
CA PRO A 414 -25.35 48.27 33.15
C PRO A 414 -24.27 47.34 33.67
N LEU A 415 -23.04 47.56 33.17
CA LEU A 415 -21.95 46.65 33.53
C LEU A 415 -21.48 46.89 34.96
N GLU A 416 -21.35 48.15 35.36
CA GLU A 416 -20.89 48.47 36.71
C GLU A 416 -21.90 48.16 37.80
N SER A 417 -23.15 47.88 37.47
CA SER A 417 -24.15 47.48 38.46
C SER A 417 -24.69 46.08 38.20
N LEU A 418 -23.92 45.22 37.54
CA LEU A 418 -24.38 43.87 37.26
C LEU A 418 -23.97 42.91 38.39
N SER A 419 -22.80 43.15 38.98
CA SER A 419 -22.34 42.38 40.13
C SER A 419 -23.25 42.60 41.33
N SER A 420 -23.76 43.83 41.49
CA SER A 420 -24.75 44.10 42.53
C SER A 420 -26.05 43.37 42.26
N TYR A 421 -26.41 43.19 40.99
CA TYR A 421 -27.57 42.39 40.64
C TYR A 421 -27.37 40.94 41.03
N LEU A 422 -26.15 40.38 40.84
CA LEU A 422 -25.95 38.99 41.26
C LEU A 422 -25.84 38.83 42.78
N GLU A 423 -25.37 39.86 43.50
CA GLU A 423 -25.29 39.67 44.95
C GLU A 423 -26.66 39.76 45.61
N ASN A 424 -27.56 40.61 45.08
CA ASN A 424 -28.92 40.72 45.61
C ASN A 424 -29.82 39.54 45.27
N SER A 425 -29.40 38.63 44.40
CA SER A 425 -30.27 37.54 43.99
C SER A 425 -29.66 36.17 44.27
N ILE A 426 -29.10 36.01 45.47
CA ILE A 426 -28.56 34.71 45.88
C ILE A 426 -29.70 33.76 46.25
N ASP A 427 -30.70 34.26 46.98
CA ASP A 427 -31.73 33.38 47.54
C ASP A 427 -32.69 32.84 46.48
N TYR A 428 -32.93 33.62 45.42
CA TYR A 428 -33.70 33.11 44.29
C TYR A 428 -32.97 31.98 43.60
N LEU A 429 -31.64 32.05 43.53
CA LEU A 429 -30.86 30.92 43.06
C LEU A 429 -30.80 29.79 44.07
N SER A 430 -31.03 30.06 45.36
CA SER A 430 -31.13 28.97 46.31
C SER A 430 -32.44 28.22 46.13
N ASP A 431 -33.51 28.94 45.78
CA ASP A 431 -34.78 28.30 45.44
C ASP A 431 -34.66 27.41 44.21
N VAL A 432 -33.96 27.88 43.18
CA VAL A 432 -33.77 27.12 41.95
C VAL A 432 -32.33 27.26 41.42
N PRO A 433 -31.51 26.20 41.56
CA PRO A 433 -30.11 26.24 41.11
C PRO A 433 -29.94 25.89 39.64
N VAL A 434 -30.78 26.47 38.78
CA VAL A 434 -30.64 26.34 37.34
C VAL A 434 -30.41 27.69 36.65
N ARG A 435 -30.83 28.81 37.24
CA ARG A 435 -30.70 30.14 36.64
C ARG A 435 -29.27 30.65 36.47
N VAL A 436 -28.25 29.94 36.95
CA VAL A 436 -26.88 30.32 36.62
C VAL A 436 -26.53 29.94 35.19
N LEU A 437 -27.26 28.99 34.60
CA LEU A 437 -27.15 28.75 33.18
C LEU A 437 -27.66 29.96 32.39
N ASP A 438 -28.69 30.62 32.92
CA ASP A 438 -29.17 31.89 32.38
C ASP A 438 -28.20 33.03 32.65
N CYS A 439 -27.42 32.97 33.73
CA CYS A 439 -26.39 33.99 33.96
C CYS A 439 -25.27 33.84 32.95
N LEU A 440 -24.87 32.61 32.67
CA LEU A 440 -23.85 32.35 31.66
C LEU A 440 -24.33 32.79 30.28
N GLN A 441 -25.61 32.51 29.96
CA GLN A 441 -26.12 32.93 28.66
C GLN A 441 -26.22 34.45 28.56
N GLY A 442 -26.61 35.13 29.65
CA GLY A 442 -26.70 36.58 29.61
C GLY A 442 -25.35 37.26 29.48
N ILE A 443 -24.32 36.72 30.11
CA ILE A 443 -23.01 37.33 29.94
C ILE A 443 -22.39 36.99 28.58
N SER A 444 -22.60 35.77 28.07
CA SER A 444 -22.13 35.47 26.72
C SER A 444 -22.91 36.21 25.63
N TYR A 445 -24.13 36.69 25.94
CA TYR A 445 -24.78 37.61 25.00
C TYR A 445 -24.25 39.02 25.14
N ARG A 446 -23.91 39.44 26.37
CA ARG A 446 -23.54 40.83 26.61
C ARG A 446 -22.10 41.17 26.27
N LEU A 447 -21.16 40.24 26.46
CA LEU A 447 -19.73 40.56 26.27
C LEU A 447 -19.34 40.94 24.83
N PRO A 448 -19.63 40.16 23.77
CA PRO A 448 -19.06 40.54 22.45
C PRO A 448 -19.72 41.77 21.83
N GLY A 449 -20.89 42.17 22.33
CA GLY A 449 -21.48 43.44 21.93
C GLY A 449 -20.67 44.64 22.36
N LEU A 450 -20.05 44.57 23.53
CA LEU A 450 -19.00 45.50 23.89
C LEU A 450 -17.77 45.29 23.01
N ARG A 451 -17.12 46.40 22.65
CA ARG A 451 -15.85 46.39 21.93
C ARG A 451 -14.67 46.12 22.83
N LYS A 452 -13.45 46.47 22.36
CA LYS A 452 -12.24 46.27 23.15
C LYS A 452 -12.26 47.04 24.45
N ILE A 453 -11.74 46.43 25.50
CA ILE A 453 -11.74 47.00 26.84
C ILE A 453 -10.65 48.07 26.91
N SER A 454 -11.04 49.35 26.98
CA SER A 454 -10.02 50.41 27.15
C SER A 454 -10.46 51.39 28.24
N ASN A 455 -10.25 51.01 29.51
CA ASN A 455 -10.06 51.82 30.72
C ASN A 455 -9.87 50.92 31.94
N GLN A 456 -9.61 51.51 33.10
CA GLN A 456 -9.59 50.76 34.35
C GLN A 456 -11.00 50.47 34.87
N ASN A 457 -12.00 51.26 34.45
CA ASN A 457 -13.36 51.10 34.96
C ASN A 457 -13.96 49.77 34.53
N MET A 458 -13.87 49.45 33.23
CA MET A 458 -14.37 48.18 32.74
C MET A 458 -13.55 47.02 33.28
N LYS A 459 -12.27 47.26 33.60
CA LYS A 459 -11.47 46.22 34.26
C LYS A 459 -12.04 45.88 35.62
N LYS A 460 -12.37 46.92 36.41
CA LYS A 460 -12.99 46.72 37.72
C LYS A 460 -14.35 46.06 37.59
N ASP A 461 -15.12 46.45 36.57
CA ASP A 461 -16.49 45.94 36.44
C ASP A 461 -16.49 44.47 36.04
N VAL A 462 -15.67 44.10 35.04
CA VAL A 462 -15.64 42.71 34.61
C VAL A 462 -14.95 41.82 35.65
N GLU A 463 -13.97 42.34 36.42
CA GLU A 463 -13.41 41.51 37.48
C GLU A 463 -14.43 41.29 38.59
N ASN A 464 -15.21 42.32 38.95
CA ASN A 464 -16.27 42.15 39.95
C ASN A 464 -17.36 41.18 39.48
N VAL A 465 -17.75 41.23 38.21
CA VAL A 465 -18.77 40.29 37.72
C VAL A 465 -18.24 38.85 37.75
N PHE A 466 -16.98 38.62 37.34
CA PHE A 466 -16.46 37.27 37.43
C PHE A 466 -16.26 36.79 38.87
N LYS A 467 -15.92 37.66 39.83
CA LYS A 467 -15.84 37.14 41.21
C LYS A 467 -17.22 36.79 41.76
N MET A 468 -18.26 37.57 41.42
CA MET A 468 -19.57 37.12 41.89
C MET A 468 -20.08 35.88 41.17
N LEU A 469 -19.73 35.67 39.90
CA LEU A 469 -20.17 34.41 39.26
C LEU A 469 -19.45 33.21 39.85
N MET A 470 -18.13 33.30 40.10
CA MET A 470 -17.43 32.20 40.77
C MET A 470 -17.98 31.99 42.19
N HIS A 471 -18.34 33.08 42.88
CA HIS A 471 -18.91 32.98 44.23
C HIS A 471 -20.24 32.22 44.21
N LEU A 472 -21.15 32.60 43.30
CA LEU A 472 -22.43 31.89 43.21
C LEU A 472 -22.32 30.49 42.62
N VAL A 473 -21.23 30.17 41.92
CA VAL A 473 -21.02 28.79 41.55
C VAL A 473 -20.58 27.98 42.77
N ASP A 474 -19.55 28.44 43.47
CA ASP A 474 -18.94 27.61 44.51
C ASP A 474 -19.64 27.69 45.87
N ILE A 475 -20.69 28.51 46.05
CA ILE A 475 -21.46 28.42 47.30
C ILE A 475 -22.22 27.09 47.40
N TYR A 476 -23.02 26.73 46.39
CA TYR A 476 -24.04 25.72 46.64
C TYR A 476 -23.58 24.27 46.57
N GLN A 477 -23.34 23.74 45.36
CA GLN A 477 -22.99 22.33 45.15
C GLN A 477 -22.77 22.12 43.65
N HIS A 478 -22.50 20.88 43.23
CA HIS A 478 -22.76 20.37 41.89
C HIS A 478 -24.22 19.92 41.67
N ARG A 479 -25.16 20.32 42.53
CA ARG A 479 -26.57 20.15 42.20
C ARG A 479 -27.02 21.08 41.07
N ILE A 480 -26.25 22.15 40.80
CA ILE A 480 -26.34 22.89 39.54
C ILE A 480 -26.21 21.97 38.34
N PHE A 481 -25.29 21.00 38.40
CA PHE A 481 -25.00 20.10 37.29
C PHE A 481 -25.98 18.93 37.17
N GLY A 482 -27.12 18.99 37.83
CA GLY A 482 -28.02 17.84 37.88
C GLY A 482 -28.75 17.60 36.57
N GLU A 483 -29.30 16.38 36.50
CA GLU A 483 -30.09 15.83 35.38
C GLU A 483 -29.44 16.08 34.01
N ASN A 484 -28.12 15.80 33.96
CA ASN A 484 -27.30 15.82 32.73
C ASN A 484 -27.28 17.19 32.06
N LEU A 485 -27.15 18.24 32.86
CA LEU A 485 -26.95 19.59 32.36
C LEU A 485 -25.49 19.96 32.13
N LEU A 486 -24.55 19.07 32.51
CA LEU A 486 -23.12 19.36 32.50
C LEU A 486 -22.59 19.73 31.11
N GLN A 487 -23.04 19.03 30.07
CA GLN A 487 -22.58 19.30 28.71
C GLN A 487 -22.90 20.71 28.25
N ILE A 488 -24.07 21.23 28.64
CA ILE A 488 -24.44 22.58 28.22
C ILE A 488 -23.63 23.62 28.99
N TYR A 489 -23.31 23.35 30.26
CA TYR A 489 -22.42 24.24 31.01
C TYR A 489 -21.02 24.25 30.42
N LEU A 490 -20.54 23.09 29.95
CA LEU A 490 -19.21 23.04 29.33
C LEU A 490 -19.19 23.80 28.02
N THR A 491 -20.23 23.68 27.20
CA THR A 491 -20.26 24.42 25.95
C THR A 491 -20.38 25.93 26.20
N GLU A 492 -21.09 26.32 27.26
CA GLU A 492 -21.21 27.74 27.55
C GLU A 492 -19.92 28.32 28.12
N CYS A 493 -19.17 27.56 28.92
CA CYS A 493 -17.93 28.13 29.44
C CYS A 493 -16.83 28.14 28.38
N LEU A 494 -16.83 27.19 27.44
CA LEU A 494 -15.92 27.33 26.30
C LEU A 494 -16.27 28.53 25.42
N THR A 495 -17.57 28.76 25.13
CA THR A 495 -17.97 29.94 24.37
C THR A 495 -17.62 31.23 25.12
N LEU A 496 -17.75 31.21 26.45
CA LEU A 496 -17.44 32.38 27.26
C LEU A 496 -15.95 32.67 27.26
N HIS A 497 -15.12 31.61 27.28
CA HIS A 497 -13.68 31.77 27.16
C HIS A 497 -13.32 32.36 25.80
N GLU A 498 -13.98 31.87 24.74
CA GLU A 498 -13.71 32.37 23.39
C GLU A 498 -14.12 33.82 23.24
N THR A 499 -15.22 34.22 23.84
CA THR A 499 -15.63 35.61 23.67
C THR A 499 -14.93 36.55 24.65
N VAL A 500 -14.21 36.02 25.65
CA VAL A 500 -13.43 36.92 26.50
C VAL A 500 -11.96 36.98 26.12
N CYS A 501 -11.42 35.97 25.42
CA CYS A 501 -10.09 36.11 24.85
C CYS A 501 -10.06 37.04 23.65
N ASN A 502 -11.18 37.20 22.96
CA ASN A 502 -11.25 38.03 21.76
C ASN A 502 -11.47 39.51 22.05
N ILE A 503 -11.62 39.90 23.31
CA ILE A 503 -11.81 41.31 23.66
C ILE A 503 -10.74 41.83 24.62
N THR A 504 -9.72 41.03 24.93
CA THR A 504 -8.56 41.51 25.66
C THR A 504 -7.31 41.54 24.77
N ALA A 505 -6.77 42.73 24.54
CA ALA A 505 -5.60 42.92 23.69
C ALA A 505 -4.61 43.93 24.27
N ASN A 506 -4.45 43.95 25.60
CA ASN A 506 -3.48 44.86 26.22
C ASN A 506 -2.47 44.21 27.16
N HIS A 507 -2.65 42.95 27.55
CA HIS A 507 -1.75 42.05 28.28
C HIS A 507 -1.49 42.47 29.73
N GLN A 508 -1.90 43.68 30.10
CA GLN A 508 -2.06 44.09 31.49
C GLN A 508 -3.44 43.74 31.99
N PHE A 509 -4.28 43.17 31.12
CA PHE A 509 -5.64 42.78 31.41
C PHE A 509 -5.75 41.26 31.50
N PHE A 510 -4.65 40.61 31.88
CA PHE A 510 -4.59 39.16 32.02
C PHE A 510 -5.44 38.61 33.15
N GLU A 511 -5.85 39.47 34.10
CA GLU A 511 -6.71 39.06 35.20
C GLU A 511 -8.04 38.49 34.70
N ILE A 512 -8.57 39.00 33.60
CA ILE A 512 -9.88 38.57 33.10
C ILE A 512 -9.81 37.18 32.47
N PRO A 513 -8.86 36.82 31.58
CA PRO A 513 -8.78 35.39 31.20
C PRO A 513 -8.27 34.50 32.32
N ALA A 514 -7.54 35.06 33.29
CA ALA A 514 -7.18 34.28 34.48
C ALA A 514 -8.43 33.86 35.25
N LEU A 515 -9.37 34.79 35.42
CA LEU A 515 -10.65 34.48 36.05
C LEU A 515 -11.43 33.49 35.20
N SER A 516 -11.41 33.67 33.88
CA SER A 516 -12.19 32.78 33.03
C SER A 516 -11.55 31.41 32.85
N ALA A 517 -10.29 31.22 33.24
CA ALA A 517 -9.79 29.85 33.33
C ALA A 517 -9.89 29.24 34.72
N GLU A 518 -9.86 30.05 35.79
CA GLU A 518 -10.17 29.45 37.09
C GLU A 518 -11.65 29.12 37.23
N LEU A 519 -12.52 29.78 36.46
CA LEU A 519 -13.93 29.45 36.47
C LEU A 519 -14.19 28.08 35.84
N ILE A 520 -13.55 27.79 34.69
CA ILE A 520 -13.70 26.47 34.11
C ILE A 520 -12.96 25.42 34.94
N CYS A 521 -11.91 25.83 35.66
CA CYS A 521 -11.31 24.94 36.67
C CYS A 521 -12.28 24.57 37.78
N LYS A 522 -13.01 25.55 38.34
CA LYS A 522 -13.96 25.25 39.41
C LYS A 522 -15.13 24.42 38.94
N LEU A 523 -15.67 24.73 37.74
CA LEU A 523 -16.79 23.92 37.27
C LEU A 523 -16.34 22.51 36.88
N LEU A 524 -15.09 22.35 36.44
CA LEU A 524 -14.62 21.00 36.15
C LEU A 524 -14.36 20.20 37.42
N GLU A 525 -13.85 20.85 38.49
CA GLU A 525 -13.42 20.09 39.66
C GLU A 525 -14.58 19.71 40.59
N LEU A 526 -15.82 19.98 40.19
CA LEU A 526 -17.00 19.74 41.01
C LEU A 526 -17.88 18.61 40.50
N SER A 527 -17.75 18.24 39.23
CA SER A 527 -18.70 17.38 38.57
C SER A 527 -18.56 15.94 39.07
N PRO A 528 -19.59 15.11 38.90
CA PRO A 528 -19.49 13.73 39.38
C PRO A 528 -18.99 12.81 38.27
N PRO A 529 -18.19 11.80 38.62
CA PRO A 529 -17.93 10.71 37.69
C PRO A 529 -19.11 9.74 37.61
N GLY A 530 -19.52 9.41 36.40
CA GLY A 530 -20.63 8.51 36.20
C GLY A 530 -20.31 7.06 36.49
N GLU A 538 -18.55 5.96 33.40
CA GLU A 538 -18.20 5.62 32.03
C GLU A 538 -17.12 6.56 31.47
N LYS A 539 -16.87 6.45 30.16
CA LYS A 539 -15.81 7.20 29.50
C LYS A 539 -16.33 8.30 28.59
N SER A 540 -17.64 8.56 28.59
CA SER A 540 -18.15 9.73 27.89
C SER A 540 -17.80 11.00 28.65
N TYR A 541 -17.80 10.92 29.98
CA TYR A 541 -17.37 12.04 30.81
C TYR A 541 -15.86 12.25 30.68
N GLU A 542 -15.09 11.16 30.59
CA GLU A 542 -13.64 11.28 30.47
C GLU A 542 -13.23 11.86 29.12
N ASP A 543 -13.85 11.39 28.03
CA ASP A 543 -13.55 11.98 26.73
C ASP A 543 -14.09 13.40 26.63
N LEU A 544 -15.16 13.71 27.38
CA LEU A 544 -15.70 15.06 27.38
C LEU A 544 -14.76 16.03 28.09
N VAL A 545 -14.21 15.62 29.24
CA VAL A 545 -13.33 16.51 29.99
C VAL A 545 -11.99 16.68 29.27
N THR A 546 -11.50 15.61 28.62
CA THR A 546 -10.28 15.76 27.81
C THR A 546 -10.50 16.70 26.62
N SER A 547 -11.62 16.55 25.90
CA SER A 547 -11.84 17.40 24.72
C SER A 547 -12.05 18.86 25.10
N THR A 548 -12.79 19.11 26.19
CA THR A 548 -12.99 20.50 26.60
C THR A 548 -11.72 21.12 27.17
N LEU A 549 -10.88 20.34 27.85
CA LEU A 549 -9.63 20.89 28.35
C LEU A 549 -8.66 21.17 27.22
N GLN A 550 -8.60 20.29 26.22
CA GLN A 550 -7.77 20.53 25.04
C GLN A 550 -8.19 21.77 24.29
N GLU A 551 -9.50 21.98 24.09
CA GLU A 551 -9.93 23.15 23.33
C GLU A 551 -9.71 24.41 24.16
N ALA A 552 -9.86 24.33 25.48
CA ALA A 552 -9.61 25.49 26.35
C ALA A 552 -8.13 25.87 26.33
N LEU A 553 -7.24 24.88 26.33
CA LEU A 553 -5.82 25.25 26.31
C LEU A 553 -5.40 25.72 24.92
N ALA A 554 -6.09 25.22 23.88
CA ALA A 554 -5.90 25.72 22.53
C ALA A 554 -6.32 27.18 22.43
N THR A 555 -7.44 27.53 23.07
CA THR A 555 -7.90 28.92 23.09
C THR A 555 -6.93 29.81 23.86
N THR A 556 -6.31 29.29 24.93
CA THR A 556 -5.36 30.11 25.69
C THR A 556 -4.10 30.36 24.87
N ARG A 557 -3.60 29.32 24.21
CA ARG A 557 -2.41 29.44 23.38
C ARG A 557 -2.66 30.33 22.17
N ASN A 558 -3.85 30.25 21.57
CA ASN A 558 -4.20 31.14 20.46
C ASN A 558 -4.42 32.57 20.94
N TRP A 559 -4.77 32.76 22.22
CA TRP A 559 -4.79 34.12 22.74
C TRP A 559 -3.37 34.65 22.92
N LEU A 560 -2.48 33.82 23.46
CA LEU A 560 -1.10 34.25 23.72
C LEU A 560 -0.35 34.53 22.43
N ARG A 561 -0.67 33.83 21.35
CA ARG A 561 -0.05 34.14 20.07
C ARG A 561 -0.68 35.37 19.40
N SER A 562 -1.75 35.93 19.95
CA SER A 562 -2.42 37.03 19.25
C SER A 562 -1.83 38.41 19.54
N LEU A 563 -1.36 38.66 20.76
CA LEU A 563 -0.89 39.99 21.13
C LEU A 563 0.60 40.08 21.43
N PHE A 564 1.33 38.97 21.38
CA PHE A 564 2.79 39.00 21.46
C PHE A 564 3.42 39.00 20.06
N LYS A 565 3.06 40.00 19.28
CA LYS A 565 3.56 40.12 17.91
C LYS A 565 4.88 40.90 17.81
N SER A 566 5.87 40.56 18.64
CA SER A 566 7.22 41.12 18.57
C SER A 566 8.12 40.27 19.46
N ARG A 567 9.37 40.70 19.61
CA ARG A 567 10.33 39.92 20.39
C ARG A 567 10.19 40.15 21.89
N MET A 568 11.08 39.51 22.64
CA MET A 568 11.29 39.73 24.06
C MET A 568 12.65 40.32 24.34
N LEU A 569 12.71 41.11 25.41
CA LEU A 569 13.94 41.68 26.00
C LEU A 569 14.88 42.38 24.99
N SER A 570 14.29 43.22 24.13
CA SER A 570 15.08 44.11 23.27
C SER A 570 15.76 45.18 24.11
N ILE A 571 17.05 45.42 23.86
CA ILE A 571 17.86 46.11 24.84
C ILE A 571 17.79 47.63 24.61
N SER A 572 18.31 48.13 23.49
CA SER A 572 18.22 49.51 23.00
C SER A 572 18.81 50.61 23.88
N SER A 573 19.31 50.27 25.07
CA SER A 573 19.76 51.31 26.00
C SER A 573 20.96 50.91 26.84
N ALA A 574 21.55 49.73 26.62
CA ALA A 574 22.45 49.01 27.53
C ALA A 574 21.85 48.76 28.92
N TYR A 575 20.51 48.79 29.04
CA TYR A 575 19.81 48.59 30.31
C TYR A 575 18.61 47.69 30.00
N VAL A 576 18.91 46.48 29.53
CA VAL A 576 17.96 45.48 29.01
C VAL A 576 16.70 45.21 29.84
N ARG A 577 15.55 45.43 29.23
CA ARG A 577 14.26 45.38 29.90
C ARG A 577 13.23 44.73 28.97
N LEU A 578 12.21 44.14 29.59
CA LEU A 578 11.09 43.55 28.86
C LEU A 578 10.29 44.61 28.11
N THR A 579 9.82 44.27 26.91
CA THR A 579 9.00 45.19 26.15
C THR A 579 7.51 45.06 26.47
N TYR A 580 7.15 44.13 27.36
CA TYR A 580 5.79 43.92 27.82
C TYR A 580 5.80 43.86 29.34
N SER A 581 6.36 44.92 29.94
CA SER A 581 6.97 45.02 31.26
C SER A 581 6.34 44.26 32.42
N GLU A 582 5.02 44.12 32.41
CA GLU A 582 4.32 43.22 33.34
C GLU A 582 4.00 41.90 32.60
N GLU A 583 5.06 41.18 32.24
CA GLU A 583 4.98 39.89 31.56
C GLU A 583 5.08 38.65 32.45
N MET A 584 6.04 38.60 33.37
CA MET A 584 6.16 37.43 34.25
C MET A 584 4.97 37.19 35.17
N ALA A 585 4.22 38.24 35.54
CA ALA A 585 2.96 38.02 36.23
C ALA A 585 1.96 37.26 35.38
N VAL A 586 1.88 37.59 34.08
CA VAL A 586 1.00 36.88 33.16
C VAL A 586 1.36 35.39 33.09
N TRP A 587 2.65 35.07 32.98
CA TRP A 587 3.01 33.66 32.86
C TRP A 587 2.81 32.91 34.18
N ARG A 588 3.14 33.56 35.31
CA ARG A 588 2.90 32.96 36.62
C ARG A 588 1.41 32.71 36.87
N ARG A 589 0.58 33.69 36.50
CA ARG A 589 -0.84 33.61 36.77
C ARG A 589 -1.51 32.57 35.87
N LEU A 590 -1.22 32.58 34.56
CA LEU A 590 -1.83 31.58 33.69
C LEU A 590 -1.23 30.19 33.81
N VAL A 591 -0.13 30.01 34.55
CA VAL A 591 0.42 28.68 34.75
C VAL A 591 -0.06 28.12 36.09
N GLU A 592 -0.35 29.00 37.07
CA GLU A 592 -0.64 28.50 38.42
C GLU A 592 -2.01 27.85 38.59
N ILE A 593 -2.95 27.91 37.62
CA ILE A 593 -4.25 27.28 37.88
C ILE A 593 -4.09 25.76 37.76
N GLY A 594 -4.73 25.02 38.68
CA GLY A 594 -4.49 23.61 38.79
C GLY A 594 -5.51 22.84 38.00
N PHE A 595 -5.19 22.53 36.75
CA PHE A 595 -5.92 21.55 35.97
C PHE A 595 -5.47 20.15 36.40
N PRO A 596 -6.20 19.09 36.02
CA PRO A 596 -5.68 17.73 36.23
C PRO A 596 -4.44 17.46 35.37
N GLU A 597 -3.38 16.98 36.01
CA GLU A 597 -2.10 16.81 35.34
C GLU A 597 -1.94 15.42 34.70
N LYS A 598 -3.03 14.70 34.46
CA LYS A 598 -3.00 13.60 33.49
C LYS A 598 -3.17 14.11 32.07
N HIS A 599 -3.59 15.35 31.93
CA HIS A 599 -3.71 16.06 30.67
C HIS A 599 -2.44 16.87 30.45
N GLY A 600 -2.47 17.82 29.53
CA GLY A 600 -1.32 18.70 29.41
C GLY A 600 -1.36 19.89 30.35
N TRP A 601 -1.31 21.11 29.79
CA TRP A 601 -1.31 22.43 30.43
C TRP A 601 0.01 22.75 31.13
N LYS A 602 0.83 21.75 31.41
CA LYS A 602 2.14 22.02 32.00
C LYS A 602 3.28 21.47 31.18
N GLY A 603 3.09 20.33 30.49
CA GLY A 603 4.04 19.92 29.48
C GLY A 603 3.93 20.67 28.17
N SER A 604 2.87 21.45 27.97
CA SER A 604 2.60 22.13 26.71
C SER A 604 2.90 23.62 26.75
N LEU A 605 2.36 24.34 27.74
CA LEU A 605 2.61 25.77 27.84
C LEU A 605 4.06 26.08 28.23
N LEU A 606 4.69 25.20 29.00
CA LEU A 606 6.11 25.39 29.30
C LEU A 606 6.97 25.12 28.08
N GLY A 607 6.58 24.14 27.26
CA GLY A 607 7.27 23.94 25.98
C GLY A 607 7.09 25.12 25.05
N ASP A 608 5.92 25.77 25.11
CA ASP A 608 5.69 27.01 24.37
C ASP A 608 6.62 28.12 24.86
N MET A 609 6.79 28.22 26.18
CA MET A 609 7.68 29.25 26.72
C MET A 609 9.13 28.95 26.38
N GLU A 610 9.51 27.67 26.34
CA GLU A 610 10.86 27.31 25.92
C GLU A 610 11.09 27.65 24.45
N GLY A 611 10.11 27.38 23.58
CA GLY A 611 10.21 27.77 22.18
C GLY A 611 10.22 29.28 21.96
N ARG A 612 9.65 30.03 22.89
CA ARG A 612 9.72 31.49 22.87
C ARG A 612 11.06 32.03 23.39
N LEU A 613 11.67 31.34 24.34
CA LEU A 613 12.94 31.77 24.94
C LEU A 613 14.18 31.48 24.11
N LYS A 614 14.25 30.37 23.39
CA LYS A 614 15.42 30.12 22.55
C LYS A 614 15.46 30.95 21.27
N GLN A 615 14.47 31.82 21.02
CA GLN A 615 14.59 32.77 19.92
C GLN A 615 15.58 33.91 20.23
N GLU A 616 16.09 34.04 21.53
CA GLU A 616 16.96 35.13 21.97
C GLU A 616 18.42 34.67 21.94
N PRO A 617 19.40 35.56 21.71
CA PRO A 617 20.79 35.13 21.77
C PRO A 617 21.24 34.89 23.21
N PRO A 618 22.21 34.01 23.44
CA PRO A 618 22.52 33.61 24.82
C PRO A 618 23.21 34.64 25.70
N ARG A 619 24.04 35.53 25.14
CA ARG A 619 24.74 36.53 25.94
C ARG A 619 23.79 37.53 26.58
N LEU A 620 22.87 38.06 25.78
CA LEU A 620 21.93 39.07 26.25
C LEU A 620 20.89 38.45 27.19
N GLN A 621 20.54 37.19 26.93
CA GLN A 621 19.61 36.43 27.77
C GLN A 621 20.20 36.17 29.16
N ILE A 622 21.46 35.73 29.22
CA ILE A 622 22.11 35.51 30.51
C ILE A 622 22.35 36.83 31.23
N SER A 623 22.58 37.93 30.48
CA SER A 623 22.74 39.21 31.15
C SER A 623 21.41 39.73 31.72
N PHE A 624 20.28 39.39 31.08
CA PHE A 624 18.97 39.72 31.61
C PHE A 624 18.50 38.83 32.78
N PHE A 625 18.88 37.55 32.80
CA PHE A 625 18.43 36.65 33.87
C PHE A 625 18.85 37.03 35.30
N CYS A 626 19.92 37.78 35.47
CA CYS A 626 20.28 38.24 36.82
C CYS A 626 20.29 39.77 36.92
N SER A 627 19.23 40.42 36.43
CA SER A 627 19.13 41.87 36.28
C SER A 627 18.06 42.48 37.17
N SER A 628 17.59 41.76 38.20
CA SER A 628 16.52 42.18 39.12
C SER A 628 15.22 42.53 38.41
N GLN A 629 14.94 41.78 37.35
CA GLN A 629 13.63 41.74 36.73
C GLN A 629 13.21 40.31 36.48
N CYS A 630 14.12 39.36 36.61
CA CYS A 630 13.80 37.96 36.88
C CYS A 630 13.86 37.70 38.39
N ARG A 631 13.07 38.47 39.12
CA ARG A 631 13.02 38.38 40.57
C ARG A 631 11.96 37.39 41.02
N ASP A 632 11.85 37.23 42.34
CA ASP A 632 10.89 36.36 43.04
C ASP A 632 11.00 34.91 42.58
N GLY A 633 12.15 34.32 42.93
CA GLY A 633 12.29 32.87 42.97
C GLY A 633 11.35 32.27 43.98
N GLY A 634 10.27 31.65 43.51
CA GLY A 634 9.09 31.46 44.35
C GLY A 634 8.83 30.07 44.91
N LEU A 635 9.87 29.37 45.36
CA LEU A 635 9.79 28.05 46.00
C LEU A 635 9.10 27.03 45.08
N HIS A 636 9.83 26.72 44.00
CA HIS A 636 9.36 25.88 42.89
C HIS A 636 8.17 26.51 42.17
N ASP A 637 8.19 27.84 42.08
CA ASP A 637 7.52 28.54 40.99
C ASP A 637 8.04 27.99 39.66
N SER A 638 7.15 27.36 38.89
CA SER A 638 7.60 26.51 37.80
C SER A 638 8.10 27.31 36.60
N VAL A 639 7.72 28.59 36.48
CA VAL A 639 8.32 29.41 35.44
C VAL A 639 9.75 29.77 35.82
N SER A 640 10.08 29.77 37.12
CA SER A 640 11.46 29.98 37.50
C SER A 640 12.30 28.75 37.25
N ARG A 641 11.70 27.55 37.31
CA ARG A 641 12.43 26.34 36.95
C ARG A 641 12.62 26.25 35.44
N SER A 642 11.60 26.72 34.68
CA SER A 642 11.77 26.96 33.25
C SER A 642 12.94 27.90 32.97
N PHE A 643 13.05 28.98 33.74
CA PHE A 643 14.13 29.91 33.45
C PHE A 643 15.49 29.37 33.89
N GLU A 644 15.54 28.56 34.95
CA GLU A 644 16.79 27.90 35.30
C GLU A 644 17.25 26.93 34.21
N LYS A 645 16.34 26.11 33.67
CA LYS A 645 16.75 25.16 32.64
C LYS A 645 17.13 25.85 31.32
N CYS A 646 16.39 26.88 30.89
CA CYS A 646 16.81 27.55 29.65
C CYS A 646 18.10 28.34 29.84
N VAL A 647 18.34 28.91 31.02
CA VAL A 647 19.57 29.66 31.20
C VAL A 647 20.77 28.74 31.39
N ILE A 648 20.63 27.56 32.01
CA ILE A 648 21.74 26.60 32.01
C ILE A 648 22.00 26.08 30.60
N GLU A 649 20.97 25.91 29.77
CA GLU A 649 21.21 25.52 28.39
C GLU A 649 21.86 26.65 27.58
N ALA A 650 21.54 27.91 27.89
CA ALA A 650 22.21 29.04 27.24
C ALA A 650 23.67 29.16 27.70
N VAL A 651 23.94 28.85 28.96
CA VAL A 651 25.32 28.76 29.46
C VAL A 651 26.08 27.67 28.74
N SER A 652 25.46 26.50 28.58
CA SER A 652 26.12 25.41 27.86
C SER A 652 26.39 25.76 26.40
N SER A 653 25.47 26.49 25.76
CA SER A 653 25.74 26.86 24.38
C SER A 653 26.75 27.99 24.23
N ALA A 654 26.82 28.94 25.18
CA ALA A 654 27.85 29.96 25.11
C ALA A 654 29.21 29.56 25.68
N CYS A 655 29.28 28.45 26.43
CA CYS A 655 30.54 27.88 26.86
C CYS A 655 31.01 26.75 25.97
N GLN A 656 30.09 26.22 25.16
CA GLN A 656 30.43 25.36 24.05
C GLN A 656 31.10 26.15 22.92
N SER A 657 30.71 27.41 22.72
CA SER A 657 31.53 28.33 21.94
C SER A 657 32.67 28.86 22.80
N GLN A 658 33.61 29.56 22.18
CA GLN A 658 34.77 30.05 22.91
C GLN A 658 34.67 31.50 23.35
N THR A 659 33.46 31.95 23.69
CA THR A 659 33.20 33.30 24.15
C THR A 659 33.11 33.30 25.67
N SER A 660 33.90 34.12 26.34
CA SER A 660 33.80 34.19 27.78
C SER A 660 32.48 34.84 28.21
N VAL A 661 31.81 34.22 29.18
CA VAL A 661 30.45 34.61 29.55
C VAL A 661 30.43 35.84 30.45
N LEU A 662 31.18 35.82 31.57
CA LEU A 662 31.02 36.78 32.67
C LEU A 662 32.20 37.77 32.64
N GLU A 663 31.98 38.91 31.98
CA GLU A 663 32.88 40.05 32.12
C GLU A 663 32.13 41.37 32.32
N GLY A 664 30.81 41.33 32.53
CA GLY A 664 30.05 42.53 32.82
C GLY A 664 28.94 42.30 33.82
N LEU A 665 29.00 41.18 34.52
CA LEU A 665 27.92 40.71 35.38
C LEU A 665 28.00 41.34 36.76
N SER A 666 27.03 42.20 37.08
CA SER A 666 26.78 42.71 38.42
C SER A 666 25.52 41.95 38.81
N CYS A 667 25.70 40.83 39.50
CA CYS A 667 24.68 39.80 39.62
C CYS A 667 24.43 39.46 41.10
N GLN A 668 24.13 40.50 41.88
CA GLN A 668 24.05 40.46 43.34
C GLN A 668 23.00 39.51 43.94
N ASP A 669 22.00 39.06 43.18
CA ASP A 669 21.20 37.92 43.65
C ASP A 669 22.03 36.64 43.63
N LEU A 670 22.37 36.13 44.82
CA LEU A 670 23.38 35.08 44.90
C LEU A 670 22.86 33.67 44.62
N GLN A 671 21.54 33.44 44.66
CA GLN A 671 21.03 32.09 44.39
C GLN A 671 21.12 31.75 42.89
N LYS A 672 20.62 32.66 42.06
CA LYS A 672 20.69 32.48 40.62
C LYS A 672 22.14 32.58 40.15
N PHE A 673 22.94 33.40 40.82
CA PHE A 673 24.36 33.50 40.47
C PHE A 673 25.10 32.21 40.79
N GLY A 674 24.78 31.59 41.93
CA GLY A 674 25.38 30.29 42.24
C GLY A 674 24.93 29.20 41.30
N THR A 675 23.68 29.30 40.80
CA THR A 675 23.24 28.34 39.80
C THR A 675 23.98 28.53 38.48
N LEU A 676 24.24 29.79 38.09
CA LEU A 676 25.08 30.07 36.92
C LEU A 676 26.51 29.57 37.11
N LEU A 677 27.05 29.66 38.34
CA LEU A 677 28.41 29.17 38.55
C LEU A 677 28.45 27.65 38.44
N SER A 678 27.45 26.97 39.00
CA SER A 678 27.32 25.53 38.81
C SER A 678 27.16 25.18 37.34
N ALA A 679 26.46 26.03 36.60
CA ALA A 679 26.26 25.83 35.17
C ALA A 679 27.58 25.95 34.40
N VAL A 680 28.37 27.00 34.67
CA VAL A 680 29.59 27.20 33.90
C VAL A 680 30.62 26.12 34.24
N ILE A 681 30.60 25.61 35.47
CA ILE A 681 31.49 24.50 35.81
C ILE A 681 31.06 23.22 35.10
N THR A 682 29.82 22.78 35.32
CA THR A 682 29.45 21.47 34.76
C THR A 682 29.24 21.49 33.25
N LYS A 683 29.11 22.67 32.62
CA LYS A 683 28.98 22.76 31.17
C LYS A 683 30.21 23.30 30.47
N SER A 684 31.26 23.66 31.19
CA SER A 684 32.53 23.99 30.56
C SER A 684 33.60 22.95 30.79
N TRP A 685 33.29 21.89 31.54
CA TRP A 685 34.31 20.94 31.96
C TRP A 685 34.72 20.08 30.78
N PRO A 686 36.02 19.74 30.63
CA PRO A 686 36.48 19.09 29.40
C PRO A 686 36.07 17.63 29.23
N VAL A 687 34.88 17.40 28.68
CA VAL A 687 34.36 16.05 28.45
C VAL A 687 35.06 15.47 27.22
N HIS A 688 35.17 14.14 27.18
CA HIS A 688 35.91 13.47 26.12
C HIS A 688 35.14 12.24 25.61
N ASN A 689 33.88 12.50 25.19
CA ASN A 689 32.68 11.66 24.96
C ASN A 689 31.91 11.35 26.25
N GLY A 690 32.05 12.20 27.27
CA GLY A 690 31.23 12.14 28.46
C GLY A 690 32.06 11.71 29.65
N GLU A 691 32.58 12.72 30.36
CA GLU A 691 33.36 12.73 31.59
C GLU A 691 34.35 11.57 31.82
N PRO A 692 35.43 11.42 31.01
CA PRO A 692 36.68 10.94 31.62
C PRO A 692 37.61 12.11 31.90
N VAL A 693 38.26 12.17 33.06
CA VAL A 693 39.38 13.10 33.22
C VAL A 693 40.65 12.38 33.71
N PHE A 694 40.63 11.83 34.92
CA PHE A 694 41.57 10.86 35.48
C PHE A 694 43.02 11.33 35.55
N ASP A 695 43.30 12.60 35.29
CA ASP A 695 44.68 13.00 35.02
C ASP A 695 44.92 14.33 35.72
N VAL A 696 46.04 14.99 35.41
CA VAL A 696 46.27 16.38 35.83
C VAL A 696 46.52 17.36 34.67
N ASP A 697 46.97 16.90 33.50
CA ASP A 697 47.41 17.83 32.46
C ASP A 697 46.28 18.54 31.72
N GLU A 698 45.22 17.82 31.34
CA GLU A 698 44.13 18.45 30.59
C GLU A 698 43.31 19.42 31.45
N ILE A 699 43.09 19.08 32.73
CA ILE A 699 42.43 20.02 33.65
C ILE A 699 43.28 21.26 33.85
N PHE A 700 44.61 21.09 33.87
CA PHE A 700 45.47 22.24 34.14
C PHE A 700 45.55 23.14 32.90
N LYS A 701 45.54 22.56 31.70
CA LYS A 701 45.43 23.33 30.47
C LYS A 701 44.09 24.05 30.37
N TYR A 702 43.01 23.36 30.76
CA TYR A 702 41.69 23.98 30.90
C TYR A 702 41.74 25.19 31.81
N LEU A 703 42.43 25.07 32.95
CA LEU A 703 42.51 26.18 33.89
C LEU A 703 43.29 27.35 33.30
N LEU A 704 44.40 27.09 32.60
CA LEU A 704 45.18 28.22 32.09
C LEU A 704 44.59 28.87 30.85
N LYS A 705 43.81 28.14 30.04
CA LYS A 705 43.44 28.75 28.76
C LYS A 705 42.09 29.43 28.76
N TRP A 706 41.08 28.86 29.41
CA TRP A 706 39.77 29.47 29.42
C TRP A 706 39.79 30.64 30.41
N PRO A 707 39.32 31.83 30.02
CA PRO A 707 39.33 32.98 30.95
C PRO A 707 38.25 33.10 32.02
N ASP A 708 37.12 32.40 31.95
CA ASP A 708 36.14 32.53 33.02
C ASP A 708 36.50 31.83 34.33
N VAL A 709 37.50 30.93 34.35
CA VAL A 709 37.80 30.17 35.55
C VAL A 709 38.46 31.06 36.61
N ARG A 710 39.38 31.93 36.20
CA ARG A 710 40.00 32.84 37.15
C ARG A 710 38.98 33.84 37.70
N GLN A 711 38.02 34.27 36.88
CA GLN A 711 36.95 35.14 37.37
C GLN A 711 36.04 34.39 38.34
N LEU A 712 35.80 33.10 38.05
CA LEU A 712 35.03 32.24 38.93
C LEU A 712 35.69 32.08 40.29
N PHE A 713 36.98 31.77 40.31
CA PHE A 713 37.68 31.57 41.58
C PHE A 713 37.88 32.87 42.34
N GLU A 714 38.07 33.99 41.63
CA GLU A 714 38.14 35.29 42.28
C GLU A 714 36.84 35.67 42.96
N LEU A 715 35.72 35.50 42.27
CA LEU A 715 34.46 35.96 42.85
C LEU A 715 33.91 34.97 43.88
N CYS A 716 34.28 33.68 43.80
CA CYS A 716 33.87 32.77 44.86
C CYS A 716 34.86 32.75 46.03
N GLY A 717 36.04 33.36 45.88
CA GLY A 717 36.94 33.48 46.99
C GLY A 717 36.85 34.87 47.57
N THR A 718 36.06 35.72 46.91
CA THR A 718 35.75 37.03 47.46
C THR A 718 34.82 36.93 48.67
N ASN A 719 33.75 36.13 48.56
CA ASN A 719 32.78 35.98 49.63
C ASN A 719 32.43 34.52 49.86
N GLU A 720 32.36 34.13 51.14
CA GLU A 720 31.94 32.79 51.52
C GLU A 720 30.43 32.58 51.39
N LYS A 721 29.64 33.65 51.30
CA LYS A 721 28.21 33.56 51.04
C LYS A 721 27.86 33.21 49.60
N ILE A 722 28.85 32.95 48.74
CA ILE A 722 28.61 32.46 47.40
C ILE A 722 28.97 30.98 47.25
N ILE A 723 29.98 30.50 47.97
CA ILE A 723 30.34 29.09 47.85
C ILE A 723 29.39 28.17 48.62
N ASP A 724 28.60 28.71 49.55
CA ASP A 724 27.68 27.85 50.30
C ASP A 724 26.51 27.38 49.44
N ASN A 725 26.11 28.15 48.43
CA ASN A 725 24.99 27.79 47.56
C ASN A 725 25.47 27.62 46.12
N ILE A 726 25.98 26.44 45.79
CA ILE A 726 26.30 26.12 44.41
C ILE A 726 25.47 24.91 44.00
N THR A 727 25.86 23.74 44.53
CA THR A 727 25.35 22.37 44.35
C THR A 727 26.14 21.47 45.28
N GLU A 728 25.94 20.16 45.15
CA GLU A 728 26.91 19.16 45.62
C GLU A 728 27.92 18.77 44.55
N GLU A 729 27.53 18.81 43.27
CA GLU A 729 28.38 18.36 42.17
C GLU A 729 29.38 19.43 41.72
N GLY A 730 28.90 20.67 41.55
CA GLY A 730 29.79 21.74 41.10
C GLY A 730 30.85 22.09 42.12
N ARG A 731 30.52 21.98 43.40
CA ARG A 731 31.52 22.21 44.44
C ARG A 731 32.53 21.07 44.50
N GLN A 732 32.10 19.84 44.17
CA GLN A 732 33.06 18.74 44.05
C GLN A 732 34.03 18.95 42.90
N LEU A 733 33.56 19.45 41.77
CA LEU A 733 34.47 19.68 40.65
C LEU A 733 35.37 20.90 40.88
N MET A 734 34.86 21.94 41.54
CA MET A 734 35.71 23.05 41.94
C MET A 734 36.76 22.61 42.96
N ALA A 735 36.39 21.70 43.87
CA ALA A 735 37.36 21.18 44.84
C ALA A 735 38.41 20.32 44.16
N THR A 736 38.02 19.55 43.14
CA THR A 736 38.97 18.74 42.41
C THR A 736 39.94 19.60 41.61
N ALA A 737 39.43 20.65 40.95
CA ALA A 737 40.30 21.57 40.21
C ALA A 737 41.24 22.33 41.15
N GLU A 738 40.75 22.67 42.35
CA GLU A 738 41.59 23.42 43.28
C GLU A 738 42.65 22.53 43.91
N SER A 739 42.33 21.24 44.14
CA SER A 739 43.32 20.30 44.63
C SER A 739 44.38 20.02 43.56
N VAL A 740 43.96 19.95 42.29
CA VAL A 740 44.91 19.74 41.19
C VAL A 740 45.86 20.93 41.07
N PHE A 741 45.32 22.16 41.09
CA PHE A 741 46.16 23.35 41.02
C PHE A 741 47.05 23.49 42.24
N GLN A 742 46.58 23.10 43.42
CA GLN A 742 47.42 23.17 44.61
C GLN A 742 48.56 22.16 44.55
N LYS A 743 48.28 20.95 44.08
CA LYS A 743 49.31 19.93 43.90
C LYS A 743 50.34 20.36 42.88
N VAL A 744 49.91 20.94 41.76
CA VAL A 744 50.82 21.31 40.69
C VAL A 744 51.65 22.53 41.08
N ALA A 745 51.01 23.61 41.53
CA ALA A 745 51.75 24.82 41.86
C ALA A 745 52.30 24.82 43.28
N GLY A 746 52.21 23.68 43.99
CA GLY A 746 52.98 23.45 45.19
C GLY A 746 54.19 22.58 44.87
N GLU A 747 54.16 21.97 43.70
CA GLU A 747 55.26 21.22 43.10
C GLU A 747 56.23 22.14 42.35
N LEU A 748 55.94 23.44 42.28
CA LEU A 748 56.90 24.43 41.80
C LEU A 748 57.87 24.85 42.89
N GLU A 749 57.47 24.73 44.16
CA GLU A 749 58.33 25.13 45.28
C GLU A 749 59.58 24.26 45.36
N ASN A 750 59.45 22.97 45.05
CA ASN A 750 60.60 22.12 44.79
C ASN A 750 60.75 22.01 43.27
N GLY A 751 61.74 21.25 42.80
CA GLY A 751 61.93 21.10 41.37
C GLY A 751 61.18 19.96 40.75
N THR A 752 60.20 19.40 41.45
CA THR A 752 59.53 18.17 41.05
C THR A 752 58.51 18.42 39.93
N ILE A 753 58.30 19.68 39.53
CA ILE A 753 57.32 20.03 38.50
C ILE A 753 57.71 19.42 37.15
N VAL A 754 56.75 18.75 36.51
CA VAL A 754 56.94 18.28 35.14
C VAL A 754 57.05 19.47 34.19
N VAL A 755 58.05 19.45 33.30
CA VAL A 755 58.36 20.59 32.46
C VAL A 755 57.32 20.90 31.40
N GLY A 756 56.39 19.97 31.13
CA GLY A 756 55.23 20.31 30.30
C GLY A 756 54.39 21.40 30.94
N GLN A 757 54.12 21.27 32.23
CA GLN A 757 53.41 22.32 32.95
C GLN A 757 54.24 23.59 33.04
N LEU A 758 55.57 23.46 32.99
CA LEU A 758 56.42 24.64 33.01
C LEU A 758 56.34 25.41 31.69
N GLU A 759 56.35 24.71 30.54
CA GLU A 759 56.14 25.40 29.27
C GLU A 759 54.74 26.02 29.20
N LEU A 760 53.73 25.33 29.74
CA LEU A 760 52.38 25.88 29.81
C LEU A 760 52.31 27.16 30.64
N ILE A 761 52.93 27.17 31.84
CA ILE A 761 52.81 28.39 32.65
C ILE A 761 53.67 29.52 32.13
N LEU A 762 54.74 29.24 31.37
CA LEU A 762 55.47 30.37 30.79
C LEU A 762 54.77 30.89 29.53
N GLU A 763 54.05 30.04 28.80
CA GLU A 763 53.24 30.59 27.72
C GLU A 763 52.02 31.35 28.23
N HIS A 764 51.61 31.09 29.47
CA HIS A 764 50.36 31.58 30.06
C HIS A 764 50.67 32.29 31.37
N GLN A 765 51.59 33.27 31.29
CA GLN A 765 52.14 33.93 32.47
C GLN A 765 51.08 34.66 33.29
N SER A 766 50.24 35.47 32.63
CA SER A 766 49.33 36.35 33.34
C SER A 766 48.20 35.59 34.02
N GLN A 767 47.62 34.60 33.33
CA GLN A 767 46.58 33.78 33.95
C GLN A 767 47.11 32.98 35.13
N PHE A 768 48.32 32.44 35.01
CA PHE A 768 48.91 31.72 36.14
C PHE A 768 49.21 32.63 37.32
N LEU A 769 49.68 33.85 37.03
CA LEU A 769 49.91 34.83 38.10
C LEU A 769 48.61 35.21 38.80
N ASP A 770 47.52 35.33 38.03
CA ASP A 770 46.22 35.64 38.61
C ASP A 770 45.72 34.52 39.52
N ILE A 771 45.70 33.28 39.00
CA ILE A 771 45.22 32.13 39.76
C ILE A 771 46.11 31.87 40.98
N TRP A 772 47.40 32.15 40.85
CA TRP A 772 48.30 31.96 41.99
C TRP A 772 48.11 33.06 43.03
N ASN A 773 47.76 34.28 42.61
CA ASN A 773 47.46 35.30 43.60
C ASN A 773 46.13 35.04 44.31
N LEU A 774 45.18 34.38 43.64
CA LEU A 774 43.95 33.99 44.35
C LEU A 774 44.21 32.81 45.28
N ASN A 775 45.07 31.87 44.88
CA ASN A 775 45.46 30.78 45.75
C ASN A 775 46.29 31.28 46.93
N ARG A 776 46.94 32.44 46.79
CA ARG A 776 47.71 33.04 47.89
C ARG A 776 46.83 33.38 49.09
N ARG A 777 45.57 33.78 48.88
CA ARG A 777 44.68 34.00 50.01
C ARG A 777 43.93 32.74 50.43
N ARG A 778 44.39 31.57 49.97
CA ARG A 778 43.87 30.24 50.34
C ARG A 778 42.39 30.04 50.04
N ASP A 787 57.73 33.50 47.16
CA ASP A 787 57.73 34.56 46.17
C ASP A 787 57.45 33.91 44.81
N VAL A 788 56.89 34.63 43.84
CA VAL A 788 56.60 33.97 42.56
C VAL A 788 57.10 34.72 41.32
N ARG A 789 57.40 36.02 41.35
CA ARG A 789 58.03 36.64 40.17
C ARG A 789 59.46 36.15 39.96
N SER A 790 60.31 36.25 41.00
CA SER A 790 61.69 35.81 40.90
C SER A 790 61.82 34.31 40.74
N LEU A 791 60.88 33.53 41.27
CA LEU A 791 60.98 32.08 41.10
C LEU A 791 60.64 31.68 39.67
N LEU A 792 59.67 32.36 39.04
CA LEU A 792 59.41 32.13 37.62
C LEU A 792 60.55 32.62 36.73
N LYS A 793 61.19 33.76 37.04
CA LYS A 793 62.33 34.15 36.22
C LYS A 793 63.52 33.19 36.39
N ARG A 794 63.73 32.65 37.59
CA ARG A 794 64.81 31.70 37.81
C ARG A 794 64.56 30.39 37.08
N ARG A 795 63.34 29.85 37.21
CA ARG A 795 62.99 28.63 36.50
C ARG A 795 62.97 28.84 34.99
N ARG A 796 62.58 30.05 34.52
CA ARG A 796 62.60 30.33 33.09
C ARG A 796 64.03 30.38 32.56
N ASP A 797 64.97 30.95 33.34
CA ASP A 797 66.37 30.98 32.93
C ASP A 797 66.95 29.58 32.87
N ASP A 798 66.61 28.73 33.85
CA ASP A 798 67.09 27.36 33.83
C ASP A 798 66.45 26.55 32.70
N LEU A 799 65.19 26.84 32.36
CA LEU A 799 64.56 26.19 31.22
C LEU A 799 65.21 26.61 29.91
N LEU A 800 65.53 27.90 29.75
CA LEU A 800 66.19 28.37 28.54
C LEU A 800 67.59 27.77 28.39
N PHE A 801 68.30 27.63 29.52
CA PHE A 801 69.60 26.97 29.50
C PHE A 801 69.46 25.51 29.09
N LEU A 802 68.42 24.83 29.61
CA LEU A 802 68.16 23.44 29.22
C LEU A 802 67.87 23.32 27.73
N LYS A 803 67.07 24.24 27.19
CA LYS A 803 66.70 24.13 25.77
C LYS A 803 67.88 24.44 24.87
N GLN A 804 68.72 25.41 25.27
CA GLN A 804 69.91 25.68 24.46
C GLN A 804 70.96 24.59 24.63
N GLU A 805 70.96 23.88 25.77
CA GLU A 805 71.90 22.77 25.91
C GLU A 805 71.44 21.57 25.11
N LYS A 806 70.12 21.39 24.99
CA LYS A 806 69.59 20.35 24.11
C LYS A 806 69.85 20.69 22.65
N ARG A 807 69.82 21.98 22.31
CA ARG A 807 70.17 22.41 20.96
C ARG A 807 71.64 22.17 20.65
N TYR A 808 72.52 22.44 21.63
CA TYR A 808 73.96 22.19 21.46
C TYR A 808 74.25 20.71 21.26
N VAL A 809 73.64 19.86 22.11
CA VAL A 809 73.89 18.43 22.01
C VAL A 809 73.29 17.83 20.75
N GLU A 810 72.15 18.36 20.29
CA GLU A 810 71.54 17.84 19.07
C GLU A 810 72.31 18.29 17.83
N SER A 811 72.86 19.50 17.85
CA SER A 811 73.75 19.92 16.78
C SER A 811 75.01 19.07 16.74
N LEU A 812 75.53 18.68 17.92
CA LEU A 812 76.66 17.77 17.96
C LEU A 812 76.33 16.39 17.37
N LEU A 813 75.14 15.83 17.70
CA LEU A 813 74.80 14.51 17.14
C LEU A 813 74.60 14.59 15.62
N ARG A 814 74.03 15.68 15.11
CA ARG A 814 73.88 15.73 13.66
C ARG A 814 75.19 16.00 12.94
N GLN A 815 76.10 16.79 13.54
CA GLN A 815 77.41 16.97 12.93
C GLN A 815 78.23 15.68 12.92
N LEU A 816 78.17 14.90 13.99
CA LEU A 816 78.82 13.59 13.99
C LEU A 816 78.02 12.51 13.27
N GLY A 817 76.80 12.81 12.84
CA GLY A 817 76.02 11.87 12.07
C GLY A 817 76.19 11.97 10.57
N ARG A 818 76.71 13.09 10.08
CA ARG A 818 77.06 13.24 8.67
C ARG A 818 78.39 12.58 8.29
N VAL A 819 79.08 11.94 9.23
CA VAL A 819 80.31 11.24 8.92
C VAL A 819 80.25 9.83 9.50
N LYS A 820 79.02 9.33 9.68
CA LYS A 820 78.77 8.02 10.30
C LYS A 820 79.33 6.87 9.47
N HIS A 821 79.43 7.04 8.15
CA HIS A 821 80.00 6.00 7.29
C HIS A 821 81.50 5.81 7.52
N LEU A 822 82.19 6.87 7.93
CA LEU A 822 83.65 6.90 7.88
C LEU A 822 84.21 6.44 9.23
N VAL A 823 83.89 7.18 10.29
CA VAL A 823 84.33 6.86 11.64
C VAL A 823 83.11 6.95 12.57
N GLN A 824 82.84 5.85 13.26
CA GLN A 824 81.70 5.78 14.16
C GLN A 824 82.13 6.02 15.60
N VAL A 825 81.24 6.64 16.37
CA VAL A 825 81.54 7.09 17.72
C VAL A 825 80.57 6.41 18.67
N ASP A 826 81.09 5.99 19.84
CA ASP A 826 80.25 5.54 20.93
C ASP A 826 79.95 6.76 21.80
N PHE A 827 78.67 7.12 21.87
CA PHE A 827 78.26 8.40 22.45
C PHE A 827 78.09 8.37 23.95
N GLY A 828 79.05 7.80 24.68
CA GLY A 828 78.99 7.64 26.14
C GLY A 828 77.68 7.04 26.62
N ASN A 829 76.90 7.84 27.34
CA ASN A 829 75.53 7.50 27.68
C ASN A 829 74.52 8.33 26.91
N ILE A 830 74.98 9.26 26.08
CA ILE A 830 74.15 10.31 25.49
C ILE A 830 73.28 9.76 24.36
N GLU A 831 73.58 8.55 23.86
CA GLU A 831 72.83 7.98 22.75
C GLU A 831 71.40 7.59 23.15
N ILE A 832 71.16 7.32 24.43
CA ILE A 832 69.85 6.94 24.91
C ILE A 832 69.15 8.13 25.57
N ILE A 833 69.94 8.93 26.30
CA ILE A 833 69.43 10.12 26.99
C ILE A 833 68.88 11.14 25.99
N HIS A 834 69.53 11.28 24.83
CA HIS A 834 68.98 12.22 23.86
C HIS A 834 67.75 11.68 23.13
N SER A 835 67.61 10.36 22.96
CA SER A 835 66.46 9.86 22.23
C SER A 835 65.18 9.88 23.04
N GLN A 836 65.28 9.84 24.36
CA GLN A 836 64.12 9.78 25.24
C GLN A 836 63.39 11.12 25.30
N ASP A 837 62.07 11.06 25.47
CA ASP A 837 61.19 12.23 25.53
C ASP A 837 61.33 13.03 26.83
N LEU A 838 60.82 14.25 26.79
CA LEU A 838 60.77 15.13 27.96
C LEU A 838 59.41 15.04 28.65
N SER A 839 59.09 13.81 29.05
CA SER A 839 58.17 13.52 30.15
C SER A 839 58.94 13.18 31.42
N ASN A 840 60.13 13.75 31.58
CA ASN A 840 61.08 13.46 32.64
C ASN A 840 61.02 14.50 33.73
N LYS A 841 61.42 14.09 34.93
CA LYS A 841 61.30 14.95 36.09
C LYS A 841 62.39 16.02 36.02
N LYS A 842 62.04 17.26 36.37
CA LYS A 842 63.02 18.35 36.25
C LYS A 842 64.07 18.30 37.35
N LEU A 843 63.79 17.59 38.46
CA LEU A 843 64.73 17.44 39.57
C LEU A 843 65.99 16.68 39.18
N ASN A 844 65.93 15.90 38.10
CA ASN A 844 67.10 15.26 37.54
C ASN A 844 68.05 16.21 36.81
N GLU A 845 67.79 17.52 36.77
CA GLU A 845 68.69 18.43 36.08
C GLU A 845 69.31 19.49 36.99
N ALA A 846 69.38 19.20 38.30
CA ALA A 846 70.56 19.39 39.18
C ALA A 846 71.23 20.75 38.99
N VAL A 847 70.51 21.79 39.39
CA VAL A 847 71.10 23.13 39.47
C VAL A 847 71.77 23.36 40.82
N ILE A 848 72.77 22.54 41.14
CA ILE A 848 73.36 22.52 42.48
C ILE A 848 74.30 23.70 42.67
N LYS A 849 74.86 23.81 43.87
CA LYS A 849 75.64 24.97 44.28
C LYS A 849 77.06 24.53 44.65
N LEU A 850 77.91 25.54 44.85
CA LEU A 850 79.33 25.39 45.20
C LEU A 850 80.11 24.52 44.22
N SER A 855 76.37 28.24 40.71
CA SER A 855 77.52 27.41 40.37
C SER A 855 77.26 26.64 39.08
N TYR A 856 77.83 25.45 38.96
CA TYR A 856 77.58 24.67 37.76
C TYR A 856 76.18 24.06 37.82
N LYS A 857 75.68 23.63 36.66
CA LYS A 857 74.37 22.98 36.52
C LYS A 857 74.48 21.74 35.61
N ARG A 858 74.82 20.61 36.20
CA ARG A 858 74.84 19.34 35.49
C ARG A 858 73.44 18.81 35.21
N GLU A 859 73.29 18.17 34.05
CA GLU A 859 72.03 17.60 33.57
C GLU A 859 72.15 16.09 33.43
N THR A 860 71.08 15.47 32.94
CA THR A 860 71.12 14.04 32.66
C THR A 860 71.94 13.71 31.41
N HIS A 861 72.06 14.66 30.48
CA HIS A 861 73.07 14.55 29.44
C HIS A 861 74.42 14.85 30.07
N TYR A 862 75.13 13.80 30.49
CA TYR A 862 76.43 13.95 31.16
C TYR A 862 77.52 14.32 30.15
N CYS A 863 77.60 15.61 29.84
CA CYS A 863 78.69 16.12 29.02
C CYS A 863 79.99 15.97 29.77
N LEU A 864 80.94 15.20 29.21
CA LEU A 864 82.06 14.66 29.99
C LEU A 864 83.03 15.73 30.50
N SER A 865 82.98 16.94 29.93
CA SER A 865 83.71 18.12 30.41
C SER A 865 82.94 19.35 29.93
N PRO A 866 83.36 20.57 30.28
CA PRO A 866 82.99 21.74 29.44
C PRO A 866 83.70 21.83 28.09
N ASP A 867 84.72 21.02 27.81
CA ASP A 867 85.34 21.02 26.47
C ASP A 867 84.34 20.61 25.39
N ILE A 868 83.64 19.48 25.57
CA ILE A 868 82.67 19.03 24.57
C ILE A 868 81.46 19.95 24.56
N ARG A 869 81.16 20.61 25.68
CA ARG A 869 80.06 21.57 25.72
C ARG A 869 80.37 22.81 24.88
N GLU A 870 81.58 23.36 25.01
CA GLU A 870 81.94 24.52 24.20
C GLU A 870 82.18 24.11 22.75
N MET A 871 82.56 22.85 22.53
CA MET A 871 82.63 22.33 21.17
C MET A 871 81.26 22.27 20.53
N ALA A 872 80.25 21.80 21.27
CA ALA A 872 78.89 21.75 20.76
C ALA A 872 78.34 23.15 20.53
N SER A 873 78.74 24.11 21.36
CA SER A 873 78.31 25.50 21.15
C SER A 873 78.90 26.07 19.86
N LYS A 874 80.19 25.79 19.60
CA LYS A 874 80.81 26.29 18.37
C LYS A 874 80.29 25.57 17.13
N LEU A 875 79.95 24.27 17.23
CA LEU A 875 79.29 23.63 16.09
C LEU A 875 77.86 24.12 15.89
N ASP A 876 77.15 24.49 16.96
CA ASP A 876 75.81 25.04 16.82
C ASP A 876 75.83 26.43 16.18
N SER A 877 76.84 27.24 16.49
CA SER A 877 76.99 28.52 15.82
C SER A 877 77.51 28.39 14.39
N LEU A 878 78.04 27.23 14.02
CA LEU A 878 78.64 26.98 12.71
C LEU A 878 78.08 25.72 12.05
N LYS A 879 76.80 25.43 12.24
CA LYS A 879 76.20 24.32 11.52
C LYS A 879 75.66 24.75 10.16
N ASP A 880 75.47 26.05 9.95
CA ASP A 880 74.95 26.58 8.69
C ASP A 880 76.05 27.16 7.79
N SER A 881 77.32 26.85 8.06
CA SER A 881 78.44 27.26 7.22
C SER A 881 78.86 26.09 6.32
N HIS A 882 78.57 26.22 5.02
CA HIS A 882 78.92 25.21 4.03
C HIS A 882 80.42 25.01 3.88
N ILE A 883 81.19 26.09 4.03
CA ILE A 883 82.65 26.00 4.00
C ILE A 883 83.19 25.20 5.18
N PHE A 884 82.55 25.36 6.35
CA PHE A 884 82.97 24.61 7.52
C PHE A 884 82.65 23.12 7.35
N GLN A 885 81.50 22.80 6.74
CA GLN A 885 81.15 21.41 6.49
C GLN A 885 82.09 20.78 5.47
N ASP A 886 82.53 21.57 4.48
CA ASP A 886 83.56 21.10 3.54
C ASP A 886 84.86 20.78 4.27
N PHE A 887 85.29 21.66 5.17
CA PHE A 887 86.53 21.40 5.92
C PHE A 887 86.37 20.21 6.85
N TRP A 888 85.18 20.04 7.41
CA TRP A 888 84.85 18.93 8.29
C TRP A 888 85.00 17.60 7.56
N GLN A 889 84.38 17.49 6.39
CA GLN A 889 84.46 16.21 5.69
C GLN A 889 85.80 16.00 5.01
N GLU A 890 86.55 17.06 4.66
CA GLU A 890 87.86 16.80 4.07
C GLU A 890 88.94 16.54 5.11
N THR A 891 88.70 16.85 6.39
CA THR A 891 89.60 16.40 7.43
C THR A 891 89.14 15.12 8.12
N ALA A 892 87.88 14.70 7.94
CA ALA A 892 87.43 13.44 8.52
C ALA A 892 87.52 12.28 7.54
N GLU A 893 87.87 12.56 6.29
CA GLU A 893 88.37 11.55 5.36
C GLU A 893 89.84 11.24 5.63
N SER A 894 90.50 12.02 6.48
CA SER A 894 91.91 11.82 6.82
C SER A 894 92.12 10.80 7.94
N LEU A 895 91.15 9.92 8.18
CA LEU A 895 91.29 8.88 9.18
C LEU A 895 91.23 7.47 8.60
N ASN A 896 91.03 7.33 7.30
CA ASN A 896 91.00 6.01 6.65
C ASN A 896 91.85 6.00 5.39
N GLU A 904 85.70 2.80 9.87
CA GLU A 904 86.06 1.43 10.25
C GLU A 904 86.65 1.40 11.66
N LEU A 905 86.43 2.47 12.41
CA LEU A 905 86.97 2.61 13.76
C LEU A 905 85.84 3.03 14.68
N LYS A 906 85.54 2.19 15.67
CA LYS A 906 84.67 2.56 16.79
C LYS A 906 85.46 3.37 17.80
N VAL A 907 85.16 4.67 17.89
CA VAL A 907 86.01 5.59 18.63
C VAL A 907 85.17 6.29 19.70
N SER A 908 85.85 6.75 20.76
CA SER A 908 85.22 7.39 21.90
C SER A 908 85.26 8.91 21.74
N LEU A 909 84.35 9.57 22.46
CA LEU A 909 84.20 11.03 22.38
C LEU A 909 85.40 11.91 22.75
N PRO A 910 86.25 11.63 23.76
CA PRO A 910 87.32 12.62 24.06
C PRO A 910 88.44 12.73 23.01
N GLU A 911 88.68 11.73 22.16
CA GLU A 911 89.71 11.87 21.13
C GLU A 911 89.14 12.34 19.80
N VAL A 912 87.80 12.42 19.69
CA VAL A 912 87.16 13.09 18.56
C VAL A 912 87.55 14.57 18.54
N LEU A 913 87.71 15.18 19.72
CA LEU A 913 88.05 16.60 19.81
C LEU A 913 89.46 16.88 19.30
N GLU A 914 90.37 15.92 19.42
CA GLU A 914 91.77 16.12 19.03
C GLU A 914 92.11 15.56 17.65
N TYR A 915 91.66 14.35 17.32
CA TYR A 915 92.01 13.77 16.03
C TYR A 915 91.15 14.30 14.88
N LEU A 916 90.02 14.91 15.18
CA LEU A 916 89.11 15.31 14.11
C LEU A 916 88.68 16.76 14.16
N TYR A 917 88.50 17.33 15.36
CA TYR A 917 88.03 18.71 15.46
C TYR A 917 89.14 19.76 15.38
N ASN A 918 90.21 19.58 16.15
CA ASN A 918 91.29 20.57 16.17
C ASN A 918 92.02 20.83 14.85
N PRO A 919 92.36 19.84 13.99
CA PRO A 919 92.91 20.22 12.68
C PRO A 919 91.91 20.94 11.78
N CYS A 920 90.62 20.61 11.89
CA CYS A 920 89.59 21.32 11.15
C CYS A 920 89.49 22.77 11.61
N TYR A 921 89.51 22.98 12.93
CA TYR A 921 89.48 24.33 13.49
C TYR A 921 90.73 25.10 13.12
N ASP A 922 91.89 24.43 13.05
CA ASP A 922 93.12 25.12 12.69
C ASP A 922 93.10 25.56 11.22
N ASN A 923 92.59 24.69 10.34
CA ASN A 923 92.45 25.05 8.93
C ASN A 923 91.43 26.17 8.76
N PHE A 924 90.34 26.11 9.53
CA PHE A 924 89.31 27.12 9.48
C PHE A 924 89.80 28.48 10.00
N TYR A 925 90.63 28.45 11.04
CA TYR A 925 91.17 29.70 11.57
C TYR A 925 92.28 30.29 10.72
N THR A 926 93.12 29.47 10.08
CA THR A 926 94.09 30.02 9.14
C THR A 926 93.40 30.59 7.90
N LEU A 927 92.33 29.94 7.41
CA LEU A 927 91.56 30.50 6.31
C LEU A 927 90.90 31.81 6.70
N TYR A 928 90.42 31.90 7.95
CA TYR A 928 89.80 33.14 8.41
C TYR A 928 90.82 34.27 8.50
N GLU A 929 92.02 34.02 9.05
CA GLU A 929 92.99 35.10 9.14
C GLU A 929 93.63 35.42 7.80
N ASN A 930 93.58 34.49 6.84
CA ASN A 930 93.97 34.81 5.47
C ASN A 930 92.93 35.71 4.80
N LEU A 931 91.65 35.34 4.90
CA LEU A 931 90.59 36.08 4.22
C LEU A 931 90.36 37.46 4.82
N LYS A 932 90.77 37.69 6.08
CA LYS A 932 90.66 39.03 6.66
C LYS A 932 91.61 40.02 6.00
N SER A 933 92.73 39.53 5.46
CA SER A 933 93.68 40.40 4.77
C SER A 933 93.45 40.43 3.25
N GLY A 934 93.20 39.28 2.63
CA GLY A 934 93.17 39.18 1.19
C GLY A 934 94.40 38.60 0.53
N LYS A 935 95.21 37.84 1.28
CA LYS A 935 96.40 37.20 0.75
C LYS A 935 96.13 35.81 0.17
N ILE A 936 94.85 35.43 0.03
CA ILE A 936 94.53 34.13 -0.53
C ILE A 936 94.78 34.09 -2.03
N THR A 937 95.22 32.93 -2.52
CA THR A 937 95.43 32.76 -3.94
C THR A 937 94.14 32.26 -4.60
N PHE A 938 94.12 32.36 -5.93
CA PHE A 938 92.99 31.93 -6.75
C PHE A 938 92.68 30.42 -6.74
N ALA A 939 93.65 29.54 -6.47
CA ALA A 939 93.34 28.10 -6.49
C ALA A 939 92.34 27.66 -5.42
N GLU A 940 92.44 28.14 -4.17
CA GLU A 940 91.38 27.77 -3.23
C GLU A 940 90.10 28.53 -3.52
N VAL A 941 90.20 29.71 -4.14
CA VAL A 941 89.02 30.51 -4.46
C VAL A 941 88.15 29.79 -5.50
N ASP A 942 88.76 29.22 -6.53
CA ASP A 942 87.93 28.48 -7.47
C ASP A 942 87.82 27.00 -7.11
N ALA A 943 88.48 26.55 -6.03
CA ALA A 943 88.30 25.16 -5.60
C ALA A 943 87.21 25.00 -4.54
N ILE A 944 86.95 26.00 -3.70
CA ILE A 944 85.94 25.89 -2.66
C ILE A 944 84.62 26.56 -3.06
N PHE A 945 84.65 27.73 -3.73
CA PHE A 945 83.46 28.53 -3.96
C PHE A 945 82.85 28.27 -5.33
N LYS A 946 83.00 27.05 -5.87
CA LYS A 946 82.61 26.82 -7.25
C LYS A 946 81.10 26.67 -7.38
N ASP A 947 80.43 26.24 -6.32
CA ASP A 947 79.00 26.01 -6.28
C ASP A 947 78.20 27.23 -5.80
N PHE A 948 78.76 28.43 -5.91
CA PHE A 948 78.08 29.65 -5.47
C PHE A 948 77.84 30.65 -6.60
N VAL A 949 78.01 30.24 -7.85
CA VAL A 949 77.98 31.15 -9.00
C VAL A 949 76.58 31.72 -9.23
N ASP A 950 76.51 33.06 -9.27
CA ASP A 950 75.30 33.90 -9.36
C ASP A 950 74.30 33.71 -8.22
N LYS A 951 74.75 33.26 -7.05
CA LYS A 951 73.92 33.16 -5.85
C LYS A 951 74.72 33.81 -4.71
N TYR A 952 74.63 35.14 -4.61
CA TYR A 952 75.43 35.96 -3.71
C TYR A 952 74.75 36.47 -2.45
N ASP A 953 73.43 36.33 -2.30
CA ASP A 953 72.83 36.68 -1.01
C ASP A 953 73.14 35.64 0.07
N GLU A 954 73.15 34.35 -0.29
CA GLU A 954 73.53 33.35 0.71
C GLU A 954 75.01 33.52 1.06
N LEU A 955 75.83 33.97 0.10
CA LEU A 955 77.23 34.19 0.38
C LEU A 955 77.45 35.42 1.25
N LYS A 956 76.61 36.46 1.11
CA LYS A 956 76.69 37.58 2.05
C LYS A 956 76.32 37.13 3.45
N ASN A 957 75.27 36.30 3.56
CA ASN A 957 74.86 35.76 4.85
C ASN A 957 75.92 34.81 5.40
N ASP A 958 76.57 34.05 4.51
CA ASP A 958 77.61 33.10 4.91
C ASP A 958 78.85 33.83 5.42
N LEU A 959 79.23 34.97 4.84
CA LEU A 959 80.34 35.70 5.45
C LEU A 959 79.94 36.39 6.75
N LYS A 960 78.66 36.76 6.90
CA LYS A 960 78.18 37.26 8.18
C LYS A 960 78.28 36.18 9.26
N PHE A 961 77.81 34.98 8.93
CA PHE A 961 77.91 33.81 9.81
C PHE A 961 79.37 33.39 10.01
N MET A 962 80.22 33.65 9.02
CA MET A 962 81.64 33.31 9.05
C MET A 962 82.40 34.19 10.04
N CYS A 963 82.00 35.45 10.18
CA CYS A 963 82.64 36.35 11.14
C CYS A 963 82.01 36.29 12.53
N THR A 964 80.89 35.59 12.70
CA THR A 964 80.41 35.30 14.05
C THR A 964 81.30 34.34 14.84
N MET A 965 82.25 33.65 14.21
CA MET A 965 83.16 32.78 14.96
C MET A 965 84.03 33.62 15.89
N ASN A 966 84.79 34.56 15.33
CA ASN A 966 85.60 35.48 16.11
C ASN A 966 84.83 36.78 16.24
N PRO A 967 84.30 37.12 17.42
CA PRO A 967 83.30 38.21 17.54
C PRO A 967 83.82 39.64 17.44
N GLN A 968 83.97 40.12 16.22
CA GLN A 968 84.30 41.53 15.98
C GLN A 968 83.40 42.05 14.85
N ASP A 969 83.72 43.24 14.36
CA ASP A 969 82.90 43.93 13.36
C ASP A 969 83.05 43.31 11.97
N GLN A 970 82.07 43.62 11.11
CA GLN A 970 82.10 43.29 9.67
C GLN A 970 81.63 44.50 8.84
N LYS A 971 82.57 45.40 8.55
CA LYS A 971 82.25 46.63 7.82
C LYS A 971 82.94 46.69 6.47
N GLY A 972 84.26 46.66 6.43
CA GLY A 972 85.03 46.73 5.21
C GLY A 972 85.52 45.41 4.66
N TRP A 973 84.99 44.30 5.17
CA TRP A 973 85.48 42.96 4.83
C TRP A 973 84.55 42.19 3.90
N ILE A 974 83.23 42.29 4.10
CA ILE A 974 82.30 41.47 3.34
C ILE A 974 82.12 41.94 1.89
N SER A 975 81.69 43.21 1.68
CA SER A 975 81.22 43.61 0.35
C SER A 975 82.31 43.72 -0.72
N GLU A 976 83.53 44.14 -0.36
CA GLU A 976 84.58 44.21 -1.38
C GLU A 976 85.02 42.81 -1.82
N ARG A 977 85.20 41.87 -0.89
CA ARG A 977 85.59 40.53 -1.32
C ARG A 977 84.47 39.75 -2.00
N VAL A 978 83.20 39.94 -1.61
CA VAL A 978 82.11 39.32 -2.38
C VAL A 978 82.09 39.87 -3.81
N GLY A 979 82.33 41.18 -3.96
CA GLY A 979 82.39 41.76 -5.30
C GLY A 979 83.59 41.24 -6.10
N GLN A 980 84.72 41.05 -5.42
CA GLN A 980 85.93 40.54 -6.07
C GLN A 980 85.72 39.11 -6.56
N ILE A 981 85.09 38.27 -5.73
CA ILE A 981 84.81 36.88 -6.12
C ILE A 981 83.73 36.86 -7.21
N LYS A 982 82.82 37.84 -7.20
CA LYS A 982 81.82 37.93 -8.28
C LYS A 982 82.48 38.32 -9.60
N GLU A 983 83.48 39.22 -9.55
CA GLU A 983 84.22 39.58 -10.75
C GLU A 983 85.03 38.40 -11.27
N TYR A 984 85.60 37.60 -10.37
CA TYR A 984 86.33 36.39 -10.78
C TYR A 984 85.39 35.37 -11.43
N HIS A 985 84.19 35.20 -10.85
CA HIS A 985 83.23 34.25 -11.41
C HIS A 985 82.73 34.70 -12.77
N THR A 986 82.43 35.99 -12.94
CA THR A 986 82.03 36.50 -14.24
C THR A 986 83.18 36.49 -15.24
N LEU A 987 84.42 36.58 -14.75
CA LEU A 987 85.59 36.43 -15.61
C LEU A 987 85.67 35.01 -16.18
N HIS A 988 85.53 33.99 -15.32
CA HIS A 988 85.59 32.62 -15.82
C HIS A 988 84.37 32.26 -16.66
N GLN A 989 83.22 32.88 -16.37
CA GLN A 989 82.05 32.72 -17.23
C GLN A 989 82.30 33.34 -18.60
N ALA A 990 82.97 34.49 -18.64
CA ALA A 990 83.32 35.12 -19.91
C ALA A 990 84.35 34.30 -20.67
N VAL A 991 85.24 33.60 -19.97
CA VAL A 991 86.21 32.73 -20.64
C VAL A 991 85.49 31.56 -21.31
N SER A 992 84.58 30.91 -20.57
CA SER A 992 83.85 29.78 -21.15
C SER A 992 82.92 30.23 -22.27
N SER A 993 82.31 31.42 -22.12
CA SER A 993 81.50 32.00 -23.19
C SER A 993 82.35 32.33 -24.43
N ALA A 994 83.60 32.77 -24.22
CA ALA A 994 84.46 33.07 -25.35
C ALA A 994 84.86 31.79 -26.08
N LYS A 995 85.12 30.72 -25.32
CA LYS A 995 85.45 29.44 -25.94
C LYS A 995 84.26 28.89 -26.74
N VAL A 996 83.05 29.02 -26.21
CA VAL A 996 81.91 28.48 -26.95
C VAL A 996 81.53 29.41 -28.13
N ILE A 997 81.81 30.71 -28.03
CA ILE A 997 81.49 31.57 -29.18
C ILE A 997 82.53 31.40 -30.27
N LEU A 998 83.79 31.06 -29.91
CA LEU A 998 84.74 30.70 -30.95
C LEU A 998 84.40 29.34 -31.56
N GLN A 999 83.84 28.43 -30.76
CA GLN A 999 83.44 27.13 -31.30
C GLN A 999 82.25 27.27 -32.25
N VAL A 1000 81.30 28.15 -31.93
CA VAL A 1000 80.19 28.33 -32.86
C VAL A 1000 80.59 29.19 -34.06
N ARG A 1001 81.57 30.10 -33.92
CA ARG A 1001 82.05 30.83 -35.09
C ARG A 1001 82.81 29.90 -36.03
N ARG A 1002 83.48 28.88 -35.50
CA ARG A 1002 84.17 27.93 -36.35
C ARG A 1002 83.19 26.94 -36.98
N ALA A 1003 82.29 26.37 -36.18
CA ALA A 1003 81.40 25.32 -36.68
C ALA A 1003 80.30 25.83 -37.61
N LEU A 1004 79.97 27.12 -37.57
CA LEU A 1004 79.00 27.66 -38.52
C LEU A 1004 79.61 27.95 -39.88
N GLY A 1005 80.94 27.99 -39.98
CA GLY A 1005 81.61 28.27 -41.23
C GLY A 1005 81.88 29.73 -41.49
N VAL A 1006 81.31 30.64 -40.70
CA VAL A 1006 81.55 32.07 -40.85
C VAL A 1006 83.00 32.35 -40.44
N THR A 1007 83.81 32.81 -41.40
CA THR A 1007 85.18 33.17 -41.08
C THR A 1007 85.26 34.48 -40.29
N GLY A 1008 84.71 35.57 -40.82
CA GLY A 1008 84.48 36.88 -40.21
C GLY A 1008 85.76 37.49 -39.64
N ASP A 1009 85.57 38.36 -38.65
CA ASP A 1009 86.70 38.96 -37.94
C ASP A 1009 86.21 39.44 -36.58
N PHE A 1010 86.85 38.97 -35.51
CA PHE A 1010 86.54 39.40 -34.15
C PHE A 1010 87.68 40.19 -33.53
N SER A 1011 88.88 39.60 -33.43
CA SER A 1011 90.16 40.23 -33.11
C SER A 1011 90.21 40.87 -31.72
N VAL A 1012 89.21 40.66 -30.87
CA VAL A 1012 89.15 41.27 -29.56
C VAL A 1012 89.20 40.26 -28.42
N LEU A 1013 88.97 38.97 -28.70
CA LEU A 1013 89.07 37.92 -27.70
C LEU A 1013 90.36 37.10 -27.82
N ASN A 1014 91.42 37.67 -28.35
CA ASN A 1014 92.70 36.95 -28.30
C ASN A 1014 93.42 37.02 -26.94
N PRO A 1015 93.59 38.18 -26.27
CA PRO A 1015 94.27 38.15 -24.96
C PRO A 1015 93.48 37.47 -23.85
N LEU A 1016 92.15 37.39 -23.93
CA LEU A 1016 91.39 36.63 -22.95
C LEU A 1016 91.73 35.14 -23.00
N LEU A 1017 91.87 34.57 -24.20
CA LEU A 1017 92.27 33.16 -24.30
C LEU A 1017 93.76 32.99 -24.03
N ASN A 1018 94.59 34.00 -24.34
CA ASN A 1018 95.98 33.92 -23.95
C ASN A 1018 96.16 34.07 -22.43
N PHE A 1019 95.14 34.60 -21.75
CA PHE A 1019 95.08 34.59 -20.29
C PHE A 1019 94.49 33.28 -19.77
N ALA A 1020 93.66 32.62 -20.58
CA ALA A 1020 92.99 31.39 -20.15
C ALA A 1020 93.99 30.25 -19.91
N ASP A 1021 95.10 30.25 -20.63
CA ASP A 1021 96.18 29.31 -20.38
C ASP A 1021 97.30 29.92 -19.54
N SER A 1022 97.08 31.12 -19.00
CA SER A 1022 97.99 31.75 -18.06
C SER A 1022 97.59 31.45 -16.63
N PHE A 1023 98.56 31.54 -15.72
CA PHE A 1023 98.34 31.21 -14.31
C PHE A 1023 99.07 32.21 -13.42
N GLU A 1024 98.33 32.85 -12.52
CA GLU A 1024 98.85 33.81 -11.57
C GLU A 1024 98.31 33.47 -10.19
N ASP A 1025 99.04 33.90 -9.16
CA ASP A 1025 98.72 33.55 -7.77
C ASP A 1025 98.66 34.81 -6.91
N PHE A 1026 97.50 35.46 -6.90
CA PHE A 1026 97.19 36.57 -6.01
C PHE A 1026 95.67 36.73 -6.00
N GLY A 1027 95.18 37.49 -5.02
CA GLY A 1027 93.75 37.63 -4.85
C GLY A 1027 93.20 39.00 -5.20
N ASN A 1028 93.99 39.78 -5.93
CA ASN A 1028 93.64 41.16 -6.26
C ASN A 1028 93.00 41.21 -7.65
N GLU A 1029 92.23 42.27 -7.89
CA GLU A 1029 91.64 42.52 -9.20
C GLU A 1029 92.70 42.72 -10.29
N SER A 1035 94.11 41.59 -15.73
CA SER A 1035 92.82 41.69 -15.04
C SER A 1035 92.11 43.08 -15.10
N PRO A 1036 92.81 44.22 -15.00
CA PRO A 1036 92.09 45.47 -15.28
C PRO A 1036 91.83 45.70 -16.76
N GLN A 1037 92.81 45.37 -17.62
CA GLN A 1037 92.68 45.60 -19.06
C GLN A 1037 91.65 44.68 -19.71
N PHE A 1038 91.26 43.60 -19.04
CA PHE A 1038 90.22 42.70 -19.54
C PHE A 1038 88.81 43.19 -19.25
N ILE A 1039 88.66 44.16 -18.34
CA ILE A 1039 87.34 44.61 -17.88
C ILE A 1039 86.53 45.21 -19.04
N LYS A 1040 87.15 46.13 -19.78
CA LYS A 1040 86.55 46.68 -20.99
C LYS A 1040 86.28 45.62 -22.07
N ALA A 1041 87.15 44.63 -22.20
CA ALA A 1041 86.85 43.50 -23.08
C ALA A 1041 85.61 42.72 -22.63
N LYS A 1042 85.47 42.50 -21.32
CA LYS A 1042 84.30 41.87 -20.71
C LYS A 1042 83.07 42.77 -20.67
N GLN A 1043 83.21 44.07 -21.00
CA GLN A 1043 82.04 44.92 -21.20
C GLN A 1043 81.23 44.52 -22.44
N LEU A 1044 81.83 43.75 -23.33
CA LEU A 1044 81.10 43.22 -24.47
C LEU A 1044 80.27 42.01 -24.03
N LEU A 1045 80.70 41.32 -22.98
CA LEU A 1045 80.02 40.14 -22.47
C LEU A 1045 79.56 40.26 -21.02
N GLN A 1046 78.97 41.40 -20.63
CA GLN A 1046 78.40 41.54 -19.28
C GLN A 1046 77.23 40.59 -19.06
N ASP A 1047 76.17 40.75 -19.85
CA ASP A 1047 74.83 40.29 -19.52
C ASP A 1047 74.35 39.12 -20.38
N ILE A 1048 75.19 38.12 -20.61
CA ILE A 1048 74.74 37.02 -21.45
C ILE A 1048 73.79 36.10 -20.67
N SER A 1049 74.32 35.22 -19.79
CA SER A 1049 73.80 34.70 -18.52
C SER A 1049 74.69 33.54 -18.11
N GLU A 1050 74.35 32.85 -17.03
CA GLU A 1050 74.82 31.48 -16.84
C GLU A 1050 74.07 30.46 -17.70
N PRO A 1051 72.72 30.59 -17.95
CA PRO A 1051 72.17 29.97 -19.17
C PRO A 1051 72.47 30.69 -20.46
N ARG A 1052 71.85 30.20 -21.55
CA ARG A 1052 71.93 30.63 -22.96
C ARG A 1052 73.28 30.31 -23.62
N GLN A 1053 74.30 30.05 -22.81
CA GLN A 1053 75.54 29.43 -23.28
C GLN A 1053 75.28 27.97 -23.64
N ARG A 1054 74.26 27.38 -23.03
CA ARG A 1054 73.79 26.05 -23.41
C ARG A 1054 73.26 26.07 -24.85
N CYS A 1055 72.53 27.12 -25.23
CA CYS A 1055 72.00 27.23 -26.58
C CYS A 1055 73.12 27.31 -27.60
N LEU A 1056 74.16 28.09 -27.29
CA LEU A 1056 75.30 28.17 -28.17
C LEU A 1056 76.05 26.84 -28.26
N GLU A 1057 76.13 26.05 -27.15
CA GLU A 1057 76.82 24.78 -27.37
C GLU A 1057 75.97 23.70 -28.05
N GLU A 1058 74.63 23.73 -27.97
CA GLU A 1058 73.89 22.80 -28.85
C GLU A 1058 73.94 23.26 -30.30
N LEU A 1059 74.04 24.57 -30.55
CA LEU A 1059 74.30 25.01 -31.92
C LEU A 1059 75.69 24.56 -32.36
N ALA A 1060 76.71 24.76 -31.53
CA ALA A 1060 78.09 24.51 -31.93
C ALA A 1060 78.42 23.02 -32.01
N ARG A 1061 77.60 22.16 -31.40
CA ARG A 1061 77.86 20.73 -31.40
C ARG A 1061 77.04 19.96 -32.44
N GLN A 1062 75.86 20.47 -32.82
CA GLN A 1062 75.04 19.86 -33.86
C GLN A 1062 75.39 20.49 -35.20
N THR A 1063 76.33 19.85 -35.89
CA THR A 1063 76.88 20.29 -37.17
C THR A 1063 76.24 19.57 -38.35
N GLU A 1064 75.80 18.33 -38.15
CA GLU A 1064 75.17 17.57 -39.23
C GLU A 1064 73.82 18.16 -39.59
N LEU A 1065 73.09 18.68 -38.59
CA LEU A 1065 71.81 19.31 -38.87
C LEU A 1065 71.97 20.63 -39.61
N VAL A 1066 72.99 21.43 -39.30
CA VAL A 1066 73.11 22.71 -39.98
C VAL A 1066 73.63 22.51 -41.41
N ALA A 1067 74.42 21.46 -41.65
CA ALA A 1067 74.78 21.07 -43.01
C ALA A 1067 73.56 20.57 -43.79
N TRP A 1068 72.71 19.75 -43.16
CA TRP A 1068 71.50 19.30 -43.82
C TRP A 1068 70.51 20.43 -44.07
N LEU A 1069 70.51 21.46 -43.23
CA LEU A 1069 69.59 22.57 -43.44
C LEU A 1069 70.10 23.54 -44.51
N HIS A 1070 71.42 23.72 -44.61
CA HIS A 1070 71.96 24.42 -45.77
C HIS A 1070 71.86 23.61 -47.05
N LYS A 1071 71.76 22.29 -46.96
CA LYS A 1071 71.66 21.46 -48.16
C LYS A 1071 70.23 21.38 -48.70
N ALA A 1072 69.25 21.12 -47.83
CA ALA A 1072 67.94 20.68 -48.31
C ALA A 1072 66.87 21.75 -48.37
N LEU A 1073 66.88 22.75 -47.47
CA LEU A 1073 65.83 23.75 -47.42
C LEU A 1073 66.19 25.13 -47.95
N GLU A 1074 67.38 25.65 -47.64
CA GLU A 1074 68.07 26.80 -48.24
C GLU A 1074 67.42 28.17 -47.99
N ASP A 1075 66.24 28.25 -47.38
CA ASP A 1075 65.57 29.54 -47.17
C ASP A 1075 64.44 29.40 -46.16
N ILE A 1076 64.01 30.55 -45.64
CA ILE A 1076 62.88 30.62 -44.71
C ILE A 1076 61.54 30.27 -45.40
N ASN A 1077 61.38 30.60 -46.69
CA ASN A 1077 60.05 30.54 -47.30
C ASN A 1077 59.57 29.14 -47.65
N GLU A 1078 60.43 28.12 -47.60
CA GLU A 1078 59.98 26.75 -47.80
C GLU A 1078 59.49 26.07 -46.52
N LEU A 1079 59.61 26.73 -45.37
CA LEU A 1079 59.17 26.12 -44.11
C LEU A 1079 57.66 25.90 -44.07
N LYS A 1080 56.88 26.84 -44.63
CA LYS A 1080 55.43 26.76 -44.56
C LYS A 1080 54.86 25.63 -45.39
N VAL A 1081 55.60 25.12 -46.37
CA VAL A 1081 55.15 23.99 -47.17
C VAL A 1081 55.80 22.72 -46.64
N PHE A 1082 56.98 22.85 -46.02
CA PHE A 1082 57.66 21.69 -45.45
C PHE A 1082 56.93 21.17 -44.20
N VAL A 1083 56.37 22.09 -43.40
CA VAL A 1083 55.60 21.66 -42.22
C VAL A 1083 54.36 20.90 -42.65
N ASP A 1084 53.68 21.38 -43.70
CA ASP A 1084 52.49 20.70 -44.20
C ASP A 1084 52.82 19.38 -44.88
N LEU A 1085 54.00 19.30 -45.53
CA LEU A 1085 54.40 18.04 -46.14
C LEU A 1085 54.87 17.03 -45.10
N ALA A 1086 55.38 17.50 -43.96
CA ALA A 1086 55.78 16.60 -42.90
C ALA A 1086 54.60 16.13 -42.06
N SER A 1087 53.57 16.96 -41.92
CA SER A 1087 52.41 16.60 -41.10
C SER A 1087 51.56 15.48 -41.69
N ILE A 1088 51.73 15.15 -42.97
CA ILE A 1088 51.18 13.92 -43.49
C ILE A 1088 52.09 12.73 -43.13
N SER A 1089 53.39 12.89 -43.33
CA SER A 1089 54.33 11.79 -43.20
C SER A 1089 54.68 11.48 -41.75
N ALA A 1090 54.36 12.38 -40.82
CA ALA A 1090 54.43 12.06 -39.41
C ALA A 1090 53.36 11.03 -39.04
N GLY A 1091 53.52 10.42 -37.87
CA GLY A 1091 52.60 9.39 -37.43
C GLY A 1091 51.27 9.90 -36.95
N GLU A 1092 50.67 9.16 -36.02
CA GLU A 1092 49.42 9.57 -35.40
C GLU A 1092 49.51 9.75 -33.90
N ASN A 1093 50.48 9.13 -33.22
CA ASN A 1093 50.65 9.32 -31.79
C ASN A 1093 51.33 10.64 -31.51
N ASP A 1094 51.41 10.99 -30.23
CA ASP A 1094 51.50 12.40 -29.86
C ASP A 1094 52.94 12.91 -29.97
N ILE A 1095 53.93 12.07 -29.64
CA ILE A 1095 55.33 12.41 -29.94
C ILE A 1095 55.53 12.57 -31.45
N ASP A 1096 54.95 11.68 -32.26
CA ASP A 1096 55.15 11.70 -33.71
C ASP A 1096 54.54 12.96 -34.31
N VAL A 1097 53.40 13.40 -33.78
CA VAL A 1097 52.82 14.65 -34.25
C VAL A 1097 53.63 15.84 -33.76
N ASP A 1098 54.02 15.84 -32.49
CA ASP A 1098 54.64 17.02 -31.91
C ASP A 1098 56.11 17.20 -32.35
N ARG A 1099 56.69 16.22 -33.03
CA ARG A 1099 57.97 16.45 -33.72
C ARG A 1099 57.93 17.60 -34.72
N VAL A 1100 56.82 17.76 -35.46
CA VAL A 1100 56.77 18.86 -36.43
C VAL A 1100 56.78 20.21 -35.72
N ALA A 1101 56.01 20.36 -34.63
CA ALA A 1101 56.00 21.64 -33.92
C ALA A 1101 57.30 21.90 -33.16
N CYS A 1102 57.98 20.85 -32.65
CA CYS A 1102 59.28 21.10 -32.02
C CYS A 1102 60.32 21.53 -33.05
N PHE A 1103 60.31 20.90 -34.23
CA PHE A 1103 61.21 21.31 -35.31
C PHE A 1103 60.89 22.72 -35.78
N HIS A 1104 59.60 23.04 -35.91
CA HIS A 1104 59.17 24.36 -36.37
C HIS A 1104 59.59 25.44 -35.40
N ASP A 1105 59.36 25.23 -34.10
CA ASP A 1105 59.75 26.23 -33.11
C ASP A 1105 61.26 26.33 -33.00
N ALA A 1106 61.98 25.23 -33.20
CA ALA A 1106 63.44 25.25 -33.18
C ALA A 1106 64.00 26.09 -34.32
N VAL A 1107 63.53 25.86 -35.55
CA VAL A 1107 64.09 26.61 -36.66
C VAL A 1107 63.53 28.02 -36.75
N GLN A 1108 62.33 28.28 -36.23
CA GLN A 1108 61.86 29.65 -36.10
C GLN A 1108 62.63 30.40 -35.01
N GLY A 1109 63.13 29.68 -34.01
CA GLY A 1109 63.93 30.33 -32.99
C GLY A 1109 65.36 30.56 -33.40
N TYR A 1110 65.89 29.73 -34.30
CA TYR A 1110 67.27 29.90 -34.76
C TYR A 1110 67.39 30.46 -36.17
N ALA A 1111 66.27 30.86 -36.79
CA ALA A 1111 66.28 31.42 -38.14
C ALA A 1111 67.02 32.76 -38.22
N SER A 1112 67.18 33.44 -37.08
CA SER A 1112 67.93 34.69 -37.02
C SER A 1112 69.42 34.48 -37.20
N LEU A 1113 69.92 33.26 -37.00
CA LEU A 1113 71.33 32.94 -37.14
C LEU A 1113 71.58 32.03 -38.33
N LEU A 1114 70.85 30.93 -38.45
CA LEU A 1114 71.14 29.98 -39.51
C LEU A 1114 70.66 30.44 -40.88
N TYR A 1115 69.91 31.54 -40.97
CA TYR A 1115 69.46 32.05 -42.26
C TYR A 1115 69.88 33.49 -42.53
N LYS A 1116 70.26 34.26 -41.52
CA LYS A 1116 70.53 35.68 -41.73
C LYS A 1116 72.00 36.06 -41.61
N MET A 1117 72.92 35.09 -41.55
CA MET A 1117 74.33 35.42 -41.46
C MET A 1117 74.94 35.56 -42.84
N ASP A 1118 75.67 36.66 -43.04
CA ASP A 1118 76.68 36.70 -44.08
C ASP A 1118 77.88 35.86 -43.65
N GLU A 1119 78.68 35.43 -44.63
CA GLU A 1119 79.85 34.62 -44.31
C GLU A 1119 81.01 35.43 -43.74
N ARG A 1120 80.94 36.76 -43.77
CA ARG A 1120 81.95 37.63 -43.15
C ARG A 1120 81.21 38.75 -42.41
N THR A 1121 80.96 38.54 -41.12
CA THR A 1121 80.25 39.50 -40.29
C THR A 1121 81.18 40.02 -39.20
N ASN A 1122 80.95 41.27 -38.78
CA ASN A 1122 81.72 41.87 -37.70
C ASN A 1122 81.13 41.51 -36.34
N PHE A 1123 81.77 42.01 -35.28
CA PHE A 1123 81.40 41.63 -33.92
C PHE A 1123 80.14 42.36 -33.47
N SER A 1124 79.99 43.62 -33.87
CA SER A 1124 78.89 44.47 -33.41
C SER A 1124 77.55 43.96 -33.91
N ASP A 1125 77.43 43.68 -35.21
CA ASP A 1125 76.18 43.14 -35.74
C ASP A 1125 75.95 41.71 -35.28
N PHE A 1126 77.01 40.99 -34.93
CA PHE A 1126 76.86 39.65 -34.36
C PHE A 1126 76.22 39.71 -32.98
N MET A 1127 76.67 40.63 -32.13
CA MET A 1127 75.97 40.83 -30.86
C MET A 1127 74.59 41.44 -31.05
N ASN A 1128 74.40 42.22 -32.12
CA ASN A 1128 73.09 42.80 -32.41
C ASN A 1128 72.09 41.72 -32.79
N HIS A 1129 72.55 40.68 -33.49
CA HIS A 1129 71.66 39.56 -33.78
C HIS A 1129 71.49 38.62 -32.60
N LEU A 1130 72.51 38.46 -31.76
CA LEU A 1130 72.32 37.68 -30.54
C LEU A 1130 71.36 38.36 -29.54
N GLN A 1131 71.22 39.69 -29.62
CA GLN A 1131 70.26 40.40 -28.77
C GLN A 1131 68.83 39.96 -29.08
N GLU A 1132 68.45 39.97 -30.35
CA GLU A 1132 67.13 39.51 -30.73
C GLU A 1132 67.01 37.99 -30.72
N LEU A 1133 68.14 37.26 -30.77
CA LEU A 1133 68.10 35.83 -30.48
C LEU A 1133 67.70 35.57 -29.03
N TRP A 1134 68.18 36.43 -28.13
CA TRP A 1134 67.86 36.26 -26.72
C TRP A 1134 66.45 36.74 -26.43
N ARG A 1135 65.96 37.73 -27.19
CA ARG A 1135 64.54 38.06 -27.14
C ARG A 1135 63.66 36.91 -27.61
N ALA A 1136 64.11 36.18 -28.65
CA ALA A 1136 63.36 35.00 -29.11
C ALA A 1136 63.48 33.83 -28.14
N LEU A 1137 64.56 33.78 -27.37
CA LEU A 1137 64.74 32.75 -26.35
C LEU A 1137 63.95 33.03 -25.08
N ASP A 1138 63.70 34.31 -24.78
CA ASP A 1138 62.96 34.71 -23.58
C ASP A 1138 61.49 34.27 -23.61
N ASN A 1139 60.93 34.04 -24.79
CA ASN A 1139 59.57 33.52 -24.88
C ASN A 1139 59.49 31.99 -24.79
N ASP A 1140 60.62 31.27 -24.79
CA ASP A 1140 60.58 29.81 -24.81
C ASP A 1140 61.89 29.29 -24.22
N GLN A 1141 61.84 28.86 -22.95
CA GLN A 1141 63.02 28.33 -22.27
C GLN A 1141 63.41 26.94 -22.74
N HIS A 1142 62.51 26.18 -23.36
CA HIS A 1142 62.80 24.80 -23.76
C HIS A 1142 63.33 24.69 -25.18
N LEU A 1143 63.75 25.79 -25.77
CA LEU A 1143 64.18 25.85 -27.16
C LEU A 1143 65.49 25.14 -27.52
N PRO A 1144 66.56 25.12 -26.70
CA PRO A 1144 67.69 24.24 -27.06
C PRO A 1144 67.38 22.75 -26.94
N ASP A 1145 66.48 22.36 -26.04
CA ASP A 1145 66.04 20.97 -26.03
C ASP A 1145 65.21 20.64 -27.27
N LYS A 1146 64.48 21.63 -27.79
CA LYS A 1146 63.75 21.46 -29.04
C LYS A 1146 64.71 21.34 -30.21
N LEU A 1147 65.79 22.12 -30.20
CA LEU A 1147 66.84 22.01 -31.22
C LEU A 1147 67.50 20.63 -31.19
N LYS A 1148 67.78 20.12 -29.98
CA LYS A 1148 68.42 18.82 -29.84
C LYS A 1148 67.49 17.69 -30.26
N ASP A 1149 66.22 17.77 -29.86
CA ASP A 1149 65.25 16.75 -30.21
C ASP A 1149 64.83 16.82 -31.67
N SER A 1150 65.03 17.96 -32.34
CA SER A 1150 64.89 17.97 -33.79
C SER A 1150 66.15 17.44 -34.47
N ALA A 1151 67.32 17.67 -33.86
CA ALA A 1151 68.58 17.26 -34.45
C ALA A 1151 68.83 15.77 -34.33
N ARG A 1152 68.14 15.10 -33.41
CA ARG A 1152 68.18 13.64 -33.36
C ARG A 1152 67.06 12.97 -34.15
N ASN A 1153 66.37 13.72 -35.03
CA ASN A 1153 65.37 13.17 -35.94
C ASN A 1153 65.78 13.38 -37.40
N LEU A 1154 67.09 13.41 -37.66
CA LEU A 1154 67.60 13.65 -39.01
C LEU A 1154 67.23 12.53 -39.98
N GLU A 1155 67.08 11.29 -39.50
CA GLU A 1155 66.74 10.19 -40.40
C GLU A 1155 65.31 10.33 -40.92
N TRP A 1156 64.39 10.72 -40.04
CA TRP A 1156 63.03 11.08 -40.45
C TRP A 1156 63.04 12.29 -41.37
N LEU A 1157 63.85 13.30 -41.06
CA LEU A 1157 63.87 14.48 -41.92
C LEU A 1157 64.48 14.18 -43.29
N LYS A 1158 65.38 13.20 -43.38
CA LYS A 1158 65.79 12.75 -44.70
C LYS A 1158 64.74 11.90 -45.41
N THR A 1159 63.94 11.11 -44.69
CA THR A 1159 62.92 10.32 -45.40
C THR A 1159 61.70 11.12 -45.83
N VAL A 1160 61.44 12.30 -45.24
CA VAL A 1160 60.19 13.03 -45.51
C VAL A 1160 60.10 13.46 -46.98
N LYS A 1161 61.13 14.14 -47.51
CA LYS A 1161 61.04 14.73 -48.85
C LYS A 1161 61.00 13.67 -49.94
N GLU A 1162 61.86 12.64 -49.85
CA GLU A 1162 61.89 11.59 -50.86
C GLU A 1162 60.89 10.47 -50.60
N SER A 1163 59.82 10.74 -49.86
CA SER A 1163 58.82 9.74 -49.54
C SER A 1163 57.95 9.44 -50.74
N HIS A 1164 57.76 8.15 -51.03
CA HIS A 1164 56.79 7.73 -52.05
C HIS A 1164 55.40 7.70 -51.42
N GLY A 1165 54.44 7.07 -52.09
CA GLY A 1165 53.17 6.86 -51.42
C GLY A 1165 53.22 5.86 -50.28
N SER A 1166 53.19 6.39 -49.06
CA SER A 1166 53.20 5.58 -47.84
C SER A 1166 51.82 4.98 -47.64
N VAL A 1167 51.63 3.72 -48.03
CA VAL A 1167 50.27 3.18 -48.03
C VAL A 1167 49.99 2.68 -46.61
N GLU A 1168 49.65 3.61 -45.72
CA GLU A 1168 48.89 3.33 -44.50
C GLU A 1168 47.89 4.47 -44.34
N LEU A 1169 46.60 4.15 -44.44
CA LEU A 1169 45.55 5.15 -44.64
C LEU A 1169 45.44 6.17 -43.50
N SER A 1170 45.05 5.42 -42.45
CA SER A 1170 45.23 6.04 -41.13
C SER A 1170 44.54 5.15 -40.10
N SER A 1171 44.63 5.53 -38.82
CA SER A 1171 43.64 5.06 -37.86
C SER A 1171 42.44 6.00 -37.77
N LEU A 1172 42.52 7.18 -38.37
CA LEU A 1172 41.44 8.16 -38.39
C LEU A 1172 40.59 8.09 -39.65
N SER A 1173 41.22 8.13 -40.82
CA SER A 1173 40.47 8.07 -42.07
C SER A 1173 39.91 6.67 -42.35
N LEU A 1174 40.39 5.65 -41.64
CA LEU A 1174 39.74 4.35 -41.69
C LEU A 1174 38.35 4.43 -41.06
N ALA A 1175 38.21 5.19 -39.97
CA ALA A 1175 36.90 5.40 -39.36
C ALA A 1175 35.98 6.19 -40.28
N THR A 1176 36.53 7.15 -41.03
CA THR A 1176 35.73 7.86 -42.03
C THR A 1176 35.33 6.92 -43.17
N ALA A 1177 36.20 5.97 -43.52
CA ALA A 1177 35.84 4.98 -44.54
C ALA A 1177 34.74 4.05 -44.06
N ILE A 1178 34.76 3.67 -42.78
CA ILE A 1178 33.67 2.87 -42.20
C ILE A 1178 32.37 3.68 -42.17
N ASN A 1179 32.44 4.96 -41.79
CA ASN A 1179 31.25 5.78 -41.80
C ASN A 1179 30.77 6.12 -43.22
N SER A 1180 31.63 6.00 -44.21
CA SER A 1180 31.26 6.27 -45.60
C SER A 1180 30.62 5.06 -46.28
N ARG A 1181 31.25 3.87 -46.15
CA ARG A 1181 30.70 2.71 -46.86
C ARG A 1181 30.78 1.42 -46.06
N GLY A 1182 30.82 1.48 -44.74
CA GLY A 1182 30.90 0.26 -43.95
C GLY A 1182 29.55 -0.43 -43.87
N VAL A 1183 29.55 -1.73 -44.16
CA VAL A 1183 28.33 -2.53 -44.18
C VAL A 1183 28.45 -3.57 -43.06
N TYR A 1184 27.87 -3.27 -41.90
CA TYR A 1184 27.86 -4.22 -40.79
C TYR A 1184 26.96 -5.40 -41.14
N VAL A 1185 27.51 -6.61 -41.07
CA VAL A 1185 26.80 -7.80 -41.52
C VAL A 1185 26.75 -8.79 -40.36
N ILE A 1186 25.54 -9.20 -39.97
CA ILE A 1186 25.33 -10.32 -39.06
C ILE A 1186 24.91 -11.51 -39.92
N GLU A 1187 25.62 -12.62 -39.80
CA GLU A 1187 25.38 -13.76 -40.67
C GLU A 1187 24.80 -14.97 -39.98
N ALA A 1188 25.22 -15.25 -38.71
CA ALA A 1188 24.96 -16.49 -37.97
C ALA A 1188 25.39 -17.67 -38.82
N PRO A 1189 26.70 -17.92 -38.95
CA PRO A 1189 27.23 -18.71 -40.06
C PRO A 1189 26.80 -20.17 -40.05
N LYS A 1190 26.66 -20.71 -41.26
CA LYS A 1190 26.18 -22.07 -41.49
C LYS A 1190 27.31 -23.09 -41.55
N ASP A 1191 28.55 -22.67 -41.31
CA ASP A 1191 29.70 -23.56 -41.39
C ASP A 1191 29.83 -24.38 -40.12
N GLY A 1192 30.93 -25.11 -40.01
CA GLY A 1192 31.15 -26.02 -38.89
C GLY A 1192 31.61 -25.38 -37.60
N GLN A 1193 31.88 -24.08 -37.59
CA GLN A 1193 32.31 -23.41 -36.38
C GLN A 1193 31.14 -23.17 -35.45
N LYS A 1194 31.44 -22.71 -34.22
CA LYS A 1194 30.40 -22.42 -33.25
C LYS A 1194 29.78 -21.06 -33.54
N ILE A 1195 28.90 -20.62 -32.64
CA ILE A 1195 28.07 -19.45 -32.88
C ILE A 1195 28.50 -18.45 -31.80
N SER A 1196 29.81 -18.42 -31.54
CA SER A 1196 30.37 -17.45 -30.60
C SER A 1196 30.17 -16.03 -31.12
N PRO A 1197 30.10 -15.02 -30.23
CA PRO A 1197 29.85 -13.64 -30.69
C PRO A 1197 30.96 -13.03 -31.54
N ASP A 1198 32.14 -13.64 -31.62
CA ASP A 1198 33.17 -13.14 -32.52
C ASP A 1198 32.81 -13.45 -33.97
N THR A 1199 32.31 -14.66 -34.24
CA THR A 1199 32.16 -15.15 -35.61
C THR A 1199 30.75 -14.94 -36.17
N VAL A 1200 29.97 -14.03 -35.60
CA VAL A 1200 28.67 -13.72 -36.17
C VAL A 1200 28.67 -12.30 -36.70
N LEU A 1201 29.57 -11.47 -36.19
CA LEU A 1201 29.69 -10.09 -36.62
C LEU A 1201 30.84 -9.95 -37.61
N ARG A 1202 30.55 -9.33 -38.75
CA ARG A 1202 31.56 -8.99 -39.75
C ARG A 1202 31.36 -7.55 -40.19
N LEU A 1203 32.34 -7.03 -40.91
CA LEU A 1203 32.28 -5.68 -41.44
C LEU A 1203 33.07 -5.62 -42.74
N LEU A 1204 32.44 -5.11 -43.79
CA LEU A 1204 33.02 -5.13 -45.13
C LEU A 1204 33.28 -3.71 -45.60
N LEU A 1205 34.40 -3.51 -46.28
CA LEU A 1205 34.75 -2.21 -46.86
C LEU A 1205 35.02 -2.37 -48.35
N PRO A 1206 34.13 -1.92 -49.22
CA PRO A 1206 34.39 -1.97 -50.67
C PRO A 1206 35.26 -0.79 -51.09
N ASP A 1207 35.50 -0.71 -52.40
CA ASP A 1207 36.31 0.37 -52.97
C ASP A 1207 35.45 1.34 -53.76
N PRO A 1212 39.25 0.55 -57.10
CA PRO A 1212 39.01 -0.64 -57.91
C PRO A 1212 37.75 -1.41 -57.48
N GLU A 1213 37.88 -2.71 -57.22
CA GLU A 1213 36.74 -3.53 -56.82
C GLU A 1213 37.08 -4.51 -55.70
N ALA A 1214 38.18 -4.31 -54.99
CA ALA A 1214 38.55 -5.19 -53.90
C ALA A 1214 37.75 -4.86 -52.64
N LEU A 1215 37.69 -5.83 -51.73
CA LEU A 1215 36.94 -5.67 -50.48
C LEU A 1215 37.81 -6.14 -49.32
N ARG A 1216 37.57 -5.54 -48.15
CA ARG A 1216 38.30 -5.87 -46.94
C ARG A 1216 37.30 -6.26 -45.86
N THR A 1217 37.47 -7.44 -45.29
CA THR A 1217 36.58 -7.94 -44.24
C THR A 1217 37.24 -7.76 -42.89
N TYR A 1218 36.53 -7.09 -41.98
CA TYR A 1218 37.03 -6.81 -40.64
C TYR A 1218 36.33 -7.72 -39.65
N SER A 1219 37.10 -8.34 -38.76
CA SER A 1219 36.53 -9.15 -37.70
C SER A 1219 36.23 -8.27 -36.49
N THR A 1220 35.79 -8.89 -35.39
CA THR A 1220 35.44 -8.14 -34.19
C THR A 1220 36.70 -7.68 -33.46
N GLU A 1221 37.72 -8.55 -33.35
CA GLU A 1221 38.92 -8.18 -32.61
C GLU A 1221 39.77 -7.17 -33.36
N GLU A 1222 39.75 -7.21 -34.70
CA GLU A 1222 40.40 -6.16 -35.47
C GLU A 1222 39.70 -4.82 -35.29
N LEU A 1223 38.37 -4.85 -35.19
CA LEU A 1223 37.60 -3.65 -34.91
C LEU A 1223 37.93 -3.09 -33.52
N LYS A 1224 38.08 -3.97 -32.53
CA LYS A 1224 38.42 -3.52 -31.18
C LYS A 1224 39.85 -2.96 -31.13
N GLU A 1225 40.77 -3.59 -31.86
CA GLU A 1225 42.15 -3.09 -31.90
C GLU A 1225 42.24 -1.73 -32.60
N LEU A 1226 41.49 -1.55 -33.69
CA LEU A 1226 41.52 -0.24 -34.36
C LEU A 1226 40.77 0.80 -33.55
N LEU A 1227 39.75 0.40 -32.77
CA LEU A 1227 39.09 1.32 -31.86
C LEU A 1227 40.05 1.77 -30.76
N ASN A 1228 40.88 0.85 -30.24
CA ASN A 1228 41.90 1.23 -29.28
C ASN A 1228 42.96 2.14 -29.92
N LYS A 1229 43.26 1.91 -31.21
CA LYS A 1229 44.23 2.76 -31.89
C LYS A 1229 43.71 4.18 -32.12
N LEU A 1230 42.47 4.31 -32.60
CA LEU A 1230 41.91 5.63 -32.87
C LEU A 1230 41.38 6.31 -31.62
N MET A 1231 41.29 5.59 -30.50
CA MET A 1231 40.81 6.20 -29.27
C MET A 1231 41.91 7.06 -28.63
N LEU A 1232 43.17 6.84 -29.00
CA LEU A 1232 44.32 7.49 -28.36
C LEU A 1232 45.14 8.31 -29.35
N MET A 1233 44.51 9.03 -30.27
CA MET A 1233 45.24 9.91 -31.16
C MET A 1233 45.57 11.22 -30.47
N SER A 1234 46.27 12.09 -31.17
CA SER A 1234 46.56 13.42 -30.65
C SER A 1234 45.36 14.33 -30.83
N GLY A 1235 45.39 15.47 -30.14
CA GLY A 1235 44.30 16.42 -30.20
C GLY A 1235 44.37 17.37 -31.38
N LYS A 1236 43.55 17.11 -32.40
CA LYS A 1236 43.48 17.98 -33.56
C LYS A 1236 42.78 19.29 -33.25
N LYS A 1237 41.92 19.30 -32.24
CA LYS A 1237 41.04 20.42 -31.85
C LYS A 1237 40.19 20.88 -33.04
N ASP A 1238 39.40 19.94 -33.55
CA ASP A 1238 38.44 20.20 -34.60
C ASP A 1238 37.23 19.31 -34.38
N HIS A 1239 36.07 19.77 -34.84
CA HIS A 1239 34.81 19.08 -34.54
C HIS A 1239 34.66 17.79 -35.33
N ASN A 1240 35.21 17.73 -36.54
CA ASN A 1240 34.95 16.61 -37.45
C ASN A 1240 35.56 15.31 -36.94
N SER A 1241 36.78 15.37 -36.40
CA SER A 1241 37.49 14.17 -36.00
C SER A 1241 36.83 13.49 -34.80
N ASN A 1242 36.52 14.26 -33.75
CA ASN A 1242 35.89 13.63 -32.60
C ASN A 1242 34.43 13.30 -32.87
N THR A 1243 33.73 14.03 -33.77
CA THR A 1243 32.37 13.59 -34.04
C THR A 1243 32.34 12.32 -34.89
N GLU A 1244 33.35 12.11 -35.76
CA GLU A 1244 33.32 10.87 -36.54
C GLU A 1244 33.83 9.68 -35.74
N VAL A 1245 34.77 9.87 -34.81
CA VAL A 1245 35.15 8.74 -33.97
C VAL A 1245 34.07 8.44 -32.95
N GLU A 1246 33.32 9.46 -32.49
CA GLU A 1246 32.17 9.20 -31.63
C GLU A 1246 31.07 8.46 -32.36
N LYS A 1247 30.80 8.86 -33.61
CA LYS A 1247 29.78 8.19 -34.42
C LYS A 1247 30.15 6.74 -34.68
N PHE A 1248 31.42 6.47 -35.03
CA PHE A 1248 31.86 5.10 -35.26
C PHE A 1248 31.82 4.26 -34.00
N SER A 1249 32.28 4.81 -32.87
CA SER A 1249 32.30 4.07 -31.62
C SER A 1249 30.90 3.72 -31.15
N GLU A 1250 29.96 4.66 -31.29
CA GLU A 1250 28.61 4.39 -30.81
C GLU A 1250 27.79 3.53 -31.78
N VAL A 1251 28.03 3.61 -33.10
CA VAL A 1251 27.36 2.66 -33.97
C VAL A 1251 27.95 1.26 -33.77
N PHE A 1252 29.23 1.16 -33.43
CA PHE A 1252 29.82 -0.14 -33.13
C PHE A 1252 29.29 -0.70 -31.82
N SER A 1253 29.09 0.16 -30.81
CA SER A 1253 28.55 -0.29 -29.53
C SER A 1253 27.09 -0.73 -29.68
N ASN A 1254 26.29 0.02 -30.46
CA ASN A 1254 24.92 -0.40 -30.71
C ASN A 1254 24.86 -1.69 -31.53
N MET A 1255 25.78 -1.86 -32.48
CA MET A 1255 25.79 -3.08 -33.28
C MET A 1255 26.21 -4.28 -32.44
N GLN A 1256 27.16 -4.08 -31.52
CA GLN A 1256 27.56 -5.14 -30.59
C GLN A 1256 26.44 -5.46 -29.60
N ARG A 1257 25.64 -4.45 -29.22
CA ARG A 1257 24.46 -4.70 -28.42
C ARG A 1257 23.43 -5.54 -29.19
N LEU A 1258 23.29 -5.27 -30.49
CA LEU A 1258 22.43 -6.09 -31.34
C LEU A 1258 22.94 -7.53 -31.42
N VAL A 1259 24.26 -7.69 -31.52
CA VAL A 1259 24.87 -9.03 -31.53
C VAL A 1259 24.63 -9.74 -30.21
N HIS A 1260 24.71 -9.02 -29.09
CA HIS A 1260 24.47 -9.60 -27.77
C HIS A 1260 23.03 -10.07 -27.61
N VAL A 1261 22.06 -9.23 -28.01
CA VAL A 1261 20.65 -9.60 -27.87
C VAL A 1261 20.30 -10.73 -28.85
N PHE A 1262 20.87 -10.69 -30.06
CA PHE A 1262 20.65 -11.75 -31.03
C PHE A 1262 21.25 -13.08 -30.58
N ILE A 1263 22.40 -13.05 -29.92
CA ILE A 1263 22.98 -14.32 -29.48
C ILE A 1263 22.29 -14.83 -28.22
N LYS A 1264 21.72 -13.94 -27.41
CA LYS A 1264 20.87 -14.38 -26.31
C LYS A 1264 19.61 -15.07 -26.84
N LEU A 1265 19.02 -14.50 -27.89
CA LEU A 1265 17.83 -15.11 -28.49
C LEU A 1265 18.16 -16.38 -29.26
N HIS A 1266 19.38 -16.50 -29.79
CA HIS A 1266 19.78 -17.74 -30.44
C HIS A 1266 20.07 -18.83 -29.42
N CYS A 1267 20.76 -18.50 -28.32
CA CYS A 1267 21.09 -19.51 -27.32
C CYS A 1267 19.88 -19.91 -26.49
N ALA A 1268 18.87 -19.04 -26.41
CA ALA A 1268 17.62 -19.46 -25.78
C ALA A 1268 16.84 -20.45 -26.64
N GLY A 1269 17.09 -20.48 -27.94
CA GLY A 1269 16.41 -21.40 -28.82
C GLY A 1269 15.21 -20.75 -29.45
N ASN A 1270 15.30 -20.37 -30.72
CA ASN A 1270 14.22 -19.62 -31.33
C ASN A 1270 13.68 -20.24 -32.60
N MET A 1271 14.56 -20.73 -33.50
CA MET A 1271 14.29 -21.39 -34.78
C MET A 1271 13.69 -20.44 -35.84
N LEU A 1272 13.29 -19.23 -35.46
CA LEU A 1272 12.87 -18.20 -36.40
C LEU A 1272 14.03 -17.37 -36.91
N PHE A 1273 14.98 -17.03 -36.04
CA PHE A 1273 16.14 -16.22 -36.41
C PHE A 1273 17.40 -17.07 -36.55
N ARG A 1274 17.25 -18.37 -36.79
CA ARG A 1274 18.39 -19.23 -37.04
C ARG A 1274 18.99 -19.01 -38.43
N THR A 1275 18.18 -18.51 -39.36
CA THR A 1275 18.65 -18.13 -40.69
C THR A 1275 18.62 -16.61 -40.89
N TRP A 1276 18.56 -15.84 -39.80
CA TRP A 1276 18.45 -14.40 -39.90
C TRP A 1276 19.77 -13.77 -40.35
N THR A 1277 19.65 -12.70 -41.12
CA THR A 1277 20.78 -11.86 -41.49
C THR A 1277 20.32 -10.42 -41.58
N ALA A 1278 21.26 -9.49 -41.40
CA ALA A 1278 20.93 -8.08 -41.36
C ALA A 1278 22.14 -7.27 -41.81
N LYS A 1279 22.13 -6.85 -43.07
CA LYS A 1279 23.16 -5.96 -43.59
C LYS A 1279 22.84 -4.53 -43.18
N VAL A 1280 23.60 -4.00 -42.22
CA VAL A 1280 23.36 -2.67 -41.67
C VAL A 1280 24.37 -1.73 -42.29
N TYR A 1281 23.88 -0.67 -42.93
CA TYR A 1281 24.72 0.31 -43.59
C TYR A 1281 25.00 1.48 -42.66
N CYS A 1282 26.26 1.88 -42.57
CA CYS A 1282 26.68 3.01 -41.75
C CYS A 1282 26.64 4.32 -42.53
N CYS A 1283 26.10 4.30 -43.73
CA CYS A 1283 26.04 5.48 -44.58
C CYS A 1283 25.10 6.53 -43.98
N PRO A 1284 25.34 7.81 -44.26
CA PRO A 1284 24.31 8.84 -43.97
C PRO A 1284 23.08 8.59 -44.83
N ASP A 1285 21.95 8.35 -44.16
CA ASP A 1285 20.72 7.82 -44.74
C ASP A 1285 21.01 6.52 -45.49
N GLY A 1286 21.59 5.56 -44.77
CA GLY A 1286 21.98 4.30 -45.35
C GLY A 1286 20.92 3.22 -45.24
N GLY A 1287 20.44 2.97 -44.02
CA GLY A 1287 19.36 2.03 -43.81
C GLY A 1287 19.83 0.63 -43.46
N ILE A 1288 18.85 -0.21 -43.13
CA ILE A 1288 19.08 -1.57 -42.68
C ILE A 1288 18.34 -2.51 -43.61
N PHE A 1289 19.05 -3.49 -44.15
CA PHE A 1289 18.48 -4.44 -45.12
C PHE A 1289 18.50 -5.83 -44.52
N MET A 1290 17.39 -6.21 -43.87
CA MET A 1290 17.26 -7.54 -43.27
C MET A 1290 16.76 -8.54 -44.30
N ASN A 1291 16.97 -9.82 -44.00
CA ASN A 1291 16.54 -10.88 -44.90
C ASN A 1291 16.33 -12.14 -44.08
N PHE A 1292 15.47 -13.02 -44.58
CA PHE A 1292 15.19 -14.31 -43.98
C PHE A 1292 15.43 -15.41 -45.01
N GLY A 1293 15.63 -16.63 -44.52
CA GLY A 1293 15.85 -17.76 -45.40
C GLY A 1293 14.56 -18.49 -45.72
N LEU A 1294 13.50 -17.74 -45.99
CA LEU A 1294 12.18 -18.29 -46.22
C LEU A 1294 11.62 -17.78 -47.55
N GLU A 1295 10.97 -18.68 -48.29
CA GLU A 1295 10.41 -18.36 -49.60
C GLU A 1295 8.99 -17.82 -49.52
N LEU A 1296 8.44 -17.67 -48.32
CA LEU A 1296 7.12 -17.08 -48.12
C LEU A 1296 7.19 -15.68 -47.51
N LEU A 1297 8.38 -15.10 -47.42
CA LEU A 1297 8.56 -13.77 -46.87
C LEU A 1297 9.35 -12.90 -47.83
N SER A 1298 9.15 -11.59 -47.72
CA SER A 1298 9.80 -10.62 -48.59
C SER A 1298 10.98 -9.98 -47.87
N GLN A 1299 11.61 -9.02 -48.54
CA GLN A 1299 12.77 -8.33 -48.01
C GLN A 1299 12.33 -7.14 -47.17
N LEU A 1300 12.82 -7.07 -45.93
CA LEU A 1300 12.52 -5.95 -45.05
C LEU A 1300 13.64 -4.91 -45.15
N THR A 1301 13.28 -3.67 -45.46
CA THR A 1301 14.25 -2.60 -45.55
C THR A 1301 13.61 -1.28 -45.15
N GLU A 1302 14.43 -0.40 -44.59
CA GLU A 1302 13.97 0.92 -44.15
C GLU A 1302 15.20 1.81 -43.99
N LYS A 1303 15.13 3.03 -44.52
CA LYS A 1303 16.23 3.97 -44.41
C LYS A 1303 16.07 4.79 -43.14
N GLY A 1304 16.90 5.82 -42.98
CA GLY A 1304 16.89 6.68 -41.82
C GLY A 1304 18.23 6.66 -41.12
N ASP A 1305 18.30 7.35 -39.99
CA ASP A 1305 19.55 7.40 -39.22
C ASP A 1305 19.74 6.08 -38.48
N VAL A 1306 21.00 5.74 -38.25
CA VAL A 1306 21.36 4.38 -37.81
C VAL A 1306 21.18 4.20 -36.31
N ILE A 1307 21.45 5.24 -35.52
CA ILE A 1307 21.62 5.08 -34.07
C ILE A 1307 20.30 4.76 -33.38
N GLN A 1308 19.31 5.65 -33.52
CA GLN A 1308 18.04 5.43 -32.82
C GLN A 1308 17.24 4.30 -33.45
N LEU A 1309 17.47 4.01 -34.74
CA LEU A 1309 16.76 2.89 -35.35
C LEU A 1309 17.31 1.54 -34.87
N LEU A 1310 18.63 1.43 -34.71
CA LEU A 1310 19.18 0.22 -34.08
C LEU A 1310 18.80 0.13 -32.61
N GLY A 1311 18.69 1.28 -31.92
CA GLY A 1311 18.22 1.26 -30.54
C GLY A 1311 16.79 0.75 -30.41
N ALA A 1312 15.91 1.24 -31.28
CA ALA A 1312 14.53 0.76 -31.30
C ALA A 1312 14.45 -0.71 -31.70
N LEU A 1313 15.25 -1.12 -32.69
CA LEU A 1313 15.25 -2.50 -33.15
C LEU A 1313 15.71 -3.46 -32.05
N CYS A 1314 16.75 -3.08 -31.30
CA CYS A 1314 17.14 -3.86 -30.13
C CYS A 1314 16.07 -3.84 -29.06
N ARG A 1315 15.28 -2.76 -28.96
CA ARG A 1315 14.20 -2.74 -27.96
C ARG A 1315 13.09 -3.74 -28.30
N GLN A 1316 12.62 -3.76 -29.56
CA GLN A 1316 11.62 -4.79 -29.88
C GLN A 1316 12.23 -6.18 -29.93
N MET A 1317 13.54 -6.31 -30.17
CA MET A 1317 14.15 -7.63 -30.10
C MET A 1317 14.25 -8.14 -28.67
N GLU A 1318 14.53 -7.25 -27.70
CA GLU A 1318 14.50 -7.63 -26.30
C GLU A 1318 13.08 -7.94 -25.84
N ASP A 1319 12.09 -7.20 -26.35
CA ASP A 1319 10.70 -7.50 -26.05
C ASP A 1319 10.30 -8.86 -26.59
N PHE A 1320 10.76 -9.20 -27.78
CA PHE A 1320 10.52 -10.53 -28.34
C PHE A 1320 11.24 -11.61 -27.53
N LEU A 1321 12.42 -11.29 -26.98
CA LEU A 1321 13.10 -12.20 -26.08
C LEU A 1321 12.29 -12.51 -24.83
N ASP A 1322 11.74 -11.46 -24.19
CA ASP A 1322 10.92 -11.69 -23.00
C ASP A 1322 9.65 -12.47 -23.33
N ASN A 1323 8.99 -12.12 -24.45
CA ASN A 1323 7.77 -12.83 -24.84
C ASN A 1323 8.07 -14.28 -25.22
N TRP A 1324 9.20 -14.54 -25.87
CA TRP A 1324 9.55 -15.90 -26.25
C TRP A 1324 9.91 -16.74 -25.03
N LYS A 1325 10.61 -16.15 -24.05
CA LYS A 1325 10.92 -16.88 -22.82
C LYS A 1325 9.64 -17.20 -22.04
N THR A 1326 8.71 -16.25 -21.99
CA THR A 1326 7.43 -16.51 -21.30
C THR A 1326 6.62 -17.59 -22.01
N VAL A 1327 6.57 -17.55 -23.34
CA VAL A 1327 5.77 -18.54 -24.05
C VAL A 1327 6.44 -19.92 -24.02
N VAL A 1328 7.78 -19.99 -24.00
CA VAL A 1328 8.39 -21.32 -23.91
C VAL A 1328 8.29 -21.85 -22.48
N ALA A 1329 8.22 -20.96 -21.48
CA ALA A 1329 7.95 -21.40 -20.11
C ALA A 1329 6.55 -21.98 -20.00
N GLN A 1330 5.54 -21.33 -20.58
CA GLN A 1330 4.20 -21.88 -20.48
C GLN A 1330 3.99 -23.08 -21.41
N LYS A 1331 4.81 -23.24 -22.45
CA LYS A 1331 4.77 -24.47 -23.23
C LYS A 1331 5.45 -25.63 -22.52
N ARG A 1332 6.52 -25.37 -21.75
CA ARG A 1332 7.11 -26.42 -20.94
C ARG A 1332 6.20 -26.80 -19.77
N ALA A 1333 5.42 -25.84 -19.27
CA ALA A 1333 4.51 -26.12 -18.15
C ALA A 1333 3.35 -27.02 -18.54
N GLU A 1334 3.02 -27.12 -19.84
CA GLU A 1334 1.90 -27.92 -20.29
C GLU A 1334 2.29 -29.32 -20.75
N HIS A 1335 3.47 -29.48 -21.36
CA HIS A 1335 3.92 -30.76 -21.87
C HIS A 1335 5.00 -31.32 -20.94
N PHE A 1336 4.92 -32.62 -20.65
CA PHE A 1336 5.88 -33.23 -19.74
C PHE A 1336 7.09 -33.79 -20.48
N TYR A 1337 6.87 -34.52 -21.58
CA TYR A 1337 7.96 -35.15 -22.32
C TYR A 1337 8.81 -34.15 -23.08
N LEU A 1338 8.35 -32.92 -23.21
CA LEU A 1338 9.13 -31.82 -23.73
C LEU A 1338 10.17 -31.31 -22.74
N ASN A 1339 10.05 -31.69 -21.46
CA ASN A 1339 10.96 -31.25 -20.42
C ASN A 1339 12.16 -32.18 -20.23
N PHE A 1340 12.22 -33.30 -20.96
CA PHE A 1340 13.44 -34.10 -20.94
C PHE A 1340 14.60 -33.39 -21.63
N TYR A 1341 14.33 -32.73 -22.75
CA TYR A 1341 15.36 -32.22 -23.63
C TYR A 1341 15.49 -30.70 -23.50
N THR A 1342 16.71 -30.23 -23.68
CA THR A 1342 17.03 -28.81 -23.60
C THR A 1342 16.61 -28.12 -24.90
N ALA A 1343 16.95 -26.82 -25.01
CA ALA A 1343 16.49 -26.02 -26.15
C ALA A 1343 17.13 -26.45 -27.46
N GLU A 1344 18.45 -26.70 -27.44
CA GLU A 1344 19.14 -27.10 -28.65
C GLU A 1344 18.77 -28.51 -29.09
N GLN A 1345 18.52 -29.41 -28.14
CA GLN A 1345 18.03 -30.74 -28.49
C GLN A 1345 16.60 -30.68 -29.02
N LEU A 1346 15.78 -29.74 -28.51
CA LEU A 1346 14.45 -29.52 -29.06
C LEU A 1346 14.52 -29.00 -30.50
N VAL A 1347 15.46 -28.10 -30.77
CA VAL A 1347 15.69 -27.58 -32.11
C VAL A 1347 16.11 -28.72 -33.05
N TYR A 1348 17.02 -29.58 -32.57
CA TYR A 1348 17.49 -30.71 -33.37
C TYR A 1348 16.36 -31.70 -33.66
N LEU A 1349 15.51 -31.97 -32.66
CA LEU A 1349 14.40 -32.89 -32.87
C LEU A 1349 13.34 -32.32 -33.81
N SER A 1350 13.05 -31.02 -33.68
CA SER A 1350 12.09 -30.39 -34.57
C SER A 1350 12.62 -30.34 -36.00
N SER A 1351 13.94 -30.23 -36.17
CA SER A 1351 14.51 -30.30 -37.51
C SER A 1351 14.51 -31.74 -38.04
N GLU A 1352 14.67 -32.74 -37.18
CA GLU A 1352 14.94 -34.09 -37.66
C GLU A 1352 13.72 -34.99 -37.78
N LEU A 1353 12.65 -34.75 -37.01
CA LEU A 1353 11.49 -35.65 -37.11
C LEU A 1353 10.68 -35.46 -38.38
N ARG A 1354 10.77 -34.30 -39.04
CA ARG A 1354 10.01 -34.10 -40.27
C ARG A 1354 10.60 -34.84 -41.46
N LYS A 1355 11.86 -35.27 -41.37
CA LYS A 1355 12.47 -36.02 -42.44
C LYS A 1355 11.87 -37.43 -42.53
N PRO A 1356 11.77 -38.00 -43.73
CA PRO A 1356 11.30 -39.40 -43.85
C PRO A 1356 12.24 -40.40 -43.19
N ARG A 1357 13.54 -40.14 -43.17
CA ARG A 1357 14.51 -40.95 -42.44
C ARG A 1357 15.24 -40.05 -41.45
N PRO A 1358 14.83 -40.03 -40.18
CA PRO A 1358 15.49 -39.15 -39.21
C PRO A 1358 16.88 -39.63 -38.85
N SER A 1359 17.67 -38.71 -38.30
CA SER A 1359 19.05 -39.01 -37.95
C SER A 1359 19.11 -39.96 -36.77
N GLU A 1360 20.17 -40.76 -36.74
CA GLU A 1360 20.30 -41.82 -35.76
C GLU A 1360 20.63 -41.31 -34.36
N ALA A 1361 21.22 -40.12 -34.27
CA ALA A 1361 21.39 -39.49 -32.97
C ALA A 1361 20.04 -39.10 -32.38
N ALA A 1362 19.10 -38.68 -33.21
CA ALA A 1362 17.75 -38.40 -32.74
C ALA A 1362 17.02 -39.68 -32.34
N LEU A 1363 17.27 -40.77 -33.07
CA LEU A 1363 16.68 -42.06 -32.71
C LEU A 1363 17.21 -42.56 -31.37
N MET A 1364 18.51 -42.44 -31.15
CA MET A 1364 19.11 -42.84 -29.88
C MET A 1364 18.70 -41.92 -28.73
N MET A 1365 18.57 -40.63 -29.00
CA MET A 1365 18.20 -39.67 -27.98
C MET A 1365 16.71 -39.70 -27.66
N LEU A 1366 15.87 -40.19 -28.58
CA LEU A 1366 14.48 -40.47 -28.28
C LEU A 1366 14.25 -41.88 -27.75
N SER A 1367 15.29 -42.70 -27.68
CA SER A 1367 15.13 -44.07 -27.19
C SER A 1367 14.98 -44.14 -25.68
N PHE A 1368 15.25 -43.03 -24.98
CA PHE A 1368 15.03 -42.99 -23.54
C PHE A 1368 13.56 -42.93 -23.18
N ILE A 1369 12.71 -42.52 -24.11
CA ILE A 1369 11.27 -42.37 -23.86
C ILE A 1369 10.56 -43.66 -24.22
N LYS A 1370 10.63 -44.06 -25.49
CA LYS A 1370 9.91 -45.24 -25.94
C LYS A 1370 10.65 -46.52 -25.58
N GLY A 1371 11.95 -46.59 -25.90
CA GLY A 1371 12.70 -47.82 -25.72
C GLY A 1371 12.59 -48.69 -26.96
N LYS A 1372 13.73 -49.03 -27.56
CA LYS A 1372 13.83 -49.64 -28.90
C LYS A 1372 13.06 -48.80 -29.92
N CYS A 1373 13.53 -47.57 -30.10
CA CYS A 1373 12.87 -46.63 -30.99
C CYS A 1373 13.08 -47.03 -32.44
N THR A 1374 12.01 -46.94 -33.24
CA THR A 1374 12.00 -47.39 -34.61
C THR A 1374 11.38 -46.28 -35.45
N VAL A 1375 11.87 -46.12 -36.69
CA VAL A 1375 11.35 -45.11 -37.60
C VAL A 1375 9.90 -45.39 -37.99
N GLN A 1376 9.48 -46.67 -37.96
CA GLN A 1376 8.08 -47.00 -38.25
C GLN A 1376 7.17 -46.52 -37.13
N ASP A 1377 7.58 -46.74 -35.88
CA ASP A 1377 6.83 -46.22 -34.75
C ASP A 1377 6.87 -44.69 -34.70
N LEU A 1378 7.98 -44.10 -35.13
CA LEU A 1378 8.09 -42.65 -35.15
C LEU A 1378 7.19 -42.03 -36.22
N VAL A 1379 7.10 -42.66 -37.39
CA VAL A 1379 6.23 -42.11 -38.44
C VAL A 1379 4.76 -42.41 -38.12
N GLN A 1380 4.49 -43.48 -37.36
CA GLN A 1380 3.14 -43.70 -36.86
C GLN A 1380 2.76 -42.65 -35.82
N ALA A 1381 3.71 -42.25 -34.98
CA ALA A 1381 3.43 -41.24 -33.97
C ALA A 1381 3.31 -39.84 -34.54
N THR A 1382 4.06 -39.52 -35.59
CA THR A 1382 3.96 -38.20 -36.20
C THR A 1382 2.95 -38.13 -37.34
N SER A 1383 2.38 -39.27 -37.75
CA SER A 1383 1.34 -39.25 -38.78
C SER A 1383 -0.04 -38.95 -38.20
N ALA A 1384 -0.25 -39.24 -36.91
CA ALA A 1384 -1.54 -39.06 -36.27
C ALA A 1384 -1.50 -37.98 -35.18
N CYS A 1385 -0.53 -37.07 -35.24
CA CYS A 1385 -0.40 -36.05 -34.21
C CYS A 1385 -1.08 -34.73 -34.57
N GLU A 1386 -1.45 -34.55 -35.84
CA GLU A 1386 -2.10 -33.32 -36.29
C GLU A 1386 -3.19 -33.65 -37.30
N SER A 1387 -4.29 -32.90 -37.24
CA SER A 1387 -5.44 -33.11 -38.11
C SER A 1387 -5.38 -32.15 -39.29
N LYS A 1388 -6.46 -32.08 -40.07
CA LYS A 1388 -6.49 -31.28 -41.29
C LYS A 1388 -6.99 -29.86 -41.07
N ALA A 1389 -7.45 -29.52 -39.87
CA ALA A 1389 -7.88 -28.15 -39.60
C ALA A 1389 -6.69 -27.21 -39.48
N ASP A 1390 -5.53 -27.73 -39.07
CA ASP A 1390 -4.32 -26.93 -39.02
C ASP A 1390 -3.85 -26.55 -40.42
N ARG A 1391 -4.19 -27.36 -41.43
CA ARG A 1391 -3.91 -27.01 -42.82
C ARG A 1391 -4.72 -25.79 -43.26
N TYR A 1392 -6.00 -25.73 -42.85
CA TYR A 1392 -6.81 -24.52 -43.02
C TYR A 1392 -6.21 -23.33 -42.29
N CYS A 1393 -5.74 -23.56 -41.05
CA CYS A 1393 -5.19 -22.46 -40.26
C CYS A 1393 -3.90 -21.90 -40.86
N LEU A 1394 -3.01 -22.78 -41.33
CA LEU A 1394 -1.77 -22.30 -41.93
C LEU A 1394 -2.01 -21.63 -43.27
N ARG A 1395 -2.97 -22.11 -44.07
CA ARG A 1395 -3.29 -21.39 -45.30
C ARG A 1395 -3.96 -20.05 -45.01
N GLU A 1396 -4.70 -19.95 -43.89
CA GLU A 1396 -5.25 -18.66 -43.49
C GLU A 1396 -4.14 -17.70 -43.09
N VAL A 1397 -3.06 -18.23 -42.49
CA VAL A 1397 -1.87 -17.41 -42.21
C VAL A 1397 -1.23 -16.94 -43.52
N MET A 1398 -1.10 -17.83 -44.51
CA MET A 1398 -0.54 -17.42 -45.80
C MET A 1398 -1.42 -16.42 -46.54
N LYS A 1399 -2.73 -16.42 -46.29
CA LYS A 1399 -3.58 -15.47 -46.96
C LYS A 1399 -3.62 -14.11 -46.26
N LYS A 1400 -3.72 -14.10 -44.92
CA LYS A 1400 -4.02 -12.86 -44.20
C LYS A 1400 -2.82 -11.95 -43.98
N LEU A 1401 -1.60 -12.47 -44.07
CA LEU A 1401 -0.41 -11.64 -43.85
C LEU A 1401 0.07 -10.75 -45.00
N PRO A 1402 0.03 -11.13 -46.29
CA PRO A 1402 0.41 -10.15 -47.33
C PRO A 1402 -0.50 -8.94 -47.44
N GLN A 1403 -1.73 -9.01 -46.94
CA GLN A 1403 -2.57 -7.81 -46.86
C GLN A 1403 -2.38 -7.07 -45.55
N GLN A 1404 -1.56 -7.58 -44.64
CA GLN A 1404 -1.36 -6.99 -43.32
C GLN A 1404 -0.06 -6.22 -43.22
N LEU A 1405 0.99 -6.68 -43.89
CA LEU A 1405 2.26 -5.96 -43.85
C LEU A 1405 2.23 -4.69 -44.69
N LEU A 1406 1.36 -4.65 -45.70
CA LEU A 1406 1.25 -3.48 -46.58
C LEU A 1406 0.44 -2.35 -45.96
N SER A 1407 -0.29 -2.61 -44.87
CA SER A 1407 -0.98 -1.55 -44.15
C SER A 1407 -0.05 -0.71 -43.29
N GLU A 1408 1.14 -1.22 -42.98
CA GLU A 1408 2.13 -0.49 -42.21
C GLU A 1408 3.27 -0.08 -43.13
N PRO A 1409 3.47 1.21 -43.41
CA PRO A 1409 4.57 1.62 -44.29
C PRO A 1409 5.95 1.44 -43.67
N SER A 1410 6.05 1.44 -42.34
CA SER A 1410 7.34 1.35 -41.68
C SER A 1410 7.78 -0.11 -41.58
N LEU A 1411 8.92 -0.33 -40.94
CA LEU A 1411 9.45 -1.67 -40.71
C LEU A 1411 9.14 -2.18 -39.31
N MET A 1412 9.00 -1.28 -38.34
CA MET A 1412 8.84 -1.71 -36.95
C MET A 1412 7.48 -2.34 -36.70
N GLY A 1413 6.44 -1.77 -37.31
CA GLY A 1413 5.09 -2.33 -37.15
C GLY A 1413 4.94 -3.70 -37.78
N LYS A 1414 5.46 -3.88 -39.01
CA LYS A 1414 5.38 -5.19 -39.64
C LYS A 1414 6.32 -6.18 -38.97
N LEU A 1415 7.42 -5.71 -38.40
CA LEU A 1415 8.30 -6.57 -37.63
C LEU A 1415 7.61 -7.06 -36.35
N GLN A 1416 6.87 -6.18 -35.68
CA GLN A 1416 6.08 -6.59 -34.53
C GLN A 1416 4.98 -7.57 -34.93
N VAL A 1417 4.36 -7.34 -36.08
CA VAL A 1417 3.30 -8.22 -36.58
C VAL A 1417 3.86 -9.62 -36.86
N ILE A 1418 5.02 -9.69 -37.52
CA ILE A 1418 5.57 -11.00 -37.87
C ILE A 1418 6.12 -11.72 -36.63
N MET A 1419 6.60 -10.99 -35.62
CA MET A 1419 7.05 -11.72 -34.43
C MET A 1419 5.90 -12.17 -33.53
N MET A 1420 4.79 -11.39 -33.42
CA MET A 1420 3.55 -11.94 -32.85
C MET A 1420 3.06 -13.18 -33.60
N GLN A 1421 3.00 -13.12 -34.93
CA GLN A 1421 2.44 -14.25 -35.67
C GLN A 1421 3.37 -15.46 -35.66
N SER A 1422 4.67 -15.26 -35.49
CA SER A 1422 5.56 -16.39 -35.27
C SER A 1422 5.45 -16.92 -33.84
N LEU A 1423 5.11 -16.06 -32.88
CA LEU A 1423 4.90 -16.51 -31.51
C LEU A 1423 3.69 -17.42 -31.41
N VAL A 1424 2.54 -16.99 -31.95
CA VAL A 1424 1.32 -17.74 -31.68
C VAL A 1424 1.13 -18.87 -32.68
N TYR A 1425 1.38 -18.63 -33.98
CA TYR A 1425 1.22 -19.63 -35.03
C TYR A 1425 2.58 -19.85 -35.68
N MET A 1426 3.39 -20.72 -35.07
CA MET A 1426 4.79 -20.83 -35.46
C MET A 1426 4.99 -21.65 -36.73
N SER A 1427 4.25 -22.76 -36.88
CA SER A 1427 4.56 -23.75 -37.92
C SER A 1427 4.26 -23.28 -39.33
N ALA A 1428 3.55 -22.17 -39.51
CA ALA A 1428 3.28 -21.68 -40.85
C ALA A 1428 4.50 -21.01 -41.48
N PHE A 1429 5.36 -20.40 -40.68
CA PHE A 1429 6.53 -19.73 -41.21
C PHE A 1429 7.64 -20.70 -41.62
N LEU A 1430 7.74 -21.84 -40.96
CA LEU A 1430 8.81 -22.81 -41.22
C LEU A 1430 8.18 -24.13 -41.64
N PRO A 1431 7.95 -24.34 -42.94
CA PRO A 1431 7.31 -25.59 -43.38
C PRO A 1431 8.27 -26.74 -43.58
N HIS A 1432 9.21 -26.92 -42.65
CA HIS A 1432 10.05 -28.12 -42.64
C HIS A 1432 10.34 -28.61 -41.23
N CYS A 1433 9.74 -28.02 -40.20
CA CYS A 1433 10.00 -28.40 -38.82
C CYS A 1433 8.69 -28.53 -38.07
N LEU A 1434 8.69 -29.36 -37.04
CA LEU A 1434 7.52 -29.52 -36.19
C LEU A 1434 7.49 -28.44 -35.12
N ASP A 1435 6.29 -27.94 -34.84
CA ASP A 1435 6.08 -27.02 -33.75
C ASP A 1435 6.12 -27.77 -32.41
N LEU A 1436 6.08 -27.01 -31.31
CA LEU A 1436 6.24 -27.64 -30.00
C LEU A 1436 4.98 -28.40 -29.59
N ASP A 1437 3.81 -28.00 -30.07
CA ASP A 1437 2.59 -28.79 -29.88
C ASP A 1437 2.70 -30.15 -30.59
N ALA A 1438 3.16 -30.16 -31.83
CA ALA A 1438 3.27 -31.40 -32.58
C ALA A 1438 4.37 -32.29 -32.01
N LEU A 1439 5.47 -31.69 -31.58
CA LEU A 1439 6.54 -32.45 -30.92
C LEU A 1439 6.08 -33.06 -29.61
N GLY A 1440 5.35 -32.28 -28.80
CA GLY A 1440 4.85 -32.81 -27.54
C GLY A 1440 3.81 -33.89 -27.73
N ARG A 1441 2.92 -33.74 -28.71
CA ARG A 1441 1.93 -34.77 -29.01
C ARG A 1441 2.59 -36.03 -29.55
N CYS A 1442 3.62 -35.88 -30.37
CA CYS A 1442 4.33 -37.04 -30.91
C CYS A 1442 5.08 -37.78 -29.82
N LEU A 1443 5.72 -37.06 -28.89
CA LEU A 1443 6.42 -37.71 -27.79
C LEU A 1443 5.45 -38.37 -26.82
N ALA A 1444 4.29 -37.73 -26.59
CA ALA A 1444 3.26 -38.33 -25.74
C ALA A 1444 2.69 -39.60 -26.37
N HIS A 1445 2.50 -39.59 -27.70
CA HIS A 1445 2.03 -40.80 -28.38
C HIS A 1445 3.09 -41.89 -28.39
N LEU A 1446 4.37 -41.50 -28.49
CA LEU A 1446 5.46 -42.47 -28.43
C LEU A 1446 5.54 -43.14 -27.07
N ALA A 1447 5.41 -42.36 -26.00
CA ALA A 1447 5.42 -42.93 -24.66
C ALA A 1447 4.14 -43.68 -24.34
N THR A 1448 3.02 -43.31 -24.96
CA THR A 1448 1.79 -44.08 -24.79
C THR A 1448 1.91 -45.44 -25.48
N MET A 1449 2.60 -45.48 -26.63
CA MET A 1449 2.84 -46.76 -27.30
C MET A 1449 3.74 -47.67 -26.48
N GLY A 1450 4.78 -47.11 -25.85
CA GLY A 1450 5.63 -47.92 -25.00
C GLY A 1450 5.18 -47.92 -23.55
N GLY A 1451 4.46 -48.97 -23.16
CA GLY A 1451 3.82 -49.04 -21.86
C GLY A 1451 4.75 -49.45 -20.75
N THR A 1452 4.17 -50.12 -19.72
CA THR A 1452 4.70 -50.63 -18.46
C THR A 1452 5.68 -49.64 -17.82
N PRO A 1453 5.16 -48.55 -17.21
CA PRO A 1453 6.06 -47.54 -16.62
C PRO A 1453 6.70 -48.03 -15.34
N VAL A 1454 7.64 -47.26 -14.80
CA VAL A 1454 8.38 -47.66 -13.62
C VAL A 1454 7.70 -47.09 -12.38
N GLU A 1455 7.62 -47.90 -11.33
CA GLU A 1455 7.07 -47.49 -10.05
C GLU A 1455 8.14 -47.64 -8.98
N ARG A 1456 8.35 -46.57 -8.20
CA ARG A 1456 9.38 -46.56 -7.18
C ARG A 1456 8.84 -45.89 -5.92
N PRO A 1457 8.75 -46.61 -4.80
CA PRO A 1457 8.37 -45.97 -3.53
C PRO A 1457 9.59 -45.44 -2.78
N LEU A 1458 9.33 -44.43 -1.96
CA LEU A 1458 10.36 -43.92 -1.08
C LEU A 1458 10.54 -44.84 0.11
N PRO A 1459 11.74 -44.87 0.71
CA PRO A 1459 11.97 -45.75 1.88
C PRO A 1459 11.25 -45.26 3.12
N LYS A 1460 11.44 -46.00 4.20
CA LYS A 1460 10.79 -45.71 5.47
C LYS A 1460 11.34 -44.43 6.08
N GLY A 1461 10.46 -43.59 6.60
CA GLY A 1461 10.84 -42.31 7.14
C GLY A 1461 11.04 -41.22 6.10
N LEU A 1462 10.74 -41.49 4.83
CA LEU A 1462 10.93 -40.53 3.75
C LEU A 1462 9.54 -40.07 3.31
N GLN A 1463 9.23 -38.79 3.52
CA GLN A 1463 7.93 -38.26 3.14
C GLN A 1463 7.84 -38.10 1.63
N ALA A 1464 6.71 -38.51 1.07
CA ALA A 1464 6.50 -38.54 -0.37
C ALA A 1464 5.70 -37.36 -0.89
N GLY A 1465 5.73 -36.23 -0.18
CA GLY A 1465 5.06 -35.03 -0.65
C GLY A 1465 5.90 -33.78 -0.45
N GLN A 1466 7.02 -33.92 0.23
CA GLN A 1466 7.90 -32.82 0.59
C GLN A 1466 9.31 -33.15 0.12
N PRO A 1467 10.18 -32.14 -0.04
CA PRO A 1467 11.60 -32.42 -0.32
C PRO A 1467 12.27 -33.18 0.82
N ASN A 1468 13.14 -34.11 0.46
CA ASN A 1468 13.86 -34.96 1.41
C ASN A 1468 15.34 -34.62 1.33
N LEU A 1469 15.78 -33.64 2.12
CA LEU A 1469 17.19 -33.31 2.20
C LEU A 1469 17.90 -34.31 3.09
N ILE A 1470 18.81 -35.08 2.50
CA ILE A 1470 19.55 -36.12 3.20
C ILE A 1470 21.02 -35.74 3.21
N LEU A 1471 21.64 -35.84 4.38
CA LEU A 1471 23.06 -35.49 4.56
C LEU A 1471 23.82 -36.78 4.81
N CYS A 1472 24.64 -37.18 3.86
CA CYS A 1472 25.31 -38.49 3.89
C CYS A 1472 26.81 -38.42 4.10
N GLY A 1473 27.46 -37.37 3.63
CA GLY A 1473 28.91 -37.37 3.61
C GLY A 1473 29.44 -37.77 2.25
N HIS A 1474 30.64 -37.25 1.92
CA HIS A 1474 31.14 -37.30 0.55
C HIS A 1474 31.47 -38.71 0.09
N SER A 1475 31.87 -39.59 1.00
CA SER A 1475 32.17 -40.96 0.62
C SER A 1475 30.93 -41.85 0.49
N GLU A 1476 29.78 -41.40 1.00
CA GLU A 1476 28.59 -42.24 1.05
C GLU A 1476 27.37 -41.55 0.42
N VAL A 1477 27.59 -40.67 -0.55
CA VAL A 1477 26.47 -40.11 -1.32
C VAL A 1477 26.10 -41.10 -2.41
N LEU A 1478 27.10 -41.52 -3.18
CA LEU A 1478 26.86 -42.41 -4.32
C LEU A 1478 26.34 -43.81 -3.95
N PRO A 1479 26.82 -44.51 -2.90
CA PRO A 1479 26.12 -45.75 -2.53
C PRO A 1479 24.73 -45.52 -1.97
N ALA A 1480 24.46 -44.38 -1.32
CA ALA A 1480 23.15 -44.14 -0.74
C ALA A 1480 22.07 -43.92 -1.80
N ALA A 1481 22.44 -43.32 -2.94
CA ALA A 1481 21.50 -43.14 -4.03
C ALA A 1481 21.06 -44.47 -4.62
N LEU A 1482 22.01 -45.38 -4.84
CA LEU A 1482 21.65 -46.71 -5.32
C LEU A 1482 20.93 -47.52 -4.25
N ALA A 1483 21.21 -47.25 -2.97
CA ALA A 1483 20.45 -47.86 -1.88
C ALA A 1483 19.00 -47.41 -1.89
N ILE A 1484 18.76 -46.13 -2.19
CA ILE A 1484 17.40 -45.62 -2.35
C ILE A 1484 16.73 -46.27 -3.55
N TYR A 1485 17.44 -46.35 -4.68
CA TYR A 1485 16.83 -46.85 -5.90
C TYR A 1485 16.72 -48.38 -5.96
N MET A 1486 17.31 -49.12 -5.02
CA MET A 1486 17.20 -50.57 -5.06
C MET A 1486 16.07 -51.11 -4.20
N GLN A 1487 15.24 -50.24 -3.62
CA GLN A 1487 14.15 -50.70 -2.76
C GLN A 1487 13.10 -51.47 -3.54
N ALA A 1488 12.92 -51.17 -4.81
CA ALA A 1488 12.03 -51.94 -5.68
C ALA A 1488 12.88 -52.82 -6.59
N PRO A 1489 12.91 -54.13 -6.37
CA PRO A 1489 13.64 -55.02 -7.28
C PRO A 1489 12.91 -55.18 -8.60
N ARG A 1490 13.66 -55.66 -9.60
CA ARG A 1490 13.23 -55.91 -10.97
C ARG A 1490 12.74 -54.66 -11.69
N GLN A 1491 13.12 -53.47 -11.22
CA GLN A 1491 12.87 -52.26 -11.96
C GLN A 1491 14.08 -51.91 -12.82
N PRO A 1492 13.87 -51.29 -13.98
CA PRO A 1492 15.00 -50.88 -14.82
C PRO A 1492 15.85 -49.80 -14.16
N LEU A 1493 17.11 -49.74 -14.57
CA LEU A 1493 18.03 -48.75 -14.07
C LEU A 1493 17.60 -47.36 -14.54
N PRO A 1494 17.90 -46.31 -13.76
CA PRO A 1494 17.55 -44.95 -14.19
C PRO A 1494 18.37 -44.49 -15.39
N THR A 1495 18.01 -43.31 -15.87
CA THR A 1495 18.54 -42.76 -17.11
C THR A 1495 18.87 -41.29 -16.85
N PHE A 1496 18.97 -40.49 -17.92
CA PHE A 1496 19.34 -39.09 -17.77
C PHE A 1496 18.27 -38.26 -17.06
N ASP A 1497 17.02 -38.72 -17.04
CA ASP A 1497 16.02 -38.10 -16.18
C ASP A 1497 16.23 -38.54 -14.74
N GLU A 1498 15.64 -37.78 -13.81
CA GLU A 1498 15.45 -38.02 -12.38
C GLU A 1498 16.73 -38.06 -11.55
N VAL A 1499 17.90 -38.03 -12.19
CA VAL A 1499 19.18 -38.00 -11.48
C VAL A 1499 20.05 -36.92 -12.15
N LEU A 1500 20.62 -36.03 -11.35
CA LEU A 1500 21.65 -35.11 -11.83
C LEU A 1500 22.86 -35.19 -10.92
N LEU A 1501 23.94 -35.76 -11.43
CA LEU A 1501 25.24 -35.71 -10.75
C LEU A 1501 25.76 -34.29 -10.90
N CYS A 1502 25.50 -33.46 -9.90
CA CYS A 1502 25.85 -32.05 -9.98
C CYS A 1502 27.36 -31.85 -9.83
N THR A 1503 27.86 -30.87 -10.57
CA THR A 1503 29.28 -30.56 -10.62
C THR A 1503 29.41 -29.04 -10.57
N PRO A 1504 30.58 -28.52 -10.20
CA PRO A 1504 30.83 -27.09 -10.39
C PRO A 1504 30.71 -26.67 -11.85
N ALA A 1505 30.25 -25.44 -12.04
CA ALA A 1505 29.86 -24.86 -13.34
C ALA A 1505 28.80 -25.73 -14.03
N THR A 1506 27.65 -25.83 -13.37
CA THR A 1506 26.48 -26.53 -13.90
C THR A 1506 25.47 -25.49 -14.35
N THR A 1507 24.92 -25.68 -15.54
CA THR A 1507 23.92 -24.77 -16.09
C THR A 1507 22.64 -24.80 -15.26
N ILE A 1508 21.98 -23.64 -15.16
CA ILE A 1508 20.70 -23.54 -14.47
C ILE A 1508 19.59 -24.26 -15.23
N GLU A 1509 19.75 -24.46 -16.53
CA GLU A 1509 18.71 -25.07 -17.35
C GLU A 1509 18.49 -26.53 -17.00
N GLU A 1510 19.55 -27.26 -16.66
CA GLU A 1510 19.39 -28.69 -16.41
C GLU A 1510 18.69 -28.96 -15.08
N VAL A 1511 19.04 -28.21 -14.03
CA VAL A 1511 18.32 -28.36 -12.76
C VAL A 1511 16.91 -27.80 -12.85
N GLU A 1512 16.70 -26.75 -13.68
CA GLU A 1512 15.35 -26.26 -13.91
C GLU A 1512 14.49 -27.29 -14.63
N LEU A 1513 15.05 -27.96 -15.64
CA LEU A 1513 14.31 -29.03 -16.31
C LEU A 1513 14.13 -30.25 -15.43
N LEU A 1514 15.00 -30.47 -14.45
CA LEU A 1514 14.73 -31.52 -13.46
C LEU A 1514 13.53 -31.16 -12.60
N LEU A 1515 13.45 -29.90 -12.15
CA LEU A 1515 12.30 -29.47 -11.36
C LEU A 1515 11.01 -29.44 -12.19
N ARG A 1516 11.14 -29.20 -13.49
CA ARG A 1516 10.02 -29.41 -14.41
C ARG A 1516 9.66 -30.88 -14.54
N ARG A 1517 10.66 -31.78 -14.49
CA ARG A 1517 10.37 -33.20 -14.61
C ARG A 1517 9.65 -33.76 -13.39
N CYS A 1518 10.06 -33.35 -12.19
CA CYS A 1518 9.52 -34.00 -10.99
C CYS A 1518 8.19 -33.44 -10.51
N LEU A 1519 7.72 -32.31 -11.04
CA LEU A 1519 6.46 -31.72 -10.61
C LEU A 1519 5.63 -31.26 -11.81
N THR A 1520 5.48 -32.15 -12.80
CA THR A 1520 4.57 -31.95 -13.92
C THR A 1520 3.50 -33.05 -13.87
N SER A 1521 2.25 -32.65 -14.10
CA SER A 1521 1.09 -33.47 -13.71
C SER A 1521 1.00 -34.76 -14.53
N GLY A 1522 1.15 -34.67 -15.84
CA GLY A 1522 0.95 -35.85 -16.66
C GLY A 1522 2.20 -36.69 -16.80
N SER A 1523 2.34 -37.74 -15.98
CA SER A 1523 3.54 -38.54 -15.96
C SER A 1523 3.28 -40.04 -15.94
N GLN A 1524 2.03 -40.47 -15.74
CA GLN A 1524 1.54 -41.86 -15.61
C GLN A 1524 2.43 -42.79 -14.80
N GLY A 1525 2.97 -42.30 -13.68
CA GLY A 1525 3.77 -43.13 -12.82
C GLY A 1525 4.44 -42.30 -11.75
N HIS A 1526 4.89 -42.99 -10.71
CA HIS A 1526 5.65 -42.38 -9.62
C HIS A 1526 7.11 -42.78 -9.73
N LYS A 1527 7.99 -41.80 -9.68
CA LYS A 1527 9.42 -42.01 -9.83
C LYS A 1527 10.16 -41.26 -8.74
N VAL A 1528 11.33 -41.76 -8.38
CA VAL A 1528 12.19 -41.10 -7.39
C VAL A 1528 13.14 -40.17 -8.14
N TYR A 1529 13.06 -38.88 -7.85
CA TYR A 1529 13.85 -37.87 -8.54
C TYR A 1529 14.95 -37.39 -7.59
N SER A 1530 16.20 -37.56 -8.00
CA SER A 1530 17.34 -37.33 -7.13
C SER A 1530 18.17 -36.14 -7.61
N LEU A 1531 18.70 -35.38 -6.66
CA LEU A 1531 19.60 -34.26 -6.91
C LEU A 1531 20.89 -34.55 -6.15
N LEU A 1532 21.79 -35.32 -6.76
CA LEU A 1532 23.01 -35.75 -6.09
C LEU A 1532 24.06 -34.64 -6.13
N PHE A 1533 24.79 -34.53 -5.02
CA PHE A 1533 25.86 -33.54 -4.81
C PHE A 1533 25.35 -32.11 -5.02
N ALA A 1534 24.19 -31.82 -4.44
CA ALA A 1534 23.53 -30.52 -4.66
C ALA A 1534 24.26 -29.36 -4.03
N ASP A 1535 25.17 -29.60 -3.08
CA ASP A 1535 25.97 -28.54 -2.49
C ASP A 1535 27.08 -28.04 -3.42
N GLN A 1536 27.38 -28.76 -4.50
CA GLN A 1536 28.42 -28.38 -5.42
C GLN A 1536 28.02 -27.23 -6.34
N LEU A 1537 26.76 -26.81 -6.30
CA LEU A 1537 26.30 -25.70 -7.12
C LEU A 1537 26.89 -24.38 -6.64
N SER A 1538 26.89 -23.40 -7.54
CA SER A 1538 27.40 -22.08 -7.21
C SER A 1538 26.37 -21.31 -6.38
N TYR A 1539 26.73 -20.08 -6.01
CA TYR A 1539 25.81 -19.23 -5.27
C TYR A 1539 24.64 -18.79 -6.14
N GLU A 1540 24.93 -18.32 -7.35
CA GLU A 1540 23.89 -17.82 -8.25
C GLU A 1540 23.01 -18.95 -8.76
N VAL A 1541 23.62 -20.09 -9.11
CA VAL A 1541 22.86 -21.23 -9.64
C VAL A 1541 21.96 -21.81 -8.55
N GLY A 1542 22.49 -21.96 -7.33
CA GLY A 1542 21.68 -22.46 -6.23
C GLY A 1542 20.57 -21.51 -5.83
N CYS A 1543 20.85 -20.20 -5.84
CA CYS A 1543 19.84 -19.21 -5.51
C CYS A 1543 18.72 -19.19 -6.56
N GLN A 1544 19.08 -19.27 -7.85
CA GLN A 1544 18.08 -19.30 -8.90
C GLN A 1544 17.30 -20.61 -8.89
N ALA A 1545 17.93 -21.72 -8.51
CA ALA A 1545 17.19 -22.97 -8.35
C ALA A 1545 16.20 -22.90 -7.20
N GLU A 1546 16.58 -22.22 -6.12
CA GLU A 1546 15.66 -22.01 -5.00
C GLU A 1546 14.46 -21.16 -5.41
N GLU A 1547 14.71 -20.06 -6.15
CA GLU A 1547 13.61 -19.23 -6.65
C GLU A 1547 12.73 -20.00 -7.63
N PHE A 1548 13.33 -20.85 -8.46
CA PHE A 1548 12.56 -21.60 -9.44
C PHE A 1548 11.70 -22.68 -8.77
N PHE A 1549 12.22 -23.33 -7.73
CA PHE A 1549 11.44 -24.32 -7.01
C PHE A 1549 10.29 -23.67 -6.25
N GLN A 1550 10.55 -22.51 -5.62
CA GLN A 1550 9.48 -21.73 -5.00
C GLN A 1550 8.45 -21.28 -6.03
N SER A 1551 8.93 -20.94 -7.23
CA SER A 1551 8.06 -20.49 -8.33
C SER A 1551 7.08 -21.57 -8.73
N LEU A 1552 7.58 -22.76 -9.03
CA LEU A 1552 6.70 -23.78 -9.55
C LEU A 1552 5.90 -24.45 -8.43
N CYS A 1553 6.39 -24.42 -7.19
CA CYS A 1553 5.54 -24.82 -6.09
C CYS A 1553 4.41 -23.81 -5.85
N THR A 1554 4.65 -22.55 -6.17
CA THR A 1554 3.58 -21.56 -6.09
C THR A 1554 2.54 -21.75 -7.20
N ARG A 1555 3.00 -21.93 -8.44
CA ARG A 1555 2.08 -21.98 -9.59
C ARG A 1555 1.13 -23.17 -9.59
N ALA A 1556 1.65 -24.38 -9.82
CA ALA A 1556 0.85 -25.59 -9.99
C ALA A 1556 1.72 -26.83 -9.99
N HIS A 1557 1.34 -27.85 -9.21
CA HIS A 1557 2.11 -29.08 -9.13
C HIS A 1557 1.23 -30.19 -8.57
N ARG A 1558 1.78 -31.41 -8.59
CA ARG A 1558 1.15 -32.54 -7.94
C ARG A 1558 1.75 -32.71 -6.54
N GLU A 1559 0.90 -33.03 -5.57
CA GLU A 1559 1.38 -33.23 -4.19
C GLU A 1559 1.62 -34.71 -3.88
N ASP A 1560 2.33 -35.42 -4.75
CA ASP A 1560 2.83 -36.76 -4.41
C ASP A 1560 4.19 -37.02 -5.05
N TYR A 1561 4.96 -35.97 -5.31
CA TYR A 1561 6.28 -36.12 -5.91
C TYR A 1561 7.28 -36.64 -4.88
N GLN A 1562 8.34 -37.27 -5.38
CA GLN A 1562 9.41 -37.80 -4.55
C GLN A 1562 10.73 -37.14 -4.96
N LEU A 1563 11.02 -35.98 -4.36
CA LEU A 1563 12.24 -35.25 -4.63
C LEU A 1563 13.23 -35.51 -3.50
N VAL A 1564 14.39 -36.08 -3.85
CA VAL A 1564 15.40 -36.49 -2.88
C VAL A 1564 16.66 -35.70 -3.15
N ILE A 1565 17.22 -35.09 -2.10
CA ILE A 1565 18.42 -34.28 -2.20
C ILE A 1565 19.50 -34.91 -1.33
N LEU A 1566 20.67 -35.18 -1.91
CA LEU A 1566 21.81 -35.71 -1.18
C LEU A 1566 22.93 -34.69 -1.21
N CYS A 1567 23.55 -34.44 -0.06
CA CYS A 1567 24.60 -33.44 0.05
C CYS A 1567 25.73 -33.98 0.92
N ASP A 1568 26.90 -33.37 0.77
CA ASP A 1568 28.02 -33.64 1.65
C ASP A 1568 27.79 -32.95 3.00
N ALA A 1569 28.00 -33.70 4.09
CA ALA A 1569 27.75 -33.18 5.42
C ALA A 1569 28.87 -32.27 5.93
N ALA A 1570 30.02 -32.26 5.28
CA ALA A 1570 31.17 -31.47 5.72
C ALA A 1570 31.30 -30.15 4.97
N ARG A 1571 30.31 -29.78 4.16
CA ARG A 1571 30.33 -28.56 3.37
C ARG A 1571 29.00 -27.83 3.51
N GLU A 1572 28.57 -27.63 4.75
CA GLU A 1572 27.24 -27.13 5.05
C GLU A 1572 27.15 -25.61 5.05
N HIS A 1573 28.23 -24.92 4.67
CA HIS A 1573 28.25 -23.46 4.70
C HIS A 1573 27.77 -22.83 3.41
N CYS A 1574 27.34 -23.61 2.43
CA CYS A 1574 26.85 -23.07 1.17
C CYS A 1574 25.36 -22.77 1.30
N TYR A 1575 24.70 -22.48 0.17
CA TYR A 1575 23.38 -21.87 0.20
C TYR A 1575 22.23 -22.87 0.26
N ILE A 1576 22.12 -23.73 -0.75
CA ILE A 1576 20.95 -24.59 -0.93
C ILE A 1576 20.68 -25.61 0.19
N PRO A 1577 21.65 -26.27 0.87
CA PRO A 1577 21.23 -27.09 2.02
C PRO A 1577 20.97 -26.28 3.28
N SER A 1578 21.54 -25.07 3.40
CA SER A 1578 21.34 -24.27 4.60
C SER A 1578 19.97 -23.59 4.61
N THR A 1579 19.51 -23.14 3.45
CA THR A 1579 18.18 -22.54 3.36
C THR A 1579 17.07 -23.58 3.26
N PHE A 1580 17.43 -24.84 3.08
CA PHE A 1580 16.47 -25.95 3.09
C PHE A 1580 16.62 -26.80 4.35
N SER A 1581 17.15 -26.21 5.43
CA SER A 1581 17.59 -26.99 6.59
C SER A 1581 16.42 -27.56 7.40
N GLN A 1582 15.26 -26.91 7.37
CA GLN A 1582 14.12 -27.40 8.15
C GLN A 1582 13.48 -28.63 7.55
N TYR A 1583 13.72 -28.90 6.26
CA TYR A 1583 13.26 -30.14 5.63
C TYR A 1583 14.35 -31.22 5.65
N LYS A 1584 14.93 -31.48 6.83
CA LYS A 1584 16.03 -32.40 6.96
C LYS A 1584 15.53 -33.76 7.43
N VAL A 1585 16.05 -34.83 6.83
CA VAL A 1585 15.75 -36.19 7.24
C VAL A 1585 16.98 -36.73 7.97
N PRO A 1586 16.93 -36.88 9.31
CA PRO A 1586 18.08 -37.39 10.07
C PRO A 1586 18.11 -38.91 10.17
N LEU A 1587 18.08 -39.59 9.03
CA LEU A 1587 18.05 -41.05 9.00
C LEU A 1587 19.22 -41.66 8.25
N VAL A 1588 19.64 -41.06 7.14
CA VAL A 1588 20.74 -41.47 6.26
C VAL A 1588 20.53 -42.92 5.82
N PRO A 1589 19.65 -43.18 4.86
CA PRO A 1589 19.39 -44.56 4.45
C PRO A 1589 20.59 -45.19 3.76
N GLN A 1590 20.75 -46.50 3.93
CA GLN A 1590 21.87 -47.23 3.37
C GLN A 1590 21.49 -48.69 3.19
N ALA A 1591 22.26 -49.38 2.35
CA ALA A 1591 22.09 -50.80 2.07
C ALA A 1591 23.43 -51.51 2.18
N PRO A 1592 23.45 -52.81 2.49
CA PRO A 1592 24.72 -53.54 2.53
C PRO A 1592 25.34 -53.70 1.16
N LEU A 1593 26.67 -53.85 1.18
CA LEU A 1593 27.45 -54.02 -0.05
C LEU A 1593 27.11 -55.28 -0.86
N PRO A 1594 26.93 -56.49 -0.28
CA PRO A 1594 26.51 -57.61 -1.14
C PRO A 1594 25.13 -57.46 -1.77
N ASN A 1595 24.21 -56.73 -1.12
CA ASN A 1595 22.90 -56.49 -1.73
C ASN A 1595 23.02 -55.60 -2.97
N ILE A 1596 23.81 -54.53 -2.87
CA ILE A 1596 24.03 -53.63 -4.02
C ILE A 1596 24.76 -54.37 -5.13
N GLN A 1597 25.76 -55.18 -4.77
CA GLN A 1597 26.54 -55.92 -5.75
C GLN A 1597 25.67 -56.97 -6.46
N ALA A 1598 24.80 -57.65 -5.73
CA ALA A 1598 23.90 -58.62 -6.34
C ALA A 1598 22.84 -57.93 -7.20
N TYR A 1599 22.40 -56.73 -6.79
CA TYR A 1599 21.45 -55.95 -7.57
C TYR A 1599 22.04 -55.56 -8.93
N LEU A 1600 23.26 -55.02 -8.92
CA LEU A 1600 23.91 -54.62 -10.17
C LEU A 1600 24.28 -55.83 -11.02
N GLN A 1601 24.73 -56.92 -10.40
CA GLN A 1601 25.08 -58.12 -11.14
C GLN A 1601 23.86 -58.80 -11.74
N SER A 1602 22.71 -58.73 -11.06
CA SER A 1602 21.49 -59.31 -11.60
C SER A 1602 20.88 -58.44 -12.69
N HIS A 1603 21.05 -57.12 -12.61
CA HIS A 1603 20.51 -56.26 -13.65
C HIS A 1603 21.49 -55.96 -14.77
N TYR A 1604 22.71 -56.47 -14.70
CA TYR A 1604 23.63 -56.43 -15.84
C TYR A 1604 23.59 -57.70 -16.68
N GLN A 1605 22.70 -58.63 -16.36
CA GLN A 1605 22.63 -59.90 -17.09
C GLN A 1605 22.03 -59.65 -18.47
N VAL A 1606 22.85 -59.76 -19.50
CA VAL A 1606 22.34 -59.78 -20.86
C VAL A 1606 21.70 -61.14 -21.12
N PRO A 1607 20.44 -61.19 -21.58
CA PRO A 1607 19.76 -62.48 -21.73
C PRO A 1607 20.27 -63.25 -22.94
N LYS A 1608 19.72 -64.46 -23.09
CA LYS A 1608 20.04 -65.33 -24.20
C LYS A 1608 19.34 -64.81 -25.46
N ARG A 1609 19.73 -65.36 -26.62
CA ARG A 1609 19.18 -65.11 -27.97
C ARG A 1609 19.12 -63.62 -28.31
N LEU A 1610 20.18 -62.93 -27.91
CA LEU A 1610 20.34 -61.52 -28.23
C LEU A 1610 21.53 -61.23 -29.12
N LEU A 1611 22.47 -62.17 -29.24
CA LEU A 1611 23.72 -62.04 -30.02
C LEU A 1611 24.52 -60.81 -29.59
N SER A 1612 24.96 -60.85 -28.34
CA SER A 1612 25.69 -59.75 -27.73
C SER A 1612 27.18 -60.05 -27.65
N ALA A 1613 27.93 -59.08 -27.15
CA ALA A 1613 29.35 -59.23 -26.91
C ALA A 1613 29.65 -59.83 -25.54
N ALA A 1614 28.63 -60.03 -24.71
CA ALA A 1614 28.82 -60.46 -23.33
C ALA A 1614 28.92 -61.97 -23.18
N THR A 1615 28.79 -62.74 -24.27
CA THR A 1615 28.84 -64.20 -24.17
C THR A 1615 30.22 -64.73 -23.85
N VAL A 1616 31.28 -63.93 -24.01
CA VAL A 1616 32.63 -64.34 -23.63
C VAL A 1616 33.00 -63.89 -22.23
N PHE A 1617 32.21 -63.02 -21.61
CA PHE A 1617 32.47 -62.52 -20.27
C PHE A 1617 31.89 -63.52 -19.25
N ARG A 1618 31.77 -63.11 -17.99
CA ARG A 1618 31.30 -63.99 -16.92
C ARG A 1618 29.79 -64.23 -17.07
N ASP A 1619 29.45 -65.10 -18.02
CA ASP A 1619 28.09 -65.57 -18.29
C ASP A 1619 27.13 -64.41 -18.59
N GLY A 1620 27.56 -63.50 -19.46
CA GLY A 1620 26.72 -62.41 -19.88
C GLY A 1620 26.57 -61.29 -18.86
N LEU A 1621 27.65 -60.59 -18.54
CA LEU A 1621 27.60 -59.48 -17.61
C LEU A 1621 27.68 -58.11 -18.27
N CYS A 1622 28.36 -58.01 -19.42
CA CYS A 1622 28.33 -56.87 -20.36
C CYS A 1622 29.02 -55.62 -19.84
N VAL A 1623 29.41 -55.59 -18.57
CA VAL A 1623 30.17 -54.49 -17.97
C VAL A 1623 31.18 -55.11 -17.02
N GLY A 1624 32.45 -54.78 -17.19
CA GLY A 1624 33.47 -55.23 -16.26
C GLY A 1624 34.40 -54.07 -15.92
N ILE A 1625 35.03 -54.19 -14.76
CA ILE A 1625 36.07 -53.26 -14.35
C ILE A 1625 37.27 -54.07 -13.91
N VAL A 1626 38.40 -53.87 -14.56
CA VAL A 1626 39.63 -54.60 -14.27
C VAL A 1626 40.56 -53.63 -13.55
N THR A 1627 41.01 -54.02 -12.37
CA THR A 1627 41.84 -53.15 -11.53
C THR A 1627 42.93 -53.97 -10.86
N SER A 1628 43.89 -53.25 -10.30
CA SER A 1628 44.98 -53.86 -9.53
C SER A 1628 45.57 -52.81 -8.60
N GLU A 1629 46.31 -53.30 -7.60
CA GLU A 1629 46.99 -52.39 -6.68
C GLU A 1629 48.22 -51.76 -7.33
N ARG A 1630 48.85 -52.47 -8.26
CA ARG A 1630 50.04 -52.00 -8.94
C ARG A 1630 49.92 -52.28 -10.44
N ALA A 1631 50.62 -51.49 -11.24
CA ALA A 1631 50.52 -51.53 -12.69
C ALA A 1631 51.56 -52.50 -13.26
N GLY A 1632 51.41 -52.81 -14.53
CA GLY A 1632 52.25 -53.79 -15.19
C GLY A 1632 51.88 -55.23 -14.91
N VAL A 1633 50.59 -55.53 -14.75
CA VAL A 1633 50.18 -56.83 -14.23
C VAL A 1633 49.34 -57.59 -15.26
N GLY A 1634 48.80 -56.91 -16.26
CA GLY A 1634 48.10 -57.62 -17.32
C GLY A 1634 46.63 -57.33 -17.52
N LYS A 1635 46.19 -56.09 -17.28
CA LYS A 1635 44.82 -55.70 -17.56
C LYS A 1635 44.55 -55.68 -19.07
N SER A 1636 45.42 -55.01 -19.83
CA SER A 1636 45.20 -54.84 -21.25
C SER A 1636 45.38 -56.15 -22.00
N LEU A 1637 46.27 -57.02 -21.51
CA LEU A 1637 46.40 -58.33 -22.13
C LEU A 1637 45.19 -59.20 -21.85
N TYR A 1638 44.56 -59.03 -20.68
CA TYR A 1638 43.32 -59.75 -20.40
C TYR A 1638 42.22 -59.28 -21.35
N VAL A 1639 42.14 -57.97 -21.58
CA VAL A 1639 41.18 -57.38 -22.52
C VAL A 1639 41.42 -57.91 -23.93
N ASN A 1640 42.69 -58.03 -24.31
CA ASN A 1640 43.04 -58.56 -25.63
C ASN A 1640 42.68 -60.04 -25.76
N THR A 1641 42.85 -60.82 -24.69
CA THR A 1641 42.49 -62.23 -24.75
C THR A 1641 40.98 -62.43 -24.78
N LEU A 1642 40.24 -61.56 -24.09
CA LEU A 1642 38.78 -61.58 -24.20
C LEU A 1642 38.34 -61.18 -25.61
N HIS A 1643 39.06 -60.23 -26.21
CA HIS A 1643 38.78 -59.81 -27.58
C HIS A 1643 39.03 -60.93 -28.57
N THR A 1644 40.12 -61.69 -28.39
CA THR A 1644 40.36 -62.81 -29.29
C THR A 1644 39.48 -64.02 -28.97
N LYS A 1645 38.96 -64.11 -27.75
CA LYS A 1645 37.92 -65.10 -27.46
C LYS A 1645 36.64 -64.79 -28.22
N LEU A 1646 36.29 -63.50 -28.31
CA LEU A 1646 35.14 -63.12 -29.14
C LEU A 1646 35.47 -63.20 -30.62
N LYS A 1647 36.75 -63.10 -31.00
CA LYS A 1647 37.15 -63.43 -32.37
C LYS A 1647 36.90 -64.90 -32.68
N ALA A 1648 37.17 -65.78 -31.72
CA ALA A 1648 37.10 -67.21 -31.97
C ALA A 1648 35.66 -67.69 -32.17
N LYS A 1649 34.78 -67.42 -31.21
CA LYS A 1649 33.37 -67.73 -31.37
C LYS A 1649 32.72 -66.72 -32.33
N LEU A 1650 31.55 -67.08 -32.85
CA LEU A 1650 30.70 -66.25 -33.71
C LEU A 1650 31.47 -65.79 -34.96
N ARG A 1651 31.70 -66.77 -35.84
CA ARG A 1651 32.53 -66.68 -37.04
C ARG A 1651 32.13 -65.53 -37.97
N ASP A 1652 33.05 -65.14 -38.86
CA ASP A 1652 33.02 -63.88 -39.61
C ASP A 1652 32.88 -62.71 -38.63
N GLU A 1653 33.95 -62.56 -37.84
CA GLU A 1653 33.89 -61.76 -36.62
C GLU A 1653 33.87 -60.26 -36.92
N THR A 1654 34.89 -59.75 -37.62
CA THR A 1654 35.19 -58.35 -37.98
C THR A 1654 34.85 -57.33 -36.89
N VAL A 1655 35.12 -57.67 -35.64
CA VAL A 1655 34.67 -56.87 -34.50
C VAL A 1655 35.66 -55.72 -34.28
N PRO A 1656 35.17 -54.51 -34.01
CA PRO A 1656 36.06 -53.43 -33.58
C PRO A 1656 36.37 -53.52 -32.09
N LEU A 1657 37.40 -52.79 -31.69
CA LEU A 1657 37.82 -52.69 -30.30
C LEU A 1657 38.15 -51.22 -30.06
N LYS A 1658 37.16 -50.44 -29.65
CA LYS A 1658 37.34 -49.01 -29.52
C LYS A 1658 38.09 -48.69 -28.23
N ILE A 1659 39.17 -47.93 -28.36
CA ILE A 1659 40.03 -47.58 -27.24
C ILE A 1659 39.98 -46.08 -27.05
N ILE A 1660 39.59 -45.63 -25.86
CA ILE A 1660 39.51 -44.21 -25.53
C ILE A 1660 40.43 -43.98 -24.34
N ARG A 1661 41.60 -43.40 -24.59
CA ARG A 1661 42.60 -43.18 -23.55
C ARG A 1661 42.31 -41.85 -22.86
N LEU A 1662 41.71 -41.92 -21.68
CA LEU A 1662 41.46 -40.73 -20.87
C LEU A 1662 42.74 -40.41 -20.11
N THR A 1663 43.24 -39.18 -20.28
CA THR A 1663 44.61 -38.89 -19.88
C THR A 1663 44.81 -37.55 -19.19
N GLU A 1664 43.74 -36.86 -18.79
CA GLU A 1664 43.92 -35.52 -18.25
C GLU A 1664 43.21 -35.39 -16.91
N PRO A 1665 43.73 -34.55 -16.00
CA PRO A 1665 43.00 -34.25 -14.77
C PRO A 1665 41.82 -33.35 -15.05
N HIS A 1666 40.92 -33.27 -14.05
CA HIS A 1666 39.64 -32.56 -14.13
C HIS A 1666 38.82 -33.08 -15.31
N LEU A 1667 38.40 -34.34 -15.14
CA LEU A 1667 37.96 -35.21 -16.23
C LEU A 1667 36.78 -34.63 -17.02
N ASP A 1668 36.85 -34.78 -18.34
CA ASP A 1668 35.92 -34.17 -19.26
C ASP A 1668 35.07 -35.24 -19.92
N GLU A 1669 33.74 -35.10 -19.81
CA GLU A 1669 32.82 -36.05 -20.42
C GLU A 1669 32.71 -35.85 -21.93
N ASN A 1670 32.98 -34.64 -22.41
CA ASN A 1670 32.83 -34.35 -23.83
C ASN A 1670 33.91 -35.03 -24.67
N GLN A 1671 35.07 -35.32 -24.08
CA GLN A 1671 36.13 -36.00 -24.81
C GLN A 1671 35.75 -37.45 -25.13
N VAL A 1672 35.29 -38.19 -24.13
CA VAL A 1672 34.87 -39.56 -24.36
C VAL A 1672 33.55 -39.59 -25.16
N LEU A 1673 32.71 -38.55 -25.00
CA LEU A 1673 31.50 -38.43 -25.80
C LEU A 1673 31.83 -38.26 -27.28
N SER A 1674 32.76 -37.37 -27.61
CA SER A 1674 33.17 -37.16 -28.98
C SER A 1674 33.97 -38.33 -29.53
N ALA A 1675 34.64 -39.10 -28.67
CA ALA A 1675 35.29 -40.32 -29.13
C ALA A 1675 34.27 -41.40 -29.46
N LEU A 1676 33.15 -41.44 -28.74
CA LEU A 1676 32.13 -42.45 -28.99
C LEU A 1676 31.07 -42.02 -30.01
N LEU A 1677 31.02 -40.74 -30.37
CA LEU A 1677 29.96 -40.25 -31.27
C LEU A 1677 30.00 -40.84 -32.68
N PRO A 1678 31.15 -40.89 -33.43
CA PRO A 1678 31.04 -41.41 -34.81
C PRO A 1678 31.05 -42.93 -34.90
N PHE A 1679 30.82 -43.62 -33.79
CA PHE A 1679 30.94 -45.08 -33.75
C PHE A 1679 29.61 -45.78 -34.00
N LEU A 1680 28.60 -45.55 -33.14
CA LEU A 1680 27.36 -46.30 -33.19
C LEU A 1680 26.19 -45.47 -33.71
N LYS A 1681 26.45 -44.56 -34.65
CA LYS A 1681 25.39 -43.83 -35.33
C LYS A 1681 25.29 -44.24 -36.80
N GLU A 1682 25.78 -45.43 -37.13
CA GLU A 1682 25.80 -45.93 -38.49
C GLU A 1682 24.90 -47.13 -38.72
N LYS A 1683 24.50 -47.84 -37.67
CA LYS A 1683 23.54 -48.97 -37.66
C LYS A 1683 23.99 -50.19 -38.46
N TYR A 1684 25.24 -50.23 -38.92
CA TYR A 1684 25.83 -51.49 -39.34
C TYR A 1684 26.86 -51.99 -38.32
N GLN A 1685 27.15 -51.18 -37.30
CA GLN A 1685 27.99 -51.58 -36.19
C GLN A 1685 27.18 -51.96 -34.97
N LYS A 1686 25.88 -52.22 -35.15
CA LYS A 1686 25.04 -52.79 -34.09
C LYS A 1686 25.22 -54.30 -33.95
N MET A 1687 26.14 -54.88 -34.72
CA MET A 1687 26.78 -56.12 -34.36
C MET A 1687 27.58 -55.93 -33.05
N PRO A 1688 27.81 -57.01 -32.29
CA PRO A 1688 28.47 -56.85 -30.98
C PRO A 1688 29.90 -56.33 -31.11
N VAL A 1689 30.16 -55.25 -30.35
CA VAL A 1689 31.46 -54.56 -30.36
C VAL A 1689 31.94 -54.45 -28.91
N ILE A 1690 33.18 -54.87 -28.67
CA ILE A 1690 33.79 -54.68 -27.35
C ILE A 1690 34.31 -53.25 -27.25
N PHE A 1691 33.91 -52.56 -26.19
CA PHE A 1691 34.39 -51.21 -25.91
C PHE A 1691 35.32 -51.28 -24.71
N HIS A 1692 36.38 -50.47 -24.73
CA HIS A 1692 37.48 -50.59 -23.78
C HIS A 1692 37.92 -49.19 -23.35
N ILE A 1693 37.28 -48.67 -22.30
CA ILE A 1693 37.66 -47.38 -21.75
C ILE A 1693 38.93 -47.55 -20.93
N ASP A 1694 39.93 -46.72 -21.19
CA ASP A 1694 41.20 -46.79 -20.47
C ASP A 1694 41.39 -45.49 -19.68
N ILE A 1695 41.18 -45.58 -18.37
CA ILE A 1695 41.38 -44.45 -17.48
C ILE A 1695 42.77 -44.54 -16.87
N SER A 1696 43.55 -43.46 -17.00
CA SER A 1696 44.95 -43.44 -16.61
C SER A 1696 45.09 -43.12 -15.12
N THR A 1697 46.30 -42.73 -14.71
CA THR A 1697 46.63 -42.49 -13.31
C THR A 1697 46.62 -41.02 -12.91
N SER A 1698 46.39 -40.11 -13.84
CA SER A 1698 46.50 -38.67 -13.58
C SER A 1698 45.16 -37.97 -13.78
N VAL A 1699 44.11 -38.58 -13.25
CA VAL A 1699 42.72 -38.18 -13.48
C VAL A 1699 42.02 -37.91 -12.15
N GLN A 1700 42.77 -37.36 -11.19
CA GLN A 1700 42.51 -37.38 -9.75
C GLN A 1700 41.11 -37.04 -9.25
N THR A 1701 40.36 -36.19 -9.94
CA THR A 1701 39.14 -35.62 -9.36
C THR A 1701 37.96 -35.67 -10.32
N GLY A 1702 37.85 -36.72 -11.13
CA GLY A 1702 36.73 -36.81 -12.04
C GLY A 1702 36.17 -38.21 -12.25
N ILE A 1703 36.56 -39.15 -11.41
CA ILE A 1703 36.29 -40.56 -11.64
C ILE A 1703 34.88 -41.04 -11.28
N PRO A 1704 34.36 -40.88 -10.04
CA PRO A 1704 33.11 -41.60 -9.72
C PRO A 1704 31.88 -40.98 -10.38
N ILE A 1705 31.93 -39.70 -10.74
CA ILE A 1705 30.84 -39.07 -11.49
C ILE A 1705 30.73 -39.69 -12.88
N PHE A 1706 31.86 -39.84 -13.58
CA PHE A 1706 31.85 -40.46 -14.90
C PHE A 1706 31.48 -41.94 -14.83
N LEU A 1707 31.97 -42.65 -13.80
CA LEU A 1707 31.63 -44.07 -13.64
C LEU A 1707 30.14 -44.26 -13.39
N PHE A 1708 29.55 -43.39 -12.54
CA PHE A 1708 28.13 -43.51 -12.24
C PHE A 1708 27.27 -43.03 -13.39
N LYS A 1709 27.79 -42.12 -14.21
CA LYS A 1709 27.05 -41.69 -15.40
C LYS A 1709 27.03 -42.77 -16.47
N LEU A 1710 28.18 -43.42 -16.72
CA LEU A 1710 28.23 -44.37 -17.82
C LEU A 1710 27.65 -45.73 -17.43
N LEU A 1711 28.04 -46.26 -16.27
CA LEU A 1711 27.72 -47.65 -15.96
C LEU A 1711 26.35 -47.82 -15.32
N ILE A 1712 25.86 -46.83 -14.58
CA ILE A 1712 24.59 -46.95 -13.89
C ILE A 1712 23.50 -46.17 -14.62
N LEU A 1713 23.77 -44.89 -14.85
CA LEU A 1713 22.78 -43.99 -15.44
C LEU A 1713 22.71 -44.10 -16.96
N GLN A 1714 23.68 -44.78 -17.58
CA GLN A 1714 23.66 -45.21 -18.99
C GLN A 1714 23.56 -44.04 -19.97
N TYR A 1715 24.15 -42.89 -19.64
CA TYR A 1715 24.06 -41.74 -20.52
C TYR A 1715 25.33 -40.91 -20.46
N LEU A 1716 25.66 -40.31 -21.61
CA LEU A 1716 26.60 -39.19 -21.71
C LEU A 1716 25.87 -38.07 -22.43
N MET A 1717 25.80 -36.90 -21.79
CA MET A 1717 24.99 -35.80 -22.28
C MET A 1717 25.84 -34.57 -22.48
N ASP A 1718 25.64 -33.89 -23.60
CA ASP A 1718 26.17 -32.56 -23.83
C ASP A 1718 25.04 -31.55 -23.66
N ILE A 1719 25.38 -30.37 -23.14
CA ILE A 1719 24.37 -29.34 -22.88
C ILE A 1719 23.83 -28.79 -24.20
N ASN A 1720 24.71 -28.56 -25.17
CA ASN A 1720 24.31 -28.03 -26.46
C ASN A 1720 24.36 -29.08 -27.57
N GLY A 1721 24.46 -30.35 -27.24
CA GLY A 1721 24.68 -31.38 -28.22
C GLY A 1721 23.85 -32.62 -27.99
N LYS A 1722 24.28 -33.72 -28.61
CA LYS A 1722 23.53 -34.97 -28.63
C LYS A 1722 23.69 -35.72 -27.31
N ILE A 1723 22.93 -36.81 -27.18
CA ILE A 1723 22.92 -37.63 -25.97
C ILE A 1723 23.32 -39.05 -26.35
N TRP A 1724 24.30 -39.60 -25.65
CA TRP A 1724 24.73 -40.97 -25.83
C TRP A 1724 23.95 -41.89 -24.91
N ARG A 1725 23.69 -43.12 -25.37
CA ARG A 1725 23.01 -44.12 -24.56
C ARG A 1725 23.83 -45.39 -24.53
N ARG A 1726 24.10 -45.89 -23.33
CA ARG A 1726 24.78 -47.18 -23.20
C ARG A 1726 23.79 -48.28 -23.54
N SER A 1727 24.24 -49.24 -24.35
CA SER A 1727 23.27 -50.21 -24.84
C SER A 1727 23.49 -51.58 -24.21
N PRO A 1728 22.43 -52.28 -23.86
CA PRO A 1728 22.56 -53.66 -23.38
C PRO A 1728 22.90 -54.63 -24.50
N GLY A 1729 24.19 -54.83 -24.76
CA GLY A 1729 24.62 -55.64 -25.87
C GLY A 1729 25.96 -55.24 -26.46
N HIS A 1730 26.52 -54.14 -25.98
CA HIS A 1730 27.91 -53.78 -26.23
C HIS A 1730 28.68 -53.89 -24.92
N LEU A 1731 29.73 -54.72 -24.93
CA LEU A 1731 30.48 -55.00 -23.72
C LEU A 1731 31.44 -53.85 -23.42
N TYR A 1732 31.44 -53.38 -22.18
CA TYR A 1732 32.27 -52.26 -21.76
C TYR A 1732 33.26 -52.74 -20.70
N LEU A 1733 34.48 -52.23 -20.75
CA LEU A 1733 35.53 -52.53 -19.78
C LEU A 1733 36.25 -51.25 -19.41
N VAL A 1734 36.17 -50.87 -18.14
CA VAL A 1734 36.77 -49.63 -17.67
C VAL A 1734 37.94 -49.94 -16.73
N GLU A 1735 39.16 -49.60 -17.16
CA GLU A 1735 40.33 -49.77 -16.30
C GLU A 1735 40.36 -48.73 -15.20
N ILE A 1736 40.91 -49.09 -14.05
CA ILE A 1736 41.27 -48.12 -13.01
C ILE A 1736 42.46 -48.67 -12.23
N PRO A 1737 43.48 -47.85 -11.98
CA PRO A 1737 44.55 -48.26 -11.07
C PRO A 1737 44.28 -47.78 -9.65
N GLN A 1738 44.85 -48.51 -8.70
CA GLN A 1738 44.67 -48.19 -7.29
C GLN A 1738 46.01 -47.97 -6.60
N PRO A 1755 37.93 -43.94 -0.02
CA PRO A 1755 38.24 -43.44 -1.37
C PRO A 1755 37.66 -44.33 -2.47
N LEU A 1756 38.45 -44.62 -3.49
CA LEU A 1756 38.00 -45.46 -4.59
C LEU A 1756 37.97 -46.93 -4.24
N PHE A 1757 38.64 -47.33 -3.16
CA PHE A 1757 38.64 -48.73 -2.72
C PHE A 1757 37.25 -49.19 -2.29
N LYS A 1758 36.45 -48.28 -1.73
CA LYS A 1758 35.07 -48.62 -1.41
C LYS A 1758 34.16 -48.49 -2.63
N PHE A 1759 34.44 -47.52 -3.50
CA PHE A 1759 33.53 -47.23 -4.60
C PHE A 1759 33.60 -48.26 -5.72
N LEU A 1760 34.78 -48.80 -6.01
CA LEU A 1760 34.91 -49.69 -7.15
C LEU A 1760 34.48 -51.13 -6.87
N ASP A 1761 33.96 -51.42 -5.68
CA ASP A 1761 33.51 -52.78 -5.38
C ASP A 1761 32.05 -53.02 -5.79
N LEU A 1762 31.33 -51.98 -6.21
CA LEU A 1762 29.91 -52.15 -6.55
C LEU A 1762 29.74 -52.90 -7.87
N PHE A 1763 30.50 -52.51 -8.88
CA PHE A 1763 30.37 -53.06 -10.22
C PHE A 1763 30.94 -54.46 -10.27
N PRO A 1764 30.52 -55.28 -11.23
CA PRO A 1764 31.14 -56.61 -11.41
C PRO A 1764 32.60 -56.48 -11.78
N LYS A 1765 33.46 -56.87 -10.85
CA LYS A 1765 34.88 -56.57 -10.90
C LYS A 1765 35.69 -57.86 -11.04
N VAL A 1766 36.68 -57.82 -11.90
CA VAL A 1766 37.66 -58.90 -12.04
C VAL A 1766 39.04 -58.31 -11.75
N THR A 1767 39.70 -58.88 -10.75
CA THR A 1767 40.99 -58.37 -10.33
C THR A 1767 42.13 -59.20 -10.93
N CYS A 1768 43.32 -58.61 -10.92
CA CYS A 1768 44.51 -59.23 -11.49
C CYS A 1768 45.71 -58.96 -10.60
N ARG A 1769 46.67 -59.89 -10.61
CA ARG A 1769 47.74 -59.91 -9.64
C ARG A 1769 49.09 -60.15 -10.30
N PRO A 1770 50.18 -59.75 -9.66
CA PRO A 1770 51.54 -60.13 -10.13
C PRO A 1770 51.76 -61.62 -10.04
N PRO A 1771 52.77 -62.16 -10.74
CA PRO A 1771 53.02 -63.62 -10.69
C PRO A 1771 53.41 -64.15 -9.32
N LYS A 1772 53.89 -63.31 -8.40
CA LYS A 1772 54.12 -63.78 -7.04
C LYS A 1772 52.81 -64.07 -6.32
N GLU A 1773 51.75 -63.33 -6.66
CA GLU A 1773 50.47 -63.44 -5.96
C GLU A 1773 49.50 -64.42 -6.61
N VAL A 1774 49.87 -65.03 -7.75
CA VAL A 1774 49.04 -66.07 -8.35
C VAL A 1774 49.78 -67.39 -8.45
N ILE A 1775 50.98 -67.49 -7.87
CA ILE A 1775 51.70 -68.76 -7.80
C ILE A 1775 51.45 -69.47 -6.46
N ASP A 1776 50.98 -68.76 -5.44
CA ASP A 1776 50.71 -69.34 -4.14
C ASP A 1776 49.27 -69.80 -3.96
N MET A 1777 48.31 -69.10 -4.57
CA MET A 1777 46.90 -69.46 -4.44
C MET A 1777 46.32 -70.09 -5.71
N GLU A 1778 46.93 -69.86 -6.87
CA GLU A 1778 46.46 -70.46 -8.11
C GLU A 1778 47.63 -71.07 -8.89
N PRO A 1788 46.20 -71.23 -15.30
CA PRO A 1788 47.64 -70.97 -15.12
C PRO A 1788 47.92 -69.49 -14.87
N ALA A 1789 49.13 -69.05 -15.22
CA ALA A 1789 49.50 -67.64 -15.07
C ALA A 1789 50.08 -67.10 -16.37
N MET A 1790 50.55 -68.00 -17.23
CA MET A 1790 51.04 -67.62 -18.55
C MET A 1790 49.89 -67.22 -19.46
N ASP A 1791 50.17 -66.31 -20.37
CA ASP A 1791 49.32 -66.17 -21.54
C ASP A 1791 49.67 -67.30 -22.51
N PRO A 1792 48.74 -68.20 -22.84
CA PRO A 1792 49.13 -69.43 -23.56
C PRO A 1792 49.57 -69.21 -25.00
N VAL A 1793 49.26 -68.05 -25.59
CA VAL A 1793 49.80 -67.75 -26.91
C VAL A 1793 51.23 -67.24 -26.80
N GLU A 1794 51.65 -66.78 -25.63
CA GLU A 1794 53.02 -66.32 -25.45
C GLU A 1794 53.96 -67.47 -25.12
N PHE A 1795 53.45 -68.49 -24.43
CA PHE A 1795 54.26 -69.67 -24.16
C PHE A 1795 54.50 -70.48 -25.43
N CYS A 1796 53.49 -70.54 -26.30
CA CYS A 1796 53.67 -71.15 -27.61
C CYS A 1796 54.55 -70.31 -28.52
N SER A 1797 54.67 -69.02 -28.27
CA SER A 1797 55.61 -68.17 -29.00
C SER A 1797 57.04 -68.55 -28.64
N GLU A 1798 57.95 -68.34 -29.60
CA GLU A 1798 59.34 -68.73 -29.42
C GLU A 1798 60.08 -67.84 -28.44
N ALA A 1799 59.58 -66.62 -28.21
CA ALA A 1799 60.27 -65.65 -27.36
C ALA A 1799 60.27 -66.06 -25.89
N PHE A 1800 59.26 -66.82 -25.46
CA PHE A 1800 59.27 -67.41 -24.13
C PHE A 1800 59.62 -68.89 -24.17
N GLN A 1801 59.74 -69.48 -25.36
CA GLN A 1801 60.04 -70.90 -25.46
C GLN A 1801 61.54 -71.16 -25.44
N ARG A 1802 62.28 -70.48 -26.31
CA ARG A 1802 63.73 -70.68 -26.45
C ARG A 1802 64.55 -70.31 -25.20
N PRO A 1803 64.33 -69.17 -24.51
CA PRO A 1803 65.00 -69.00 -23.20
C PRO A 1803 64.60 -70.04 -22.18
N TYR A 1804 63.34 -70.49 -22.19
CA TYR A 1804 62.97 -71.65 -21.38
C TYR A 1804 63.67 -72.91 -21.85
N GLN A 1805 63.83 -73.07 -23.16
CA GLN A 1805 64.50 -74.24 -23.73
C GLN A 1805 65.96 -74.33 -23.30
N TYR A 1806 66.60 -73.18 -23.06
CA TYR A 1806 67.97 -73.22 -22.57
C TYR A 1806 68.06 -73.23 -21.04
N LEU A 1807 67.14 -72.56 -20.35
CA LEU A 1807 67.20 -72.53 -18.89
C LEU A 1807 66.76 -73.85 -18.26
N LYS A 1808 65.96 -74.63 -18.98
CA LYS A 1808 65.60 -75.97 -18.51
C LYS A 1808 66.82 -76.87 -18.44
N ARG A 1809 67.70 -76.78 -19.44
CA ARG A 1809 68.94 -77.54 -19.42
C ARG A 1809 70.04 -76.86 -18.62
N PHE A 1810 69.87 -75.58 -18.28
CA PHE A 1810 70.86 -74.89 -17.45
C PHE A 1810 70.62 -75.07 -15.96
N HIS A 1811 69.36 -75.25 -15.54
CA HIS A 1811 69.04 -75.30 -14.11
C HIS A 1811 69.66 -76.52 -13.43
N GLN A 1812 69.27 -77.72 -13.86
CA GLN A 1812 70.02 -78.91 -13.51
C GLN A 1812 71.09 -79.14 -14.57
N GLN A 1813 72.28 -79.57 -14.12
CA GLN A 1813 73.50 -79.40 -14.91
C GLN A 1813 73.58 -80.44 -16.02
N GLN A 1814 73.49 -79.97 -17.26
CA GLN A 1814 73.74 -80.75 -18.44
C GLN A 1814 74.64 -79.97 -19.40
N ASN A 1815 75.33 -80.71 -20.26
CA ASN A 1815 76.17 -80.09 -21.28
C ASN A 1815 75.32 -79.64 -22.46
N LEU A 1816 75.56 -78.41 -22.91
CA LEU A 1816 74.78 -77.80 -23.98
C LEU A 1816 75.37 -78.04 -25.37
N ASP A 1817 76.10 -79.13 -25.55
CA ASP A 1817 76.65 -79.46 -26.86
C ASP A 1817 75.58 -79.98 -27.82
N THR A 1818 74.48 -80.50 -27.28
CA THR A 1818 73.37 -80.93 -28.13
C THR A 1818 72.56 -79.72 -28.59
N PHE A 1819 72.26 -79.67 -29.88
CA PHE A 1819 71.57 -78.51 -30.44
C PHE A 1819 70.10 -78.50 -30.05
N GLN A 1820 69.56 -77.31 -29.88
CA GLN A 1820 68.18 -77.06 -29.48
C GLN A 1820 67.45 -76.29 -30.58
N TYR A 1821 66.26 -75.77 -30.23
CA TYR A 1821 65.37 -75.02 -31.12
C TYR A 1821 64.97 -75.88 -32.33
N GLU A 1822 64.14 -76.87 -32.02
CA GLU A 1822 63.49 -77.71 -33.03
C GLU A 1822 62.22 -77.07 -33.61
N LYS A 1823 62.02 -75.76 -33.39
CA LYS A 1823 60.93 -74.88 -33.85
C LYS A 1823 59.56 -75.27 -33.30
N GLY A 1824 59.49 -76.28 -32.42
CA GLY A 1824 58.25 -76.63 -31.76
C GLY A 1824 58.39 -76.52 -30.26
N SER A 1825 57.24 -76.55 -29.58
CA SER A 1825 57.22 -76.39 -28.13
C SER A 1825 57.66 -77.68 -27.46
N VAL A 1826 58.56 -77.55 -26.48
CA VAL A 1826 59.00 -78.69 -25.69
C VAL A 1826 57.98 -78.93 -24.57
N GLU A 1827 57.97 -80.16 -24.04
CA GLU A 1827 57.04 -80.53 -22.98
C GLU A 1827 57.34 -79.80 -21.67
N GLY A 1828 56.54 -78.77 -21.38
CA GLY A 1828 56.71 -77.98 -20.19
C GLY A 1828 55.36 -77.49 -19.67
N SER A 1829 55.42 -76.82 -18.54
CA SER A 1829 54.21 -76.26 -17.94
C SER A 1829 54.38 -74.76 -17.72
N PRO A 1830 53.27 -74.01 -17.73
CA PRO A 1830 53.34 -72.59 -17.36
C PRO A 1830 53.87 -72.33 -15.96
N GLU A 1831 53.52 -73.19 -14.99
CA GLU A 1831 53.89 -72.95 -13.60
C GLU A 1831 55.38 -73.16 -13.37
N GLU A 1832 55.96 -74.20 -13.98
CA GLU A 1832 57.38 -74.46 -13.77
C GLU A 1832 58.24 -73.46 -14.56
N CYS A 1833 57.76 -73.00 -15.71
CA CYS A 1833 58.41 -71.90 -16.42
C CYS A 1833 58.37 -70.61 -15.62
N LEU A 1834 57.23 -70.34 -14.98
CA LEU A 1834 57.12 -69.18 -14.08
C LEU A 1834 58.06 -69.32 -12.90
N GLN A 1835 58.21 -70.54 -12.37
CA GLN A 1835 59.15 -70.79 -11.27
C GLN A 1835 60.59 -70.51 -11.69
N HIS A 1836 60.97 -70.95 -12.90
CA HIS A 1836 62.31 -70.68 -13.43
C HIS A 1836 62.55 -69.19 -13.62
N PHE A 1837 61.58 -68.49 -14.21
CA PHE A 1837 61.77 -67.07 -14.46
C PHE A 1837 61.71 -66.22 -13.18
N LEU A 1838 61.03 -66.69 -12.14
CA LEU A 1838 61.11 -66.02 -10.84
C LEU A 1838 62.41 -66.32 -10.11
N ILE A 1839 62.95 -67.54 -10.21
CA ILE A 1839 64.20 -67.80 -9.50
C ILE A 1839 65.43 -67.32 -10.26
N TYR A 1840 65.28 -66.94 -11.53
CA TYR A 1840 66.41 -66.48 -12.32
C TYR A 1840 66.34 -64.99 -12.65
N CYS A 1841 65.61 -64.19 -11.87
CA CYS A 1841 65.46 -62.78 -12.15
C CYS A 1841 66.12 -61.86 -11.11
N GLY A 1842 66.30 -62.33 -9.88
CA GLY A 1842 66.96 -61.53 -8.86
C GLY A 1842 66.04 -60.75 -7.95
N LEU A 1843 65.14 -59.94 -8.51
CA LEU A 1843 64.20 -59.18 -7.69
C LEU A 1843 63.12 -60.09 -7.13
N ILE A 1844 62.57 -59.68 -5.99
CA ILE A 1844 61.73 -60.58 -5.20
C ILE A 1844 60.25 -60.33 -5.43
N ASN A 1845 59.89 -59.16 -5.97
CA ASN A 1845 58.50 -58.81 -6.26
C ASN A 1845 58.41 -58.13 -7.62
N PRO A 1846 58.41 -58.91 -8.70
CA PRO A 1846 58.30 -58.30 -10.02
C PRO A 1846 56.86 -58.18 -10.51
N SER A 1847 56.66 -57.23 -11.41
CA SER A 1847 55.42 -57.15 -12.16
C SER A 1847 55.54 -58.04 -13.39
N TRP A 1848 54.55 -58.03 -14.28
CA TRP A 1848 54.65 -58.79 -15.51
C TRP A 1848 55.48 -58.11 -16.58
N SER A 1849 55.80 -56.83 -16.41
CA SER A 1849 56.61 -56.11 -17.39
C SER A 1849 58.06 -56.59 -17.37
N GLU A 1850 58.65 -56.68 -16.17
CA GLU A 1850 60.06 -57.03 -16.01
C GLU A 1850 60.33 -58.46 -16.44
N LEU A 1851 59.41 -59.37 -16.13
CA LEU A 1851 59.59 -60.77 -16.48
C LEU A 1851 59.52 -61.01 -17.98
N ARG A 1852 58.73 -60.22 -18.69
CA ARG A 1852 58.68 -60.26 -20.15
C ARG A 1852 59.89 -59.57 -20.77
N ASN A 1853 60.36 -58.48 -20.14
CA ASN A 1853 61.55 -57.77 -20.58
C ASN A 1853 62.78 -58.66 -20.52
N PHE A 1854 62.91 -59.40 -19.43
CA PHE A 1854 63.98 -60.38 -19.21
C PHE A 1854 63.96 -61.45 -20.29
N ALA A 1855 62.76 -61.92 -20.63
CA ALA A 1855 62.63 -62.99 -21.62
C ALA A 1855 62.98 -62.52 -23.02
N TRP A 1856 62.53 -61.31 -23.41
CA TRP A 1856 62.91 -60.80 -24.72
C TRP A 1856 64.39 -60.46 -24.80
N PHE A 1857 64.97 -59.97 -23.70
CA PHE A 1857 66.40 -59.70 -23.65
C PHE A 1857 67.22 -60.97 -23.84
N LEU A 1858 66.81 -62.04 -23.16
CA LEU A 1858 67.49 -63.32 -23.29
C LEU A 1858 67.27 -63.92 -24.67
N ASN A 1859 66.10 -63.70 -25.28
CA ASN A 1859 65.85 -64.11 -26.66
C ASN A 1859 66.81 -63.41 -27.61
N CYS A 1860 66.99 -62.10 -27.45
CA CYS A 1860 67.85 -61.34 -28.37
C CYS A 1860 69.31 -61.74 -28.24
N GLN A 1861 69.80 -61.91 -27.00
CA GLN A 1861 71.19 -62.34 -26.85
C GLN A 1861 71.41 -63.79 -27.28
N LEU A 1862 70.46 -64.69 -27.03
CA LEU A 1862 70.67 -66.05 -27.51
C LEU A 1862 70.49 -66.18 -29.02
N LYS A 1863 69.69 -65.30 -29.65
CA LYS A 1863 69.64 -65.28 -31.10
C LYS A 1863 70.93 -64.73 -31.69
N ASP A 1864 71.54 -63.75 -31.01
CA ASP A 1864 72.86 -63.27 -31.44
C ASP A 1864 73.93 -64.34 -31.24
N CYS A 1865 73.79 -65.18 -30.21
CA CYS A 1865 74.71 -66.29 -30.03
C CYS A 1865 74.51 -67.37 -31.10
N GLU A 1866 73.26 -67.68 -31.43
CA GLU A 1866 72.98 -68.72 -32.42
C GLU A 1866 73.32 -68.25 -33.84
N ALA A 1867 73.28 -66.95 -34.09
CA ALA A 1867 73.62 -66.43 -35.41
C ALA A 1867 75.12 -66.50 -35.70
N SER A 1868 75.96 -66.63 -34.68
CA SER A 1868 77.38 -66.77 -34.86
C SER A 1868 77.74 -68.22 -35.19
N ILE A 1869 79.00 -68.43 -35.59
CA ILE A 1869 79.49 -69.74 -35.98
C ILE A 1869 80.30 -70.35 -34.85
N PHE A 1870 80.11 -69.83 -33.63
CA PHE A 1870 80.88 -70.30 -32.48
C PHE A 1870 80.47 -71.70 -32.06
N CYS A 1871 79.18 -72.03 -32.16
CA CYS A 1871 78.75 -73.41 -31.97
C CYS A 1871 79.27 -74.29 -33.10
N LYS A 1872 79.29 -73.76 -34.33
CA LYS A 1872 79.87 -74.49 -35.46
C LYS A 1872 81.37 -74.67 -35.29
N SER A 1873 82.05 -73.63 -34.77
CA SER A 1873 83.49 -73.76 -34.50
C SER A 1873 83.77 -74.76 -33.40
N ALA A 1874 82.91 -74.81 -32.37
CA ALA A 1874 83.05 -75.82 -31.33
C ALA A 1874 82.78 -77.22 -31.85
N PHE A 1875 81.86 -77.35 -32.81
CA PHE A 1875 81.60 -78.64 -33.43
C PHE A 1875 82.78 -79.09 -34.30
N THR A 1876 83.37 -78.16 -35.06
CA THR A 1876 84.46 -78.51 -35.96
C THR A 1876 85.81 -78.57 -35.28
N GLY A 1877 85.95 -78.05 -34.06
CA GLY A 1877 87.23 -78.09 -33.37
C GLY A 1877 87.28 -79.09 -32.24
N ASP A 1878 86.11 -79.39 -31.67
CA ASP A 1878 85.81 -80.42 -30.68
C ASP A 1878 86.40 -80.15 -29.30
N THR A 1879 87.21 -79.09 -29.11
CA THR A 1879 87.64 -78.65 -27.78
C THR A 1879 87.36 -77.16 -27.68
N LEU A 1880 86.10 -76.82 -27.42
CA LEU A 1880 85.70 -75.47 -27.08
C LEU A 1880 84.55 -75.43 -26.08
N ARG A 1881 84.11 -76.58 -25.56
CA ARG A 1881 82.84 -76.66 -24.87
C ARG A 1881 82.92 -76.09 -23.46
N GLY A 1882 81.76 -76.01 -22.81
CA GLY A 1882 81.61 -75.21 -21.63
C GLY A 1882 81.40 -73.74 -21.89
N PHE A 1883 81.30 -73.34 -23.16
CA PHE A 1883 81.15 -71.93 -23.50
C PHE A 1883 79.75 -71.42 -23.17
N LYS A 1884 78.72 -72.18 -23.55
CA LYS A 1884 77.35 -71.70 -23.44
C LYS A 1884 76.88 -71.57 -21.99
N ASN A 1885 77.48 -72.32 -21.06
CA ASN A 1885 77.21 -72.12 -19.64
C ASN A 1885 77.66 -70.74 -19.19
N PHE A 1886 78.88 -70.35 -19.58
CA PHE A 1886 79.33 -68.98 -19.33
C PHE A 1886 78.48 -67.96 -20.07
N VAL A 1887 77.99 -68.30 -21.27
CA VAL A 1887 77.13 -67.39 -22.02
C VAL A 1887 75.87 -67.10 -21.24
N VAL A 1888 75.15 -68.14 -20.82
CA VAL A 1888 73.86 -67.93 -20.15
C VAL A 1888 74.06 -67.33 -18.75
N THR A 1889 75.18 -67.68 -18.08
CA THR A 1889 75.44 -67.10 -16.76
C THR A 1889 75.76 -65.60 -16.85
N PHE A 1890 76.58 -65.23 -17.83
CA PHE A 1890 76.85 -63.82 -18.04
C PHE A 1890 75.63 -63.09 -18.57
N MET A 1891 74.70 -63.77 -19.24
CA MET A 1891 73.51 -63.03 -19.64
C MET A 1891 72.54 -62.84 -18.50
N ILE A 1892 72.53 -63.76 -17.52
CA ILE A 1892 71.81 -63.52 -16.28
C ILE A 1892 72.36 -62.30 -15.55
N LEU A 1893 73.70 -62.19 -15.48
CA LEU A 1893 74.33 -61.00 -14.91
C LEU A 1893 74.00 -59.74 -15.71
N MET A 1894 74.00 -59.87 -17.03
CA MET A 1894 73.73 -58.75 -17.94
C MET A 1894 72.30 -58.25 -17.79
N ALA A 1895 71.34 -59.17 -17.67
CA ALA A 1895 69.96 -58.81 -17.50
C ALA A 1895 69.66 -58.29 -16.11
N ARG A 1896 70.42 -58.74 -15.10
CA ARG A 1896 70.35 -58.11 -13.79
C ARG A 1896 70.90 -56.69 -13.85
N ASP A 1897 71.88 -56.44 -14.71
CA ASP A 1897 72.39 -55.08 -14.90
C ASP A 1897 71.34 -54.19 -15.58
N PHE A 1898 70.66 -54.70 -16.60
CA PHE A 1898 69.72 -53.86 -17.34
C PHE A 1898 68.38 -53.70 -16.64
N ALA A 1899 67.63 -54.79 -16.50
CA ALA A 1899 66.20 -54.71 -16.21
C ALA A 1899 65.85 -55.10 -14.78
N THR A 1900 66.69 -54.73 -13.81
CA THR A 1900 66.38 -54.98 -12.40
C THR A 1900 66.83 -53.80 -11.55
N PRO A 1901 65.97 -52.81 -11.36
CA PRO A 1901 66.19 -51.82 -10.32
C PRO A 1901 65.71 -52.34 -8.96
N THR A 1902 66.05 -51.59 -7.91
CA THR A 1902 65.74 -51.89 -6.51
C THR A 1902 66.19 -53.28 -6.07
N GLU A 1922 62.43 -37.82 1.10
CA GLU A 1922 61.09 -37.30 1.38
C GLU A 1922 60.07 -38.42 1.18
N GLU A 1923 59.08 -38.49 2.07
CA GLU A 1923 58.18 -39.64 2.11
C GLU A 1923 57.19 -39.67 0.95
N ASP A 1924 56.95 -38.55 0.29
CA ASP A 1924 56.10 -38.53 -0.89
C ASP A 1924 56.90 -38.52 -2.19
N LEU A 1925 58.21 -38.30 -2.13
CA LEU A 1925 59.10 -38.45 -3.27
C LEU A 1925 59.87 -39.77 -3.23
N ALA A 1926 59.50 -40.66 -2.30
CA ALA A 1926 60.22 -41.93 -2.14
C ALA A 1926 60.19 -42.86 -3.36
N PRO A 1927 59.08 -43.08 -4.08
CA PRO A 1927 59.20 -43.90 -5.31
C PRO A 1927 59.88 -43.20 -6.47
N PHE A 1928 60.11 -41.89 -6.38
CA PHE A 1928 60.73 -41.13 -7.46
C PHE A 1928 62.19 -40.77 -7.17
N SER A 1929 62.45 -40.09 -6.05
CA SER A 1929 63.77 -39.53 -5.79
C SER A 1929 64.78 -40.59 -5.38
N LEU A 1930 64.33 -41.69 -4.78
CA LEU A 1930 65.24 -42.71 -4.25
C LEU A 1930 65.77 -43.51 -5.43
N ARG A 1931 66.94 -43.08 -5.93
CA ARG A 1931 67.61 -43.78 -7.02
C ARG A 1931 68.51 -44.86 -6.43
N LYS A 1932 68.18 -46.12 -6.71
CA LYS A 1932 68.91 -47.23 -6.10
C LYS A 1932 70.30 -47.39 -6.71
N ARG A 1933 70.45 -47.12 -8.01
CA ARG A 1933 71.73 -47.25 -8.66
C ARG A 1933 71.96 -46.08 -9.60
N TRP A 1934 73.24 -45.80 -9.85
CA TRP A 1934 73.68 -44.72 -10.73
C TRP A 1934 74.57 -45.31 -11.83
N GLU A 1935 75.18 -44.43 -12.62
CA GLU A 1935 76.21 -44.86 -13.55
C GLU A 1935 77.52 -45.15 -12.83
N SER A 1936 77.67 -44.66 -11.59
CA SER A 1936 78.83 -44.98 -10.75
C SER A 1936 78.62 -46.36 -10.10
N GLU A 1937 78.63 -47.37 -10.96
CA GLU A 1937 78.31 -48.76 -10.67
C GLU A 1937 78.83 -49.57 -11.85
N PRO A 1938 79.47 -50.72 -11.64
CA PRO A 1938 80.00 -51.49 -12.77
C PRO A 1938 78.89 -52.11 -13.60
N HIS A 1939 78.97 -51.88 -14.92
CA HIS A 1939 78.05 -52.46 -15.90
C HIS A 1939 78.89 -53.31 -16.85
N PRO A 1940 79.08 -54.59 -16.56
CA PRO A 1940 79.78 -55.48 -17.50
C PRO A 1940 78.94 -55.73 -18.73
N TYR A 1941 79.40 -55.23 -19.87
CA TYR A 1941 78.68 -55.31 -21.13
C TYR A 1941 79.36 -56.31 -22.05
N VAL A 1942 78.56 -57.18 -22.67
CA VAL A 1942 79.05 -58.08 -23.70
C VAL A 1942 78.08 -57.99 -24.88
N PHE A 1943 78.64 -58.06 -26.09
CA PHE A 1943 77.86 -57.94 -27.31
C PHE A 1943 78.36 -58.93 -28.34
N PHE A 1944 77.45 -59.42 -29.17
CA PHE A 1944 77.77 -60.36 -30.23
C PHE A 1944 77.60 -59.66 -31.57
N ASN A 1945 78.65 -59.70 -32.39
CA ASN A 1945 78.59 -59.06 -33.70
C ASN A 1945 77.75 -59.90 -34.65
N GLY A 1946 76.88 -59.25 -35.41
CA GLY A 1946 75.98 -59.95 -36.30
C GLY A 1946 76.63 -60.50 -37.54
N ASP A 1947 77.13 -59.60 -38.40
CA ASP A 1947 77.73 -60.02 -39.66
C ASP A 1947 79.10 -60.64 -39.43
N HIS A 1948 79.92 -60.03 -38.57
CA HIS A 1948 81.25 -60.52 -38.31
C HIS A 1948 81.18 -61.50 -37.12
N MET A 1949 82.14 -62.42 -37.06
CA MET A 1949 81.97 -63.59 -36.21
C MET A 1949 82.92 -63.61 -35.02
N THR A 1950 83.08 -62.48 -34.32
CA THR A 1950 83.80 -62.44 -33.06
C THR A 1950 82.93 -61.79 -32.00
N MET A 1951 83.50 -61.66 -30.79
CA MET A 1951 82.83 -61.06 -29.65
C MET A 1951 83.56 -59.80 -29.22
N THR A 1952 83.08 -59.20 -28.13
CA THR A 1952 83.71 -58.04 -27.53
C THR A 1952 83.43 -58.01 -26.04
N PHE A 1953 84.22 -57.21 -25.32
CA PHE A 1953 84.08 -57.08 -23.87
C PHE A 1953 84.36 -55.63 -23.48
N ILE A 1954 83.33 -54.94 -23.00
CA ILE A 1954 83.45 -53.54 -22.59
C ILE A 1954 82.97 -53.43 -21.15
N GLY A 1955 83.80 -52.84 -20.29
CA GLY A 1955 83.39 -52.46 -18.95
C GLY A 1955 83.95 -53.30 -17.82
N PHE A 1956 84.63 -54.40 -18.11
CA PHE A 1956 85.15 -55.25 -17.05
C PHE A 1956 86.43 -55.94 -17.52
N HIS A 1957 87.22 -56.38 -16.55
CA HIS A 1957 88.53 -56.98 -16.80
C HIS A 1957 88.59 -58.37 -16.18
N LEU A 1958 89.50 -59.19 -16.72
CA LEU A 1958 89.67 -60.56 -16.26
C LEU A 1958 91.07 -60.74 -15.67
N GLU A 1959 91.13 -61.28 -14.45
CA GLU A 1959 92.39 -61.54 -13.75
C GLU A 1959 92.35 -62.92 -13.13
N THR A 1960 93.54 -63.49 -12.93
CA THR A 1960 93.68 -64.86 -12.46
C THR A 1960 93.30 -64.99 -11.00
N ASN A 1961 92.49 -66.01 -10.69
CA ASN A 1961 92.15 -66.35 -9.32
C ASN A 1961 93.02 -67.51 -8.83
N ASN A 1962 93.20 -67.57 -7.51
CA ASN A 1962 94.09 -68.57 -6.92
C ASN A 1962 93.45 -69.94 -6.79
N ASN A 1963 92.16 -70.07 -7.06
CA ASN A 1963 91.48 -71.36 -7.04
C ASN A 1963 91.51 -72.08 -8.38
N GLY A 1964 92.24 -71.55 -9.36
CA GLY A 1964 92.31 -72.13 -10.68
C GLY A 1964 91.34 -71.58 -11.70
N TYR A 1965 90.65 -70.50 -11.39
CA TYR A 1965 89.65 -69.87 -12.26
C TYR A 1965 90.05 -68.43 -12.55
N VAL A 1966 89.13 -67.71 -13.22
CA VAL A 1966 89.31 -66.30 -13.55
C VAL A 1966 88.09 -65.54 -13.06
N ASP A 1967 88.32 -64.50 -12.27
CA ASP A 1967 87.26 -63.62 -11.77
C ASP A 1967 87.18 -62.36 -12.62
N ALA A 1968 86.10 -61.60 -12.43
CA ALA A 1968 85.85 -60.36 -13.15
C ALA A 1968 85.93 -59.18 -12.19
N ILE A 1969 86.53 -58.09 -12.65
CA ILE A 1969 86.69 -56.89 -11.85
C ILE A 1969 86.24 -55.69 -12.67
N ASN A 1970 85.89 -54.61 -12.00
CA ASN A 1970 85.72 -53.30 -12.62
C ASN A 1970 87.00 -52.49 -12.49
N PRO A 1971 87.25 -51.55 -13.39
CA PRO A 1971 88.46 -50.71 -13.27
C PRO A 1971 88.39 -49.75 -12.08
N SER A 1972 89.57 -49.22 -11.75
CA SER A 1972 89.83 -48.14 -10.78
C SER A 1972 89.60 -48.53 -9.32
N ASN A 1973 89.14 -49.75 -9.06
CA ASN A 1973 88.98 -50.25 -7.70
C ASN A 1973 88.97 -51.78 -7.75
N GLY A 1974 88.84 -52.39 -6.57
CA GLY A 1974 88.86 -53.83 -6.47
C GLY A 1974 87.54 -54.44 -6.02
N LYS A 1975 86.89 -55.20 -6.91
CA LYS A 1975 85.63 -55.85 -6.60
C LYS A 1975 85.66 -57.27 -7.16
N VAL A 1976 85.21 -58.23 -6.34
CA VAL A 1976 85.54 -59.64 -6.51
C VAL A 1976 84.20 -60.33 -6.80
N ILE A 1977 83.32 -59.63 -7.53
CA ILE A 1977 81.98 -60.15 -7.77
C ILE A 1977 82.02 -61.28 -8.80
N LYS A 1978 81.01 -62.15 -8.72
CA LYS A 1978 80.69 -63.21 -9.69
C LYS A 1978 81.86 -64.20 -9.83
N LYS A 1979 82.12 -64.90 -8.72
CA LYS A 1979 83.20 -65.87 -8.68
C LYS A 1979 82.75 -67.20 -9.29
N ASP A 1980 83.75 -67.99 -9.70
CA ASP A 1980 83.64 -69.40 -10.10
C ASP A 1980 82.69 -69.57 -11.30
N VAL A 1981 83.15 -69.02 -12.43
CA VAL A 1981 82.32 -68.99 -13.64
C VAL A 1981 82.69 -70.10 -14.64
N MET A 1982 83.97 -70.31 -14.94
CA MET A 1982 84.36 -71.22 -16.03
C MET A 1982 85.82 -71.60 -15.91
N THR A 1983 86.24 -72.51 -16.79
CA THR A 1983 87.50 -73.26 -16.70
C THR A 1983 88.58 -72.68 -17.61
N LYS A 1984 89.69 -73.43 -17.76
CA LYS A 1984 90.87 -72.95 -18.46
C LYS A 1984 90.90 -73.32 -19.94
N GLU A 1985 90.24 -74.43 -20.33
CA GLU A 1985 90.29 -74.87 -21.72
C GLU A 1985 89.54 -73.91 -22.64
N LEU A 1986 88.53 -73.23 -22.12
CA LEU A 1986 87.86 -72.20 -22.91
C LEU A 1986 88.79 -71.00 -23.13
N PHE A 1987 89.60 -70.64 -22.11
CA PHE A 1987 90.62 -69.62 -22.30
C PHE A 1987 91.68 -70.04 -23.32
N ASP A 1988 92.07 -71.32 -23.31
CA ASP A 1988 92.99 -71.81 -24.34
C ASP A 1988 92.39 -71.70 -25.73
N GLY A 1989 91.09 -72.03 -25.85
CA GLY A 1989 90.42 -71.92 -27.13
C GLY A 1989 90.29 -70.49 -27.63
N LEU A 1990 89.90 -69.56 -26.75
CA LEU A 1990 89.73 -68.18 -27.18
C LEU A 1990 91.05 -67.43 -27.32
N ARG A 1991 92.10 -67.84 -26.60
CA ARG A 1991 93.43 -67.32 -26.88
C ARG A 1991 93.94 -67.83 -28.21
N LEU A 1992 93.57 -69.06 -28.57
CA LEU A 1992 93.86 -69.56 -29.91
C LEU A 1992 93.03 -68.84 -30.96
N GLN A 1993 91.79 -68.47 -30.63
CA GLN A 1993 90.86 -67.88 -31.58
C GLN A 1993 90.99 -66.37 -31.69
N ARG A 1994 91.78 -65.73 -30.82
CA ARG A 1994 92.13 -64.30 -30.87
C ARG A 1994 90.88 -63.41 -30.79
N VAL A 1995 90.24 -63.44 -29.63
CA VAL A 1995 89.13 -62.54 -29.34
C VAL A 1995 89.67 -61.35 -28.55
N PRO A 1996 89.03 -60.18 -28.58
CA PRO A 1996 89.56 -59.04 -27.80
C PRO A 1996 89.16 -59.07 -26.33
N PHE A 1997 89.91 -59.79 -25.51
CA PHE A 1997 89.63 -59.87 -24.08
C PHE A 1997 90.53 -58.92 -23.30
N ASN A 1998 89.96 -58.32 -22.25
CA ASN A 1998 90.69 -57.58 -21.20
C ASN A 1998 91.50 -56.41 -21.78
N ILE A 1999 90.78 -55.46 -22.38
CA ILE A 1999 91.39 -54.25 -22.93
C ILE A 1999 90.78 -53.05 -22.22
N ASP A 2000 91.65 -52.17 -21.72
CA ASP A 2000 91.20 -50.98 -21.02
C ASP A 2000 91.17 -49.82 -22.01
N PHE A 2001 90.01 -49.16 -22.14
CA PHE A 2001 89.78 -48.18 -23.19
C PHE A 2001 90.22 -46.78 -22.80
N ASP A 2002 91.17 -46.64 -21.87
CA ASP A 2002 91.70 -45.33 -21.53
C ASP A 2002 92.79 -44.88 -22.50
N ASN A 2003 93.56 -45.82 -23.06
CA ASN A 2003 94.72 -45.49 -23.88
C ASN A 2003 94.55 -45.97 -25.33
N LEU A 2004 93.34 -45.92 -25.87
CA LEU A 2004 93.15 -46.25 -27.27
C LEU A 2004 92.92 -44.99 -28.10
N PRO A 2005 93.37 -44.96 -29.36
CA PRO A 2005 93.10 -43.80 -30.22
C PRO A 2005 91.67 -43.77 -30.71
N ARG A 2006 91.34 -42.73 -31.50
CA ARG A 2006 89.95 -42.50 -31.90
C ARG A 2006 89.49 -43.52 -32.94
N TYR A 2007 90.34 -43.83 -33.92
CA TYR A 2007 89.96 -44.76 -34.97
C TYR A 2007 89.78 -46.18 -34.44
N GLU A 2008 90.59 -46.58 -33.45
CA GLU A 2008 90.46 -47.92 -32.89
C GLU A 2008 89.17 -48.09 -32.09
N LYS A 2009 88.77 -47.08 -31.31
CA LYS A 2009 87.53 -47.20 -30.55
C LYS A 2009 86.31 -47.05 -31.44
N LEU A 2010 86.39 -46.23 -32.50
CA LEU A 2010 85.28 -46.21 -33.46
C LEU A 2010 85.19 -47.50 -34.26
N GLU A 2011 86.32 -48.17 -34.52
CA GLU A 2011 86.27 -49.49 -35.15
C GLU A 2011 85.68 -50.54 -34.20
N ARG A 2012 85.98 -50.42 -32.90
CA ARG A 2012 85.37 -51.30 -31.91
C ARG A 2012 83.85 -51.08 -31.84
N LEU A 2013 83.42 -49.81 -31.95
CA LEU A 2013 81.98 -49.53 -31.98
C LEU A 2013 81.32 -50.07 -33.24
N CYS A 2014 81.95 -49.88 -34.41
CA CYS A 2014 81.32 -50.32 -35.66
C CYS A 2014 81.30 -51.84 -35.76
N LEU A 2015 82.26 -52.52 -35.12
CA LEU A 2015 82.12 -53.96 -34.94
C LEU A 2015 81.01 -54.28 -33.94
N ALA A 2016 80.86 -53.46 -32.90
CA ALA A 2016 79.85 -53.75 -31.88
C ALA A 2016 78.44 -53.48 -32.37
N LEU A 2017 78.22 -52.35 -33.04
CA LEU A 2017 76.88 -51.96 -33.46
C LEU A 2017 76.45 -52.61 -34.77
N GLY A 2018 77.33 -53.33 -35.44
CA GLY A 2018 77.02 -53.91 -36.73
C GLY A 2018 77.17 -52.98 -37.91
N ILE A 2019 77.69 -51.77 -37.68
CA ILE A 2019 77.83 -50.79 -38.75
C ILE A 2019 79.03 -51.15 -39.61
N GLU A 2020 78.79 -51.25 -40.92
CA GLU A 2020 79.83 -51.58 -41.88
C GLU A 2020 80.40 -50.31 -42.49
N TRP A 2021 81.73 -50.29 -42.71
CA TRP A 2021 82.50 -49.21 -43.34
C TRP A 2021 82.33 -47.90 -42.58
N PRO A 2022 82.92 -47.76 -41.39
CA PRO A 2022 82.63 -46.60 -40.54
C PRO A 2022 83.22 -45.31 -41.08
N ILE A 2023 82.44 -44.24 -40.97
CA ILE A 2023 82.89 -42.88 -41.21
C ILE A 2023 82.71 -42.12 -39.91
N ASP A 2024 83.75 -41.41 -39.48
CA ASP A 2024 83.70 -40.68 -38.23
C ASP A 2024 82.79 -39.47 -38.39
N PRO A 2025 81.66 -39.40 -37.67
CA PRO A 2025 80.68 -38.33 -37.95
C PRO A 2025 81.04 -37.00 -37.32
N ASP A 2026 81.72 -37.02 -36.17
CA ASP A 2026 82.05 -35.78 -35.46
C ASP A 2026 83.26 -36.06 -34.58
N GLU A 2027 84.38 -35.42 -34.88
CA GLU A 2027 85.56 -35.52 -34.03
C GLU A 2027 85.51 -34.57 -32.84
N THR A 2028 84.56 -33.64 -32.81
CA THR A 2028 84.44 -32.73 -31.67
C THR A 2028 83.82 -33.43 -30.47
N TYR A 2029 83.07 -34.51 -30.71
CA TYR A 2029 82.55 -35.33 -29.63
C TYR A 2029 83.67 -36.19 -29.04
N GLU A 2030 84.12 -35.85 -27.84
CA GLU A 2030 85.14 -36.63 -27.15
C GLU A 2030 84.46 -37.84 -26.52
N LEU A 2031 84.90 -39.03 -26.92
CA LEU A 2031 84.23 -40.26 -26.51
C LEU A 2031 84.95 -40.90 -25.33
N THR A 2032 84.43 -40.67 -24.13
CA THR A 2032 84.97 -41.30 -22.93
C THR A 2032 84.38 -42.71 -22.78
N THR A 2033 84.73 -43.41 -21.71
CA THR A 2033 84.18 -44.75 -21.52
C THR A 2033 82.72 -44.71 -21.09
N ASP A 2034 82.30 -43.67 -20.36
CA ASP A 2034 80.89 -43.53 -20.00
C ASP A 2034 80.04 -43.21 -21.23
N ASN A 2035 80.59 -42.41 -22.14
CA ASN A 2035 79.90 -42.02 -23.36
C ASN A 2035 79.87 -43.12 -24.41
N MET A 2036 80.50 -44.27 -24.17
CA MET A 2036 80.28 -45.46 -24.98
C MET A 2036 79.50 -46.55 -24.25
N LEU A 2037 79.57 -46.61 -22.91
CA LEU A 2037 78.65 -47.45 -22.16
C LEU A 2037 77.20 -47.01 -22.38
N LYS A 2038 76.96 -45.70 -22.36
CA LYS A 2038 75.62 -45.18 -22.62
C LYS A 2038 75.15 -45.47 -24.03
N ILE A 2039 76.06 -45.36 -25.02
CA ILE A 2039 75.74 -45.69 -26.42
C ILE A 2039 75.31 -47.15 -26.53
N LEU A 2040 76.11 -48.06 -25.95
CA LEU A 2040 75.82 -49.49 -26.09
C LEU A 2040 74.53 -49.88 -25.38
N ALA A 2041 74.31 -49.33 -24.18
CA ALA A 2041 73.10 -49.60 -23.42
C ALA A 2041 71.86 -49.09 -24.15
N ILE A 2042 71.93 -47.87 -24.69
CA ILE A 2042 70.79 -47.28 -25.40
C ILE A 2042 70.48 -48.06 -26.68
N GLU A 2043 71.52 -48.43 -27.45
CA GLU A 2043 71.25 -49.09 -28.73
C GLU A 2043 70.71 -50.49 -28.52
N MET A 2044 71.17 -51.22 -27.50
CA MET A 2044 70.56 -52.54 -27.35
C MET A 2044 69.18 -52.42 -26.70
N ARG A 2045 68.96 -51.38 -25.88
CA ARG A 2045 67.63 -51.15 -25.32
C ARG A 2045 66.58 -50.88 -26.40
N PHE A 2046 66.92 -50.14 -27.45
CA PHE A 2046 65.96 -50.08 -28.55
C PHE A 2046 66.19 -51.13 -29.63
N ARG A 2047 67.18 -52.02 -29.47
CA ARG A 2047 67.31 -53.14 -30.39
C ARG A 2047 66.45 -54.33 -30.00
N CYS A 2048 66.47 -54.73 -28.72
CA CYS A 2048 65.78 -55.93 -28.30
C CYS A 2048 64.29 -55.73 -28.01
N GLY A 2049 63.90 -54.57 -27.48
CA GLY A 2049 62.49 -54.31 -27.27
C GLY A 2049 62.10 -53.66 -25.95
N ILE A 2050 63.08 -53.31 -25.13
CA ILE A 2050 62.78 -52.58 -23.89
C ILE A 2050 62.39 -51.15 -24.22
N PRO A 2051 61.41 -50.57 -23.55
CA PRO A 2051 61.21 -49.11 -23.66
C PRO A 2051 62.41 -48.36 -23.10
N VAL A 2052 62.76 -47.25 -23.76
CA VAL A 2052 63.93 -46.47 -23.41
C VAL A 2052 63.46 -45.18 -22.76
N ILE A 2053 63.78 -45.01 -21.48
CA ILE A 2053 63.48 -43.79 -20.75
C ILE A 2053 64.74 -43.37 -19.99
N ILE A 2054 65.07 -42.09 -20.06
CA ILE A 2054 66.30 -41.55 -19.49
C ILE A 2054 65.94 -40.69 -18.29
N MET A 2055 66.50 -41.02 -17.14
CA MET A 2055 66.41 -40.18 -15.95
C MET A 2055 67.73 -39.43 -15.85
N GLY A 2056 67.70 -38.13 -16.10
CA GLY A 2056 68.92 -37.34 -16.06
C GLY A 2056 68.62 -35.88 -15.89
N GLU A 2057 69.62 -35.16 -15.41
CA GLU A 2057 69.49 -33.73 -15.12
C GLU A 2057 69.54 -32.93 -16.42
N THR A 2058 69.48 -31.60 -16.28
CA THR A 2058 69.60 -30.72 -17.44
C THR A 2058 71.03 -30.73 -17.99
N GLY A 2059 72.01 -30.71 -17.10
CA GLY A 2059 73.38 -30.47 -17.53
C GLY A 2059 74.04 -31.66 -18.20
N CYS A 2060 73.47 -32.85 -18.03
CA CYS A 2060 74.02 -34.03 -18.69
C CYS A 2060 73.73 -33.98 -20.18
N GLY A 2061 74.67 -34.47 -20.97
CA GLY A 2061 74.53 -34.44 -22.42
C GLY A 2061 73.80 -35.64 -22.98
N LYS A 2062 72.51 -35.49 -23.26
CA LYS A 2062 71.71 -36.55 -23.85
C LYS A 2062 71.33 -36.28 -25.30
N THR A 2063 71.01 -35.03 -25.63
CA THR A 2063 70.71 -34.67 -27.02
C THR A 2063 71.95 -34.82 -27.91
N ARG A 2064 73.10 -34.37 -27.43
CA ARG A 2064 74.35 -34.53 -28.17
C ARG A 2064 74.73 -36.01 -28.28
N LEU A 2065 74.44 -36.79 -27.24
CA LEU A 2065 74.71 -38.21 -27.23
C LEU A 2065 73.87 -38.96 -28.26
N ILE A 2066 72.56 -38.71 -28.29
CA ILE A 2066 71.70 -39.36 -29.27
C ILE A 2066 71.92 -38.80 -30.68
N LYS A 2067 72.39 -37.55 -30.80
CA LYS A 2067 72.77 -37.00 -32.09
C LYS A 2067 74.01 -37.72 -32.63
N PHE A 2068 74.98 -38.01 -31.75
CA PHE A 2068 76.15 -38.77 -32.16
C PHE A 2068 75.77 -40.18 -32.56
N LEU A 2069 74.83 -40.81 -31.84
CA LEU A 2069 74.38 -42.15 -32.22
C LEU A 2069 73.67 -42.14 -33.58
N SER A 2070 72.81 -41.15 -33.82
CA SER A 2070 72.10 -41.06 -35.09
C SER A 2070 73.05 -40.74 -36.25
N ASP A 2071 74.04 -39.88 -36.01
CA ASP A 2071 75.02 -39.54 -37.04
C ASP A 2071 75.93 -40.72 -37.35
N LEU A 2072 76.26 -41.53 -36.34
CA LEU A 2072 77.03 -42.73 -36.58
C LEU A 2072 76.20 -43.79 -37.32
N LYS A 2073 74.90 -43.84 -37.05
CA LYS A 2073 74.04 -44.81 -37.72
C LYS A 2073 73.82 -44.45 -39.18
N ARG A 2074 73.54 -43.17 -39.47
CA ARG A 2074 73.29 -42.79 -40.85
C ARG A 2074 74.58 -42.69 -41.67
N GLY A 2075 75.69 -42.34 -41.04
CA GLY A 2075 76.98 -42.34 -41.71
C GLY A 2075 77.23 -41.16 -42.61
N SER A 2076 76.64 -41.18 -43.81
CA SER A 2076 76.88 -40.13 -44.79
C SER A 2076 75.63 -39.69 -45.54
N VAL A 2077 74.48 -40.28 -45.29
CA VAL A 2077 73.25 -39.92 -46.00
C VAL A 2077 72.69 -38.64 -45.39
N GLU A 2078 72.25 -37.72 -46.25
CA GLU A 2078 71.75 -36.42 -45.82
C GLU A 2078 70.29 -36.44 -45.41
N ALA A 2079 69.67 -37.62 -45.29
CA ALA A 2079 68.27 -37.70 -44.88
C ALA A 2079 68.13 -37.36 -43.40
N GLU A 2080 66.91 -36.98 -43.02
CA GLU A 2080 66.61 -36.62 -41.64
C GLU A 2080 66.36 -37.91 -40.85
N THR A 2081 67.15 -38.12 -39.80
CA THR A 2081 67.05 -39.32 -38.97
C THR A 2081 66.60 -38.99 -37.56
N MET A 2082 67.30 -38.11 -36.86
CA MET A 2082 66.91 -37.72 -35.51
C MET A 2082 65.92 -36.56 -35.61
N LYS A 2083 64.78 -36.72 -34.93
CA LYS A 2083 63.78 -35.66 -34.84
C LYS A 2083 63.51 -35.38 -33.37
N LEU A 2084 63.98 -34.23 -32.89
CA LEU A 2084 63.76 -33.81 -31.51
C LEU A 2084 62.32 -33.34 -31.38
N VAL A 2085 61.65 -33.81 -30.35
CA VAL A 2085 60.32 -33.32 -29.97
C VAL A 2085 60.46 -32.64 -28.62
N LYS A 2086 60.29 -31.33 -28.59
CA LYS A 2086 60.35 -30.61 -27.34
C LYS A 2086 59.02 -30.71 -26.60
N VAL A 2087 59.09 -31.07 -25.32
CA VAL A 2087 57.93 -31.22 -24.46
C VAL A 2087 58.00 -30.15 -23.38
N HIS A 2088 57.06 -29.20 -23.41
CA HIS A 2088 57.09 -28.04 -22.53
C HIS A 2088 55.88 -28.10 -21.60
N GLY A 2089 55.71 -27.04 -20.82
CA GLY A 2089 54.69 -27.01 -19.79
C GLY A 2089 53.25 -26.97 -20.25
N GLY A 2090 53.03 -26.55 -21.49
CA GLY A 2090 51.68 -26.46 -22.01
C GLY A 2090 51.46 -27.30 -23.25
N THR A 2091 52.09 -28.47 -23.30
CA THR A 2091 51.98 -29.36 -24.46
C THR A 2091 50.71 -30.19 -24.32
N THR A 2092 49.72 -29.93 -25.18
CA THR A 2092 48.53 -30.76 -25.25
C THR A 2092 48.89 -32.14 -25.82
N PRO A 2093 48.11 -33.17 -25.50
CA PRO A 2093 48.37 -34.49 -26.11
C PRO A 2093 48.23 -34.53 -27.62
N SER A 2094 47.36 -33.71 -28.21
CA SER A 2094 47.02 -33.83 -29.63
C SER A 2094 48.23 -33.56 -30.53
N MET A 2095 49.05 -32.57 -30.17
CA MET A 2095 50.28 -32.35 -30.93
C MET A 2095 51.28 -33.48 -30.72
N ILE A 2096 51.23 -34.18 -29.58
CA ILE A 2096 52.11 -35.32 -29.37
C ILE A 2096 51.72 -36.48 -30.28
N TYR A 2097 50.42 -36.78 -30.39
CA TYR A 2097 50.02 -37.81 -31.36
C TYR A 2097 50.27 -37.38 -32.81
N SER A 2098 50.14 -36.08 -33.12
CA SER A 2098 50.45 -35.60 -34.47
C SER A 2098 51.94 -35.77 -34.80
N LYS A 2099 52.82 -35.45 -33.84
CA LYS A 2099 54.25 -35.58 -34.05
C LYS A 2099 54.67 -37.04 -34.15
N VAL A 2100 54.06 -37.92 -33.35
CA VAL A 2100 54.39 -39.34 -33.43
C VAL A 2100 53.88 -39.92 -34.76
N LYS A 2101 52.72 -39.47 -35.24
CA LYS A 2101 52.20 -39.93 -36.53
C LYS A 2101 53.08 -39.49 -37.70
N GLU A 2102 53.52 -38.22 -37.69
CA GLU A 2102 54.40 -37.78 -38.78
C GLU A 2102 55.79 -38.41 -38.66
N ALA A 2103 56.22 -38.76 -37.44
CA ALA A 2103 57.43 -39.55 -37.28
C ALA A 2103 57.26 -40.95 -37.85
N GLU A 2104 56.06 -41.54 -37.72
CA GLU A 2104 55.79 -42.82 -38.38
C GLU A 2104 55.87 -42.69 -39.90
N ARG A 2105 55.30 -41.62 -40.45
CA ARG A 2105 55.31 -41.43 -41.91
C ARG A 2105 56.73 -41.26 -42.43
N THR A 2106 57.54 -40.44 -41.75
CA THR A 2106 58.93 -40.30 -42.18
C THR A 2106 59.76 -41.54 -41.88
N ALA A 2107 59.33 -42.39 -40.92
CA ALA A 2107 60.02 -43.66 -40.70
C ALA A 2107 59.76 -44.64 -41.83
N PHE A 2108 58.50 -44.73 -42.28
CA PHE A 2108 58.20 -45.54 -43.46
C PHE A 2108 58.93 -45.02 -44.69
N SER A 2109 59.01 -43.69 -44.85
CA SER A 2109 59.71 -43.12 -46.00
C SER A 2109 61.21 -43.43 -45.95
N ASN A 2110 61.83 -43.29 -44.78
CA ASN A 2110 63.26 -43.51 -44.65
C ASN A 2110 63.63 -44.98 -44.83
N LYS A 2111 62.86 -45.90 -44.24
CA LYS A 2111 63.16 -47.31 -44.45
C LYS A 2111 62.76 -47.78 -45.85
N ALA A 2112 61.84 -47.08 -46.51
CA ALA A 2112 61.50 -47.46 -47.88
C ALA A 2112 62.58 -47.04 -48.87
N GLN A 2113 63.13 -45.83 -48.72
CA GLN A 2113 64.02 -45.31 -49.74
C GLN A 2113 65.51 -45.44 -49.40
N HIS A 2114 65.88 -45.56 -48.12
CA HIS A 2114 67.29 -45.59 -47.73
C HIS A 2114 67.67 -46.81 -46.90
N LYS A 2115 66.72 -47.67 -46.52
CA LYS A 2115 66.92 -48.83 -45.64
C LYS A 2115 67.56 -48.41 -44.31
N LEU A 2116 67.05 -47.32 -43.74
CA LEU A 2116 67.65 -46.67 -42.59
C LEU A 2116 66.58 -46.47 -41.52
N ASP A 2117 66.98 -46.65 -40.26
CA ASP A 2117 66.09 -46.54 -39.12
C ASP A 2117 66.25 -45.18 -38.46
N THR A 2118 65.14 -44.63 -37.97
CA THR A 2118 65.12 -43.30 -37.40
C THR A 2118 65.00 -43.35 -35.88
N ILE A 2119 65.26 -42.21 -35.25
CA ILE A 2119 65.20 -42.06 -33.80
C ILE A 2119 64.27 -40.91 -33.48
N LEU A 2120 63.23 -41.17 -32.68
CA LEU A 2120 62.33 -40.14 -32.20
C LEU A 2120 62.67 -39.84 -30.74
N PHE A 2121 62.89 -38.57 -30.43
CA PHE A 2121 63.42 -38.17 -29.13
C PHE A 2121 62.45 -37.23 -28.43
N PHE A 2122 62.18 -37.51 -27.15
CA PHE A 2122 61.33 -36.69 -26.29
C PHE A 2122 62.20 -36.09 -25.21
N ASP A 2123 62.35 -34.77 -25.20
CA ASP A 2123 63.24 -34.15 -24.23
C ASP A 2123 62.42 -33.34 -23.21
N GLU A 2124 62.90 -33.40 -21.95
CA GLU A 2124 62.18 -33.14 -20.70
C GLU A 2124 60.73 -33.61 -20.74
N ALA A 2125 60.51 -34.87 -21.09
CA ALA A 2125 59.17 -35.43 -21.25
C ALA A 2125 58.55 -35.82 -19.91
N ASN A 2126 58.48 -34.87 -18.98
CA ASN A 2126 57.92 -35.14 -17.67
C ASN A 2126 57.08 -33.99 -17.12
N THR A 2127 56.96 -32.87 -17.83
CA THR A 2127 56.32 -31.68 -17.30
C THR A 2127 54.80 -31.72 -17.49
N THR A 2128 54.31 -32.31 -18.58
CA THR A 2128 52.90 -32.28 -18.90
C THR A 2128 52.10 -33.23 -18.01
N GLU A 2129 50.78 -33.14 -18.16
CA GLU A 2129 49.87 -34.19 -17.69
C GLU A 2129 49.75 -35.31 -18.71
N ALA A 2130 50.32 -35.14 -19.91
CA ALA A 2130 50.31 -36.15 -20.96
C ALA A 2130 51.49 -37.11 -20.86
N VAL A 2131 52.10 -37.23 -19.68
CA VAL A 2131 53.13 -38.22 -19.44
C VAL A 2131 52.56 -39.64 -19.53
N SER A 2132 51.26 -39.79 -19.28
CA SER A 2132 50.61 -41.08 -19.52
C SER A 2132 50.52 -41.40 -21.00
N CYS A 2133 50.27 -40.39 -21.85
CA CYS A 2133 50.30 -40.61 -23.29
C CYS A 2133 51.72 -40.87 -23.77
N ILE A 2134 52.71 -40.24 -23.12
CA ILE A 2134 54.11 -40.54 -23.38
C ILE A 2134 54.42 -41.99 -23.06
N LYS A 2135 53.88 -42.50 -21.94
CA LYS A 2135 53.97 -43.92 -21.61
C LYS A 2135 53.23 -44.78 -22.64
N GLU A 2136 52.11 -44.27 -23.15
CA GLU A 2136 51.32 -44.99 -24.17
C GLU A 2136 52.10 -45.16 -25.47
N ILE A 2137 52.99 -44.23 -25.80
CA ILE A 2137 53.72 -44.29 -27.07
C ILE A 2137 54.64 -45.50 -27.13
N LEU A 2138 55.49 -45.71 -26.11
CA LEU A 2138 56.56 -46.70 -26.26
C LEU A 2138 56.41 -47.95 -25.40
N CYS A 2139 55.70 -47.88 -24.26
CA CYS A 2139 55.67 -49.03 -23.36
C CYS A 2139 54.79 -50.16 -23.87
N ASP A 2140 53.79 -49.85 -24.70
CA ASP A 2140 52.86 -50.86 -25.19
C ASP A 2140 52.70 -50.85 -26.70
N ARG A 2141 53.32 -49.91 -27.41
CA ARG A 2141 53.32 -49.80 -28.87
C ARG A 2141 51.90 -49.67 -29.44
N THR A 2142 51.20 -48.63 -28.98
CA THR A 2142 49.87 -48.32 -29.46
C THR A 2142 49.66 -46.81 -29.37
N VAL A 2143 49.25 -46.20 -30.47
CA VAL A 2143 48.98 -44.77 -30.51
C VAL A 2143 47.49 -44.56 -30.82
N ASP A 2144 46.83 -43.75 -29.97
CA ASP A 2144 45.39 -43.42 -29.97
C ASP A 2144 44.47 -44.63 -30.18
N GLY A 2145 44.88 -45.80 -29.67
CA GLY A 2145 44.13 -47.01 -29.85
C GLY A 2145 44.50 -47.82 -31.08
N GLU A 2146 45.37 -47.30 -31.94
CA GLU A 2146 45.82 -47.99 -33.14
C GLU A 2146 47.20 -48.57 -32.89
N HIS A 2147 47.39 -49.83 -33.25
CA HIS A 2147 48.65 -50.51 -32.99
C HIS A 2147 49.77 -49.97 -33.88
N LEU A 2148 50.94 -49.75 -33.27
CA LEU A 2148 52.11 -49.35 -34.03
C LEU A 2148 52.71 -50.55 -34.74
N HIS A 2149 53.26 -50.31 -35.93
CA HIS A 2149 53.80 -51.37 -36.75
C HIS A 2149 55.20 -51.76 -36.26
N GLU A 2150 55.38 -53.05 -36.00
CA GLU A 2150 56.69 -53.52 -35.54
C GLU A 2150 57.70 -53.58 -36.67
N ASP A 2151 57.24 -53.75 -37.91
CA ASP A 2151 58.12 -53.82 -39.07
C ASP A 2151 58.32 -52.46 -39.72
N SER A 2152 57.78 -51.39 -39.13
CA SER A 2152 57.95 -50.06 -39.68
C SER A 2152 59.38 -49.57 -39.51
N GLY A 2153 59.93 -49.70 -38.32
CA GLY A 2153 61.27 -49.24 -38.02
C GLY A 2153 61.19 -47.88 -37.36
N LEU A 2154 61.25 -47.86 -36.03
CA LEU A 2154 61.03 -46.65 -35.25
C LEU A 2154 61.46 -46.93 -33.82
N HIS A 2155 62.17 -45.96 -33.23
CA HIS A 2155 62.65 -46.08 -31.86
C HIS A 2155 62.30 -44.79 -31.13
N ILE A 2156 61.56 -44.91 -30.04
CA ILE A 2156 61.11 -43.76 -29.26
C ILE A 2156 61.93 -43.71 -27.98
N ILE A 2157 62.62 -42.60 -27.77
CA ILE A 2157 63.46 -42.39 -26.59
C ILE A 2157 62.96 -41.15 -25.88
N ALA A 2158 62.69 -41.26 -24.59
CA ALA A 2158 62.17 -40.14 -23.81
C ALA A 2158 63.10 -39.86 -22.64
N ALA A 2159 63.09 -38.61 -22.18
CA ALA A 2159 63.92 -38.18 -21.07
C ALA A 2159 63.08 -37.42 -20.06
N CYS A 2160 63.36 -37.62 -18.78
CA CYS A 2160 62.63 -36.98 -17.70
C CYS A 2160 63.60 -36.28 -16.74
N ASN A 2161 63.16 -35.15 -16.21
CA ASN A 2161 63.92 -34.46 -15.18
C ASN A 2161 63.82 -35.23 -13.86
N PRO A 2162 64.88 -35.21 -13.04
CA PRO A 2162 64.81 -35.90 -11.74
C PRO A 2162 63.96 -35.15 -10.74
N TYR A 2163 63.52 -35.89 -9.72
CA TYR A 2163 62.70 -35.35 -8.65
C TYR A 2163 63.57 -35.10 -7.44
N ARG A 2164 63.67 -33.83 -7.03
CA ARG A 2164 64.36 -33.49 -5.80
C ARG A 2164 63.85 -32.16 -5.28
N LYS A 2165 63.98 -31.96 -3.97
CA LYS A 2165 63.53 -30.76 -3.29
C LYS A 2165 64.63 -29.72 -3.31
N HIS A 2166 64.22 -28.45 -3.31
CA HIS A 2166 65.18 -27.36 -3.10
C HIS A 2166 65.65 -27.34 -1.64
N SER A 2167 66.75 -26.64 -1.41
CA SER A 2167 67.25 -26.45 -0.06
C SER A 2167 66.32 -25.51 0.71
N GLN A 2168 66.36 -25.64 2.04
CA GLN A 2168 65.47 -24.84 2.89
C GLN A 2168 65.93 -23.38 2.94
N GLU A 2169 67.24 -23.14 2.86
CA GLU A 2169 67.73 -21.76 2.78
C GLU A 2169 67.34 -21.11 1.46
N MET A 2170 67.22 -21.90 0.39
CA MET A 2170 66.71 -21.38 -0.88
C MET A 2170 65.27 -20.91 -0.74
N ILE A 2171 64.45 -21.67 -0.02
CA ILE A 2171 63.06 -21.28 0.20
C ILE A 2171 62.99 -20.04 1.10
N LEU A 2172 63.89 -19.97 2.10
CA LEU A 2172 63.98 -18.77 2.94
C LEU A 2172 64.41 -17.54 2.14
N ARG A 2173 65.22 -17.70 1.09
CA ARG A 2173 65.50 -16.60 0.19
C ARG A 2173 64.32 -16.29 -0.73
N LEU A 2174 63.54 -17.31 -1.11
CA LEU A 2174 62.45 -17.12 -2.06
C LEU A 2174 61.30 -16.35 -1.46
N GLU A 2175 60.86 -16.72 -0.26
CA GLU A 2175 59.76 -15.99 0.38
C GLU A 2175 60.20 -14.62 0.92
N SER A 2176 61.50 -14.33 0.96
CA SER A 2176 61.99 -13.01 1.31
C SER A 2176 62.34 -12.17 0.09
N ALA A 2177 62.11 -12.68 -1.13
CA ALA A 2177 62.47 -11.98 -2.36
C ALA A 2177 61.40 -10.94 -2.66
N GLY A 2178 61.64 -9.72 -2.16
CA GLY A 2178 60.65 -8.66 -2.32
C GLY A 2178 59.44 -8.94 -1.47
N LEU A 2179 58.25 -8.74 -2.05
CA LEU A 2179 57.04 -9.20 -1.39
C LEU A 2179 56.93 -10.72 -1.50
N GLY A 2180 56.09 -11.30 -0.66
CA GLY A 2180 55.99 -12.75 -0.59
C GLY A 2180 55.19 -13.34 -1.73
N TYR A 2181 55.03 -14.66 -1.67
CA TYR A 2181 54.19 -15.38 -2.62
C TYR A 2181 52.74 -14.96 -2.47
N ARG A 2182 52.01 -14.94 -3.59
CA ARG A 2182 50.61 -14.54 -3.60
C ARG A 2182 49.75 -15.54 -2.84
N VAL A 2183 49.88 -16.83 -3.18
CA VAL A 2183 49.23 -17.86 -2.38
C VAL A 2183 50.22 -18.43 -1.37
N SER A 2184 49.69 -19.06 -0.34
CA SER A 2184 50.52 -19.72 0.66
C SER A 2184 50.78 -21.17 0.22
N ALA A 2185 51.46 -21.93 1.07
CA ALA A 2185 51.79 -23.32 0.76
C ALA A 2185 50.67 -24.28 1.09
N GLU A 2186 49.58 -23.81 1.70
CA GLU A 2186 48.49 -24.70 2.11
C GLU A 2186 47.29 -24.66 1.18
N GLU A 2187 47.06 -23.55 0.47
CA GLU A 2187 46.02 -23.46 -0.52
C GLU A 2187 46.55 -23.59 -1.94
N THR A 2188 47.80 -24.01 -2.10
CA THR A 2188 48.39 -24.18 -3.42
C THR A 2188 47.80 -25.41 -4.11
N ALA A 2189 47.37 -25.24 -5.35
CA ALA A 2189 46.63 -26.28 -6.05
C ALA A 2189 47.53 -27.30 -6.74
N ASP A 2190 48.69 -26.88 -7.26
CA ASP A 2190 49.55 -27.75 -8.05
C ASP A 2190 50.56 -28.50 -7.17
N ARG A 2191 50.06 -29.53 -6.50
CA ARG A 2191 50.86 -30.38 -5.64
C ARG A 2191 51.38 -31.59 -6.41
N LEU A 2192 52.40 -32.24 -5.83
CA LEU A 2192 52.88 -33.52 -6.31
C LEU A 2192 52.55 -34.63 -5.33
N GLY A 2193 53.02 -34.52 -4.09
CA GLY A 2193 52.55 -35.35 -3.00
C GLY A 2193 51.89 -34.46 -1.98
N SER A 2194 52.58 -34.19 -0.88
CA SER A 2194 52.23 -33.11 0.03
C SER A 2194 53.00 -31.84 -0.25
N ILE A 2195 53.84 -31.83 -1.28
CA ILE A 2195 54.74 -30.72 -1.59
C ILE A 2195 54.21 -30.00 -2.83
N PRO A 2196 54.26 -28.67 -2.87
CA PRO A 2196 53.96 -27.97 -4.12
C PRO A 2196 55.08 -28.16 -5.14
N LEU A 2197 54.74 -27.91 -6.41
CA LEU A 2197 55.75 -27.86 -7.45
C LEU A 2197 56.55 -26.57 -7.43
N ARG A 2198 56.11 -25.59 -6.63
CA ARG A 2198 56.82 -24.33 -6.48
C ARG A 2198 58.18 -24.50 -5.82
N GLN A 2199 58.31 -25.45 -4.90
CA GLN A 2199 59.54 -25.67 -4.15
C GLN A 2199 60.42 -26.76 -4.75
N LEU A 2200 60.08 -27.27 -5.93
CA LEU A 2200 60.90 -28.29 -6.58
C LEU A 2200 61.91 -27.63 -7.52
N VAL A 2201 62.99 -28.37 -7.79
CA VAL A 2201 64.00 -27.91 -8.73
C VAL A 2201 63.45 -27.90 -10.15
N TYR A 2202 62.76 -28.97 -10.54
CA TYR A 2202 62.09 -29.05 -11.83
C TYR A 2202 60.59 -29.15 -11.60
N ARG A 2203 59.83 -28.27 -12.23
CA ARG A 2203 58.37 -28.37 -12.16
C ARG A 2203 57.89 -29.52 -13.03
N VAL A 2204 57.93 -30.72 -12.48
CA VAL A 2204 57.56 -31.93 -13.22
C VAL A 2204 56.42 -32.61 -12.48
N HIS A 2205 55.59 -33.32 -13.24
CA HIS A 2205 54.49 -34.08 -12.67
C HIS A 2205 54.96 -35.49 -12.34
N ALA A 2206 54.08 -36.27 -11.74
CA ALA A 2206 54.43 -37.60 -11.28
C ALA A 2206 54.58 -38.56 -12.46
N LEU A 2207 55.60 -39.40 -12.39
CA LEU A 2207 55.73 -40.51 -13.33
C LEU A 2207 54.58 -41.49 -13.11
N PRO A 2208 53.93 -41.94 -14.19
CA PRO A 2208 53.01 -43.06 -14.06
C PRO A 2208 53.77 -44.35 -13.79
N PRO A 2209 53.13 -45.32 -13.16
CA PRO A 2209 53.80 -46.62 -12.95
C PRO A 2209 54.02 -47.34 -14.26
N SER A 2210 54.96 -48.30 -14.21
CA SER A 2210 55.65 -49.03 -15.29
C SER A 2210 56.62 -48.12 -16.05
N LEU A 2211 56.84 -46.88 -15.61
CA LEU A 2211 57.97 -46.07 -16.04
C LEU A 2211 58.96 -45.86 -14.90
N ILE A 2212 58.49 -45.99 -13.67
CA ILE A 2212 59.36 -46.01 -12.48
C ILE A 2212 60.33 -47.19 -12.49
N PRO A 2213 59.97 -48.45 -12.79
CA PRO A 2213 61.00 -49.49 -12.85
C PRO A 2213 61.78 -49.56 -14.14
N LEU A 2214 61.70 -48.55 -15.02
CA LEU A 2214 62.46 -48.57 -16.27
C LEU A 2214 63.44 -47.42 -16.41
N VAL A 2215 63.38 -46.40 -15.54
CA VAL A 2215 64.32 -45.30 -15.63
C VAL A 2215 65.71 -45.76 -15.18
N TRP A 2216 66.74 -45.12 -15.72
CA TRP A 2216 68.11 -45.45 -15.34
C TRP A 2216 68.97 -44.21 -15.55
N ASP A 2217 69.79 -43.91 -14.55
CA ASP A 2217 70.49 -42.64 -14.50
C ASP A 2217 71.76 -42.68 -15.34
N PHE A 2218 72.12 -41.51 -15.87
CA PHE A 2218 73.42 -41.30 -16.49
C PHE A 2218 74.43 -40.92 -15.41
N GLY A 2219 75.58 -40.41 -15.83
CA GLY A 2219 76.57 -39.93 -14.89
C GLY A 2219 76.14 -38.64 -14.21
N GLN A 2220 76.87 -38.29 -13.16
CA GLN A 2220 76.60 -37.11 -12.35
C GLN A 2220 77.34 -35.88 -12.85
N LEU A 2221 78.07 -36.01 -13.98
CA LEU A 2221 78.94 -34.97 -14.54
C LEU A 2221 80.00 -34.56 -13.51
N ASN A 2222 80.91 -35.52 -13.25
CA ASN A 2222 81.86 -35.58 -12.15
C ASN A 2222 82.97 -34.51 -12.21
N ASP A 2223 82.92 -33.53 -13.11
CA ASP A 2223 83.76 -32.34 -13.22
C ASP A 2223 85.17 -32.65 -13.69
N SER A 2224 85.53 -33.92 -13.93
CA SER A 2224 86.80 -34.21 -14.58
C SER A 2224 86.75 -33.85 -16.06
N ALA A 2225 85.61 -34.09 -16.70
CA ALA A 2225 85.39 -33.76 -18.10
C ALA A 2225 84.72 -32.40 -18.30
N GLU A 2226 84.44 -31.68 -17.22
CA GLU A 2226 83.80 -30.37 -17.35
C GLU A 2226 84.76 -29.33 -17.94
N LYS A 2227 86.03 -29.34 -17.55
CA LYS A 2227 87.03 -28.49 -18.19
C LYS A 2227 87.27 -28.88 -19.64
N LEU A 2228 87.04 -30.14 -20.00
CA LEU A 2228 87.09 -30.55 -21.40
C LEU A 2228 85.91 -29.98 -22.18
N TYR A 2229 84.70 -30.11 -21.62
CA TYR A 2229 83.47 -29.65 -22.27
C TYR A 2229 83.42 -28.13 -22.43
N ILE A 2230 83.83 -27.40 -21.40
CA ILE A 2230 83.82 -25.93 -21.46
C ILE A 2230 84.85 -25.42 -22.47
N GLN A 2231 86.04 -26.06 -22.50
CA GLN A 2231 87.06 -25.67 -23.48
C GLN A 2231 86.62 -25.99 -24.91
N GLN A 2232 85.93 -27.13 -25.10
CA GLN A 2232 85.40 -27.46 -26.42
C GLN A 2232 84.35 -26.46 -26.87
N ILE A 2233 83.45 -26.07 -25.95
CA ILE A 2233 82.42 -25.08 -26.27
C ILE A 2233 83.02 -23.72 -26.58
N VAL A 2234 84.02 -23.28 -25.80
CA VAL A 2234 84.59 -21.95 -26.04
C VAL A 2234 85.40 -21.93 -27.33
N GLN A 2235 86.11 -23.03 -27.66
CA GLN A 2235 86.88 -23.10 -28.89
C GLN A 2235 85.99 -23.29 -30.11
N ARG A 2236 84.80 -23.87 -29.93
CA ARG A 2236 83.86 -24.08 -31.02
C ARG A 2236 82.97 -22.86 -31.29
N LEU A 2237 82.66 -22.06 -30.26
CA LEU A 2237 81.69 -20.99 -30.40
C LEU A 2237 82.25 -19.58 -30.31
N VAL A 2238 83.51 -19.39 -29.87
CA VAL A 2238 84.09 -18.05 -29.96
C VAL A 2238 84.39 -17.69 -31.41
N ASP A 2239 84.76 -18.68 -32.22
CA ASP A 2239 85.29 -18.52 -33.58
C ASP A 2239 86.53 -17.62 -33.56
N SER A 2240 87.58 -18.19 -32.96
CA SER A 2240 88.81 -17.49 -32.61
C SER A 2240 89.88 -17.67 -33.67
N VAL A 2241 89.49 -17.60 -34.95
CA VAL A 2241 90.44 -17.66 -36.05
C VAL A 2241 91.43 -16.49 -36.00
N SER A 2242 90.99 -15.33 -35.49
CA SER A 2242 91.93 -14.31 -35.03
C SER A 2242 91.28 -13.59 -33.85
N VAL A 2243 91.50 -14.14 -32.65
CA VAL A 2243 91.25 -13.41 -31.41
C VAL A 2243 92.52 -13.47 -30.57
N ASN A 2244 92.88 -14.69 -30.14
CA ASN A 2244 94.04 -15.04 -29.31
C ASN A 2244 94.32 -16.54 -29.44
N PRO A 2245 95.58 -16.93 -29.53
CA PRO A 2245 95.90 -18.37 -29.52
C PRO A 2245 95.95 -18.94 -28.10
N SER A 2246 96.09 -18.07 -27.11
CA SER A 2246 96.37 -18.50 -25.74
C SER A 2246 95.32 -18.12 -24.72
N GLU A 2247 94.57 -17.03 -24.94
CA GLU A 2247 93.62 -16.56 -23.92
C GLU A 2247 92.34 -17.37 -23.87
N THR A 2248 92.12 -18.27 -24.84
CA THR A 2248 90.97 -19.16 -24.77
C THR A 2248 91.08 -20.12 -23.59
N CYS A 2249 92.29 -20.49 -23.18
CA CYS A 2249 92.47 -21.28 -21.96
C CYS A 2249 92.12 -20.46 -20.73
N VAL A 2250 92.41 -19.16 -20.75
CA VAL A 2250 92.04 -18.27 -19.65
C VAL A 2250 90.52 -18.17 -19.53
N ILE A 2251 89.83 -18.04 -20.68
CA ILE A 2251 88.37 -18.00 -20.67
C ILE A 2251 87.78 -19.33 -20.19
N ALA A 2252 88.36 -20.44 -20.66
CA ALA A 2252 87.87 -21.77 -20.29
C ALA A 2252 88.03 -22.05 -18.80
N ASP A 2253 89.19 -21.73 -18.23
CA ASP A 2253 89.33 -22.06 -16.81
C ASP A 2253 88.73 -20.99 -15.89
N VAL A 2254 88.45 -19.78 -16.36
CA VAL A 2254 87.66 -18.91 -15.48
C VAL A 2254 86.19 -19.33 -15.53
N LEU A 2255 85.70 -19.86 -16.66
CA LEU A 2255 84.35 -20.42 -16.70
C LEU A 2255 84.26 -21.67 -15.84
N SER A 2256 85.30 -22.51 -15.85
CA SER A 2256 85.33 -23.66 -14.96
C SER A 2256 85.46 -23.27 -13.50
N ALA A 2257 86.16 -22.17 -13.21
CA ALA A 2257 86.23 -21.69 -11.82
C ALA A 2257 84.87 -21.18 -11.34
N SER A 2258 84.13 -20.50 -12.21
CA SER A 2258 82.77 -20.08 -11.87
C SER A 2258 81.85 -21.29 -11.68
N GLN A 2259 82.02 -22.32 -12.52
CA GLN A 2259 81.23 -23.54 -12.37
C GLN A 2259 81.57 -24.27 -11.07
N MET A 2260 82.84 -24.31 -10.69
CA MET A 2260 83.24 -24.93 -9.43
C MET A 2260 82.76 -24.11 -8.23
N PHE A 2261 82.72 -22.79 -8.36
CA PHE A 2261 82.13 -21.97 -7.29
C PHE A 2261 80.63 -22.20 -7.19
N MET A 2262 79.98 -22.48 -8.30
CA MET A 2262 78.57 -22.90 -8.26
C MET A 2262 78.43 -24.25 -7.57
N ARG A 2263 79.35 -25.18 -7.84
CA ARG A 2263 79.27 -26.50 -7.23
C ARG A 2263 79.71 -26.51 -5.77
N LYS A 2264 80.61 -25.61 -5.38
CA LYS A 2264 81.08 -25.52 -4.00
C LYS A 2264 80.20 -24.57 -3.19
N ARG A 2265 78.90 -24.82 -3.23
CA ARG A 2265 77.94 -23.97 -2.55
C ARG A 2265 76.72 -24.84 -2.26
N GLU A 2266 75.94 -24.46 -1.24
CA GLU A 2266 74.88 -25.32 -0.72
C GLU A 2266 73.73 -25.54 -1.69
N ASN A 2267 73.57 -24.67 -2.69
CA ASN A 2267 72.51 -24.84 -3.66
C ASN A 2267 72.91 -24.19 -4.99
N GLU A 2268 72.12 -24.47 -6.01
CA GLU A 2268 72.21 -23.79 -7.30
C GLU A 2268 70.86 -23.16 -7.63
N CYS A 2269 70.82 -22.36 -8.69
CA CYS A 2269 69.59 -21.66 -9.05
C CYS A 2269 68.59 -22.63 -9.68
N GLY A 2270 68.96 -23.24 -10.79
CA GLY A 2270 68.10 -24.20 -11.45
C GLY A 2270 68.86 -25.36 -12.07
N PHE A 2271 70.05 -25.66 -11.53
CA PHE A 2271 71.03 -26.60 -12.09
C PHE A 2271 71.35 -26.25 -13.54
N VAL A 2272 71.95 -25.07 -13.72
CA VAL A 2272 72.29 -24.55 -15.02
C VAL A 2272 73.73 -24.87 -15.40
N SER A 2273 74.29 -25.94 -14.83
CA SER A 2273 75.63 -26.39 -15.22
C SER A 2273 75.64 -26.85 -16.67
N LEU A 2274 76.63 -26.35 -17.43
CA LEU A 2274 76.76 -26.56 -18.88
C LEU A 2274 75.51 -26.14 -19.65
N ARG A 2275 74.78 -25.16 -19.14
CA ARG A 2275 73.77 -24.48 -19.94
C ARG A 2275 73.90 -22.98 -19.79
N ASP A 2276 74.57 -22.49 -18.74
CA ASP A 2276 74.92 -21.10 -18.62
C ASP A 2276 76.23 -20.76 -19.32
N VAL A 2277 77.13 -21.73 -19.49
CA VAL A 2277 78.37 -21.45 -20.22
C VAL A 2277 78.12 -21.37 -21.73
N GLU A 2278 77.17 -22.16 -22.24
CA GLU A 2278 76.82 -22.07 -23.64
C GLU A 2278 75.82 -20.94 -23.91
N ARG A 2279 75.22 -20.39 -22.85
CA ARG A 2279 74.46 -19.15 -22.94
C ARG A 2279 75.32 -17.95 -22.55
N CYS A 2280 76.59 -18.18 -22.21
CA CYS A 2280 77.47 -17.11 -21.78
C CYS A 2280 78.65 -16.87 -22.72
N VAL A 2281 79.09 -17.90 -23.44
CA VAL A 2281 80.09 -17.73 -24.49
C VAL A 2281 79.52 -16.87 -25.60
N LYS A 2282 78.22 -17.01 -25.89
CA LYS A 2282 77.55 -16.15 -26.86
C LYS A 2282 77.51 -14.70 -26.39
N VAL A 2283 77.30 -14.47 -25.09
CA VAL A 2283 77.30 -13.12 -24.54
C VAL A 2283 78.70 -12.52 -24.57
N PHE A 2284 79.71 -13.35 -24.28
CA PHE A 2284 81.11 -12.94 -24.42
C PHE A 2284 81.45 -12.60 -25.86
N ARG A 2285 80.91 -13.36 -26.80
CA ARG A 2285 81.08 -13.05 -28.22
C ARG A 2285 80.42 -11.74 -28.60
N TRP A 2286 79.27 -11.43 -27.97
CA TRP A 2286 78.60 -10.17 -28.25
C TRP A 2286 79.40 -8.98 -27.72
N PHE A 2287 79.97 -9.09 -26.51
CA PHE A 2287 80.87 -8.02 -26.07
C PHE A 2287 82.16 -7.96 -26.88
N HIS A 2288 82.66 -9.10 -27.37
CA HIS A 2288 83.92 -9.09 -28.11
C HIS A 2288 83.74 -8.51 -29.52
N ASP A 2289 82.56 -8.70 -30.12
CA ASP A 2289 82.31 -8.12 -31.43
C ASP A 2289 82.12 -6.61 -31.34
N HIS A 2290 81.54 -6.13 -30.24
CA HIS A 2290 81.37 -4.70 -30.01
C HIS A 2290 82.49 -4.12 -29.16
N SER A 2291 83.66 -4.75 -29.16
CA SER A 2291 84.80 -4.30 -28.36
C SER A 2291 85.68 -3.33 -29.14
N ASP A 2292 85.08 -2.32 -29.74
CA ASP A 2292 85.80 -1.31 -30.50
C ASP A 2292 85.49 0.11 -30.05
N MET A 2293 84.23 0.40 -29.70
CA MET A 2293 83.85 1.73 -29.26
C MET A 2293 83.61 1.82 -27.76
N LEU A 2294 83.37 0.69 -27.09
CA LEU A 2294 83.11 0.69 -25.66
C LEU A 2294 84.36 1.10 -24.88
N LEU A 2295 85.54 0.68 -25.33
CA LEU A 2295 86.77 1.07 -24.67
C LEU A 2295 87.08 2.55 -24.87
N LYS A 2296 86.76 3.10 -26.04
CA LYS A 2296 86.90 4.54 -26.27
C LYS A 2296 85.94 5.32 -25.39
N GLU A 2297 84.70 4.81 -25.24
CA GLU A 2297 83.73 5.44 -24.35
C GLU A 2297 84.20 5.40 -22.90
N LEU A 2298 84.79 4.27 -22.48
CA LEU A 2298 85.33 4.14 -21.13
C LEU A 2298 86.50 5.09 -20.90
N ASP A 2299 87.38 5.23 -21.89
CA ASP A 2299 88.52 6.14 -21.77
C ASP A 2299 88.06 7.59 -21.70
N LYS A 2300 87.08 7.96 -22.52
CA LYS A 2300 86.55 9.33 -22.47
C LYS A 2300 85.82 9.61 -21.17
N PHE A 2301 85.05 8.65 -20.67
CA PHE A 2301 84.29 8.84 -19.45
C PHE A 2301 85.19 8.89 -18.21
N LEU A 2302 86.27 8.10 -18.21
CA LEU A 2302 87.20 8.11 -17.10
C LEU A 2302 88.28 9.16 -17.24
N HIS A 2303 88.39 9.81 -18.40
CA HIS A 2303 89.30 10.94 -18.56
C HIS A 2303 88.62 12.26 -18.27
N GLU A 2304 87.33 12.38 -18.58
CA GLU A 2304 86.61 13.62 -18.38
C GLU A 2304 85.88 13.67 -17.03
N SER A 2305 85.93 12.61 -16.23
CA SER A 2305 85.24 12.62 -14.95
C SER A 2305 86.04 11.94 -13.83
N SER A 2306 87.32 11.65 -14.02
CA SER A 2306 88.10 10.98 -13.00
C SER A 2306 89.56 11.40 -13.14
N ASP A 2307 90.40 10.87 -12.25
CA ASP A 2307 91.82 11.18 -12.24
C ASP A 2307 92.55 10.24 -13.21
N SER A 2308 93.89 10.24 -13.13
CA SER A 2308 94.70 9.46 -14.06
C SER A 2308 94.92 8.02 -13.61
N THR A 2309 94.43 7.62 -12.43
CA THR A 2309 94.65 6.25 -12.00
C THR A 2309 93.71 5.28 -12.72
N HIS A 2310 92.53 5.74 -13.14
CA HIS A 2310 91.68 4.96 -14.04
C HIS A 2310 91.88 5.37 -15.50
N THR A 2311 93.13 5.44 -15.93
CA THR A 2311 93.46 5.83 -17.30
C THR A 2311 94.57 4.89 -17.80
N PHE A 2312 94.36 3.59 -17.62
CA PHE A 2312 95.30 2.59 -18.07
C PHE A 2312 94.75 1.89 -19.31
N GLU A 2313 95.65 1.26 -20.06
CA GLU A 2313 95.26 0.53 -21.27
C GLU A 2313 94.48 -0.72 -20.88
N ARG A 2314 93.36 -0.94 -21.56
CA ARG A 2314 92.48 -2.06 -21.26
C ARG A 2314 92.46 -3.04 -22.43
N ASP A 2315 92.52 -4.32 -22.10
CA ASP A 2315 92.51 -5.35 -23.13
C ASP A 2315 91.11 -5.45 -23.74
N PRO A 2316 91.01 -5.71 -25.05
CA PRO A 2316 89.69 -5.88 -25.66
C PRO A 2316 89.05 -7.22 -25.37
N VAL A 2317 89.81 -8.21 -24.93
CA VAL A 2317 89.29 -9.55 -24.70
C VAL A 2317 89.19 -9.89 -23.21
N LEU A 2318 90.09 -9.36 -22.36
CA LEU A 2318 90.00 -9.64 -20.93
C LEU A 2318 88.86 -8.87 -20.28
N TRP A 2319 88.71 -7.60 -20.68
CA TRP A 2319 87.60 -6.77 -20.19
C TRP A 2319 86.26 -7.34 -20.64
N SER A 2320 86.20 -7.89 -21.86
CA SER A 2320 85.01 -8.57 -22.33
C SER A 2320 84.72 -9.82 -21.50
N LEU A 2321 85.77 -10.51 -21.05
CA LEU A 2321 85.60 -11.69 -20.19
C LEU A 2321 85.06 -11.30 -18.81
N VAL A 2322 85.55 -10.19 -18.26
CA VAL A 2322 85.02 -9.72 -16.98
C VAL A 2322 83.57 -9.26 -17.12
N MET A 2323 83.24 -8.64 -18.26
CA MET A 2323 81.84 -8.27 -18.51
C MET A 2323 80.95 -9.50 -18.66
N ALA A 2324 81.46 -10.56 -19.31
CA ALA A 2324 80.69 -11.78 -19.48
C ALA A 2324 80.42 -12.45 -18.15
N ILE A 2325 81.42 -12.53 -17.26
CA ILE A 2325 81.14 -13.13 -15.97
C ILE A 2325 80.39 -12.17 -15.05
N GLY A 2326 80.40 -10.87 -15.34
CA GLY A 2326 79.60 -9.94 -14.56
C GLY A 2326 78.13 -9.96 -14.93
N VAL A 2327 77.81 -10.31 -16.18
CA VAL A 2327 76.42 -10.46 -16.58
C VAL A 2327 75.89 -11.87 -16.29
N CYS A 2328 76.69 -12.91 -16.52
CA CYS A 2328 76.18 -14.27 -16.43
C CYS A 2328 75.97 -14.76 -15.01
N TYR A 2329 76.88 -14.41 -14.10
CA TYR A 2329 76.86 -14.96 -12.75
C TYR A 2329 76.87 -13.93 -11.62
N HIS A 2330 77.50 -12.77 -11.82
CA HIS A 2330 77.73 -11.85 -10.71
C HIS A 2330 76.46 -11.10 -10.30
N ALA A 2331 75.56 -10.84 -11.24
CA ALA A 2331 74.39 -10.02 -10.95
C ALA A 2331 73.34 -10.80 -10.17
N SER A 2332 73.22 -12.10 -10.43
CA SER A 2332 72.16 -12.91 -9.81
C SER A 2332 72.45 -13.22 -8.34
N LEU A 2333 73.73 -13.24 -7.95
CA LEU A 2333 74.10 -13.69 -6.61
C LEU A 2333 74.03 -12.57 -5.59
N GLU A 2334 73.78 -12.96 -4.34
CA GLU A 2334 73.84 -12.06 -3.19
C GLU A 2334 75.16 -12.17 -2.43
N GLU A 2335 76.00 -13.14 -2.78
CA GLU A 2335 77.31 -13.35 -2.18
C GLU A 2335 78.43 -12.87 -3.08
N LYS A 2336 78.24 -11.67 -3.68
CA LYS A 2336 79.12 -11.16 -4.74
C LYS A 2336 80.56 -10.99 -4.28
N ALA A 2337 80.78 -10.65 -3.01
CA ALA A 2337 82.15 -10.47 -2.52
C ALA A 2337 82.92 -11.78 -2.49
N SER A 2338 82.25 -12.87 -2.08
CA SER A 2338 82.90 -14.19 -2.09
C SER A 2338 83.20 -14.65 -3.50
N TYR A 2339 82.28 -14.39 -4.44
CA TYR A 2339 82.53 -14.72 -5.84
C TYR A 2339 83.69 -13.91 -6.41
N ARG A 2340 83.77 -12.62 -6.07
CA ARG A 2340 84.85 -11.78 -6.58
C ARG A 2340 86.20 -12.18 -5.99
N THR A 2341 86.25 -12.54 -4.71
CA THR A 2341 87.53 -12.97 -4.15
C THR A 2341 87.87 -14.42 -4.50
N ALA A 2342 86.90 -15.20 -4.98
CA ALA A 2342 87.20 -16.55 -5.44
C ALA A 2342 87.35 -16.65 -6.95
N ILE A 2343 87.17 -15.56 -7.69
CA ILE A 2343 87.34 -15.58 -9.14
C ILE A 2343 88.55 -14.78 -9.59
N ALA A 2344 89.08 -13.87 -8.76
CA ALA A 2344 90.17 -13.00 -9.15
C ALA A 2344 91.53 -13.67 -9.12
N ARG A 2345 91.60 -14.90 -8.62
CA ARG A 2345 92.87 -15.63 -8.57
C ARG A 2345 93.26 -16.25 -9.91
N CYS A 2346 92.36 -16.24 -10.90
CA CYS A 2346 92.64 -16.81 -12.21
C CYS A 2346 92.96 -15.76 -13.26
N PHE A 2347 92.58 -14.51 -13.05
CA PHE A 2347 92.89 -13.44 -13.98
C PHE A 2347 94.38 -13.09 -13.97
N PRO A 2348 94.88 -12.49 -15.06
CA PRO A 2348 96.23 -11.94 -15.07
C PRO A 2348 96.38 -10.66 -14.26
N LYS A 2349 97.54 -10.01 -14.43
CA LYS A 2349 97.98 -8.86 -13.64
C LYS A 2349 97.00 -7.70 -13.47
N PRO A 2350 96.30 -7.17 -14.49
CA PRO A 2350 95.47 -5.98 -14.23
C PRO A 2350 94.19 -6.25 -13.44
N TYR A 2351 93.79 -7.50 -13.26
CA TYR A 2351 92.59 -7.83 -12.48
C TYR A 2351 92.92 -8.86 -11.41
N ASN A 2352 93.99 -8.60 -10.65
CA ASN A 2352 94.36 -9.51 -9.57
C ASN A 2352 93.43 -9.37 -8.36
N SER A 2353 92.92 -8.17 -8.12
CA SER A 2353 92.11 -7.89 -6.94
C SER A 2353 90.64 -7.77 -7.30
N SER A 2354 89.80 -7.98 -6.28
CA SER A 2354 88.36 -7.82 -6.45
C SER A 2354 87.96 -6.35 -6.55
N ARG A 2355 88.81 -5.44 -6.06
CA ARG A 2355 88.56 -4.02 -6.18
C ARG A 2355 88.55 -3.59 -7.65
N ALA A 2356 89.44 -4.17 -8.46
CA ALA A 2356 89.50 -3.85 -9.88
C ALA A 2356 88.23 -4.28 -10.61
N ILE A 2357 87.73 -5.49 -10.31
CA ILE A 2357 86.49 -5.96 -10.91
C ILE A 2357 85.31 -5.11 -10.45
N LEU A 2358 85.32 -4.70 -9.18
CA LEU A 2358 84.26 -3.84 -8.64
C LEU A 2358 84.22 -2.48 -9.33
N ASP A 2359 85.37 -1.82 -9.46
CA ASP A 2359 85.37 -0.50 -10.10
C ASP A 2359 85.12 -0.61 -11.60
N GLU A 2360 85.51 -1.73 -12.22
CA GLU A 2360 85.28 -1.90 -13.65
C GLU A 2360 83.80 -2.08 -13.95
N VAL A 2361 83.11 -2.94 -13.20
CA VAL A 2361 81.67 -3.10 -13.43
C VAL A 2361 80.91 -1.84 -13.01
N THR A 2362 81.41 -1.11 -11.99
CA THR A 2362 80.77 0.14 -11.59
C THR A 2362 80.90 1.20 -12.68
N HIS A 2363 82.08 1.28 -13.31
CA HIS A 2363 82.29 2.28 -14.36
C HIS A 2363 81.51 1.96 -15.62
N VAL A 2364 81.40 0.67 -15.98
CA VAL A 2364 80.63 0.34 -17.18
C VAL A 2364 79.12 0.53 -16.93
N GLN A 2365 78.65 0.21 -15.72
CA GLN A 2365 77.24 0.46 -15.40
C GLN A 2365 76.94 1.96 -15.36
N ASP A 2366 77.88 2.77 -14.85
CA ASP A 2366 77.73 4.22 -14.89
C ASP A 2366 77.76 4.74 -16.33
N LEU A 2367 78.54 4.11 -17.20
CA LEU A 2367 78.57 4.50 -18.60
C LEU A 2367 77.24 4.19 -19.29
N PHE A 2368 76.66 3.02 -19.00
CA PHE A 2368 75.36 2.69 -19.58
C PHE A 2368 74.26 3.58 -19.03
N LEU A 2369 74.38 4.03 -17.77
CA LEU A 2369 73.44 5.02 -17.27
C LEU A 2369 73.64 6.38 -17.93
N ARG A 2370 74.89 6.76 -18.21
CA ARG A 2370 75.14 8.04 -18.84
C ARG A 2370 74.79 8.05 -20.33
N GLY A 2371 74.67 6.88 -20.95
CA GLY A 2371 74.15 6.81 -22.30
C GLY A 2371 72.65 7.07 -22.38
N ALA A 2372 71.94 6.90 -21.27
CA ALA A 2372 70.53 7.23 -21.19
C ALA A 2372 70.35 8.76 -21.17
N PRO A 2373 69.15 9.26 -21.48
CA PRO A 2373 68.90 10.70 -21.36
C PRO A 2373 69.01 11.21 -19.93
N ILE A 2374 69.40 12.48 -19.80
CA ILE A 2374 69.68 13.07 -18.51
C ILE A 2374 68.39 13.28 -17.73
N ARG A 2375 68.41 12.90 -16.45
CA ARG A 2375 67.28 13.05 -15.55
C ARG A 2375 67.70 13.81 -14.31
N THR A 2376 66.78 14.59 -13.76
CA THR A 2376 67.02 15.38 -12.55
C THR A 2376 66.24 14.75 -11.41
N ASN A 2377 66.86 14.71 -10.22
CA ASN A 2377 66.30 14.14 -8.98
C ASN A 2377 66.01 12.64 -9.15
N ILE A 2378 66.98 11.92 -9.70
CA ILE A 2378 66.93 10.48 -9.85
C ILE A 2378 68.21 9.90 -9.26
N ALA A 2379 68.06 8.93 -8.36
CA ALA A 2379 69.19 8.37 -7.61
C ALA A 2379 70.10 7.57 -8.52
N ARG A 2380 71.41 7.72 -8.32
CA ARG A 2380 72.40 6.86 -8.98
C ARG A 2380 72.77 5.68 -8.10
N ASN A 2381 71.75 4.97 -7.61
CA ASN A 2381 71.98 3.81 -6.77
C ASN A 2381 72.33 2.61 -7.62
N LEU A 2382 72.82 1.55 -6.95
CA LEU A 2382 73.28 0.37 -7.66
C LEU A 2382 72.12 -0.39 -8.30
N ALA A 2383 70.92 -0.23 -7.75
CA ALA A 2383 69.74 -0.93 -8.28
C ALA A 2383 69.40 -0.47 -9.69
N LEU A 2384 69.40 0.85 -9.92
CA LEU A 2384 69.01 1.38 -11.22
C LEU A 2384 70.03 1.03 -12.30
N LYS A 2385 71.32 1.26 -12.03
CA LYS A 2385 72.40 0.96 -12.97
C LYS A 2385 72.49 -0.54 -13.26
N GLU A 2386 72.39 -1.35 -12.21
CA GLU A 2386 72.43 -2.81 -12.35
C GLU A 2386 71.23 -3.31 -13.15
N ASN A 2387 70.05 -2.71 -12.92
CA ASN A 2387 68.84 -3.11 -13.64
C ASN A 2387 68.94 -2.78 -15.12
N VAL A 2388 69.36 -1.55 -15.46
CA VAL A 2388 69.41 -1.15 -16.86
C VAL A 2388 70.52 -1.89 -17.58
N PHE A 2389 71.62 -2.20 -16.88
CA PHE A 2389 72.72 -3.00 -17.41
C PHE A 2389 72.22 -4.38 -17.83
N MET A 2390 71.56 -5.08 -16.90
CA MET A 2390 71.11 -6.44 -17.19
C MET A 2390 70.00 -6.48 -18.23
N MET A 2391 69.06 -5.53 -18.20
CA MET A 2391 67.99 -5.62 -19.19
C MET A 2391 68.44 -5.23 -20.58
N VAL A 2392 69.34 -4.24 -20.73
CA VAL A 2392 69.85 -3.90 -22.06
C VAL A 2392 70.64 -5.06 -22.64
N ILE A 2393 71.59 -5.61 -21.86
CA ILE A 2393 72.42 -6.70 -22.38
C ILE A 2393 71.60 -7.96 -22.63
N CYS A 2394 70.56 -8.20 -21.82
CA CYS A 2394 69.71 -9.35 -22.06
C CYS A 2394 68.75 -9.18 -23.22
N ILE A 2395 68.40 -7.96 -23.64
CA ILE A 2395 67.51 -7.84 -24.80
C ILE A 2395 68.26 -7.61 -26.10
N GLU A 2396 69.57 -7.32 -26.06
CA GLU A 2396 70.33 -7.48 -27.31
C GLU A 2396 70.51 -8.95 -27.67
N LEU A 2397 70.65 -9.82 -26.67
CA LEU A 2397 70.96 -11.22 -26.90
C LEU A 2397 69.72 -12.11 -26.93
N LYS A 2398 68.52 -11.52 -26.77
CA LYS A 2398 67.23 -12.22 -26.75
C LYS A 2398 67.18 -13.30 -25.67
N ILE A 2399 67.74 -13.00 -24.50
CA ILE A 2399 67.68 -13.89 -23.35
C ILE A 2399 66.76 -13.24 -22.31
N PRO A 2400 65.76 -13.96 -21.79
CA PRO A 2400 64.71 -13.31 -20.97
C PRO A 2400 65.22 -12.87 -19.61
N LEU A 2401 64.82 -11.66 -19.21
CA LEU A 2401 65.08 -11.19 -17.86
C LEU A 2401 63.83 -11.27 -17.00
N PHE A 2402 64.01 -11.64 -15.73
CA PHE A 2402 62.99 -12.09 -14.78
C PHE A 2402 63.06 -11.32 -13.47
N LEU A 2403 63.05 -9.98 -13.56
CA LEU A 2403 63.21 -9.11 -12.40
C LEU A 2403 62.10 -9.30 -11.37
N VAL A 2404 62.50 -9.35 -10.11
CA VAL A 2404 61.56 -9.40 -8.98
C VAL A 2404 62.01 -8.38 -7.95
N GLY A 2405 61.09 -7.97 -7.09
CA GLY A 2405 61.42 -7.03 -6.05
C GLY A 2405 60.22 -6.49 -5.29
N LYS A 2406 60.32 -5.26 -4.83
CA LYS A 2406 59.27 -4.61 -4.06
C LYS A 2406 59.13 -3.18 -4.57
N PRO A 2407 57.98 -2.51 -4.29
CA PRO A 2407 57.83 -1.09 -4.67
C PRO A 2407 58.92 -0.16 -4.15
N GLY A 2408 59.66 0.45 -5.07
CA GLY A 2408 60.84 1.23 -4.76
C GLY A 2408 62.15 0.63 -5.19
N SER A 2409 62.13 -0.44 -6.01
CA SER A 2409 63.33 -1.13 -6.43
C SER A 2409 63.82 -0.69 -7.81
N SER A 2410 63.14 0.29 -8.43
CA SER A 2410 63.49 0.88 -9.73
C SER A 2410 63.57 -0.18 -10.85
N LYS A 2411 62.43 -0.78 -11.15
CA LYS A 2411 62.35 -1.66 -12.31
C LYS A 2411 61.58 -1.01 -13.45
N SER A 2412 60.42 -0.44 -13.15
CA SER A 2412 59.65 0.27 -14.18
C SER A 2412 60.35 1.56 -14.59
N LEU A 2413 61.02 2.23 -13.65
CA LEU A 2413 61.79 3.43 -13.98
C LEU A 2413 62.98 3.09 -14.87
N ALA A 2414 63.58 1.91 -14.73
CA ALA A 2414 64.60 1.46 -15.65
C ALA A 2414 64.02 1.02 -16.99
N LYS A 2415 62.83 0.44 -17.00
CA LYS A 2415 62.12 0.10 -18.24
C LYS A 2415 61.80 1.33 -19.08
N ILE A 2416 61.36 2.42 -18.45
CA ILE A 2416 60.96 3.60 -19.20
C ILE A 2416 62.22 4.32 -19.66
N ILE A 2417 63.33 4.12 -18.96
CA ILE A 2417 64.64 4.62 -19.35
C ILE A 2417 65.15 3.88 -20.59
N VAL A 2418 65.01 2.56 -20.61
CA VAL A 2418 65.32 1.75 -21.79
C VAL A 2418 64.42 2.13 -22.97
N ALA A 2419 63.17 2.50 -22.68
CA ALA A 2419 62.21 2.87 -23.72
C ALA A 2419 62.65 4.11 -24.51
N ASP A 2420 63.14 5.14 -23.82
CA ASP A 2420 63.56 6.36 -24.49
C ASP A 2420 65.09 6.51 -24.59
N ALA A 2421 65.83 5.47 -24.25
CA ALA A 2421 67.28 5.52 -24.29
C ALA A 2421 67.89 4.76 -25.45
N MET A 2422 67.33 3.62 -25.84
CA MET A 2422 67.95 2.73 -26.81
C MET A 2422 67.15 2.63 -28.12
N GLN A 2423 66.55 3.76 -28.51
CA GLN A 2423 66.02 3.90 -29.87
C GLN A 2423 67.16 3.82 -30.88
N GLY A 2424 66.85 3.26 -32.05
CA GLY A 2424 67.87 2.87 -33.02
C GLY A 2424 68.71 3.98 -33.62
N GLN A 2425 68.12 4.81 -34.48
CA GLN A 2425 68.85 5.90 -35.10
C GLN A 2425 68.68 7.23 -34.38
N ALA A 2426 67.86 7.29 -33.34
CA ALA A 2426 67.53 8.52 -32.64
C ALA A 2426 67.91 8.48 -31.16
N ALA A 2427 69.00 7.79 -30.82
CA ALA A 2427 69.43 7.71 -29.44
C ALA A 2427 70.06 9.03 -29.00
N PHE A 2428 70.06 9.25 -27.68
CA PHE A 2428 70.68 10.45 -27.12
C PHE A 2428 72.20 10.40 -27.21
N SER A 2429 72.78 9.21 -27.08
CA SER A 2429 74.22 9.02 -27.10
C SER A 2429 74.66 8.31 -28.37
N GLU A 2430 75.96 8.30 -28.59
CA GLU A 2430 76.55 7.59 -29.72
C GLU A 2430 76.81 6.12 -29.43
N LEU A 2431 76.52 5.66 -28.22
CA LEU A 2431 76.66 4.25 -27.89
C LEU A 2431 75.42 3.46 -28.30
N PHE A 2432 74.24 3.90 -27.87
CA PHE A 2432 72.99 3.22 -28.19
C PHE A 2432 72.60 3.40 -29.66
N ARG A 2433 73.20 4.37 -30.35
CA ARG A 2433 72.93 4.56 -31.76
C ARG A 2433 73.49 3.41 -32.61
N CYS A 2434 74.56 2.77 -32.14
CA CYS A 2434 75.13 1.60 -32.79
C CYS A 2434 74.45 0.31 -32.35
N LEU A 2435 73.51 0.38 -31.41
CA LEU A 2435 72.82 -0.78 -30.88
C LEU A 2435 71.46 -0.94 -31.56
N LYS A 2436 70.67 -1.87 -31.06
CA LYS A 2436 69.40 -2.22 -31.69
C LYS A 2436 68.32 -1.20 -31.33
N GLN A 2437 67.20 -1.30 -32.05
CA GLN A 2437 66.00 -0.51 -31.75
C GLN A 2437 64.99 -1.39 -31.02
N VAL A 2438 64.36 -0.82 -30.01
CA VAL A 2438 63.40 -1.54 -29.16
C VAL A 2438 62.00 -1.05 -29.48
N HIS A 2439 61.04 -1.97 -29.45
CA HIS A 2439 59.61 -1.62 -29.51
C HIS A 2439 58.89 -2.53 -28.53
N LEU A 2440 58.50 -1.98 -27.38
CA LEU A 2440 57.98 -2.76 -26.28
C LEU A 2440 56.46 -2.78 -26.30
N VAL A 2441 55.89 -3.96 -26.10
CA VAL A 2441 54.47 -4.14 -25.86
C VAL A 2441 54.30 -4.64 -24.43
N SER A 2442 53.27 -4.15 -23.75
CA SER A 2442 53.07 -4.47 -22.34
C SER A 2442 51.84 -5.35 -22.17
N PHE A 2443 51.85 -6.13 -21.10
CA PHE A 2443 50.70 -6.94 -20.72
C PHE A 2443 50.72 -7.08 -19.20
N GLN A 2444 49.96 -6.24 -18.51
CA GLN A 2444 49.87 -6.31 -17.06
C GLN A 2444 49.02 -7.51 -16.69
N CYS A 2445 49.65 -8.54 -16.13
CA CYS A 2445 48.96 -9.79 -15.82
C CYS A 2445 48.06 -9.63 -14.61
N SER A 2446 47.04 -10.46 -14.56
CA SER A 2446 46.03 -10.50 -13.51
C SER A 2446 45.85 -11.96 -13.10
N PRO A 2447 45.27 -12.21 -11.92
CA PRO A 2447 44.89 -13.60 -11.59
C PRO A 2447 43.85 -14.18 -12.55
N HIS A 2448 42.98 -13.35 -13.12
CA HIS A 2448 42.01 -13.80 -14.10
C HIS A 2448 42.52 -13.56 -15.53
N SER A 2449 43.67 -14.15 -15.83
CA SER A 2449 44.31 -14.00 -17.13
C SER A 2449 44.33 -15.33 -17.87
N THR A 2450 43.90 -15.32 -19.12
CA THR A 2450 43.90 -16.48 -19.98
C THR A 2450 45.25 -16.65 -20.68
N PRO A 2451 45.64 -17.88 -21.02
CA PRO A 2451 46.84 -18.06 -21.86
C PRO A 2451 46.69 -17.50 -23.28
N GLN A 2452 45.46 -17.32 -23.76
CA GLN A 2452 45.25 -16.74 -25.08
C GLN A 2452 45.68 -15.29 -25.13
N GLY A 2453 45.63 -14.58 -23.99
CA GLY A 2453 46.12 -13.21 -23.96
C GLY A 2453 47.61 -13.10 -24.21
N ILE A 2454 48.41 -13.95 -23.55
CA ILE A 2454 49.85 -13.88 -23.78
C ILE A 2454 50.22 -14.51 -25.12
N ILE A 2455 49.43 -15.47 -25.62
CA ILE A 2455 49.65 -16.00 -26.96
C ILE A 2455 49.39 -14.93 -28.01
N SER A 2456 48.33 -14.13 -27.83
CA SER A 2456 48.05 -13.01 -28.72
C SER A 2456 49.11 -11.92 -28.62
N THR A 2457 49.64 -11.69 -27.42
CA THR A 2457 50.72 -10.72 -27.26
C THR A 2457 52.00 -11.16 -27.98
N PHE A 2458 52.34 -12.45 -27.88
CA PHE A 2458 53.53 -12.95 -28.57
C PHE A 2458 53.34 -12.94 -30.08
N LYS A 2459 52.15 -13.29 -30.56
CA LYS A 2459 51.89 -13.22 -32.01
C LYS A 2459 51.87 -11.78 -32.51
N GLN A 2460 51.39 -10.85 -31.68
CA GLN A 2460 51.35 -9.44 -32.06
C GLN A 2460 52.74 -8.83 -32.15
N CYS A 2461 53.61 -9.12 -31.17
CA CYS A 2461 54.97 -8.59 -31.28
C CYS A 2461 55.79 -9.33 -32.33
N ALA A 2462 55.43 -10.57 -32.67
CA ALA A 2462 56.00 -11.21 -33.85
C ALA A 2462 55.54 -10.50 -35.12
N ARG A 2463 54.29 -10.00 -35.12
CA ARG A 2463 53.80 -9.23 -36.27
C ARG A 2463 54.52 -7.90 -36.41
N PHE A 2464 54.86 -7.25 -35.29
CA PHE A 2464 55.76 -6.09 -35.36
C PHE A 2464 57.15 -6.48 -35.87
N GLN A 2465 57.67 -7.62 -35.43
CA GLN A 2465 59.01 -8.01 -35.83
C GLN A 2465 59.07 -8.48 -37.28
N GLN A 2466 57.95 -8.93 -37.84
CA GLN A 2466 57.91 -9.39 -39.23
C GLN A 2466 58.06 -8.22 -40.20
N GLY A 2467 58.93 -8.40 -41.20
CA GLY A 2467 59.13 -7.41 -42.24
C GLY A 2467 60.22 -6.40 -41.98
N LYS A 2468 60.93 -6.50 -40.86
CA LYS A 2468 62.00 -5.56 -40.53
C LYS A 2468 63.34 -6.28 -40.46
N ASP A 2469 64.40 -5.49 -40.51
CA ASP A 2469 65.75 -6.02 -40.39
C ASP A 2469 66.01 -6.45 -38.94
N LEU A 2470 66.40 -7.71 -38.76
CA LEU A 2470 66.59 -8.23 -37.41
C LEU A 2470 67.87 -7.70 -36.76
N GLY A 2471 68.82 -7.20 -37.55
CA GLY A 2471 70.04 -6.65 -36.98
C GLY A 2471 69.90 -5.28 -36.38
N GLN A 2472 68.78 -4.60 -36.61
CA GLN A 2472 68.57 -3.26 -36.06
C GLN A 2472 67.16 -3.06 -35.51
N TYR A 2473 66.41 -4.13 -35.27
CA TYR A 2473 65.04 -4.02 -34.76
C TYR A 2473 64.70 -5.28 -33.98
N VAL A 2474 64.40 -5.12 -32.69
CA VAL A 2474 63.94 -6.22 -31.85
C VAL A 2474 62.80 -5.70 -30.99
N SER A 2475 61.76 -6.51 -30.83
CA SER A 2475 60.64 -6.19 -29.97
C SER A 2475 60.72 -7.03 -28.70
N VAL A 2476 60.17 -6.49 -27.61
CA VAL A 2476 60.15 -7.17 -26.33
C VAL A 2476 58.75 -7.15 -25.75
N VAL A 2477 58.38 -8.21 -25.04
CA VAL A 2477 57.18 -8.25 -24.22
C VAL A 2477 57.56 -7.94 -22.79
N VAL A 2478 56.71 -7.19 -22.10
CA VAL A 2478 56.92 -6.85 -20.69
C VAL A 2478 55.67 -7.26 -19.93
N LEU A 2479 55.76 -8.35 -19.17
CA LEU A 2479 54.69 -8.78 -18.28
C LEU A 2479 54.95 -8.09 -16.94
N ASP A 2480 54.36 -6.91 -16.75
CA ASP A 2480 54.67 -6.04 -15.62
C ASP A 2480 54.18 -6.57 -14.28
N GLU A 2481 53.21 -7.49 -14.27
CA GLU A 2481 52.74 -8.09 -13.02
C GLU A 2481 52.62 -9.60 -13.16
N VAL A 2482 53.69 -10.26 -13.64
CA VAL A 2482 53.71 -11.69 -13.86
C VAL A 2482 53.62 -12.47 -12.54
N GLY A 2483 53.91 -11.82 -11.41
CA GLY A 2483 53.87 -12.51 -10.13
C GLY A 2483 52.46 -12.70 -9.59
N LEU A 2484 51.45 -12.17 -10.28
CA LEU A 2484 50.07 -12.39 -9.87
C LEU A 2484 49.53 -13.72 -10.39
N ALA A 2485 49.90 -14.10 -11.61
CA ALA A 2485 49.22 -15.19 -12.29
C ALA A 2485 49.95 -16.52 -12.25
N GLU A 2486 50.74 -16.80 -11.20
CA GLU A 2486 51.55 -18.01 -11.22
C GLU A 2486 50.72 -19.24 -10.87
N ASP A 2487 49.63 -19.06 -10.12
CA ASP A 2487 48.85 -20.20 -9.65
C ASP A 2487 47.36 -20.01 -9.89
N SER A 2488 47.01 -19.39 -11.01
CA SER A 2488 45.62 -19.35 -11.44
C SER A 2488 45.19 -20.75 -11.88
N PRO A 2489 43.93 -21.14 -11.63
CA PRO A 2489 43.49 -22.48 -12.04
C PRO A 2489 43.40 -22.69 -13.55
N LYS A 2490 43.37 -21.61 -14.34
CA LYS A 2490 43.46 -21.76 -15.79
C LYS A 2490 44.88 -22.04 -16.25
N MET A 2491 45.89 -21.83 -15.38
CA MET A 2491 47.33 -21.97 -15.61
C MET A 2491 47.79 -21.16 -16.82
N PRO A 2492 47.86 -19.83 -16.74
CA PRO A 2492 48.28 -19.04 -17.90
C PRO A 2492 49.77 -19.12 -18.17
N LEU A 2493 50.58 -19.13 -17.12
CA LEU A 2493 52.04 -19.17 -17.26
C LEU A 2493 52.57 -20.60 -17.22
N LYS A 2494 51.99 -21.46 -18.07
CA LYS A 2494 52.55 -22.77 -18.34
C LYS A 2494 52.95 -22.91 -19.81
N THR A 2495 52.53 -21.99 -20.67
CA THR A 2495 52.80 -22.02 -22.10
C THR A 2495 53.84 -20.95 -22.44
N LEU A 2496 54.43 -20.34 -21.41
CA LEU A 2496 55.49 -19.35 -21.60
C LEU A 2496 56.83 -20.02 -21.87
N HIS A 2497 56.93 -21.31 -21.57
CA HIS A 2497 58.14 -22.09 -21.83
C HIS A 2497 58.46 -22.26 -23.31
N PRO A 2498 57.51 -22.58 -24.23
CA PRO A 2498 57.90 -22.56 -25.64
C PRO A 2498 57.99 -21.16 -26.23
N LEU A 2499 57.18 -20.21 -25.74
CA LEU A 2499 57.15 -18.87 -26.31
C LEU A 2499 58.46 -18.13 -26.10
N LEU A 2500 59.25 -18.54 -25.11
CA LEU A 2500 60.56 -17.96 -24.92
C LEU A 2500 61.67 -18.70 -25.67
N GLU A 2501 61.36 -19.83 -26.32
CA GLU A 2501 62.41 -20.57 -27.01
C GLU A 2501 62.19 -20.67 -28.52
N ASP A 2502 61.05 -21.20 -28.97
CA ASP A 2502 60.90 -21.41 -30.41
C ASP A 2502 59.97 -20.38 -31.05
N GLY A 2503 59.39 -19.49 -30.23
CA GLY A 2503 58.59 -18.38 -30.70
C GLY A 2503 57.10 -18.61 -30.68
N CYS A 2504 56.63 -19.79 -31.07
CA CYS A 2504 55.20 -20.04 -31.15
C CYS A 2504 54.95 -21.54 -31.03
N ILE A 2505 53.67 -21.87 -30.85
CA ILE A 2505 53.21 -23.24 -30.63
C ILE A 2505 52.46 -23.67 -31.88
N GLU A 2506 52.59 -24.97 -32.22
CA GLU A 2506 51.89 -25.64 -33.32
C GLU A 2506 52.26 -25.05 -34.68
N ASP A 2507 53.52 -24.64 -34.84
CA ASP A 2507 54.04 -24.21 -36.13
C ASP A 2507 55.56 -24.42 -36.11
N ASP A 2508 56.14 -24.42 -37.32
CA ASP A 2508 57.57 -24.63 -37.45
C ASP A 2508 58.33 -23.40 -36.93
N PRO A 2509 59.54 -23.60 -36.40
CA PRO A 2509 60.38 -22.47 -36.02
C PRO A 2509 60.81 -21.65 -37.24
N ALA A 2510 60.91 -20.35 -37.03
CA ALA A 2510 61.11 -19.40 -38.12
C ALA A 2510 61.71 -18.13 -37.53
N PRO A 2511 62.32 -17.28 -38.37
CA PRO A 2511 62.69 -15.93 -37.91
C PRO A 2511 61.44 -15.07 -37.66
N TYR A 2512 61.72 -13.86 -37.16
CA TYR A 2512 60.74 -12.88 -36.64
C TYR A 2512 59.73 -13.49 -35.66
N LYS A 2513 60.15 -14.51 -34.91
CA LYS A 2513 59.32 -15.14 -33.90
C LYS A 2513 59.94 -15.12 -32.52
N LYS A 2514 61.26 -15.26 -32.42
CA LYS A 2514 61.93 -15.19 -31.13
C LYS A 2514 61.93 -13.74 -30.65
N VAL A 2515 61.45 -13.53 -29.42
CA VAL A 2515 61.16 -12.21 -28.86
C VAL A 2515 61.84 -12.11 -27.51
N GLY A 2516 62.44 -10.94 -27.23
CA GLY A 2516 63.02 -10.70 -25.92
C GLY A 2516 61.98 -10.50 -24.85
N PHE A 2517 62.43 -10.49 -23.59
CA PHE A 2517 61.52 -10.54 -22.46
C PHE A 2517 62.16 -9.86 -21.25
N VAL A 2518 61.43 -8.91 -20.66
CA VAL A 2518 61.78 -8.30 -19.38
C VAL A 2518 60.59 -8.55 -18.46
N GLY A 2519 60.68 -9.62 -17.66
CA GLY A 2519 59.58 -9.99 -16.78
C GLY A 2519 59.61 -9.32 -15.42
N ILE A 2520 59.27 -8.03 -15.37
CA ILE A 2520 59.26 -7.26 -14.14
C ILE A 2520 58.13 -7.74 -13.24
N SER A 2521 58.45 -8.02 -11.97
CA SER A 2521 57.43 -8.49 -11.04
C SER A 2521 57.62 -7.80 -9.70
N ASN A 2522 56.49 -7.59 -9.02
CA ASN A 2522 56.50 -7.16 -7.62
C ASN A 2522 56.33 -8.32 -6.66
N TRP A 2523 56.27 -9.54 -7.16
CA TRP A 2523 56.03 -10.73 -6.36
C TRP A 2523 57.10 -11.76 -6.65
N ALA A 2524 57.40 -12.61 -5.66
CA ALA A 2524 58.36 -13.67 -5.87
C ALA A 2524 57.77 -14.74 -6.80
N LEU A 2525 58.63 -15.31 -7.64
CA LEU A 2525 58.22 -16.14 -8.75
C LEU A 2525 58.52 -17.61 -8.49
N ASP A 2526 58.14 -18.44 -9.47
CA ASP A 2526 58.39 -19.88 -9.48
C ASP A 2526 59.72 -20.16 -10.16
N PRO A 2527 60.74 -20.63 -9.43
CA PRO A 2527 62.08 -20.72 -10.03
C PRO A 2527 62.26 -21.83 -11.05
N ALA A 2528 61.38 -22.82 -11.08
CA ALA A 2528 61.67 -24.03 -11.86
C ALA A 2528 61.44 -23.82 -13.35
N LYS A 2529 60.41 -23.07 -13.74
CA LYS A 2529 60.16 -22.79 -15.14
C LYS A 2529 60.77 -21.48 -15.58
N MET A 2530 61.13 -20.60 -14.65
CA MET A 2530 61.93 -19.42 -14.94
C MET A 2530 63.43 -19.58 -14.70
N ASN A 2531 63.93 -20.82 -14.58
CA ASN A 2531 65.38 -20.99 -14.43
C ASN A 2531 66.13 -20.77 -15.75
N ARG A 2532 65.39 -20.70 -16.87
CA ARG A 2532 66.00 -20.47 -18.17
C ARG A 2532 66.59 -19.07 -18.30
N GLY A 2533 66.09 -18.11 -17.53
CA GLY A 2533 66.59 -16.75 -17.58
C GLY A 2533 67.42 -16.43 -16.35
N ILE A 2534 67.72 -15.15 -16.19
CA ILE A 2534 68.61 -14.67 -15.13
C ILE A 2534 67.72 -14.06 -14.05
N PHE A 2535 67.69 -14.69 -12.88
CA PHE A 2535 67.03 -14.11 -11.72
C PHE A 2535 67.87 -12.96 -11.18
N VAL A 2536 67.52 -11.73 -11.55
CA VAL A 2536 68.11 -10.60 -10.86
C VAL A 2536 67.17 -10.32 -9.70
N SER A 2537 67.38 -11.03 -8.60
CA SER A 2537 66.51 -10.96 -7.43
C SER A 2537 66.92 -9.81 -6.54
N ARG A 2538 66.01 -8.88 -6.28
CA ARG A 2538 66.43 -7.67 -5.59
C ARG A 2538 66.22 -7.82 -4.09
N GLY A 2539 67.12 -7.21 -3.33
CA GLY A 2539 67.13 -7.37 -1.89
C GLY A 2539 66.50 -6.20 -1.15
N SER A 2540 66.24 -6.40 0.14
CA SER A 2540 65.71 -5.35 0.98
C SER A 2540 66.77 -4.26 1.19
N PRO A 2541 66.35 -2.99 1.26
CA PRO A 2541 67.33 -1.90 1.43
C PRO A 2541 67.88 -1.81 2.84
N ASN A 2542 69.20 -1.68 2.94
CA ASN A 2542 69.85 -1.41 4.21
C ASN A 2542 69.93 0.11 4.40
N GLU A 2543 70.54 0.56 5.49
CA GLU A 2543 70.65 1.99 5.74
C GLU A 2543 71.65 2.67 4.80
N LYS A 2544 72.70 1.95 4.40
CA LYS A 2544 73.71 2.51 3.50
C LYS A 2544 73.13 2.78 2.11
N GLU A 2545 72.37 1.82 1.56
CA GLU A 2545 71.72 2.02 0.28
C GLU A 2545 70.64 3.09 0.36
N LEU A 2546 69.93 3.17 1.49
CA LEU A 2546 68.92 4.20 1.67
C LEU A 2546 69.53 5.59 1.72
N ILE A 2547 70.66 5.76 2.42
CA ILE A 2547 71.26 7.08 2.46
C ILE A 2547 72.00 7.40 1.15
N GLU A 2548 72.43 6.37 0.40
CA GLU A 2548 72.98 6.63 -0.93
C GLU A 2548 71.91 7.08 -1.90
N SER A 2549 70.71 6.49 -1.81
CA SER A 2549 69.58 6.97 -2.61
C SER A 2549 69.14 8.37 -2.16
N ALA A 2550 69.24 8.65 -0.86
CA ALA A 2550 68.94 9.99 -0.36
C ALA A 2550 69.92 11.02 -0.90
N GLU A 2551 71.20 10.64 -1.02
CA GLU A 2551 72.16 11.49 -1.72
C GLU A 2551 71.84 11.65 -3.20
N GLY A 2552 71.41 10.57 -3.86
CA GLY A 2552 71.14 10.62 -5.28
C GLY A 2552 69.90 11.40 -5.65
N ILE A 2553 68.97 11.59 -4.71
CA ILE A 2553 67.75 12.32 -5.01
C ILE A 2553 67.89 13.70 -4.37
N CYS A 2554 69.13 14.10 -4.07
CA CYS A 2554 69.36 15.49 -3.68
C CYS A 2554 70.61 16.04 -4.36
N SER A 2555 71.27 15.20 -5.16
CA SER A 2555 72.52 15.58 -5.81
C SER A 2555 72.39 16.63 -6.90
N SER A 2556 71.16 16.98 -7.30
CA SER A 2556 70.95 17.99 -8.33
C SER A 2556 71.37 19.38 -7.85
N ASP A 2557 71.26 19.66 -6.56
CA ASP A 2557 71.76 20.88 -5.96
C ASP A 2557 72.85 20.53 -4.97
N ARG A 2558 73.71 21.51 -4.68
CA ARG A 2558 74.88 21.29 -3.83
C ARG A 2558 74.87 22.08 -2.54
N LEU A 2559 74.06 23.15 -2.44
CA LEU A 2559 74.05 23.94 -1.22
C LEU A 2559 73.01 23.41 -0.23
N VAL A 2560 71.77 23.26 -0.68
CA VAL A 2560 70.73 22.70 0.17
C VAL A 2560 70.95 21.21 0.44
N GLN A 2561 71.71 20.53 -0.42
CA GLN A 2561 72.14 19.16 -0.12
C GLN A 2561 73.01 19.13 1.15
N ASP A 2562 73.99 20.02 1.22
CA ASP A 2562 74.80 20.10 2.43
C ASP A 2562 74.08 20.77 3.59
N LYS A 2563 72.95 21.44 3.33
CA LYS A 2563 72.15 21.97 4.42
C LYS A 2563 71.25 20.89 5.04
N ILE A 2564 70.68 20.00 4.22
CA ILE A 2564 69.74 18.99 4.70
C ILE A 2564 70.35 17.60 4.60
N ARG A 2565 71.69 17.50 4.60
CA ARG A 2565 72.33 16.20 4.72
C ARG A 2565 72.18 15.58 6.10
N GLY A 2566 71.93 16.39 7.14
CA GLY A 2566 71.87 15.86 8.48
C GLY A 2566 70.61 15.07 8.80
N TYR A 2567 69.55 15.28 8.03
CA TYR A 2567 68.27 14.63 8.29
C TYR A 2567 68.13 13.27 7.62
N PHE A 2568 69.09 12.86 6.80
CA PHE A 2568 68.91 11.68 5.96
C PHE A 2568 68.98 10.39 6.78
N ALA A 2569 69.96 10.29 7.69
CA ALA A 2569 70.06 9.14 8.58
C ALA A 2569 68.92 9.02 9.60
N PRO A 2570 68.44 10.09 10.28
CA PRO A 2570 67.23 9.91 11.10
C PRO A 2570 65.99 9.53 10.31
N PHE A 2571 65.82 10.05 9.10
CA PHE A 2571 64.69 9.64 8.26
C PHE A 2571 64.83 8.18 7.84
N ALA A 2572 66.05 7.73 7.56
CA ALA A 2572 66.28 6.34 7.21
C ALA A 2572 65.98 5.41 8.39
N LYS A 2573 66.41 5.78 9.59
CA LYS A 2573 66.13 4.97 10.77
C LYS A 2573 64.64 4.95 11.11
N ALA A 2574 63.97 6.10 10.96
CA ALA A 2574 62.53 6.17 11.21
C ALA A 2574 61.75 5.36 10.18
N TYR A 2575 62.17 5.39 8.91
CA TYR A 2575 61.53 4.55 7.89
C TYR A 2575 61.77 3.07 8.16
N GLU A 2576 62.96 2.72 8.64
CA GLU A 2576 63.26 1.32 8.97
C GLU A 2576 62.38 0.84 10.11
N THR A 2577 62.19 1.66 11.15
CA THR A 2577 61.33 1.29 12.26
C THR A 2577 59.86 1.22 11.84
N VAL A 2578 59.43 2.12 10.96
CA VAL A 2578 58.04 2.10 10.47
C VAL A 2578 57.79 0.87 9.63
N CYS A 2579 58.71 0.54 8.72
CA CYS A 2579 58.53 -0.60 7.84
C CYS A 2579 58.69 -1.93 8.57
N GLN A 2580 59.47 -1.98 9.65
CA GLN A 2580 59.54 -3.19 10.44
C GLN A 2580 58.45 -3.30 11.49
N LYS A 2581 57.75 -2.19 11.79
CA LYS A 2581 56.69 -2.23 12.79
C LYS A 2581 55.45 -2.92 12.25
N GLN A 2582 55.04 -2.60 11.03
CA GLN A 2582 53.81 -3.12 10.48
C GLN A 2582 54.04 -4.49 9.83
N ASP A 2583 53.08 -5.39 10.03
CA ASP A 2583 53.17 -6.72 9.44
C ASP A 2583 52.79 -6.70 7.96
N LYS A 2584 51.66 -6.09 7.64
CA LYS A 2584 51.27 -5.92 6.24
C LYS A 2584 52.15 -4.87 5.58
N GLU A 2585 52.48 -5.09 4.31
CA GLU A 2585 53.40 -4.22 3.58
C GLU A 2585 52.64 -3.02 3.01
N PHE A 2586 52.17 -2.17 3.92
CA PHE A 2586 51.40 -1.00 3.51
C PHE A 2586 52.28 0.16 3.06
N PHE A 2587 53.51 0.24 3.56
CA PHE A 2587 54.41 1.33 3.25
C PHE A 2587 55.64 0.79 2.53
N GLY A 2588 56.22 1.62 1.67
CA GLY A 2588 57.37 1.22 0.88
C GLY A 2588 58.40 2.32 0.70
N LEU A 2589 59.34 2.10 -0.22
CA LEU A 2589 60.43 3.06 -0.43
C LEU A 2589 59.94 4.31 -1.16
N ARG A 2590 58.83 4.21 -1.90
CA ARG A 2590 58.30 5.35 -2.66
C ARG A 2590 57.89 6.49 -1.73
N ASP A 2591 57.33 6.16 -0.57
CA ASP A 2591 56.93 7.18 0.40
C ASP A 2591 58.14 7.90 1.00
N TYR A 2592 59.21 7.16 1.30
CA TYR A 2592 60.43 7.79 1.81
C TYR A 2592 61.09 8.66 0.75
N TYR A 2593 61.09 8.20 -0.51
CA TYR A 2593 61.65 8.99 -1.60
C TYR A 2593 60.85 10.27 -1.82
N SER A 2594 59.52 10.17 -1.72
CA SER A 2594 58.67 11.35 -1.86
C SER A 2594 58.86 12.31 -0.70
N LEU A 2595 59.13 11.78 0.50
CA LEU A 2595 59.48 12.62 1.64
C LEU A 2595 60.78 13.37 1.41
N ILE A 2596 61.78 12.69 0.85
CA ILE A 2596 63.07 13.31 0.55
C ILE A 2596 62.91 14.41 -0.50
N LYS A 2597 62.13 14.13 -1.56
CA LYS A 2597 61.89 15.13 -2.60
C LYS A 2597 61.10 16.33 -2.06
N MET A 2598 60.15 16.08 -1.16
CA MET A 2598 59.32 17.16 -0.64
C MET A 2598 60.12 18.07 0.30
N VAL A 2599 60.95 17.49 1.17
CA VAL A 2599 61.77 18.33 2.03
C VAL A 2599 62.87 19.02 1.22
N PHE A 2600 63.32 18.40 0.12
CA PHE A 2600 64.28 19.07 -0.76
C PHE A 2600 63.65 20.28 -1.45
N ALA A 2601 62.41 20.13 -1.94
CA ALA A 2601 61.72 21.23 -2.60
C ALA A 2601 61.41 22.35 -1.61
N LYS A 2602 61.01 22.00 -0.39
CA LYS A 2602 60.75 23.04 0.61
C LYS A 2602 62.03 23.73 1.08
N ALA A 2603 63.14 23.00 1.14
CA ALA A 2603 64.41 23.62 1.49
C ALA A 2603 64.91 24.54 0.37
N LYS A 2604 64.68 24.15 -0.89
CA LYS A 2604 65.08 24.99 -2.01
C LYS A 2604 64.23 26.25 -2.10
N ALA A 2605 62.91 26.12 -1.88
CA ALA A 2605 62.03 27.28 -1.96
C ALA A 2605 62.16 28.18 -0.73
N SER A 2606 62.50 27.63 0.43
CA SER A 2606 62.54 28.42 1.64
C SER A 2606 63.76 29.34 1.69
N LYS A 2607 64.93 28.83 1.29
CA LYS A 2607 66.21 29.54 1.27
C LYS A 2607 66.62 30.06 2.65
N ARG A 2608 66.17 29.40 3.71
CA ARG A 2608 66.58 29.77 5.06
C ARG A 2608 66.90 28.58 5.96
N GLY A 2609 66.55 27.35 5.57
CA GLY A 2609 66.68 26.18 6.40
C GLY A 2609 65.40 25.39 6.38
N LEU A 2610 65.10 24.74 7.51
CA LEU A 2610 63.88 23.97 7.65
C LEU A 2610 63.30 24.19 9.05
N SER A 2611 62.21 24.96 9.11
CA SER A 2611 61.42 25.04 10.33
C SER A 2611 60.75 23.69 10.57
N PRO A 2612 60.58 23.27 11.84
CA PRO A 2612 60.07 21.92 12.12
C PRO A 2612 58.64 21.68 11.66
N GLN A 2613 57.85 22.73 11.47
CA GLN A 2613 56.51 22.57 10.91
C GLN A 2613 56.55 22.06 9.48
N ASP A 2614 57.60 22.40 8.72
CA ASP A 2614 57.78 21.83 7.39
C ASP A 2614 58.04 20.34 7.43
N ILE A 2615 58.86 19.87 8.39
CA ILE A 2615 59.15 18.45 8.52
C ILE A 2615 57.89 17.69 8.95
N THR A 2616 57.13 18.24 9.90
CA THR A 2616 55.90 17.58 10.34
C THR A 2616 54.85 17.56 9.22
N HIS A 2617 54.75 18.65 8.45
CA HIS A 2617 53.81 18.68 7.32
C HIS A 2617 54.22 17.68 6.26
N ALA A 2618 55.51 17.54 5.98
CA ALA A 2618 55.98 16.58 4.98
C ALA A 2618 55.75 15.15 5.44
N VAL A 2619 56.03 14.85 6.70
CA VAL A 2619 55.90 13.47 7.18
C VAL A 2619 54.43 13.12 7.42
N LEU A 2620 53.55 14.11 7.58
CA LEU A 2620 52.14 13.80 7.72
C LEU A 2620 51.43 13.76 6.37
N ARG A 2621 51.93 14.51 5.38
CA ARG A 2621 51.37 14.41 4.04
C ARG A 2621 51.81 13.13 3.36
N ASN A 2622 53.05 12.72 3.57
CA ASN A 2622 53.55 11.52 2.92
C ASN A 2622 53.13 10.26 3.68
N PHE A 2623 53.57 10.12 4.93
CA PHE A 2623 53.28 8.94 5.74
C PHE A 2623 51.91 9.11 6.40
N SER A 2624 50.90 8.50 5.78
CA SER A 2624 49.53 8.52 6.30
C SER A 2624 48.78 7.31 5.73
N GLY A 2625 47.56 7.13 6.19
CA GLY A 2625 46.68 6.11 5.63
C GLY A 2625 46.35 4.95 6.54
N LYS A 2626 47.34 4.47 7.31
CA LYS A 2626 47.13 3.33 8.18
C LYS A 2626 46.55 3.79 9.52
N ASP A 2627 45.56 3.04 10.01
CA ASP A 2627 44.88 3.41 11.24
C ASP A 2627 45.73 3.19 12.47
N ASN A 2628 46.42 2.05 12.57
CA ASN A 2628 47.24 1.73 13.74
C ASN A 2628 48.71 2.12 13.57
N ILE A 2629 48.94 3.35 13.09
CA ILE A 2629 50.30 3.85 12.86
C ILE A 2629 50.31 5.32 13.29
N GLN A 2630 51.18 5.64 14.25
CA GLN A 2630 51.50 7.03 14.58
C GLN A 2630 52.88 7.32 14.01
N ALA A 2631 52.90 7.66 12.71
CA ALA A 2631 54.16 7.84 12.01
C ALA A 2631 54.86 9.14 12.42
N LEU A 2632 54.09 10.16 12.82
CA LEU A 2632 54.68 11.39 13.33
C LEU A 2632 55.43 11.15 14.63
N SER A 2633 54.85 10.32 15.52
CA SER A 2633 55.51 10.02 16.79
C SER A 2633 56.78 9.19 16.58
N ILE A 2634 56.76 8.27 15.61
CA ILE A 2634 57.95 7.49 15.31
C ILE A 2634 59.04 8.35 14.69
N PHE A 2635 58.66 9.24 13.77
CA PHE A 2635 59.64 10.10 13.12
C PHE A 2635 60.16 11.19 14.06
N THR A 2636 59.41 11.58 15.08
CA THR A 2636 59.89 12.50 16.07
C THR A 2636 60.54 11.81 17.27
N ALA A 2637 60.47 10.48 17.33
CA ALA A 2637 61.22 9.75 18.35
C ALA A 2637 62.72 9.79 18.06
N SER A 2638 63.10 9.61 16.80
CA SER A 2638 64.49 9.74 16.39
C SER A 2638 64.90 11.19 16.14
N LEU A 2639 63.94 12.11 16.06
CA LEU A 2639 64.20 13.53 15.86
C LEU A 2639 63.49 14.31 16.97
N PRO A 2640 64.12 14.46 18.13
CA PRO A 2640 63.47 15.17 19.24
C PRO A 2640 63.39 16.68 19.05
N GLU A 2641 64.16 17.25 18.12
CA GLU A 2641 64.11 18.69 17.90
C GLU A 2641 62.86 19.11 17.13
N ALA A 2642 62.35 18.27 16.26
CA ALA A 2642 61.25 18.62 15.37
C ALA A 2642 59.89 18.26 15.98
N ARG A 2643 59.64 18.73 17.19
CA ARG A 2643 58.36 18.49 17.86
C ARG A 2643 57.45 19.70 17.63
N TYR A 2644 56.31 19.47 17.00
CA TYR A 2644 55.34 20.52 16.73
C TYR A 2644 54.15 20.33 17.66
N LYS A 2645 53.94 21.29 18.55
CA LYS A 2645 52.89 21.20 19.56
C LYS A 2645 51.54 21.70 19.09
N GLU A 2646 51.47 22.35 17.92
CA GLU A 2646 50.21 22.85 17.40
C GLU A 2646 49.55 21.80 16.52
N GLU A 2647 48.22 21.80 16.51
CA GLU A 2647 47.46 20.80 15.78
C GLU A 2647 47.36 21.16 14.31
N VAL A 2648 47.56 20.17 13.45
CA VAL A 2648 47.40 20.30 12.01
C VAL A 2648 46.37 19.28 11.54
N SER A 2649 45.45 19.73 10.68
CA SER A 2649 44.33 18.92 10.25
C SER A 2649 44.49 18.50 8.80
N THR A 2650 43.56 17.66 8.35
CA THR A 2650 43.67 17.04 7.03
C THR A 2650 43.34 18.04 5.91
N VAL A 2651 42.56 19.08 6.22
CA VAL A 2651 42.03 19.97 5.18
C VAL A 2651 43.14 20.81 4.54
N GLU A 2652 44.09 21.30 5.35
CA GLU A 2652 45.21 22.03 4.77
C GLU A 2652 46.18 21.10 4.06
N LEU A 2653 46.26 19.84 4.46
CA LEU A 2653 47.08 18.86 3.74
C LEU A 2653 46.51 18.60 2.35
N ILE A 2654 45.19 18.43 2.26
CA ILE A 2654 44.53 18.23 0.96
C ILE A 2654 44.63 19.50 0.12
N LYS A 2655 44.52 20.66 0.76
CA LYS A 2655 44.63 21.93 0.04
C LYS A 2655 46.05 22.16 -0.51
N GLN A 2656 47.07 21.76 0.24
CA GLN A 2656 48.45 21.91 -0.22
C GLN A 2656 48.88 20.80 -1.17
N ASN A 2657 48.15 19.69 -1.23
CA ASN A 2657 48.45 18.66 -2.22
C ASN A 2657 47.67 18.82 -3.52
N ILE A 2658 46.50 19.44 -3.48
CA ILE A 2658 45.72 19.69 -4.68
C ILE A 2658 45.98 21.07 -5.27
N TYR A 2659 46.09 22.10 -4.45
CA TYR A 2659 46.40 23.46 -4.90
C TYR A 2659 47.80 23.85 -4.43
N PRO A 2660 48.84 23.56 -5.20
CA PRO A 2660 50.20 23.88 -4.75
C PRO A 2660 50.52 25.36 -4.93
N GLY A 2661 51.75 25.71 -4.57
CA GLY A 2661 52.24 27.05 -4.74
C GLY A 2661 52.46 27.39 -6.20
N PRO A 2662 52.39 28.69 -6.54
CA PRO A 2662 52.67 29.10 -7.93
C PRO A 2662 54.09 28.82 -8.39
N GLN A 2663 55.06 28.88 -7.48
CA GLN A 2663 56.47 28.71 -7.85
C GLN A 2663 56.81 27.25 -8.17
N ALA A 2664 56.02 26.30 -7.66
CA ALA A 2664 56.29 24.89 -7.90
C ALA A 2664 56.05 24.52 -9.36
N SER A 2665 56.96 23.70 -9.90
CA SER A 2665 56.94 23.22 -11.30
C SER A 2665 56.95 24.38 -12.30
N SER A 2666 57.74 25.42 -12.00
CA SER A 2666 57.84 26.59 -12.86
C SER A 2666 59.24 26.84 -13.39
N ARG A 2667 60.25 26.13 -12.90
CA ARG A 2667 61.62 26.29 -13.37
C ARG A 2667 61.87 25.38 -14.57
N GLY A 2668 63.14 25.25 -14.94
CA GLY A 2668 63.54 24.38 -16.03
C GLY A 2668 63.32 22.91 -15.72
N LEU A 2669 62.31 22.32 -16.39
CA LEU A 2669 61.80 20.95 -16.30
C LEU A 2669 61.26 20.58 -14.91
N ASP A 2670 60.46 19.52 -14.85
CA ASP A 2670 59.79 19.12 -13.61
C ASP A 2670 60.36 17.78 -13.17
N GLY A 2671 60.96 17.75 -11.98
CA GLY A 2671 61.46 16.52 -11.42
C GLY A 2671 61.06 16.31 -9.97
N ALA A 2672 60.53 17.36 -9.34
CA ALA A 2672 60.16 17.32 -7.93
C ALA A 2672 58.70 17.75 -7.80
N GLU A 2673 57.84 16.82 -7.39
CA GLU A 2673 56.42 17.07 -7.22
C GLU A 2673 55.85 16.00 -6.30
N SER A 2674 54.55 16.12 -6.01
CA SER A 2674 53.86 15.14 -5.18
C SER A 2674 53.26 14.04 -6.06
N ARG A 2675 52.75 13.00 -5.42
CA ARG A 2675 52.11 11.91 -6.14
C ARG A 2675 50.60 12.21 -6.27
N TYR A 2676 49.85 11.25 -6.80
CA TYR A 2676 48.42 11.43 -7.02
C TYR A 2676 47.66 11.07 -5.75
N LEU A 2677 46.77 11.98 -5.34
CA LEU A 2677 46.13 11.87 -4.03
C LEU A 2677 45.05 10.80 -4.05
N LEU A 2678 44.78 10.23 -2.86
CA LEU A 2678 43.71 9.28 -2.66
C LEU A 2678 43.03 9.61 -1.34
N VAL A 2679 41.71 9.46 -1.28
CA VAL A 2679 40.95 9.67 -0.06
C VAL A 2679 40.36 8.33 0.40
N LEU A 2680 40.42 8.09 1.70
CA LEU A 2680 39.90 6.87 2.30
C LEU A 2680 38.58 7.19 3.00
N THR A 2681 37.48 6.65 2.49
CA THR A 2681 36.15 6.97 3.01
C THR A 2681 35.29 5.71 3.11
N ARG A 2682 34.08 5.90 3.62
CA ARG A 2682 33.08 4.85 3.71
C ARG A 2682 31.73 5.43 3.31
N ASN A 2683 30.96 4.65 2.53
CA ASN A 2683 29.60 4.97 2.08
C ASN A 2683 29.55 6.22 1.20
N TYR A 2684 30.65 6.49 0.48
CA TYR A 2684 30.74 7.52 -0.57
C TYR A 2684 30.39 8.91 -0.07
N VAL A 2685 31.23 9.42 0.82
CA VAL A 2685 31.01 10.72 1.46
C VAL A 2685 32.01 11.77 0.98
N ALA A 2686 33.09 11.33 0.31
CA ALA A 2686 34.17 12.23 -0.10
C ALA A 2686 33.74 13.25 -1.14
N LEU A 2687 32.77 12.89 -1.99
CA LEU A 2687 32.39 13.76 -3.09
C LEU A 2687 31.74 15.05 -2.59
N GLN A 2688 30.86 14.94 -1.58
CA GLN A 2688 30.19 16.12 -1.03
C GLN A 2688 31.19 17.08 -0.41
N ILE A 2689 32.13 16.55 0.38
CA ILE A 2689 33.12 17.41 1.01
C ILE A 2689 34.16 17.91 0.00
N LEU A 2690 34.32 17.23 -1.14
CA LEU A 2690 35.26 17.71 -2.15
C LEU A 2690 34.69 18.85 -2.99
N GLN A 2691 33.52 18.68 -3.61
CA GLN A 2691 32.94 19.86 -4.28
C GLN A 2691 32.32 20.88 -3.34
N GLN A 2692 32.31 20.68 -2.02
CA GLN A 2692 31.99 21.82 -1.16
C GLN A 2692 33.26 22.62 -0.84
N THR A 2693 34.26 21.99 -0.21
CA THR A 2693 35.38 22.73 0.36
C THR A 2693 36.39 23.19 -0.68
N PHE A 2694 37.08 22.25 -1.33
CA PHE A 2694 38.38 22.52 -1.93
C PHE A 2694 38.32 22.91 -3.40
N PHE A 2695 37.36 22.40 -4.16
CA PHE A 2695 37.29 22.68 -5.59
C PHE A 2695 36.81 24.11 -5.79
N GLU A 2696 37.76 25.02 -6.01
CA GLU A 2696 37.49 26.44 -6.13
C GLU A 2696 37.93 26.92 -7.50
N GLY A 2697 37.13 27.78 -8.12
CA GLY A 2697 37.45 28.32 -9.42
C GLY A 2697 37.03 27.45 -10.58
N GLN A 2698 37.76 26.36 -10.81
CA GLN A 2698 37.47 25.43 -11.90
C GLN A 2698 37.09 24.08 -11.31
N GLN A 2699 35.90 23.61 -11.67
CA GLN A 2699 35.47 22.29 -11.25
C GLN A 2699 36.19 21.20 -12.04
N PRO A 2700 36.49 20.07 -11.43
CA PRO A 2700 37.13 18.97 -12.14
C PRO A 2700 36.11 18.19 -12.98
N GLU A 2701 36.63 17.27 -13.79
CA GLU A 2701 35.81 16.37 -14.58
C GLU A 2701 35.77 15.03 -13.84
N ILE A 2702 34.58 14.61 -13.44
CA ILE A 2702 34.41 13.38 -12.68
C ILE A 2702 34.25 12.23 -13.67
N ILE A 2703 35.23 11.34 -13.71
CA ILE A 2703 35.15 10.10 -14.47
C ILE A 2703 34.66 9.00 -13.55
N PHE A 2704 33.56 8.36 -13.93
CA PHE A 2704 32.80 7.52 -13.01
C PHE A 2704 32.20 6.34 -13.76
N GLY A 2705 31.72 5.38 -12.96
CA GLY A 2705 31.07 4.18 -13.44
C GLY A 2705 29.61 4.35 -13.79
N SER A 2706 29.33 4.87 -14.99
CA SER A 2706 27.97 5.16 -15.45
C SER A 2706 27.09 3.91 -15.41
N SER A 2707 25.89 4.07 -14.85
CA SER A 2707 25.01 2.95 -14.52
C SER A 2707 23.77 2.88 -15.42
N PHE A 2708 23.85 3.45 -16.62
CA PHE A 2708 22.74 3.34 -17.56
C PHE A 2708 22.64 1.91 -18.08
N PRO A 2709 21.43 1.39 -18.28
CA PRO A 2709 21.29 -0.04 -18.57
C PRO A 2709 21.73 -0.42 -19.98
N GLN A 2710 22.05 -1.72 -20.12
CA GLN A 2710 22.68 -2.37 -21.27
C GLN A 2710 23.79 -1.57 -21.96
N ASP A 2711 24.61 -0.87 -21.19
CA ASP A 2711 25.82 -0.27 -21.74
C ASP A 2711 26.93 -1.30 -21.80
N GLN A 2712 27.83 -1.12 -22.76
CA GLN A 2712 29.00 -1.97 -22.88
C GLN A 2712 30.13 -1.41 -22.02
N GLU A 2713 30.78 -2.30 -21.25
CA GLU A 2713 31.81 -1.84 -20.33
C GLU A 2713 33.10 -1.48 -21.05
N TYR A 2714 33.38 -2.13 -22.19
CA TYR A 2714 34.62 -1.88 -22.90
C TYR A 2714 34.60 -0.50 -23.57
N THR A 2715 33.48 -0.16 -24.23
CA THR A 2715 33.34 1.16 -24.81
C THR A 2715 33.29 2.24 -23.73
N GLN A 2716 32.72 1.90 -22.57
CA GLN A 2716 32.67 2.83 -21.44
C GLN A 2716 34.07 3.15 -20.91
N ILE A 2717 34.91 2.12 -20.75
CA ILE A 2717 36.25 2.42 -20.24
C ILE A 2717 37.13 3.04 -21.34
N CYS A 2718 36.85 2.75 -22.62
CA CYS A 2718 37.54 3.43 -23.72
C CYS A 2718 37.25 4.93 -23.71
N ARG A 2719 35.97 5.29 -23.57
CA ARG A 2719 35.59 6.70 -23.49
C ARG A 2719 36.12 7.35 -22.22
N ASN A 2720 36.17 6.59 -21.11
CA ASN A 2720 36.68 7.13 -19.85
C ASN A 2720 38.16 7.46 -19.95
N ILE A 2721 38.97 6.56 -20.53
CA ILE A 2721 40.40 6.83 -20.64
C ILE A 2721 40.67 7.91 -21.68
N ASN A 2722 39.80 8.01 -22.71
CA ASN A 2722 39.91 9.14 -23.64
C ASN A 2722 39.64 10.47 -22.93
N ARG A 2723 38.66 10.49 -22.01
CA ARG A 2723 38.39 11.68 -21.24
C ARG A 2723 39.54 12.01 -20.28
N VAL A 2724 40.18 10.98 -19.71
CA VAL A 2724 41.38 11.19 -18.89
C VAL A 2724 42.51 11.79 -19.71
N LYS A 2725 42.69 11.29 -20.95
CA LYS A 2725 43.73 11.81 -21.82
C LYS A 2725 43.47 13.27 -22.23
N ILE A 2726 42.20 13.59 -22.50
CA ILE A 2726 41.84 14.97 -22.84
C ILE A 2726 42.04 15.90 -21.63
N CYS A 2727 41.71 15.41 -20.44
CA CYS A 2727 41.96 16.19 -19.23
C CYS A 2727 43.46 16.34 -18.93
N MET A 2728 44.26 15.37 -19.35
CA MET A 2728 45.71 15.50 -19.23
C MET A 2728 46.26 16.54 -20.19
N GLU A 2729 45.78 16.52 -21.44
CA GLU A 2729 46.29 17.46 -22.44
C GLU A 2729 45.84 18.89 -22.14
N THR A 2730 44.59 19.07 -21.73
CA THR A 2730 44.07 20.41 -21.41
C THR A 2730 44.42 20.85 -19.98
N GLY A 2731 44.83 19.92 -19.12
CA GLY A 2731 45.32 20.29 -17.80
C GLY A 2731 44.25 20.66 -16.79
N LYS A 2732 43.39 19.70 -16.44
CA LYS A 2732 42.40 19.87 -15.40
C LYS A 2732 42.37 18.63 -14.51
N MET A 2733 41.82 18.80 -13.31
CA MET A 2733 41.80 17.73 -12.31
C MET A 2733 40.89 16.59 -12.73
N VAL A 2734 41.22 15.40 -12.23
CA VAL A 2734 40.46 14.18 -12.50
C VAL A 2734 40.08 13.57 -11.17
N VAL A 2735 38.78 13.36 -10.95
CA VAL A 2735 38.28 12.73 -9.74
C VAL A 2735 37.70 11.39 -10.17
N LEU A 2736 38.49 10.33 -10.00
CA LEU A 2736 38.06 8.98 -10.38
C LEU A 2736 37.24 8.37 -9.25
N LEU A 2737 36.12 7.73 -9.61
CA LEU A 2737 35.31 7.02 -8.65
C LEU A 2737 35.41 5.51 -8.79
N ASN A 2738 36.06 5.01 -9.84
CA ASN A 2738 36.32 3.60 -10.01
C ASN A 2738 37.80 3.41 -10.35
N LEU A 2739 38.36 2.31 -9.85
CA LEU A 2739 39.74 1.96 -10.17
C LEU A 2739 39.92 0.48 -10.50
N GLN A 2740 38.94 -0.37 -10.20
CA GLN A 2740 39.03 -1.79 -10.56
C GLN A 2740 38.93 -2.00 -12.06
N ASN A 2741 38.32 -1.07 -12.79
CA ASN A 2741 38.25 -1.16 -14.25
C ASN A 2741 39.38 -0.40 -14.94
N LEU A 2742 40.21 0.33 -14.19
CA LEU A 2742 41.24 1.17 -14.78
C LEU A 2742 42.62 0.92 -14.19
N TYR A 2743 42.79 -0.05 -13.31
CA TYR A 2743 44.10 -0.30 -12.72
C TYR A 2743 45.06 -0.93 -13.72
N GLU A 2744 44.54 -1.73 -14.65
CA GLU A 2744 45.36 -2.33 -15.68
C GLU A 2744 45.70 -1.32 -16.78
N SER A 2745 44.91 -0.26 -16.90
CA SER A 2745 44.98 0.62 -18.05
C SER A 2745 45.45 2.02 -17.72
N LEU A 2746 45.83 2.28 -16.46
CA LEU A 2746 46.28 3.62 -16.08
C LEU A 2746 47.47 3.55 -15.13
N TYR A 2747 48.16 2.41 -15.09
CA TYR A 2747 49.17 2.20 -14.06
C TYR A 2747 50.45 2.98 -14.34
N ASP A 2748 50.77 3.20 -15.62
CA ASP A 2748 52.03 3.86 -15.95
C ASP A 2748 51.98 5.35 -15.69
N ALA A 2749 50.78 5.95 -15.76
CA ALA A 2749 50.65 7.38 -15.48
C ALA A 2749 50.78 7.66 -14.00
N LEU A 2750 50.45 6.69 -13.15
CA LEU A 2750 50.48 6.89 -11.70
C LEU A 2750 51.88 6.81 -11.13
N ASN A 2751 52.86 6.31 -11.90
CA ASN A 2751 54.23 6.22 -11.42
C ASN A 2751 54.92 7.57 -11.33
N GLN A 2752 54.34 8.61 -11.94
CA GLN A 2752 54.85 9.99 -11.95
C GLN A 2752 56.24 10.09 -12.55
N TYR A 2753 56.53 9.26 -13.55
CA TYR A 2753 57.76 9.36 -14.32
C TYR A 2753 57.44 9.79 -15.74
N TYR A 2754 58.22 10.72 -16.28
CA TYR A 2754 57.91 11.39 -17.53
C TYR A 2754 59.00 11.15 -18.56
N VAL A 2755 58.59 11.10 -19.82
CA VAL A 2755 59.52 11.09 -20.95
C VAL A 2755 59.44 12.46 -21.61
N TYR A 2756 60.59 13.11 -21.75
CA TYR A 2756 60.63 14.50 -22.24
C TYR A 2756 60.97 14.53 -23.72
N LEU A 2757 60.22 15.35 -24.46
CA LEU A 2757 60.48 15.55 -25.89
C LEU A 2757 60.13 17.00 -26.21
N GLY A 2758 61.14 17.86 -26.20
CA GLY A 2758 60.90 19.28 -26.40
C GLY A 2758 60.40 20.01 -25.18
N GLY A 2759 60.63 19.46 -24.00
CA GLY A 2759 60.11 20.07 -22.78
C GLY A 2759 58.67 19.74 -22.48
N GLN A 2760 58.13 18.67 -23.04
CA GLN A 2760 56.76 18.24 -22.82
C GLN A 2760 56.75 16.82 -22.27
N LYS A 2761 56.01 16.61 -21.18
CA LYS A 2761 56.01 15.33 -20.50
C LYS A 2761 55.18 14.31 -21.26
N TYR A 2762 55.46 13.03 -21.00
CA TYR A 2762 54.76 11.94 -21.69
C TYR A 2762 54.63 10.73 -20.76
N VAL A 2763 53.44 10.52 -20.21
CA VAL A 2763 53.11 9.27 -19.54
C VAL A 2763 52.67 8.28 -20.60
N ASP A 2764 52.55 7.00 -20.24
CA ASP A 2764 52.10 5.96 -21.15
C ASP A 2764 50.69 5.53 -20.78
N LEU A 2765 49.80 5.53 -21.76
CA LEU A 2765 48.44 5.05 -21.60
C LEU A 2765 48.23 3.83 -22.48
N GLY A 2766 47.42 2.90 -22.03
CA GLY A 2766 47.19 1.67 -22.78
C GLY A 2766 45.80 1.11 -22.56
N LEU A 2767 45.24 0.53 -23.61
CA LEU A 2767 43.94 -0.15 -23.58
C LEU A 2767 44.17 -1.57 -24.08
N GLY A 2768 44.46 -2.47 -23.16
CA GLY A 2768 44.77 -3.84 -23.52
C GLY A 2768 46.22 -3.99 -23.92
N THR A 2769 46.48 -3.97 -25.22
CA THR A 2769 47.80 -4.24 -25.78
C THR A 2769 48.32 -3.11 -26.66
N HIS A 2770 47.80 -1.90 -26.50
CA HIS A 2770 48.16 -0.76 -27.33
C HIS A 2770 48.66 0.37 -26.42
N ARG A 2771 49.96 0.41 -26.17
CA ARG A 2771 50.57 1.35 -25.26
C ARG A 2771 51.21 2.49 -26.05
N VAL A 2772 50.66 3.70 -25.92
CA VAL A 2772 51.21 4.88 -26.57
C VAL A 2772 51.37 6.00 -25.54
N LYS A 2773 52.21 6.97 -25.88
CA LYS A 2773 52.49 8.09 -25.01
C LYS A 2773 51.45 9.19 -25.19
N CYS A 2774 51.17 9.92 -24.11
CA CYS A 2774 50.20 10.99 -24.12
C CYS A 2774 50.76 12.19 -23.39
N ARG A 2775 50.39 13.38 -23.85
CA ARG A 2775 50.92 14.62 -23.28
C ARG A 2775 50.36 14.86 -21.88
N VAL A 2776 51.16 15.53 -21.05
CA VAL A 2776 50.79 15.90 -19.69
C VAL A 2776 51.07 17.39 -19.52
N HIS A 2777 50.09 18.14 -19.05
CA HIS A 2777 50.26 19.56 -18.82
C HIS A 2777 51.07 19.79 -17.55
N THR A 2778 51.45 21.05 -17.32
CA THR A 2778 52.22 21.45 -16.15
C THR A 2778 51.48 21.23 -14.84
N ALA A 2779 50.20 21.62 -14.77
CA ALA A 2779 49.41 21.49 -13.54
C ALA A 2779 48.26 20.53 -13.79
N PHE A 2780 48.48 19.25 -13.48
CA PHE A 2780 47.46 18.22 -13.63
C PHE A 2780 47.46 17.36 -12.36
N ARG A 2781 46.29 17.23 -11.74
CA ARG A 2781 46.10 16.42 -10.55
C ARG A 2781 45.15 15.26 -10.87
N LEU A 2782 45.17 14.24 -10.02
CA LEU A 2782 44.32 13.08 -10.21
C LEU A 2782 43.97 12.52 -8.82
N ILE A 2783 42.70 12.64 -8.44
CA ILE A 2783 42.23 12.21 -7.14
C ILE A 2783 41.44 10.92 -7.35
N VAL A 2784 41.79 9.90 -6.57
CA VAL A 2784 41.04 8.64 -6.61
C VAL A 2784 40.22 8.52 -5.33
N ILE A 2785 38.95 8.14 -5.48
CA ILE A 2785 38.05 7.95 -4.35
C ILE A 2785 37.65 6.49 -4.30
N GLU A 2786 37.98 5.82 -3.19
CA GLU A 2786 37.65 4.42 -2.99
C GLU A 2786 37.28 4.18 -1.53
N GLU A 2787 36.56 3.09 -1.30
CA GLU A 2787 36.10 2.78 0.05
C GLU A 2787 37.18 2.04 0.84
N LYS A 2788 37.06 2.10 2.17
CA LYS A 2788 38.10 1.56 3.06
C LYS A 2788 38.20 0.04 2.97
N ASP A 2789 37.05 -0.64 2.88
CA ASP A 2789 37.04 -2.10 2.81
C ASP A 2789 37.67 -2.58 1.51
N VAL A 2790 37.30 -1.98 0.38
CA VAL A 2790 37.84 -2.43 -0.89
C VAL A 2790 39.31 -2.03 -1.06
N VAL A 2791 39.73 -0.90 -0.49
CA VAL A 2791 41.14 -0.53 -0.62
C VAL A 2791 41.99 -1.37 0.33
N TYR A 2792 41.40 -1.91 1.40
CA TYR A 2792 42.18 -2.66 2.38
C TYR A 2792 42.17 -4.16 2.15
N LYS A 2793 41.22 -4.70 1.38
CA LYS A 2793 41.28 -6.12 1.07
C LYS A 2793 40.92 -6.45 -0.38
N GLN A 2794 41.03 -5.48 -1.30
CA GLN A 2794 40.83 -5.79 -2.71
C GLN A 2794 41.96 -5.25 -3.58
N PHE A 2795 42.58 -4.13 -3.16
CA PHE A 2795 43.67 -3.57 -3.94
C PHE A 2795 44.92 -4.44 -3.78
N PRO A 2796 45.67 -4.68 -4.87
CA PRO A 2796 46.67 -5.76 -4.85
C PRO A 2796 47.93 -5.46 -4.03
N VAL A 2797 48.18 -4.18 -3.69
CA VAL A 2797 49.07 -3.47 -2.75
C VAL A 2797 50.12 -2.61 -3.49
N PRO A 2798 50.64 -2.90 -4.71
CA PRO A 2798 51.44 -1.84 -5.37
C PRO A 2798 50.65 -0.60 -5.77
N LEU A 2799 49.32 -0.69 -5.84
CA LEU A 2799 48.50 0.49 -6.07
C LEU A 2799 48.50 1.41 -4.86
N ILE A 2800 48.73 0.84 -3.66
CA ILE A 2800 48.79 1.61 -2.43
C ILE A 2800 50.01 2.51 -2.40
N ASN A 2801 51.16 2.00 -2.84
CA ASN A 2801 52.42 2.75 -2.73
C ASN A 2801 52.50 3.90 -3.72
N ARG A 2802 51.90 3.72 -4.91
CA ARG A 2802 51.91 4.77 -5.93
C ARG A 2802 51.12 6.00 -5.49
N LEU A 2803 49.99 5.77 -4.82
CA LEU A 2803 49.02 6.82 -4.55
C LEU A 2803 49.18 7.31 -3.12
N GLU A 2804 49.15 8.63 -2.94
CA GLU A 2804 49.25 9.21 -1.61
C GLU A 2804 47.94 9.05 -0.86
N LYS A 2805 48.00 8.47 0.33
CA LYS A 2805 46.81 8.16 1.12
C LYS A 2805 46.43 9.33 2.02
N HIS A 2806 45.13 9.52 2.19
CA HIS A 2806 44.60 10.50 3.14
C HIS A 2806 43.24 10.03 3.60
N TYR A 2807 42.84 10.48 4.79
CA TYR A 2807 41.54 10.16 5.36
C TYR A 2807 40.77 11.44 5.57
N LEU A 2808 39.75 11.67 4.74
CA LEU A 2808 38.79 12.74 4.95
C LEU A 2808 37.41 12.12 4.75
N ASP A 2809 36.88 11.50 5.81
CA ASP A 2809 35.58 10.88 5.66
C ASP A 2809 34.48 11.77 6.20
N MET A 2810 34.42 11.96 7.50
CA MET A 2810 33.42 12.91 7.99
C MET A 2810 33.91 13.74 9.17
N ASN A 2811 34.85 13.22 9.98
CA ASN A 2811 35.18 13.79 11.28
C ASN A 2811 36.32 14.80 11.22
N THR A 2812 37.27 14.62 10.30
CA THR A 2812 38.46 15.45 10.27
C THR A 2812 38.16 16.89 9.84
N VAL A 2813 37.20 17.06 8.94
CA VAL A 2813 36.78 18.40 8.55
C VAL A 2813 35.80 19.01 9.55
N LEU A 2814 35.05 18.17 10.27
CA LEU A 2814 34.04 18.64 11.21
C LEU A 2814 34.69 19.02 12.53
N GLN A 2815 34.63 20.30 12.85
CA GLN A 2815 35.16 20.82 14.10
C GLN A 2815 34.22 20.43 15.26
N PRO A 2816 34.72 20.45 16.50
CA PRO A 2816 33.84 20.09 17.64
C PRO A 2816 32.63 21.00 17.85
N TRP A 2817 32.73 22.29 17.55
CA TRP A 2817 31.55 23.15 17.65
C TRP A 2817 30.53 22.81 16.57
N GLN A 2818 31.00 22.45 15.38
CA GLN A 2818 30.09 21.92 14.37
C GLN A 2818 29.54 20.55 14.76
N LYS A 2819 30.26 19.78 15.59
CA LYS A 2819 29.69 18.54 16.12
C LYS A 2819 28.59 18.81 17.13
N SER A 2820 28.75 19.87 17.95
CA SER A 2820 27.66 20.27 18.84
C SER A 2820 26.47 20.76 18.03
N ILE A 2821 26.71 21.46 16.91
CA ILE A 2821 25.63 21.94 16.07
C ILE A 2821 24.92 20.78 15.38
N VAL A 2822 25.65 19.75 14.92
CA VAL A 2822 24.98 18.64 14.26
C VAL A 2822 24.18 17.81 15.27
N GLN A 2823 24.65 17.69 16.52
CA GLN A 2823 23.82 17.03 17.54
C GLN A 2823 22.59 17.85 17.88
N GLU A 2824 22.73 19.18 17.95
CA GLU A 2824 21.61 20.06 18.24
C GLU A 2824 20.57 20.04 17.11
N LEU A 2825 21.02 19.98 15.86
CA LEU A 2825 20.07 19.90 14.75
C LEU A 2825 19.43 18.52 14.64
N GLN A 2826 20.14 17.45 15.07
CA GLN A 2826 19.49 16.14 15.12
C GLN A 2826 18.36 16.12 16.15
N GLN A 2827 18.61 16.66 17.35
CA GLN A 2827 17.53 16.69 18.33
C GLN A 2827 16.46 17.71 17.98
N TRP A 2828 16.81 18.76 17.25
CA TRP A 2828 15.82 19.75 16.81
C TRP A 2828 14.92 19.19 15.72
N ALA A 2829 15.47 18.38 14.81
CA ALA A 2829 14.64 17.72 13.81
C ALA A 2829 13.76 16.65 14.46
N HIS A 2830 14.28 15.96 15.48
CA HIS A 2830 13.47 14.99 16.19
C HIS A 2830 12.34 15.65 16.99
N GLU A 2831 12.54 16.87 17.47
CA GLU A 2831 11.46 17.60 18.13
C GLU A 2831 10.54 18.27 17.13
N PHE A 2832 11.01 18.59 15.93
CA PHE A 2832 10.15 19.08 14.85
C PHE A 2832 9.18 17.99 14.42
N ALA A 2833 9.66 16.76 14.26
CA ALA A 2833 8.79 15.69 13.79
C ALA A 2833 7.85 15.20 14.89
N ASP A 2834 8.17 15.49 16.16
CA ASP A 2834 7.36 15.01 17.28
C ASP A 2834 6.22 15.99 17.52
N VAL A 2835 5.01 15.59 17.13
CA VAL A 2835 3.80 16.38 17.35
C VAL A 2835 2.77 15.51 18.07
N LYS A 2836 2.10 16.11 19.05
CA LYS A 2836 1.00 15.48 19.76
C LYS A 2836 -0.26 16.29 19.54
N ALA A 2837 -1.36 15.61 19.22
CA ALA A 2837 -2.60 16.29 18.88
C ALA A 2837 -3.77 15.35 19.14
N ASP A 2838 -4.96 15.95 19.23
CA ASP A 2838 -6.19 15.21 19.42
C ASP A 2838 -7.27 15.67 18.44
N GLN A 2839 -6.86 16.28 17.33
CA GLN A 2839 -7.81 16.63 16.29
C GLN A 2839 -8.32 15.39 15.56
N PHE A 2840 -7.43 14.44 15.29
CA PHE A 2840 -7.79 13.15 14.73
C PHE A 2840 -7.46 12.06 15.75
N ILE A 2841 -8.39 11.13 15.93
CA ILE A 2841 -8.21 10.08 16.95
C ILE A 2841 -7.41 8.97 16.30
N ALA A 2842 -6.09 9.14 16.31
CA ALA A 2842 -5.18 8.14 15.75
C ALA A 2842 -3.83 8.26 16.45
N ARG A 2843 -3.13 7.14 16.53
CA ARG A 2843 -1.83 7.07 17.18
C ARG A 2843 -0.79 6.76 16.10
N HIS A 2844 -0.25 7.81 15.49
CA HIS A 2844 0.74 7.66 14.42
C HIS A 2844 1.94 8.52 14.78
N LYS A 2845 3.09 7.87 15.03
CA LYS A 2845 4.32 8.58 15.35
C LYS A 2845 5.00 9.00 14.05
N TYR A 2846 5.40 10.27 13.97
CA TYR A 2846 6.01 10.83 12.77
C TYR A 2846 7.52 10.85 12.94
N SER A 2847 8.21 10.03 12.15
CA SER A 2847 9.65 10.03 12.10
C SER A 2847 10.16 11.31 11.44
N PRO A 2848 11.40 11.72 11.71
CA PRO A 2848 12.00 12.83 10.96
C PRO A 2848 12.16 12.54 9.47
N ALA A 2849 12.17 11.28 9.05
CA ALA A 2849 12.13 10.97 7.63
C ALA A 2849 10.77 11.28 7.02
N ASP A 2850 9.70 11.23 7.82
CA ASP A 2850 8.38 11.57 7.33
C ASP A 2850 8.23 13.07 7.10
N VAL A 2851 8.68 13.87 8.06
CA VAL A 2851 8.53 15.32 7.96
C VAL A 2851 9.57 15.90 7.02
N PHE A 2852 10.85 15.66 7.31
CA PHE A 2852 11.94 16.08 6.44
C PHE A 2852 12.19 14.94 5.46
N ILE A 2853 11.78 15.12 4.22
CA ILE A 2853 11.86 14.04 3.24
C ILE A 2853 13.31 13.87 2.79
N GLY A 2854 13.81 12.63 2.84
CA GLY A 2854 15.19 12.33 2.56
C GLY A 2854 16.09 12.22 3.76
N TYR A 2855 15.56 12.42 4.96
CA TYR A 2855 16.35 12.30 6.17
C TYR A 2855 16.75 10.84 6.41
N HIS A 2856 18.04 10.61 6.67
CA HIS A 2856 18.56 9.26 6.87
C HIS A 2856 19.57 9.20 8.00
N SER A 2857 19.39 10.04 9.03
CA SER A 2857 20.23 10.15 10.23
C SER A 2857 21.67 10.54 9.92
N ASP A 2858 21.92 11.12 8.77
CA ASP A 2858 23.24 11.62 8.41
C ASP A 2858 23.18 12.95 7.68
N ALA A 2859 21.99 13.47 7.40
CA ALA A 2859 21.85 14.67 6.58
C ALA A 2859 22.09 15.96 7.37
N CYS A 2860 22.06 15.91 8.70
CA CYS A 2860 22.36 17.09 9.49
C CYS A 2860 23.82 17.51 9.37
N ALA A 2861 24.72 16.54 9.17
CA ALA A 2861 26.12 16.88 8.97
C ALA A 2861 26.37 17.51 7.60
N SER A 2862 25.68 17.00 6.58
CA SER A 2862 25.77 17.60 5.25
C SER A 2862 25.19 19.01 5.25
N VAL A 2863 24.11 19.23 5.97
CA VAL A 2863 23.51 20.57 5.92
C VAL A 2863 24.29 21.55 6.82
N VAL A 2864 24.98 21.08 7.87
CA VAL A 2864 25.81 22.04 8.60
C VAL A 2864 27.07 22.37 7.80
N LEU A 2865 27.56 21.43 6.97
CA LEU A 2865 28.63 21.77 6.02
C LEU A 2865 28.17 22.82 5.02
N GLN A 2866 26.94 22.66 4.48
CA GLN A 2866 26.39 23.64 3.55
C GLN A 2866 26.19 24.99 4.23
N ALA A 2867 25.78 24.99 5.50
CA ALA A 2867 25.55 26.23 6.23
C ALA A 2867 26.86 26.96 6.52
N VAL A 2868 27.91 26.24 6.92
CA VAL A 2868 29.15 26.93 7.27
C VAL A 2868 29.85 27.41 6.01
N GLU A 2869 29.60 26.78 4.84
CA GLU A 2869 30.17 27.38 3.64
C GLU A 2869 29.30 28.48 3.05
N ARG A 2870 27.99 28.48 3.31
CA ARG A 2870 27.19 29.64 2.94
C ARG A 2870 27.43 30.83 3.86
N GLN A 2871 27.99 30.60 5.05
CA GLN A 2871 28.41 31.72 5.89
C GLN A 2871 29.65 32.38 5.33
N GLY A 2872 30.75 31.63 5.24
CA GLY A 2872 31.93 32.07 4.51
C GLY A 2872 32.98 32.82 5.31
N CYS A 2873 32.72 33.15 6.57
CA CYS A 2873 33.70 33.91 7.34
C CYS A 2873 34.61 33.02 8.18
N ARG A 2874 34.04 31.99 8.82
CA ARG A 2874 34.75 30.92 9.53
C ARG A 2874 35.61 31.44 10.68
N ASP A 2875 34.94 32.05 11.66
CA ASP A 2875 35.57 32.43 12.92
C ASP A 2875 34.51 32.49 14.01
N LEU A 2876 34.88 32.04 15.20
CA LEU A 2876 33.92 31.92 16.31
C LEU A 2876 34.04 33.14 17.21
N THR A 2877 33.13 34.10 17.02
CA THR A 2877 33.02 35.26 17.89
C THR A 2877 31.65 35.36 18.54
N GLU A 2878 30.89 34.25 18.57
CA GLU A 2878 29.54 34.04 19.10
C GLU A 2878 28.48 34.69 18.22
N GLU A 2879 28.91 35.50 17.25
CA GLU A 2879 28.03 36.08 16.25
C GLU A 2879 27.81 35.17 15.05
N LEU A 2880 28.84 34.41 14.65
CA LEU A 2880 28.71 33.47 13.55
C LEU A 2880 27.99 32.19 13.97
N TYR A 2881 28.07 31.84 15.25
CA TYR A 2881 27.50 30.58 15.74
C TYR A 2881 25.98 30.58 15.63
N ARG A 2882 25.34 31.66 16.08
CA ARG A 2882 23.89 31.72 16.05
C ARG A 2882 23.35 31.80 14.62
N LYS A 2883 24.05 32.51 13.73
CA LYS A 2883 23.53 32.62 12.37
C LYS A 2883 23.80 31.35 11.56
N VAL A 2884 24.90 30.64 11.83
CA VAL A 2884 25.07 29.36 11.14
C VAL A 2884 24.07 28.33 11.67
N SER A 2885 23.69 28.42 12.96
CA SER A 2885 22.66 27.52 13.49
C SER A 2885 21.29 27.82 12.89
N GLU A 2886 20.92 29.10 12.83
CA GLU A 2886 19.62 29.47 12.27
C GLU A 2886 19.55 29.25 10.76
N GLU A 2887 20.69 29.40 10.06
CA GLU A 2887 20.67 29.13 8.63
C GLU A 2887 20.63 27.64 8.34
N ALA A 2888 21.24 26.82 9.20
CA ALA A 2888 21.07 25.37 9.12
C ALA A 2888 19.62 24.99 9.35
N ARG A 2889 18.96 25.61 10.35
CA ARG A 2889 17.54 25.36 10.57
C ARG A 2889 16.68 25.82 9.40
N SER A 2890 17.11 26.89 8.72
CA SER A 2890 16.41 27.34 7.51
C SER A 2890 16.50 26.31 6.41
N ILE A 2891 17.66 25.69 6.22
CA ILE A 2891 17.76 24.69 5.16
C ILE A 2891 17.06 23.38 5.56
N LEU A 2892 16.94 23.09 6.87
CA LEU A 2892 16.04 21.99 7.26
C LEU A 2892 14.58 22.28 6.93
N LEU A 2893 14.09 23.49 7.28
CA LEU A 2893 12.69 23.77 7.02
C LEU A 2893 12.41 23.97 5.53
N ASP A 2894 13.46 24.22 4.73
CA ASP A 2894 13.32 24.37 3.29
C ASP A 2894 13.01 23.04 2.60
N CYS A 2895 13.16 21.91 3.28
CA CYS A 2895 12.74 20.65 2.70
C CYS A 2895 11.69 19.98 3.56
N ALA A 2896 10.75 20.77 4.08
CA ALA A 2896 9.69 20.29 4.95
C ALA A 2896 8.37 20.36 4.21
N THR A 2897 7.60 19.28 4.27
CA THR A 2897 6.29 19.24 3.64
C THR A 2897 5.33 20.18 4.37
N PRO A 2898 4.43 20.87 3.65
CA PRO A 2898 3.66 21.96 4.27
C PRO A 2898 2.63 21.51 5.31
N ASP A 2899 2.16 20.26 5.23
CA ASP A 2899 1.26 19.77 6.28
C ASP A 2899 1.97 19.67 7.62
N ALA A 2900 3.28 19.41 7.60
CA ALA A 2900 4.05 19.39 8.84
C ALA A 2900 4.23 20.79 9.42
N VAL A 2901 4.47 21.80 8.57
CA VAL A 2901 4.70 23.13 9.12
C VAL A 2901 3.38 23.78 9.55
N VAL A 2902 2.23 23.31 9.04
CA VAL A 2902 0.98 23.75 9.67
C VAL A 2902 0.55 22.82 10.82
N ARG A 2903 1.14 21.63 10.92
CA ARG A 2903 0.98 20.80 12.12
C ARG A 2903 1.84 21.30 13.27
N LEU A 2904 2.82 22.15 12.98
CA LEU A 2904 3.81 22.59 13.97
C LEU A 2904 3.21 23.38 15.13
N SER A 2905 1.98 23.89 15.00
CA SER A 2905 1.35 24.64 16.09
C SER A 2905 1.09 23.77 17.32
N GLY A 2906 0.91 22.47 17.13
CA GLY A 2906 0.72 21.56 18.25
C GLY A 2906 1.95 20.70 18.52
N SER A 2907 3.10 21.09 18.00
CA SER A 2907 4.31 20.30 18.11
C SER A 2907 5.04 20.59 19.43
N SER A 2908 6.16 19.89 19.64
CA SER A 2908 6.91 20.03 20.87
C SER A 2908 7.73 21.31 20.91
N LEU A 2909 7.92 21.98 19.77
CA LEU A 2909 8.73 23.19 19.74
C LEU A 2909 8.03 24.36 20.41
N GLY A 2910 6.72 24.48 20.21
CA GLY A 2910 5.97 25.55 20.83
C GLY A 2910 4.95 26.18 19.92
N SER A 2911 4.69 27.48 20.10
CA SER A 2911 3.68 28.16 19.30
C SER A 2911 4.20 29.47 18.73
N PHE A 2912 5.18 30.09 19.40
CA PHE A 2912 5.82 31.26 18.81
C PHE A 2912 6.93 30.85 17.85
N THR A 2913 7.68 29.81 18.21
CA THR A 2913 8.67 29.23 17.30
C THR A 2913 8.00 28.67 16.06
N ALA A 2914 6.85 27.99 16.24
CA ALA A 2914 6.10 27.46 15.10
C ALA A 2914 5.57 28.58 14.22
N LYS A 2915 5.16 29.71 14.83
CA LYS A 2915 4.73 30.87 14.06
C LYS A 2915 5.86 31.45 13.24
N GLN A 2916 7.06 31.57 13.84
CA GLN A 2916 8.20 32.11 13.11
C GLN A 2916 8.65 31.18 11.99
N LEU A 2917 8.62 29.87 12.23
CA LEU A 2917 9.02 28.93 11.19
C LEU A 2917 8.00 28.85 10.06
N SER A 2918 6.70 28.98 10.38
CA SER A 2918 5.69 29.03 9.32
C SER A 2918 5.79 30.33 8.53
N GLN A 2919 6.12 31.44 9.19
CA GLN A 2919 6.33 32.70 8.49
C GLN A 2919 7.56 32.61 7.58
N GLU A 2920 8.61 31.92 8.03
CA GLU A 2920 9.78 31.70 7.19
C GLU A 2920 9.46 30.79 6.02
N TYR A 2921 8.59 29.80 6.22
CA TYR A 2921 8.25 28.87 5.16
C TYR A 2921 7.32 29.49 4.13
N TYR A 2922 6.51 30.47 4.51
CA TYR A 2922 5.50 31.02 3.60
C TYR A 2922 5.79 32.43 3.11
N TYR A 2923 6.73 33.16 3.70
CA TYR A 2923 7.03 34.51 3.26
C TYR A 2923 8.44 34.68 2.71
N ALA A 2924 9.43 33.96 3.23
CA ALA A 2924 10.80 34.12 2.77
C ALA A 2924 11.15 33.12 1.67
N GLN A 2925 10.76 31.86 1.84
CA GLN A 2925 11.02 30.82 0.87
C GLN A 2925 9.74 30.53 0.09
N GLN A 2926 9.86 30.45 -1.23
CA GLN A 2926 8.71 30.23 -2.10
C GLN A 2926 8.55 28.74 -2.36
N HIS A 2927 7.50 28.16 -1.78
CA HIS A 2927 7.18 26.74 -1.96
C HIS A 2927 5.81 26.55 -2.59
N ASN A 2928 5.28 27.59 -3.25
CA ASN A 2928 3.95 27.51 -3.83
C ASN A 2928 3.90 26.55 -5.01
N SER A 2929 4.85 26.69 -5.93
CA SER A 2929 4.87 25.87 -7.14
C SER A 2929 6.26 25.93 -7.75
N PHE A 2930 6.41 25.21 -8.86
CA PHE A 2930 7.68 25.19 -9.59
C PHE A 2930 7.98 26.54 -10.21
N VAL A 2931 6.98 27.13 -10.88
CA VAL A 2931 7.19 28.33 -11.67
C VAL A 2931 7.48 29.54 -10.77
N ASP A 2932 6.81 29.62 -9.63
CA ASP A 2932 7.09 30.67 -8.65
C ASP A 2932 8.49 30.55 -8.07
N PHE A 2933 8.98 29.32 -7.92
CA PHE A 2933 10.38 29.11 -7.54
C PHE A 2933 11.33 29.58 -8.65
N LEU A 2934 10.92 29.41 -9.92
CA LEU A 2934 11.72 29.97 -11.03
C LEU A 2934 11.78 31.49 -11.00
N GLN A 2935 10.65 32.17 -10.77
CA GLN A 2935 10.77 33.64 -10.67
C GLN A 2935 11.47 34.09 -9.41
N ALA A 2936 11.43 33.31 -8.33
CA ALA A 2936 12.18 33.67 -7.13
C ALA A 2936 13.66 33.33 -7.24
N HIS A 2937 14.06 32.51 -8.21
CA HIS A 2937 15.43 32.05 -8.34
C HIS A 2937 16.25 32.87 -9.33
N LEU A 2938 15.63 33.41 -10.37
CA LEU A 2938 16.39 34.03 -11.45
C LEU A 2938 16.72 35.50 -11.19
N ARG A 2939 15.89 36.20 -10.42
CA ARG A 2939 16.09 37.64 -10.26
C ARG A 2939 17.25 37.97 -9.32
N MET A 2940 17.57 37.11 -8.36
CA MET A 2940 18.64 37.39 -7.41
C MET A 2940 19.99 36.98 -7.98
N THR A 2941 20.96 37.89 -7.89
CA THR A 2941 22.33 37.58 -8.30
C THR A 2941 22.95 36.61 -7.30
N HIS A 2942 23.64 35.59 -7.82
CA HIS A 2942 24.11 34.50 -6.99
C HIS A 2942 25.55 34.74 -6.54
N HIS A 2943 26.14 33.71 -5.92
CA HIS A 2943 27.40 33.85 -5.18
C HIS A 2943 28.62 33.64 -6.10
N GLU A 2944 28.65 34.46 -7.17
CA GLU A 2944 29.72 34.45 -8.20
C GLU A 2944 29.89 33.05 -8.79
N CYS A 2945 28.79 32.50 -9.29
CA CYS A 2945 28.76 31.18 -9.89
C CYS A 2945 28.02 31.27 -11.21
N ARG A 2946 28.56 30.65 -12.25
CA ARG A 2946 27.95 30.71 -13.57
C ARG A 2946 27.04 29.51 -13.79
N ALA A 2947 26.82 28.71 -12.75
CA ALA A 2947 26.04 27.50 -12.88
C ALA A 2947 25.38 27.10 -11.56
N VAL A 2948 24.10 27.44 -11.40
CA VAL A 2948 23.35 27.17 -10.18
C VAL A 2948 22.55 25.89 -10.37
N PHE A 2949 22.74 24.94 -9.46
CA PHE A 2949 22.10 23.63 -9.52
C PHE A 2949 21.22 23.45 -8.30
N THR A 2950 20.07 22.79 -8.49
CA THR A 2950 19.12 22.57 -7.41
C THR A 2950 18.24 21.37 -7.76
N GLU A 2951 18.20 20.37 -6.88
CA GLU A 2951 17.28 19.26 -7.06
C GLU A 2951 15.99 19.55 -6.30
N ILE A 2952 14.87 19.00 -6.80
CA ILE A 2952 13.54 19.30 -6.29
C ILE A 2952 12.80 17.99 -6.06
N THR A 2953 12.23 17.84 -4.86
CA THR A 2953 11.42 16.68 -4.52
C THR A 2953 9.94 17.06 -4.66
N THR A 2954 9.21 16.28 -5.47
CA THR A 2954 7.82 16.56 -5.78
C THR A 2954 6.94 15.41 -5.33
N PHE A 2955 5.74 15.76 -4.87
CA PHE A 2955 4.70 14.78 -4.57
C PHE A 2955 3.61 14.75 -5.64
N SER A 2956 3.60 15.71 -6.55
CA SER A 2956 2.62 15.76 -7.62
C SER A 2956 3.13 15.02 -8.86
N ARG A 2957 2.37 15.10 -9.94
CA ARG A 2957 2.76 14.51 -11.21
C ARG A 2957 3.81 15.39 -11.87
N LEU A 2958 4.77 14.76 -12.55
CA LEU A 2958 5.79 15.47 -13.30
C LEU A 2958 5.20 16.15 -14.53
N LEU A 2959 6.03 16.96 -15.17
CA LEU A 2959 5.59 17.75 -16.32
C LEU A 2959 5.31 16.87 -17.52
N THR A 2960 4.28 17.25 -18.29
CA THR A 2960 3.80 16.48 -19.42
C THR A 2960 4.45 16.88 -20.74
N GLY A 2961 4.58 18.18 -20.98
CA GLY A 2961 5.09 18.67 -22.25
C GLY A 2961 4.39 19.94 -22.67
N ASN A 2962 3.23 20.20 -22.11
CA ASN A 2962 2.56 21.48 -22.28
C ASN A 2962 2.82 22.45 -21.12
N ASP A 2963 3.29 21.94 -19.98
CA ASP A 2963 3.64 22.81 -18.86
C ASP A 2963 4.93 23.58 -19.11
N CYS A 2964 5.88 22.98 -19.84
CA CYS A 2964 7.07 23.73 -20.23
C CYS A 2964 6.72 24.82 -21.24
N ASP A 2965 5.68 24.60 -22.06
CA ASP A 2965 5.24 25.61 -23.01
C ASP A 2965 4.66 26.84 -22.30
N VAL A 2966 3.82 26.62 -21.30
CA VAL A 2966 3.26 27.75 -20.56
C VAL A 2966 4.34 28.36 -19.64
N LEU A 2967 5.30 27.56 -19.19
CA LEU A 2967 6.40 28.11 -18.41
C LEU A 2967 7.28 29.02 -19.27
N ALA A 2968 7.45 28.66 -20.55
CA ALA A 2968 8.09 29.59 -21.47
C ALA A 2968 7.19 30.78 -21.79
N SER A 2969 5.87 30.61 -21.66
CA SER A 2969 4.95 31.72 -21.95
C SER A 2969 5.05 32.82 -20.89
N GLU A 2970 5.00 32.48 -19.61
CA GLU A 2970 5.26 33.54 -18.62
C GLU A 2970 6.70 33.59 -18.15
N LEU A 2971 7.63 32.91 -18.82
CA LEU A 2971 9.06 33.14 -18.67
C LEU A 2971 9.65 33.63 -19.98
N ARG A 2972 8.95 34.56 -20.64
CA ARG A 2972 9.37 35.03 -21.95
C ARG A 2972 10.58 35.96 -21.90
N GLY A 2973 10.89 36.52 -20.72
CA GLY A 2973 11.98 37.47 -20.64
C GLY A 2973 13.19 36.95 -19.90
N LEU A 2974 13.08 35.76 -19.31
CA LEU A 2974 14.16 35.20 -18.51
C LEU A 2974 14.67 33.86 -19.03
N ALA A 2975 13.76 32.92 -19.33
CA ALA A 2975 14.15 31.58 -19.73
C ALA A 2975 14.49 31.54 -21.22
N SER A 2976 14.98 30.39 -21.67
CA SER A 2976 15.40 30.18 -23.04
C SER A 2976 14.88 28.85 -23.57
N LYS A 2977 13.56 28.63 -23.40
CA LYS A 2977 12.80 27.44 -23.81
C LYS A 2977 13.39 26.20 -23.10
N PRO A 2978 13.05 26.00 -21.83
CA PRO A 2978 13.54 24.82 -21.12
C PRO A 2978 13.03 23.52 -21.72
N VAL A 2979 13.88 22.50 -21.70
CA VAL A 2979 13.57 21.19 -22.26
C VAL A 2979 13.51 20.16 -21.13
N VAL A 2980 12.48 19.32 -21.15
CA VAL A 2980 12.29 18.28 -20.15
C VAL A 2980 12.87 16.98 -20.69
N LEU A 2981 13.51 16.21 -19.81
CA LEU A 2981 14.17 14.97 -20.19
C LEU A 2981 13.71 13.86 -19.26
N SER A 2982 13.26 12.76 -19.83
CA SER A 2982 12.77 11.61 -19.07
C SER A 2982 13.79 10.49 -19.14
N LEU A 2983 14.16 9.95 -17.98
CA LEU A 2983 15.19 8.92 -17.91
C LEU A 2983 14.69 7.54 -18.33
N GLN A 2984 13.39 7.37 -18.55
CA GLN A 2984 12.87 6.11 -19.05
C GLN A 2984 13.29 5.86 -20.49
N GLN A 2985 13.33 6.92 -21.31
CA GLN A 2985 13.61 6.81 -22.74
C GLN A 2985 15.08 6.68 -23.07
N TYR A 2986 15.97 6.80 -22.08
CA TYR A 2986 17.40 6.92 -22.33
C TYR A 2986 18.09 5.61 -21.97
N ASP A 2987 18.14 4.68 -22.93
CA ASP A 2987 18.82 3.42 -22.73
C ASP A 2987 20.34 3.58 -22.73
N THR A 2988 20.85 4.37 -23.67
CA THR A 2988 22.27 4.55 -23.88
C THR A 2988 22.67 5.96 -23.43
N GLU A 2989 23.93 6.10 -22.98
CA GLU A 2989 24.46 7.39 -22.56
C GLU A 2989 24.45 8.42 -23.68
N TYR A 2990 24.63 7.99 -24.94
CA TYR A 2990 24.75 8.93 -26.05
C TYR A 2990 23.44 9.67 -26.34
N SER A 2991 22.28 9.09 -26.02
CA SER A 2991 21.03 9.80 -26.19
C SER A 2991 20.94 10.99 -25.22
N PHE A 2992 21.31 10.76 -23.96
CA PHE A 2992 21.36 11.84 -22.98
C PHE A 2992 22.42 12.86 -23.36
N LEU A 2993 23.56 12.39 -23.88
CA LEU A 2993 24.64 13.29 -24.29
C LEU A 2993 24.23 14.17 -25.45
N LYS A 2994 23.54 13.61 -26.46
CA LYS A 2994 23.14 14.41 -27.60
C LYS A 2994 22.01 15.36 -27.24
N ASP A 2995 21.15 14.98 -26.28
CA ASP A 2995 20.08 15.90 -25.87
C ASP A 2995 20.63 17.07 -25.07
N VAL A 2996 21.55 16.81 -24.14
CA VAL A 2996 22.19 17.88 -23.39
C VAL A 2996 23.03 18.77 -24.30
N ARG A 2997 23.78 18.16 -25.23
CA ARG A 2997 24.61 18.94 -26.15
C ARG A 2997 23.76 19.78 -27.11
N SER A 2998 22.62 19.27 -27.55
CA SER A 2998 21.71 20.07 -28.35
C SER A 2998 21.09 21.19 -27.53
N TRP A 2999 20.93 20.99 -26.23
CA TRP A 2999 20.42 22.08 -25.39
C TRP A 2999 21.47 23.17 -25.18
N LEU A 3000 22.76 22.82 -25.05
CA LEU A 3000 23.79 23.84 -24.93
C LEU A 3000 23.96 24.66 -26.20
N THR A 3001 23.89 24.04 -27.38
CA THR A 3001 24.18 24.76 -28.62
C THR A 3001 23.06 25.71 -29.06
N ASN A 3002 21.91 25.69 -28.39
CA ASN A 3002 20.86 26.66 -28.66
C ASN A 3002 21.31 28.06 -28.21
N PRO A 3003 20.91 29.11 -28.91
CA PRO A 3003 21.32 30.46 -28.53
C PRO A 3003 20.56 30.96 -27.31
N GLY A 3004 21.00 32.08 -26.79
CA GLY A 3004 20.35 32.71 -25.65
C GLY A 3004 21.02 32.34 -24.34
N LYS A 3005 20.92 33.26 -23.39
CA LYS A 3005 21.49 33.08 -22.06
C LYS A 3005 20.39 32.73 -21.06
N ARG A 3006 20.84 32.44 -19.82
CA ARG A 3006 19.98 32.01 -18.71
C ARG A 3006 19.14 30.80 -19.07
N LYS A 3007 19.81 29.76 -19.56
CA LYS A 3007 19.12 28.53 -19.94
C LYS A 3007 18.62 27.79 -18.71
N VAL A 3008 17.49 27.12 -18.87
CA VAL A 3008 16.85 26.37 -17.80
C VAL A 3008 16.76 24.91 -18.25
N LEU A 3009 17.24 23.99 -17.40
CA LEU A 3009 17.11 22.57 -17.67
C LEU A 3009 16.24 21.93 -16.59
N VAL A 3010 15.32 21.08 -17.03
CA VAL A 3010 14.47 20.31 -16.14
C VAL A 3010 14.67 18.84 -16.47
N ILE A 3011 15.17 18.08 -15.50
CA ILE A 3011 15.37 16.65 -15.66
C ILE A 3011 14.40 15.95 -14.72
N GLN A 3012 13.53 15.11 -15.27
CA GLN A 3012 12.51 14.44 -14.49
C GLN A 3012 12.78 12.94 -14.43
N ALA A 3013 12.40 12.34 -13.31
CA ALA A 3013 12.53 10.91 -13.11
C ALA A 3013 11.50 10.47 -12.08
N ASP A 3014 10.85 9.34 -12.34
CA ASP A 3014 9.86 8.79 -11.43
C ASP A 3014 10.40 7.55 -10.71
N PHE A 3015 9.94 7.37 -9.47
CA PHE A 3015 10.44 6.31 -8.62
C PHE A 3015 9.39 5.26 -8.26
N ASP A 3016 8.10 5.59 -8.38
CA ASP A 3016 7.02 4.71 -7.92
C ASP A 3016 6.33 4.13 -9.15
N ASP A 3017 6.92 3.05 -9.68
CA ASP A 3017 6.47 2.36 -10.87
C ASP A 3017 7.25 1.05 -10.97
N GLY A 3018 7.07 0.35 -12.09
CA GLY A 3018 7.72 -0.92 -12.30
C GLY A 3018 9.11 -0.87 -12.89
N THR A 3019 9.64 0.32 -13.18
CA THR A 3019 10.92 0.39 -13.86
C THR A 3019 12.08 0.37 -12.85
N ARG A 3020 13.28 0.14 -13.38
CA ARG A 3020 14.48 0.05 -12.57
C ARG A 3020 15.10 1.41 -12.27
N SER A 3021 14.81 2.42 -13.08
CA SER A 3021 15.58 3.67 -13.14
C SER A 3021 15.35 4.51 -11.89
N ALA A 3022 16.03 4.12 -10.81
CA ALA A 3022 16.14 4.92 -9.61
C ALA A 3022 17.58 5.16 -9.17
N GLN A 3023 18.53 4.32 -9.58
CA GLN A 3023 19.94 4.52 -9.33
C GLN A 3023 20.63 5.28 -10.45
N LEU A 3024 19.90 5.66 -11.49
CA LEU A 3024 20.45 6.42 -12.61
C LEU A 3024 20.49 7.91 -12.34
N VAL A 3025 20.01 8.34 -11.18
CA VAL A 3025 19.97 9.77 -10.85
C VAL A 3025 21.36 10.33 -10.68
N ALA A 3026 22.24 9.61 -9.96
CA ALA A 3026 23.61 10.07 -9.75
C ALA A 3026 24.41 10.06 -11.05
N SER A 3027 24.16 9.07 -11.91
CA SER A 3027 24.81 9.03 -13.22
C SER A 3027 24.38 10.20 -14.08
N ALA A 3028 23.09 10.52 -14.08
CA ALA A 3028 22.60 11.68 -14.83
C ALA A 3028 23.14 12.98 -14.29
N LYS A 3029 23.25 13.10 -12.96
CA LYS A 3029 23.78 14.31 -12.34
C LYS A 3029 25.25 14.52 -12.71
N TYR A 3030 26.07 13.47 -12.60
CA TYR A 3030 27.48 13.59 -12.92
C TYR A 3030 27.71 13.79 -14.42
N THR A 3031 26.86 13.19 -15.27
CA THR A 3031 26.95 13.43 -16.71
C THR A 3031 26.61 14.89 -17.05
N ALA A 3032 25.61 15.46 -16.35
CA ALA A 3032 25.29 16.87 -16.56
C ALA A 3032 26.43 17.79 -16.11
N ILE A 3033 27.09 17.45 -15.00
CA ILE A 3033 28.23 18.24 -14.53
C ILE A 3033 29.39 18.15 -15.53
N ASN A 3034 29.66 16.95 -16.06
CA ASN A 3034 30.73 16.79 -17.04
C ASN A 3034 30.43 17.55 -18.33
N GLU A 3035 29.18 17.52 -18.79
CA GLU A 3035 28.81 18.23 -20.01
C GLU A 3035 28.86 19.74 -19.84
N ILE A 3036 28.41 20.25 -18.69
CA ILE A 3036 28.48 21.69 -18.48
C ILE A 3036 29.91 22.15 -18.23
N ASN A 3037 30.78 21.26 -17.73
CA ASN A 3037 32.18 21.64 -17.58
C ASN A 3037 32.93 21.63 -18.91
N LYS A 3038 32.61 20.68 -19.80
CA LYS A 3038 33.34 20.57 -21.06
C LYS A 3038 32.70 21.34 -22.21
N THR A 3039 31.51 21.92 -22.03
CA THR A 3039 30.81 22.54 -23.16
C THR A 3039 30.49 24.02 -22.97
N GLN A 3040 30.20 24.46 -21.74
CA GLN A 3040 29.77 25.83 -21.50
C GLN A 3040 30.91 26.84 -21.73
N GLY A 3041 30.57 27.98 -22.33
CA GLY A 3041 31.51 29.06 -22.54
C GLY A 3041 31.69 29.93 -21.31
N THR A 3042 31.68 31.24 -21.53
CA THR A 3042 31.95 32.21 -20.46
C THR A 3042 30.86 33.26 -20.29
N LYS A 3043 29.82 33.25 -21.12
CA LYS A 3043 28.81 34.29 -21.09
C LYS A 3043 27.43 33.81 -20.63
N ASP A 3044 27.14 32.52 -20.75
CA ASP A 3044 25.79 32.01 -20.52
C ASP A 3044 25.65 31.48 -19.11
N PHE A 3045 24.65 31.97 -18.39
CA PHE A 3045 24.22 31.38 -17.14
C PHE A 3045 23.41 30.12 -17.42
N VAL A 3046 23.56 29.12 -16.57
CA VAL A 3046 22.84 27.86 -16.73
C VAL A 3046 22.24 27.49 -15.37
N PHE A 3047 20.93 27.22 -15.36
CA PHE A 3047 20.22 26.78 -14.17
C PHE A 3047 19.64 25.41 -14.46
N VAL A 3048 20.16 24.37 -13.79
CA VAL A 3048 19.74 23.00 -14.00
C VAL A 3048 18.92 22.56 -12.79
N TYR A 3049 17.71 22.06 -13.04
CA TYR A 3049 16.82 21.58 -12.00
C TYR A 3049 16.50 20.11 -12.21
N PHE A 3050 16.57 19.35 -11.13
CA PHE A 3050 16.29 17.91 -11.15
C PHE A 3050 15.04 17.65 -10.32
N VAL A 3051 13.93 17.34 -10.98
CA VAL A 3051 12.68 17.06 -10.29
C VAL A 3051 12.47 15.55 -10.24
N THR A 3052 11.95 15.07 -9.11
CA THR A 3052 11.67 13.65 -8.93
C THR A 3052 10.28 13.47 -8.34
N LYS A 3053 9.65 12.35 -8.67
CA LYS A 3053 8.29 12.06 -8.24
C LYS A 3053 8.33 11.03 -7.12
N LEU A 3054 7.71 11.37 -5.99
CA LEU A 3054 7.63 10.49 -4.84
C LEU A 3054 6.21 10.50 -4.30
N SER A 3055 5.87 9.45 -3.55
CA SER A 3055 4.54 9.29 -2.99
C SER A 3055 4.58 9.44 -1.48
N ARG A 3056 3.42 9.75 -0.91
CA ARG A 3056 3.26 9.83 0.54
C ARG A 3056 2.93 8.48 1.16
N MET A 3057 2.93 7.41 0.39
CA MET A 3057 2.54 6.08 0.86
C MET A 3057 3.74 5.21 1.20
N GLY A 3058 4.79 5.80 1.77
CA GLY A 3058 5.94 5.06 2.23
C GLY A 3058 7.15 5.15 1.33
N SER A 3059 6.99 5.64 0.10
CA SER A 3059 8.13 5.84 -0.78
C SER A 3059 8.85 7.15 -0.54
N GLY A 3060 8.30 8.03 0.31
CA GLY A 3060 8.96 9.26 0.69
C GLY A 3060 9.95 9.12 1.80
N THR A 3061 10.17 7.89 2.30
CA THR A 3061 11.17 7.63 3.33
C THR A 3061 12.34 6.78 2.84
N SER A 3062 12.17 6.05 1.74
CA SER A 3062 13.23 5.21 1.19
C SER A 3062 14.12 5.94 0.21
N TYR A 3063 14.00 7.26 0.13
CA TYR A 3063 14.78 8.09 -0.78
C TYR A 3063 15.86 8.81 0.00
N VAL A 3064 17.11 8.64 -0.42
CA VAL A 3064 18.22 9.34 0.23
C VAL A 3064 18.19 10.82 -0.15
N GLY A 3065 18.58 11.67 0.79
CA GLY A 3065 18.23 13.07 0.69
C GLY A 3065 19.31 14.08 0.40
N PHE A 3066 19.78 14.76 1.45
CA PHE A 3066 20.51 16.02 1.32
C PHE A 3066 21.92 15.75 0.79
N HIS A 3067 22.01 15.61 -0.53
CA HIS A 3067 23.31 15.56 -1.18
C HIS A 3067 23.93 16.95 -1.16
N GLY A 3068 25.21 17.01 -0.79
CA GLY A 3068 25.91 18.28 -0.77
C GLY A 3068 26.60 18.57 -2.08
N GLY A 3069 27.71 19.29 -2.01
CA GLY A 3069 28.40 19.66 -3.24
C GLY A 3069 27.71 20.80 -3.94
N LEU A 3070 27.63 20.69 -5.27
CA LEU A 3070 26.96 21.70 -6.08
C LEU A 3070 25.51 21.28 -6.31
N TRP A 3071 24.77 21.17 -5.20
CA TRP A 3071 23.35 20.83 -5.24
C TRP A 3071 22.65 21.49 -4.06
N ARG A 3072 21.44 21.97 -4.30
CA ARG A 3072 20.58 22.52 -3.25
C ARG A 3072 19.30 21.71 -3.16
N SER A 3073 18.87 21.41 -1.94
CA SER A 3073 17.67 20.63 -1.70
C SER A 3073 16.53 21.58 -1.34
N VAL A 3074 15.53 21.65 -2.19
CA VAL A 3074 14.29 22.39 -1.94
C VAL A 3074 13.13 21.45 -2.26
N HIS A 3075 12.01 21.66 -1.59
CA HIS A 3075 10.85 20.78 -1.74
C HIS A 3075 9.68 21.57 -2.29
N ILE A 3076 9.29 21.26 -3.52
CA ILE A 3076 8.11 21.83 -4.15
C ILE A 3076 7.06 20.74 -4.20
N ASP A 3077 5.97 20.92 -3.44
CA ASP A 3077 4.98 19.86 -3.27
C ASP A 3077 4.18 19.61 -4.54
N ASP A 3078 3.74 20.67 -5.22
CA ASP A 3078 3.11 20.53 -6.51
C ASP A 3078 3.76 21.45 -7.52
N LEU A 3079 4.11 20.89 -8.69
CA LEU A 3079 4.81 21.64 -9.71
C LEU A 3079 3.92 22.67 -10.38
N ARG A 3080 2.68 22.30 -10.67
CA ARG A 3080 1.77 23.14 -11.44
C ARG A 3080 1.09 24.14 -10.54
N ARG A 3081 1.02 25.40 -10.98
CA ARG A 3081 0.28 26.41 -10.25
C ARG A 3081 -1.21 26.12 -10.29
N SER A 3082 -1.88 26.31 -9.16
CA SER A 3082 -3.33 26.17 -9.08
C SER A 3082 -3.95 27.56 -9.06
N THR A 3083 -4.86 27.80 -10.00
CA THR A 3083 -5.62 29.04 -10.04
C THR A 3083 -6.87 28.98 -9.17
N ILE A 3084 -7.09 27.87 -8.47
CA ILE A 3084 -8.29 27.65 -7.68
C ILE A 3084 -8.03 27.99 -6.21
N MET A 3085 -7.10 27.29 -5.58
CA MET A 3085 -6.71 27.59 -4.20
C MET A 3085 -5.64 28.67 -4.18
N ALA A 3086 -5.74 29.56 -3.19
CA ALA A 3086 -4.72 30.58 -3.01
C ALA A 3086 -3.43 29.96 -2.49
N SER A 3087 -2.34 30.56 -2.85
CA SER A 3087 -1.03 30.02 -2.49
C SER A 3087 -0.47 30.65 -1.23
N ASP A 3088 -1.28 30.67 -0.15
CA ASP A 3088 -0.81 31.09 1.16
C ASP A 3088 -1.72 30.39 2.18
N VAL A 3089 -1.21 29.31 2.77
CA VAL A 3089 -2.04 28.43 3.60
C VAL A 3089 -2.39 29.07 4.93
N THR A 3090 -1.63 30.08 5.38
CA THR A 3090 -1.96 30.77 6.62
C THR A 3090 -3.23 31.60 6.48
N LYS A 3091 -3.49 32.35 5.46
CA LYS A 3091 -4.77 33.00 5.20
C LYS A 3091 -5.93 32.02 5.38
N LEU A 3092 -5.78 30.81 4.86
CA LEU A 3092 -6.79 29.78 5.07
C LEU A 3092 -6.82 29.31 6.53
N GLN A 3093 -5.72 29.49 7.27
CA GLN A 3093 -5.67 29.09 8.67
C GLN A 3093 -6.34 30.11 9.58
N ASN A 3094 -6.40 31.37 9.14
CA ASN A 3094 -7.16 32.37 9.90
C ASN A 3094 -8.66 32.09 9.85
N VAL A 3095 -9.23 32.08 8.65
CA VAL A 3095 -10.66 31.92 8.46
C VAL A 3095 -11.11 30.47 8.62
N THR A 3096 -12.41 30.27 8.75
CA THR A 3096 -13.10 28.99 8.73
C THR A 3096 -13.97 28.93 7.48
N ILE A 3097 -14.63 27.78 7.29
CA ILE A 3097 -15.25 27.44 6.00
C ILE A 3097 -16.40 28.39 5.68
N SER A 3098 -17.15 28.80 6.72
CA SER A 3098 -18.25 29.74 6.54
C SER A 3098 -17.76 31.13 6.15
N GLN A 3099 -16.58 31.51 6.64
CA GLN A 3099 -15.96 32.79 6.36
C GLN A 3099 -15.28 32.86 4.99
N LEU A 3100 -15.16 31.73 4.28
CA LEU A 3100 -14.68 31.74 2.91
C LEU A 3100 -15.71 32.33 1.96
N PHE A 3101 -16.99 32.24 2.30
CA PHE A 3101 -18.10 32.68 1.48
C PHE A 3101 -18.60 34.10 1.82
N LYS A 3102 -17.84 34.89 2.59
CA LYS A 3102 -18.36 36.20 2.99
C LYS A 3102 -18.28 37.17 1.80
N PRO A 3103 -19.39 37.80 1.41
CA PRO A 3103 -19.37 38.71 0.27
C PRO A 3103 -18.70 40.04 0.59
N GLU A 3104 -18.60 40.90 -0.43
CA GLU A 3104 -17.94 42.21 -0.28
C GLU A 3104 -18.71 43.14 0.65
N SER A 3147 -14.41 37.21 -1.08
CA SER A 3147 -12.96 37.31 -1.13
C SER A 3147 -12.39 36.53 -2.31
N GLN A 3148 -11.08 36.68 -2.54
CA GLN A 3148 -10.37 35.93 -3.56
C GLN A 3148 -9.64 34.70 -3.00
N PHE A 3149 -10.00 34.28 -1.79
CA PHE A 3149 -9.27 33.20 -1.13
C PHE A 3149 -9.59 31.83 -1.73
N LEU A 3150 -10.70 31.69 -2.45
CA LEU A 3150 -11.07 30.42 -3.07
C LEU A 3150 -12.03 30.65 -4.22
N ASP A 3151 -11.80 29.96 -5.33
CA ASP A 3151 -12.69 30.04 -6.48
C ASP A 3151 -13.95 29.26 -6.16
N THR A 3152 -14.98 29.96 -5.67
CA THR A 3152 -16.19 29.30 -5.19
C THR A 3152 -17.00 28.69 -6.33
N THR A 3153 -16.99 29.34 -7.50
CA THR A 3153 -17.72 28.85 -8.66
C THR A 3153 -17.20 27.50 -9.15
N ARG A 3154 -15.86 27.37 -9.24
CA ARG A 3154 -15.25 26.11 -9.61
C ARG A 3154 -15.54 25.01 -8.58
N LEU A 3155 -15.65 25.39 -7.31
CA LEU A 3155 -15.97 24.44 -6.25
C LEU A 3155 -17.39 23.92 -6.38
N VAL A 3156 -18.35 24.84 -6.59
CA VAL A 3156 -19.74 24.44 -6.74
C VAL A 3156 -19.95 23.60 -7.99
N GLN A 3157 -19.34 24.01 -9.12
CA GLN A 3157 -19.43 23.22 -10.35
C GLN A 3157 -18.74 21.87 -10.24
N SER A 3158 -17.73 21.74 -9.37
CA SER A 3158 -17.17 20.42 -9.15
C SER A 3158 -18.08 19.56 -8.28
N CYS A 3159 -18.74 20.15 -7.29
CA CYS A 3159 -19.54 19.34 -6.38
C CYS A 3159 -20.94 18.97 -6.90
N VAL A 3160 -21.41 19.59 -8.01
CA VAL A 3160 -22.79 19.33 -8.49
C VAL A 3160 -23.03 17.85 -8.78
N GLN A 3161 -22.09 17.18 -9.47
CA GLN A 3161 -22.36 15.83 -9.95
C GLN A 3161 -22.43 14.84 -8.80
N GLY A 3162 -21.48 14.93 -7.85
CA GLY A 3162 -21.58 14.11 -6.66
C GLY A 3162 -22.74 14.45 -5.76
N ALA A 3163 -23.22 15.70 -5.81
CA ALA A 3163 -24.41 16.04 -5.02
C ALA A 3163 -25.68 15.42 -5.62
N VAL A 3164 -25.85 15.58 -6.93
CA VAL A 3164 -27.04 15.07 -7.62
C VAL A 3164 -27.05 13.54 -7.72
N GLY A 3165 -25.89 12.90 -7.81
CA GLY A 3165 -25.90 11.43 -7.83
C GLY A 3165 -26.27 10.71 -6.55
N MET A 3166 -26.48 11.38 -5.42
CA MET A 3166 -27.02 10.68 -4.27
C MET A 3166 -28.53 10.78 -4.16
N LEU A 3167 -29.17 11.66 -4.93
CA LEU A 3167 -30.62 11.86 -4.85
C LEU A 3167 -31.35 10.71 -5.52
N ARG A 3168 -32.50 10.35 -4.95
CA ARG A 3168 -33.44 9.44 -5.59
C ARG A 3168 -34.87 9.92 -5.38
N ASP A 3169 -35.70 9.67 -6.39
CA ASP A 3169 -37.12 9.96 -6.37
C ASP A 3169 -37.87 8.72 -5.85
N GLN A 3170 -39.19 8.65 -6.06
CA GLN A 3170 -39.92 7.41 -5.81
C GLN A 3170 -39.87 6.43 -6.97
N ASN A 3171 -38.65 6.14 -7.44
CA ASN A 3171 -38.15 5.04 -8.27
C ASN A 3171 -38.81 4.83 -9.64
N GLU A 3172 -39.85 5.61 -9.96
CA GLU A 3172 -40.31 5.76 -11.34
C GLU A 3172 -40.82 7.16 -11.65
N SER A 3173 -40.78 8.09 -10.69
CA SER A 3173 -41.48 9.36 -10.84
C SER A 3173 -40.60 10.35 -11.59
N CYS A 3174 -40.41 10.07 -12.89
CA CYS A 3174 -39.67 10.92 -13.83
C CYS A 3174 -38.24 11.16 -13.37
N ALA A 3175 -37.44 10.08 -13.43
CA ALA A 3175 -36.03 10.11 -13.06
C ALA A 3175 -35.24 11.16 -13.85
N ARG A 3176 -34.78 12.21 -13.17
CA ARG A 3176 -34.24 13.41 -13.79
C ARG A 3176 -32.85 13.74 -13.28
N ASN A 3177 -32.03 12.74 -12.94
CA ASN A 3177 -30.70 12.99 -12.39
C ASN A 3177 -29.78 13.65 -13.42
N MET A 3178 -29.67 13.04 -14.60
CA MET A 3178 -28.89 13.62 -15.70
C MET A 3178 -29.52 14.92 -16.16
N ARG A 3179 -30.85 15.04 -16.01
CA ARG A 3179 -31.54 16.27 -16.33
C ARG A 3179 -31.14 17.37 -15.35
N ARG A 3180 -31.08 17.06 -14.05
CA ARG A 3180 -30.63 18.06 -13.07
C ARG A 3180 -29.18 18.45 -13.27
N VAL A 3181 -28.33 17.51 -13.71
CA VAL A 3181 -26.94 17.84 -14.02
C VAL A 3181 -26.86 18.85 -15.15
N THR A 3182 -27.60 18.59 -16.23
CA THR A 3182 -27.62 19.51 -17.37
C THR A 3182 -28.20 20.87 -17.01
N ILE A 3183 -29.28 20.88 -16.21
CA ILE A 3183 -29.92 22.13 -15.80
C ILE A 3183 -28.96 22.99 -14.98
N LEU A 3184 -28.41 22.42 -13.90
CA LEU A 3184 -27.56 23.21 -13.00
C LEU A 3184 -26.26 23.63 -13.69
N LEU A 3185 -25.68 22.78 -14.53
CA LEU A 3185 -24.48 23.20 -15.25
C LEU A 3185 -24.77 24.18 -16.37
N ASP A 3186 -26.01 24.28 -16.83
CA ASP A 3186 -26.32 25.36 -17.76
C ASP A 3186 -26.50 26.71 -17.07
N LEU A 3187 -26.89 26.73 -15.80
CA LEU A 3187 -27.19 27.99 -15.11
C LEU A 3187 -26.37 28.18 -13.83
N LEU A 3188 -25.13 27.72 -13.81
CA LEU A 3188 -24.18 28.13 -12.77
C LEU A 3188 -22.96 28.84 -13.35
N ASN A 3189 -23.19 29.81 -14.24
CA ASN A 3189 -22.14 30.58 -14.88
C ASN A 3189 -22.28 32.06 -14.49
N GLU A 3190 -21.36 32.87 -14.98
CA GLU A 3190 -21.34 34.30 -14.68
C GLU A 3190 -21.66 35.16 -15.90
N ASP A 3191 -22.14 34.57 -16.99
CA ASP A 3191 -22.38 35.32 -18.21
C ASP A 3191 -23.63 36.19 -18.12
N ASN A 3192 -24.80 35.57 -17.95
CA ASN A 3192 -26.03 36.32 -17.76
C ASN A 3192 -26.13 36.83 -16.32
N THR A 3193 -26.79 37.98 -16.17
CA THR A 3193 -27.07 38.54 -14.85
C THR A 3193 -28.09 37.73 -14.07
N ARG A 3194 -28.96 36.97 -14.77
CA ARG A 3194 -29.78 35.94 -14.14
C ARG A 3194 -28.92 34.94 -13.38
N ASN A 3195 -27.96 34.32 -14.07
CA ASN A 3195 -27.13 33.30 -13.45
C ASN A 3195 -26.15 33.92 -12.46
N ALA A 3196 -25.74 35.17 -12.68
CA ALA A 3196 -24.87 35.85 -11.71
C ALA A 3196 -25.61 36.13 -10.41
N SER A 3197 -26.85 36.61 -10.49
CA SER A 3197 -27.65 36.84 -9.29
C SER A 3197 -28.00 35.53 -8.60
N PHE A 3198 -28.23 34.47 -9.38
CA PHE A 3198 -28.47 33.16 -8.79
C PHE A 3198 -27.23 32.60 -8.10
N LEU A 3199 -26.04 32.88 -8.65
CA LEU A 3199 -24.80 32.51 -7.96
C LEU A 3199 -24.61 33.29 -6.66
N ARG A 3200 -24.85 34.60 -6.69
CA ARG A 3200 -24.69 35.42 -5.49
C ARG A 3200 -25.66 35.01 -4.39
N GLU A 3201 -26.90 34.69 -4.76
CA GLU A 3201 -27.88 34.31 -3.75
C GLU A 3201 -27.69 32.89 -3.28
N SER A 3202 -27.22 31.98 -4.14
CA SER A 3202 -26.95 30.63 -3.70
C SER A 3202 -25.75 30.61 -2.77
N LYS A 3203 -24.76 31.47 -3.04
CA LYS A 3203 -23.65 31.63 -2.12
C LYS A 3203 -24.07 32.29 -0.82
N MET A 3204 -25.10 33.17 -0.85
CA MET A 3204 -25.59 33.73 0.42
C MET A 3204 -26.35 32.69 1.23
N ARG A 3205 -27.10 31.82 0.56
CA ARG A 3205 -27.79 30.74 1.26
C ARG A 3205 -26.80 29.71 1.82
N LEU A 3206 -25.75 29.39 1.05
CA LEU A 3206 -24.69 28.53 1.56
C LEU A 3206 -23.95 29.17 2.73
N HIS A 3207 -23.76 30.49 2.69
CA HIS A 3207 -23.13 31.20 3.80
C HIS A 3207 -23.95 31.06 5.08
N VAL A 3208 -25.24 31.35 5.00
CA VAL A 3208 -26.04 31.32 6.23
C VAL A 3208 -26.32 29.89 6.69
N LEU A 3209 -26.40 28.92 5.75
CA LEU A 3209 -26.64 27.55 6.19
C LEU A 3209 -25.40 26.90 6.78
N LEU A 3210 -24.20 27.18 6.23
CA LEU A 3210 -22.99 26.69 6.89
C LEU A 3210 -22.70 27.42 8.18
N ASN A 3211 -23.10 28.70 8.29
CA ASN A 3211 -22.84 29.40 9.55
C ASN A 3211 -23.76 28.88 10.65
N LYS A 3212 -25.01 28.57 10.33
CA LYS A 3212 -25.87 27.90 11.30
C LYS A 3212 -25.43 26.45 11.53
N GLN A 3213 -24.85 25.79 10.52
CA GLN A 3213 -24.39 24.42 10.64
C GLN A 3213 -23.13 24.28 11.49
N GLU A 3214 -22.30 25.32 11.58
CA GLU A 3214 -21.00 25.17 12.23
C GLU A 3214 -20.93 25.80 13.61
N GLU A 3215 -22.04 26.33 14.13
CA GLU A 3215 -22.12 26.70 15.54
C GLU A 3215 -22.15 25.49 16.47
N ASN A 3216 -22.62 24.34 15.99
CA ASN A 3216 -22.58 23.12 16.78
C ASN A 3216 -21.17 22.55 16.94
N GLN A 3217 -20.23 22.94 16.08
CA GLN A 3217 -18.89 22.35 16.11
C GLN A 3217 -18.10 22.82 17.33
N VAL A 3218 -17.14 21.98 17.75
CA VAL A 3218 -16.51 22.13 19.04
C VAL A 3218 -15.18 22.91 18.92
N ARG A 3219 -14.96 23.57 17.77
CA ARG A 3219 -13.84 24.45 17.41
C ARG A 3219 -12.54 23.67 17.19
N SER A 3220 -12.52 22.37 17.48
CA SER A 3220 -11.42 21.57 16.99
C SER A 3220 -11.76 20.90 15.67
N LEU A 3221 -13.00 21.00 15.24
CA LEU A 3221 -13.37 20.67 13.87
C LEU A 3221 -13.66 21.91 13.05
N LYS A 3222 -13.79 23.08 13.67
CA LYS A 3222 -13.80 24.33 12.92
C LYS A 3222 -12.44 24.65 12.33
N GLU A 3223 -11.37 24.33 13.07
CA GLU A 3223 -10.02 24.50 12.52
C GLU A 3223 -9.80 23.33 11.58
N TRP A 3224 -10.25 23.50 10.35
CA TRP A 3224 -10.32 22.39 9.42
C TRP A 3224 -8.99 22.10 8.72
N VAL A 3225 -8.17 23.13 8.50
CA VAL A 3225 -6.86 22.91 7.89
C VAL A 3225 -5.95 22.10 8.81
N THR A 3226 -5.92 22.48 10.10
CA THR A 3226 -5.11 21.75 11.07
C THR A 3226 -5.68 20.36 11.35
N ARG A 3227 -7.01 20.22 11.30
CA ARG A 3227 -7.63 18.92 11.49
C ARG A 3227 -7.36 18.01 10.30
N GLU A 3228 -7.15 18.59 9.12
CA GLU A 3228 -6.96 17.77 7.94
C GLU A 3228 -5.50 17.44 7.70
N ALA A 3229 -4.60 18.34 8.08
CA ALA A 3229 -3.17 18.06 8.03
C ALA A 3229 -2.77 16.97 9.01
N ALA A 3230 -3.47 16.89 10.15
CA ALA A 3230 -3.25 15.80 11.09
C ALA A 3230 -3.88 14.49 10.64
N ASN A 3231 -4.69 14.52 9.58
CA ASN A 3231 -5.36 13.32 9.09
C ASN A 3231 -4.45 12.72 8.02
N GLN A 3232 -3.68 11.70 8.40
CA GLN A 3232 -2.65 11.17 7.52
C GLN A 3232 -3.26 10.38 6.37
N ASP A 3233 -4.32 9.62 6.64
CA ASP A 3233 -4.88 8.73 5.62
C ASP A 3233 -5.55 9.50 4.49
N ALA A 3234 -6.17 10.65 4.78
CA ALA A 3234 -6.74 11.45 3.71
C ALA A 3234 -5.67 12.14 2.88
N LEU A 3235 -4.52 12.46 3.48
CA LEU A 3235 -3.40 13.03 2.75
C LEU A 3235 -2.80 12.00 1.80
N GLN A 3236 -2.57 10.80 2.30
CA GLN A 3236 -1.97 9.76 1.46
C GLN A 3236 -3.01 9.09 0.57
N GLU A 3237 -4.29 9.41 0.74
CA GLU A 3237 -5.34 9.00 -0.19
C GLU A 3237 -5.57 10.03 -1.29
N ALA A 3238 -5.28 11.30 -1.06
CA ALA A 3238 -5.46 12.33 -2.07
C ALA A 3238 -4.16 12.85 -2.67
N GLY A 3239 -3.01 12.32 -2.27
CA GLY A 3239 -1.74 12.65 -2.89
C GLY A 3239 -1.03 13.87 -2.31
N THR A 3240 -1.17 15.03 -2.93
CA THR A 3240 -0.54 16.23 -2.40
C THR A 3240 -1.41 16.85 -1.31
N PHE A 3241 -0.97 17.99 -0.76
CA PHE A 3241 -1.71 18.63 0.31
C PHE A 3241 -2.82 19.55 -0.15
N ARG A 3242 -2.62 20.28 -1.26
CA ARG A 3242 -3.65 21.22 -1.69
C ARG A 3242 -4.83 20.51 -2.32
N HIS A 3243 -4.57 19.42 -3.06
CA HIS A 3243 -5.65 18.57 -3.56
C HIS A 3243 -6.42 17.92 -2.41
N THR A 3244 -5.71 17.54 -1.34
CA THR A 3244 -6.37 16.95 -0.17
C THR A 3244 -7.27 17.96 0.52
N LEU A 3245 -6.82 19.21 0.60
CA LEU A 3245 -7.62 20.26 1.21
C LEU A 3245 -8.84 20.58 0.35
N TRP A 3246 -8.66 20.58 -0.98
CA TRP A 3246 -9.78 20.85 -1.87
C TRP A 3246 -10.79 19.71 -1.87
N LYS A 3247 -10.32 18.46 -1.77
CA LYS A 3247 -11.21 17.32 -1.57
C LYS A 3247 -11.96 17.42 -0.25
N ARG A 3248 -11.34 18.00 0.78
CA ARG A 3248 -12.03 18.21 2.05
C ARG A 3248 -13.17 19.20 1.90
N VAL A 3249 -12.90 20.34 1.24
CA VAL A 3249 -13.96 21.34 1.08
C VAL A 3249 -15.05 20.82 0.13
N GLN A 3250 -14.67 19.97 -0.84
CA GLN A 3250 -15.65 19.37 -1.73
C GLN A 3250 -16.55 18.39 -0.99
N ASP A 3251 -15.97 17.57 -0.09
CA ASP A 3251 -16.77 16.63 0.68
C ASP A 3251 -17.58 17.32 1.78
N VAL A 3252 -17.24 18.55 2.14
CA VAL A 3252 -18.10 19.29 3.05
C VAL A 3252 -19.27 19.92 2.30
N VAL A 3253 -18.99 20.59 1.18
CA VAL A 3253 -20.03 21.32 0.45
C VAL A 3253 -21.01 20.36 -0.25
N THR A 3254 -20.55 19.17 -0.67
CA THR A 3254 -21.36 18.27 -1.50
C THR A 3254 -22.67 17.77 -0.87
N PRO A 3255 -22.75 17.34 0.41
CA PRO A 3255 -24.08 17.00 0.93
C PRO A 3255 -24.95 18.21 1.21
N ILE A 3256 -24.36 19.37 1.49
CA ILE A 3256 -25.14 20.59 1.64
C ILE A 3256 -25.78 21.00 0.32
N LEU A 3257 -25.02 20.93 -0.78
CA LEU A 3257 -25.59 21.20 -2.10
C LEU A 3257 -26.66 20.16 -2.46
N ALA A 3258 -26.44 18.90 -2.10
CA ALA A 3258 -27.43 17.85 -2.41
C ALA A 3258 -28.73 18.08 -1.65
N SER A 3259 -28.63 18.46 -0.37
CA SER A 3259 -29.82 18.81 0.40
C SER A 3259 -30.48 20.07 -0.15
N MET A 3260 -29.68 20.98 -0.69
CA MET A 3260 -30.22 22.21 -1.27
C MET A 3260 -30.99 21.93 -2.54
N ILE A 3261 -30.51 20.99 -3.36
CA ILE A 3261 -31.24 20.59 -4.57
C ILE A 3261 -32.48 19.79 -4.20
N ALA A 3262 -32.38 18.95 -3.15
CA ALA A 3262 -33.55 18.24 -2.64
C ALA A 3262 -34.61 19.17 -2.06
N HIS A 3263 -34.23 20.36 -1.60
CA HIS A 3263 -35.25 21.30 -1.16
C HIS A 3263 -35.77 22.19 -2.29
N ILE A 3264 -34.92 22.56 -3.24
CA ILE A 3264 -35.39 23.39 -4.36
C ILE A 3264 -36.24 22.57 -5.33
N ASP A 3265 -35.67 21.50 -5.88
CA ASP A 3265 -36.31 20.65 -6.88
C ASP A 3265 -37.34 19.69 -6.27
N ARG A 3266 -38.40 20.27 -5.69
CA ARG A 3266 -39.42 19.44 -5.07
C ARG A 3266 -40.24 18.73 -6.14
N ASP A 3267 -40.60 19.44 -7.21
CA ASP A 3267 -41.40 18.86 -8.28
C ASP A 3267 -41.01 19.34 -9.68
N GLY A 3268 -39.95 20.13 -9.85
CA GLY A 3268 -39.70 20.67 -11.18
C GLY A 3268 -39.46 22.17 -11.28
N ASN A 3269 -39.16 22.81 -10.16
CA ASN A 3269 -38.99 24.26 -10.11
C ASN A 3269 -37.77 24.79 -10.87
N LEU A 3270 -36.79 23.94 -11.21
CA LEU A 3270 -35.61 24.44 -11.92
C LEU A 3270 -35.88 24.74 -13.39
N GLU A 3271 -36.74 23.96 -14.05
CA GLU A 3271 -36.94 24.09 -15.50
C GLU A 3271 -37.61 25.40 -15.88
N LEU A 3272 -38.29 26.07 -14.94
CA LEU A 3272 -38.83 27.40 -15.17
C LEU A 3272 -37.75 28.46 -15.37
N LEU A 3273 -36.52 28.21 -14.93
CA LEU A 3273 -35.36 28.97 -15.39
C LEU A 3273 -34.76 28.45 -16.67
N ALA A 3274 -34.86 27.15 -16.92
CA ALA A 3274 -34.32 26.53 -18.12
C ALA A 3274 -35.15 26.77 -19.37
N GLN A 3275 -36.42 27.14 -19.24
CA GLN A 3275 -37.17 27.55 -20.40
C GLN A 3275 -36.64 28.88 -20.94
N PRO A 3276 -36.64 29.08 -22.25
CA PRO A 3276 -36.65 30.44 -22.78
C PRO A 3276 -38.07 30.98 -22.78
N ASP A 3277 -38.22 32.19 -23.34
CA ASP A 3277 -39.44 32.96 -23.63
C ASP A 3277 -40.49 32.90 -22.52
N SER A 3278 -40.04 32.80 -21.26
CA SER A 3278 -40.81 32.91 -20.04
C SER A 3278 -40.76 34.34 -19.51
N PRO A 3279 -41.90 34.96 -19.22
CA PRO A 3279 -41.90 36.39 -18.90
C PRO A 3279 -41.36 36.70 -17.52
N ALA A 3280 -41.36 37.98 -17.18
CA ALA A 3280 -40.65 38.49 -16.00
C ALA A 3280 -41.25 38.03 -14.67
N TRP A 3281 -42.52 37.62 -14.64
CA TRP A 3281 -43.09 37.16 -13.38
C TRP A 3281 -42.51 35.83 -12.93
N VAL A 3282 -42.16 34.95 -13.88
CA VAL A 3282 -41.63 33.62 -13.55
C VAL A 3282 -40.28 33.76 -12.83
N GLN A 3283 -39.30 34.36 -13.50
CA GLN A 3283 -37.98 34.46 -12.91
C GLN A 3283 -37.96 35.50 -11.78
N ASP A 3284 -38.84 36.49 -11.82
CA ASP A 3284 -38.85 37.49 -10.75
C ASP A 3284 -39.43 36.92 -9.47
N LEU A 3285 -40.49 36.10 -9.56
CA LEU A 3285 -41.01 35.46 -8.37
C LEU A 3285 -40.09 34.34 -7.89
N TRP A 3286 -39.41 33.65 -8.81
CA TRP A 3286 -38.49 32.60 -8.41
C TRP A 3286 -37.29 33.15 -7.67
N MET A 3287 -36.75 34.28 -8.15
CA MET A 3287 -35.66 34.93 -7.46
C MET A 3287 -36.12 35.96 -6.43
N PHE A 3288 -37.42 36.04 -6.16
CA PHE A 3288 -37.86 36.60 -4.88
C PHE A 3288 -37.99 35.56 -3.77
N ILE A 3289 -38.53 34.37 -4.07
CA ILE A 3289 -38.77 33.40 -3.01
C ILE A 3289 -37.47 32.76 -2.55
N TYR A 3290 -36.58 32.42 -3.50
CA TYR A 3290 -35.29 31.82 -3.15
C TYR A 3290 -34.32 32.81 -2.50
N SER A 3291 -34.54 34.11 -2.65
CA SER A 3291 -33.69 35.09 -1.99
C SER A 3291 -34.26 35.58 -0.66
N ASP A 3292 -35.08 34.78 0.01
CA ASP A 3292 -35.60 35.12 1.33
C ASP A 3292 -35.41 33.92 2.24
N ILE A 3293 -34.77 34.15 3.39
CA ILE A 3293 -34.45 33.05 4.31
C ILE A 3293 -35.64 32.71 5.20
N LYS A 3294 -36.31 33.72 5.76
CA LYS A 3294 -37.37 33.44 6.74
C LYS A 3294 -38.65 32.93 6.08
N PHE A 3295 -38.95 33.36 4.86
CA PHE A 3295 -40.12 32.82 4.17
C PHE A 3295 -39.88 31.40 3.68
N LEU A 3296 -38.63 31.04 3.40
CA LEU A 3296 -38.30 29.73 2.82
C LEU A 3296 -37.18 29.08 3.64
N ASN A 3297 -37.57 28.37 4.68
CA ASN A 3297 -36.59 27.66 5.49
C ASN A 3297 -36.09 26.44 4.73
N ILE A 3298 -34.78 26.19 4.80
CA ILE A 3298 -34.20 24.96 4.29
C ILE A 3298 -33.46 24.31 5.45
N SER A 3299 -34.10 23.35 6.12
CA SER A 3299 -33.42 22.54 7.10
C SER A 3299 -32.59 21.46 6.41
N LEU A 3300 -31.72 20.80 7.18
CA LEU A 3300 -30.70 19.94 6.62
C LEU A 3300 -30.64 18.64 7.41
N VAL A 3301 -29.87 17.69 6.87
CA VAL A 3301 -29.76 16.37 7.47
C VAL A 3301 -28.40 16.20 8.12
N SER A 3312 -25.18 8.31 2.67
CA SER A 3312 -26.58 8.70 2.75
C SER A 3312 -27.14 9.00 1.36
N PHE A 3313 -28.43 8.70 1.17
CA PHE A 3313 -29.14 8.89 -0.12
C PHE A 3313 -30.47 9.57 0.17
N ILE A 3314 -30.45 10.91 0.16
CA ILE A 3314 -31.50 11.74 0.74
C ILE A 3314 -32.72 11.67 -0.17
N LEU A 3315 -33.91 11.64 0.43
CA LEU A 3315 -35.15 11.49 -0.34
C LEU A 3315 -35.81 12.85 -0.57
N VAL A 3316 -36.05 13.17 -1.84
CA VAL A 3316 -36.89 14.30 -2.23
C VAL A 3316 -38.24 13.76 -2.70
N GLN A 3317 -39.31 14.31 -2.15
CA GLN A 3317 -40.65 13.75 -2.29
C GLN A 3317 -41.47 14.60 -3.26
N SER A 3318 -42.28 13.94 -4.06
CA SER A 3318 -43.17 14.62 -4.99
C SER A 3318 -44.50 14.92 -4.30
N HIS A 3319 -45.16 15.98 -4.77
CA HIS A 3319 -46.42 16.41 -4.20
C HIS A 3319 -47.59 16.41 -5.17
N MET A 3320 -47.32 16.49 -6.47
CA MET A 3320 -48.35 16.69 -7.47
C MET A 3320 -48.75 15.42 -8.20
N ASN A 3321 -48.18 14.27 -7.79
CA ASN A 3321 -48.28 12.94 -8.44
C ASN A 3321 -48.35 13.05 -9.97
N LEU A 3322 -47.42 13.83 -10.51
CA LEU A 3322 -47.60 14.47 -11.80
C LEU A 3322 -47.27 13.53 -12.97
N LEU A 3323 -47.54 14.04 -14.18
CA LEU A 3323 -47.34 13.35 -15.44
C LEU A 3323 -45.89 13.42 -15.92
N LYS A 3324 -45.63 13.13 -17.19
CA LYS A 3324 -44.28 13.31 -17.74
C LYS A 3324 -43.91 14.80 -17.78
N ASP A 3325 -42.99 15.20 -16.88
CA ASP A 3325 -42.29 16.49 -16.90
C ASP A 3325 -43.25 17.69 -16.80
N ALA A 3326 -43.83 17.82 -15.61
CA ALA A 3326 -44.85 18.85 -15.34
C ALA A 3326 -44.24 20.25 -15.36
N TYR A 3327 -43.23 20.48 -14.52
CA TYR A 3327 -42.62 21.78 -14.18
C TYR A 3327 -43.65 22.88 -13.88
N ASN A 3328 -44.24 22.73 -12.68
CA ASN A 3328 -45.30 23.56 -12.09
C ASN A 3328 -45.13 25.06 -12.37
N ALA A 3329 -46.19 25.68 -12.88
CA ALA A 3329 -46.09 26.99 -13.53
C ALA A 3329 -45.83 28.13 -12.56
N VAL A 3330 -46.33 28.08 -11.34
CA VAL A 3330 -45.92 29.05 -10.33
C VAL A 3330 -44.54 28.60 -9.83
N PRO A 3331 -43.61 29.52 -9.54
CA PRO A 3331 -42.23 29.09 -9.25
C PRO A 3331 -42.04 28.28 -7.96
N PHE A 3332 -42.93 28.39 -6.99
CA PHE A 3332 -43.00 27.42 -5.89
C PHE A 3332 -44.47 27.21 -5.56
N SER A 3333 -45.00 26.02 -5.85
CA SER A 3333 -46.39 25.73 -5.50
C SER A 3333 -46.59 25.47 -4.01
N TRP A 3334 -45.71 24.67 -3.43
CA TRP A 3334 -45.95 24.12 -2.10
C TRP A 3334 -45.70 25.12 -0.99
N ARG A 3335 -44.71 26.01 -1.13
CA ARG A 3335 -44.43 26.94 -0.06
C ARG A 3335 -45.51 28.02 0.04
N ILE A 3336 -46.00 28.52 -1.11
CA ILE A 3336 -47.09 29.49 -1.07
C ILE A 3336 -48.38 28.82 -0.61
N ARG A 3337 -48.62 27.55 -1.00
CA ARG A 3337 -49.83 26.88 -0.55
C ARG A 3337 -49.83 26.64 0.96
N ASP A 3338 -48.70 26.18 1.52
CA ASP A 3338 -48.65 25.95 2.96
C ASP A 3338 -48.64 27.26 3.74
N TYR A 3339 -48.05 28.32 3.17
CA TYR A 3339 -48.06 29.62 3.83
C TYR A 3339 -49.46 30.22 3.84
N LEU A 3340 -50.17 30.09 2.72
CA LEU A 3340 -51.53 30.63 2.67
C LEU A 3340 -52.51 29.79 3.50
N GLU A 3341 -52.26 28.49 3.66
CA GLU A 3341 -53.16 27.75 4.55
C GLU A 3341 -52.86 28.01 6.03
N GLU A 3342 -51.60 28.30 6.37
CA GLU A 3342 -51.29 28.80 7.71
C GLU A 3342 -51.94 30.16 7.96
N LEU A 3343 -51.89 31.04 6.96
CA LEU A 3343 -52.56 32.33 7.02
C LEU A 3343 -54.07 32.16 7.09
N TRP A 3344 -54.61 31.11 6.47
CA TRP A 3344 -56.04 30.83 6.53
C TRP A 3344 -56.47 30.43 7.92
N VAL A 3345 -55.70 29.54 8.56
CA VAL A 3345 -56.05 29.10 9.91
C VAL A 3345 -55.93 30.24 10.91
N GLN A 3346 -54.89 31.07 10.78
CA GLN A 3346 -54.77 32.24 11.65
C GLN A 3346 -55.85 33.29 11.37
N ALA A 3347 -56.28 33.41 10.11
CA ALA A 3347 -57.30 34.40 9.77
C ALA A 3347 -58.67 33.98 10.27
N GLN A 3348 -59.00 32.69 10.14
CA GLN A 3348 -60.29 32.22 10.63
C GLN A 3348 -60.30 31.96 12.12
N TYR A 3349 -59.15 32.00 12.79
CA TYR A 3349 -59.22 32.03 14.25
C TYR A 3349 -59.29 33.44 14.82
N ILE A 3350 -58.59 34.42 14.22
CA ILE A 3350 -58.59 35.78 14.75
C ILE A 3350 -59.96 36.44 14.63
N THR A 3351 -60.51 36.50 13.42
CA THR A 3351 -61.77 37.23 13.23
C THR A 3351 -62.87 36.18 13.04
N ASP A 3352 -64.12 36.63 12.89
CA ASP A 3352 -65.28 35.78 12.73
C ASP A 3352 -65.53 35.47 11.25
N THR A 3353 -66.60 34.73 10.97
CA THR A 3353 -66.93 34.35 9.60
C THR A 3353 -67.93 35.34 8.98
N GLU A 3354 -67.61 36.63 9.08
CA GLU A 3354 -68.32 37.66 8.33
C GLU A 3354 -67.38 38.61 7.61
N GLY A 3355 -66.27 38.97 8.25
CA GLY A 3355 -65.24 39.78 7.61
C GLY A 3355 -64.02 38.93 7.33
N LEU A 3356 -64.27 37.66 7.02
CA LEU A 3356 -63.17 36.72 6.82
C LEU A 3356 -62.43 36.96 5.51
N SER A 3357 -63.16 37.21 4.43
CA SER A 3357 -62.52 37.52 3.16
C SER A 3357 -61.75 38.84 3.21
N LYS A 3358 -62.33 39.87 3.84
CA LYS A 3358 -61.66 41.17 3.98
C LYS A 3358 -60.39 41.06 4.80
N LYS A 3359 -60.47 40.40 5.97
CA LYS A 3359 -59.30 40.27 6.83
C LYS A 3359 -58.26 39.36 6.20
N PHE A 3360 -58.69 38.36 5.43
CA PHE A 3360 -57.77 37.45 4.79
C PHE A 3360 -56.99 38.12 3.67
N VAL A 3361 -57.68 38.91 2.82
CA VAL A 3361 -56.98 39.63 1.77
C VAL A 3361 -56.10 40.75 2.36
N GLU A 3362 -56.52 41.38 3.46
CA GLU A 3362 -55.68 42.42 4.04
C GLU A 3362 -54.47 41.83 4.75
N ILE A 3363 -54.60 40.65 5.37
CA ILE A 3363 -53.45 40.01 6.01
C ILE A 3363 -52.55 39.38 4.94
N PHE A 3364 -53.07 39.14 3.73
CA PHE A 3364 -52.22 38.79 2.60
C PHE A 3364 -51.45 40.00 2.09
N GLN A 3365 -52.12 41.15 1.98
CA GLN A 3365 -51.44 42.36 1.50
C GLN A 3365 -50.38 42.86 2.47
N LYS A 3366 -50.42 42.43 3.73
CA LYS A 3366 -49.35 42.77 4.67
C LYS A 3366 -48.04 42.01 4.41
N THR A 3367 -48.10 40.80 3.85
CA THR A 3367 -46.91 39.95 3.85
C THR A 3367 -45.97 40.41 2.74
N PRO A 3368 -44.66 40.10 2.81
CA PRO A 3368 -43.75 40.54 1.74
C PRO A 3368 -44.02 39.93 0.38
N LEU A 3369 -44.62 38.75 0.31
CA LEU A 3369 -45.05 38.21 -0.98
C LEU A 3369 -46.17 39.03 -1.59
N GLY A 3370 -47.06 39.55 -0.76
CA GLY A 3370 -48.15 40.39 -1.26
C GLY A 3370 -47.64 41.73 -1.79
N VAL A 3371 -46.74 42.37 -1.05
CA VAL A 3371 -46.18 43.64 -1.51
C VAL A 3371 -45.13 43.44 -2.60
N PHE A 3372 -44.71 42.20 -2.85
CA PHE A 3372 -43.91 41.92 -4.04
C PHE A 3372 -44.77 41.76 -5.28
N LEU A 3373 -45.87 41.03 -5.17
CA LEU A 3373 -46.76 40.79 -6.31
C LEU A 3373 -47.63 41.99 -6.67
N ALA A 3374 -47.71 43.01 -5.81
CA ALA A 3374 -48.47 44.20 -6.18
C ALA A 3374 -47.77 45.07 -7.21
N GLN A 3375 -46.44 45.08 -7.26
CA GLN A 3375 -45.76 45.93 -8.25
C GLN A 3375 -45.75 45.34 -9.64
N PHE A 3376 -46.16 44.09 -9.82
CA PHE A 3376 -46.40 43.57 -11.16
C PHE A 3376 -47.59 44.31 -11.79
N PRO A 3377 -47.57 44.49 -13.11
CA PRO A 3377 -48.75 45.02 -13.80
C PRO A 3377 -49.84 43.96 -13.94
N VAL A 3378 -50.94 44.37 -14.57
CA VAL A 3378 -52.19 43.62 -14.50
C VAL A 3378 -52.10 42.30 -15.26
N ALA A 3379 -51.40 42.28 -16.40
CA ALA A 3379 -51.41 41.12 -17.28
C ALA A 3379 -50.61 39.96 -16.69
N GLN A 3380 -49.42 40.24 -16.14
CA GLN A 3380 -48.65 39.17 -15.50
C GLN A 3380 -49.35 38.67 -14.24
N GLN A 3381 -50.09 39.54 -13.55
CA GLN A 3381 -50.90 39.12 -12.42
C GLN A 3381 -52.00 38.16 -12.87
N GLN A 3382 -52.63 38.44 -14.02
CA GLN A 3382 -53.70 37.54 -14.47
C GLN A 3382 -53.15 36.20 -14.93
N LYS A 3383 -51.99 36.21 -15.62
CA LYS A 3383 -51.36 34.98 -16.05
C LYS A 3383 -50.92 34.14 -14.86
N LEU A 3384 -50.39 34.80 -13.82
CA LEU A 3384 -50.07 34.13 -12.57
C LEU A 3384 -51.31 33.54 -11.92
N LEU A 3385 -52.45 34.24 -12.05
CA LEU A 3385 -53.68 33.75 -11.44
C LEU A 3385 -54.21 32.49 -12.14
N GLN A 3386 -54.21 32.45 -13.49
CA GLN A 3386 -54.66 31.20 -14.13
C GLN A 3386 -53.65 30.07 -13.91
N SER A 3387 -52.35 30.39 -13.91
CA SER A 3387 -51.34 29.37 -13.63
C SER A 3387 -51.50 28.80 -12.23
N TYR A 3388 -51.82 29.67 -11.25
CA TYR A 3388 -52.00 29.20 -9.88
C TYR A 3388 -53.28 28.40 -9.73
N LEU A 3389 -54.31 28.73 -10.52
CA LEU A 3389 -55.51 27.90 -10.59
C LEU A 3389 -55.16 26.48 -11.04
N LYS A 3390 -54.42 26.38 -12.15
CA LYS A 3390 -54.09 25.07 -12.70
C LYS A 3390 -53.22 24.24 -11.75
N ASP A 3391 -52.26 24.88 -11.09
CA ASP A 3391 -51.41 24.12 -10.18
C ASP A 3391 -52.10 23.80 -8.86
N PHE A 3392 -53.02 24.66 -8.38
CA PHE A 3392 -53.78 24.33 -7.18
C PHE A 3392 -54.69 23.13 -7.43
N LEU A 3393 -55.29 23.03 -8.64
CA LEU A 3393 -56.08 21.84 -8.91
C LEU A 3393 -55.20 20.61 -9.06
N LEU A 3394 -53.99 20.75 -9.63
CA LEU A 3394 -53.12 19.59 -9.68
C LEU A 3394 -52.56 19.21 -8.30
N LEU A 3395 -52.44 20.17 -7.38
CA LEU A 3395 -51.97 19.88 -6.03
C LEU A 3395 -53.03 19.18 -5.20
N THR A 3396 -54.27 19.65 -5.25
CA THR A 3396 -55.28 19.10 -4.33
C THR A 3396 -55.83 17.77 -4.84
N MET A 3397 -56.42 17.75 -6.03
CA MET A 3397 -57.07 16.56 -6.56
C MET A 3397 -56.18 15.98 -7.66
N LYS A 3398 -55.78 14.72 -7.51
CA LYS A 3398 -55.03 14.07 -8.58
C LYS A 3398 -55.99 13.82 -9.76
N VAL A 3399 -55.69 14.46 -10.88
CA VAL A 3399 -56.53 14.42 -12.08
C VAL A 3399 -55.73 13.79 -13.22
N SER A 3400 -56.26 12.72 -13.78
CA SER A 3400 -55.55 11.92 -14.78
C SER A 3400 -55.90 12.32 -16.22
N SER A 3401 -55.78 13.60 -16.56
CA SER A 3401 -56.04 14.07 -17.92
C SER A 3401 -55.38 15.43 -18.11
N ARG A 3402 -55.54 15.98 -19.32
CA ARG A 3402 -55.27 17.39 -19.60
C ARG A 3402 -56.54 18.23 -19.74
N GLU A 3403 -57.57 17.70 -20.39
CA GLU A 3403 -58.75 18.51 -20.68
C GLU A 3403 -59.78 18.51 -19.55
N GLU A 3404 -59.74 17.48 -18.71
CA GLU A 3404 -60.46 17.54 -17.45
C GLU A 3404 -59.90 18.68 -16.58
N LEU A 3405 -58.58 18.83 -16.56
CA LEU A 3405 -57.96 19.96 -15.85
C LEU A 3405 -58.31 21.34 -16.43
N MET A 3406 -58.50 21.47 -17.75
CA MET A 3406 -58.95 22.76 -18.29
C MET A 3406 -60.37 23.07 -17.85
N PHE A 3407 -61.27 22.06 -17.86
CA PHE A 3407 -62.64 22.32 -17.41
C PHE A 3407 -62.68 22.64 -15.92
N LEU A 3408 -61.85 21.98 -15.11
CA LEU A 3408 -61.80 22.34 -13.69
C LEU A 3408 -61.20 23.72 -13.47
N GLN A 3409 -60.24 24.14 -14.33
CA GLN A 3409 -59.72 25.50 -14.22
C GLN A 3409 -60.78 26.56 -14.57
N MET A 3410 -61.61 26.30 -15.59
CA MET A 3410 -62.72 27.24 -15.86
C MET A 3410 -63.72 27.23 -14.71
N ALA A 3411 -63.95 26.05 -14.11
CA ALA A 3411 -64.93 25.94 -13.03
C ALA A 3411 -64.45 26.71 -11.79
N LEU A 3412 -63.17 26.61 -11.44
CA LEU A 3412 -62.72 27.33 -10.26
C LEU A 3412 -62.57 28.82 -10.58
N TRP A 3413 -62.35 29.18 -11.85
CA TRP A 3413 -62.41 30.59 -12.23
C TRP A 3413 -63.84 31.13 -12.13
N SER A 3414 -64.82 30.29 -12.47
CA SER A 3414 -66.23 30.66 -12.31
C SER A 3414 -66.58 30.82 -10.83
N CYS A 3415 -66.05 29.93 -10.00
CA CYS A 3415 -66.24 30.03 -8.55
C CYS A 3415 -65.64 31.31 -7.99
N LEU A 3416 -64.43 31.67 -8.43
CA LEU A 3416 -63.76 32.86 -7.94
C LEU A 3416 -64.51 34.11 -8.38
N ARG A 3417 -64.99 34.12 -9.63
CA ARG A 3417 -65.76 35.26 -10.11
C ARG A 3417 -67.13 35.34 -9.44
N GLU A 3418 -67.73 34.19 -9.13
CA GLU A 3418 -68.99 34.14 -8.38
C GLU A 3418 -68.81 34.72 -6.98
N LEU A 3419 -67.73 34.34 -6.30
CA LEU A 3419 -67.48 34.81 -4.95
C LEU A 3419 -67.15 36.31 -4.96
N GLN A 3420 -66.50 36.79 -6.01
CA GLN A 3420 -66.32 38.22 -6.17
C GLN A 3420 -67.60 38.93 -6.62
N GLU A 3421 -68.57 38.21 -7.18
CA GLU A 3421 -69.89 38.77 -7.46
C GLU A 3421 -70.85 38.66 -6.28
N ALA A 3422 -70.45 38.02 -5.18
CA ALA A 3422 -71.37 37.86 -4.05
C ALA A 3422 -71.56 39.18 -3.32
N SER A 3423 -70.47 39.84 -2.94
CA SER A 3423 -70.56 41.16 -2.34
C SER A 3423 -70.95 42.19 -3.40
N GLY A 3424 -71.79 43.15 -3.01
CA GLY A 3424 -72.34 44.09 -3.96
C GLY A 3424 -71.33 45.09 -4.47
N THR A 3425 -70.92 46.03 -3.61
CA THR A 3425 -69.98 47.07 -3.98
C THR A 3425 -69.18 47.68 -2.81
N PRO A 3426 -68.28 46.90 -2.14
CA PRO A 3426 -67.36 47.55 -1.19
C PRO A 3426 -66.32 48.41 -1.88
N ASP A 3427 -65.67 47.85 -2.91
CA ASP A 3427 -64.67 48.51 -3.75
C ASP A 3427 -63.48 49.05 -2.95
N GLU A 3428 -63.08 48.35 -1.87
CA GLU A 3428 -61.75 48.57 -1.31
C GLU A 3428 -60.92 47.30 -1.23
N THR A 3429 -61.53 46.15 -0.98
CA THR A 3429 -60.89 44.86 -1.26
C THR A 3429 -61.23 44.32 -2.63
N TYR A 3430 -62.18 44.93 -3.33
CA TYR A 3430 -62.37 44.77 -4.76
C TYR A 3430 -61.59 45.79 -5.59
N LYS A 3431 -60.67 46.54 -4.97
CA LYS A 3431 -59.57 47.11 -5.73
C LYS A 3431 -58.45 46.12 -6.00
N PHE A 3432 -58.52 44.90 -5.43
CA PHE A 3432 -57.70 43.75 -5.81
C PHE A 3432 -58.59 42.53 -5.99
N PRO A 3433 -59.35 42.44 -7.10
CA PRO A 3433 -59.98 41.16 -7.42
C PRO A 3433 -59.06 40.20 -8.14
N LEU A 3434 -58.00 40.69 -8.78
CA LEU A 3434 -57.06 39.87 -9.54
C LEU A 3434 -55.85 39.49 -8.69
N SER A 3435 -56.11 38.89 -7.54
CA SER A 3435 -55.09 38.63 -6.54
C SER A 3435 -55.11 37.15 -6.19
N LEU A 3436 -53.98 36.69 -5.64
CA LEU A 3436 -53.80 35.28 -5.29
C LEU A 3436 -54.80 34.71 -4.27
N PRO A 3437 -55.02 35.28 -3.07
CA PRO A 3437 -55.67 34.51 -1.99
C PRO A 3437 -57.15 34.16 -2.23
N TRP A 3438 -57.80 34.82 -3.20
CA TRP A 3438 -59.17 34.48 -3.64
C TRP A 3438 -59.36 33.00 -3.96
N VAL A 3439 -58.34 32.36 -4.56
CA VAL A 3439 -58.36 30.93 -4.90
C VAL A 3439 -58.71 30.09 -3.67
N HIS A 3440 -58.00 30.33 -2.56
CA HIS A 3440 -58.23 29.59 -1.32
C HIS A 3440 -59.63 29.86 -0.77
N LEU A 3441 -60.07 31.14 -0.81
CA LEU A 3441 -61.44 31.48 -0.42
C LEU A 3441 -62.47 30.70 -1.22
N ALA A 3442 -62.26 30.59 -2.53
CA ALA A 3442 -63.16 29.85 -3.41
C ALA A 3442 -63.21 28.36 -3.05
N PHE A 3443 -62.04 27.76 -2.80
CA PHE A 3443 -62.02 26.35 -2.42
C PHE A 3443 -62.64 26.14 -1.03
N GLN A 3444 -62.34 27.02 -0.07
CA GLN A 3444 -62.89 26.90 1.28
C GLN A 3444 -64.35 27.31 1.34
N HIS A 3445 -64.91 27.83 0.25
CA HIS A 3445 -66.33 28.12 0.19
C HIS A 3445 -67.07 27.10 -0.66
N PHE A 3446 -66.36 26.29 -1.45
CA PHE A 3446 -67.04 25.54 -2.49
C PHE A 3446 -66.52 24.10 -2.64
N ARG A 3447 -65.84 23.56 -1.61
CA ARG A 3447 -65.00 22.39 -1.81
C ARG A 3447 -65.81 21.17 -2.25
N THR A 3448 -66.98 20.96 -1.65
CA THR A 3448 -67.79 19.79 -1.99
C THR A 3448 -68.40 19.96 -3.38
N ARG A 3449 -68.73 21.19 -3.75
CA ARG A 3449 -69.29 21.50 -5.06
C ARG A 3449 -68.25 21.37 -6.16
N LEU A 3450 -66.96 21.31 -5.82
CA LEU A 3450 -65.95 20.90 -6.79
C LEU A 3450 -65.73 19.39 -6.77
N GLN A 3451 -65.71 18.80 -5.58
CA GLN A 3451 -65.28 17.42 -5.39
C GLN A 3451 -66.29 16.44 -5.94
N ASN A 3452 -67.57 16.66 -5.66
CA ASN A 3452 -68.66 15.95 -6.35
C ASN A 3452 -68.52 16.03 -7.88
N PHE A 3453 -68.20 17.21 -8.42
CA PHE A 3453 -68.00 17.34 -9.87
C PHE A 3453 -66.80 16.52 -10.35
N SER A 3454 -65.76 16.46 -9.52
CA SER A 3454 -64.62 15.58 -9.81
C SER A 3454 -65.06 14.12 -9.83
N ARG A 3455 -65.91 13.74 -8.88
CA ARG A 3455 -66.41 12.36 -8.86
C ARG A 3455 -67.31 12.07 -10.05
N ILE A 3456 -68.04 13.07 -10.55
CA ILE A 3456 -68.92 12.81 -11.69
C ILE A 3456 -68.12 12.79 -12.99
N LEU A 3457 -66.88 13.30 -12.97
CA LEU A 3457 -65.99 13.09 -14.11
C LEU A 3457 -65.04 11.91 -13.98
N THR A 3458 -64.91 11.29 -12.81
CA THR A 3458 -63.95 10.19 -12.65
C THR A 3458 -64.57 8.81 -12.80
N ILE A 3459 -65.78 8.60 -12.29
CA ILE A 3459 -66.51 7.36 -12.56
C ILE A 3459 -66.89 7.25 -14.04
N HIS A 3460 -67.37 8.32 -14.65
CA HIS A 3460 -67.83 8.29 -16.03
C HIS A 3460 -66.89 9.18 -16.86
N PRO A 3461 -65.94 8.60 -17.59
CA PRO A 3461 -64.98 9.42 -18.33
C PRO A 3461 -65.51 9.92 -19.67
N GLN A 3462 -66.45 9.18 -20.27
CA GLN A 3462 -66.89 9.52 -21.62
C GLN A 3462 -67.70 10.81 -21.66
N VAL A 3463 -68.35 11.18 -20.55
CA VAL A 3463 -69.29 12.31 -20.56
C VAL A 3463 -68.57 13.63 -20.78
N LEU A 3464 -67.26 13.66 -20.49
CA LEU A 3464 -66.41 14.81 -20.78
C LEU A 3464 -66.39 15.12 -22.26
N SER A 3465 -66.44 14.09 -23.10
CA SER A 3465 -66.55 14.25 -24.55
C SER A 3465 -67.83 14.99 -24.90
N SER A 3466 -68.93 14.67 -24.21
CA SER A 3466 -70.18 15.43 -24.38
C SER A 3466 -69.99 16.86 -23.88
N LEU A 3467 -69.24 17.04 -22.80
CA LEU A 3467 -68.86 18.36 -22.35
C LEU A 3467 -67.95 19.06 -23.34
N SER A 3468 -67.25 18.30 -24.20
CA SER A 3468 -66.47 18.92 -25.27
C SER A 3468 -67.32 19.60 -26.35
N GLN A 3469 -68.65 19.48 -26.30
CA GLN A 3469 -69.49 20.34 -27.12
C GLN A 3469 -70.15 21.45 -26.31
N ALA A 3470 -70.26 21.26 -24.99
CA ALA A 3470 -71.24 22.00 -24.17
C ALA A 3470 -70.90 23.48 -24.08
N ALA A 3471 -69.65 23.80 -23.75
CA ALA A 3471 -69.22 25.20 -23.73
C ALA A 3471 -69.20 25.82 -25.12
N GLU A 3472 -69.16 25.00 -26.17
CA GLU A 3472 -69.28 25.48 -27.54
C GLU A 3472 -70.73 25.76 -27.93
N LYS A 3473 -71.69 25.21 -27.18
CA LYS A 3473 -73.11 25.42 -27.44
C LYS A 3473 -73.85 26.21 -26.37
N HIS A 3474 -73.19 26.55 -25.25
CA HIS A 3474 -73.84 27.31 -24.19
C HIS A 3474 -73.06 28.58 -23.83
N SER A 3475 -71.73 28.56 -24.04
CA SER A 3475 -70.80 29.61 -23.62
C SER A 3475 -70.91 29.86 -22.10
N LEU A 3476 -70.54 28.82 -21.36
CA LEU A 3476 -70.55 28.82 -19.91
C LEU A 3476 -69.32 29.54 -19.35
N ALA A 3477 -69.09 29.38 -18.04
CA ALA A 3477 -67.96 29.93 -17.28
C ALA A 3477 -67.87 31.45 -17.38
N GLY A 3478 -69.01 32.13 -17.53
CA GLY A 3478 -69.00 33.57 -17.64
C GLY A 3478 -69.53 34.28 -16.40
N CYS A 3479 -70.57 33.73 -15.79
CA CYS A 3479 -71.22 34.37 -14.66
C CYS A 3479 -71.20 33.50 -13.40
N GLU A 3480 -71.59 32.23 -13.50
CA GLU A 3480 -71.86 31.42 -12.32
C GLU A 3480 -71.22 30.05 -12.51
N MET A 3481 -71.00 29.36 -11.39
CA MET A 3481 -70.45 28.01 -11.40
C MET A 3481 -71.59 27.14 -11.92
N THR A 3482 -71.50 26.74 -13.19
CA THR A 3482 -72.56 26.03 -13.90
C THR A 3482 -72.20 24.67 -14.47
N LEU A 3483 -70.91 24.31 -14.54
CA LEU A 3483 -70.45 23.07 -15.18
C LEU A 3483 -70.96 21.80 -14.51
N ASP A 3484 -71.26 21.84 -13.21
CA ASP A 3484 -71.91 20.69 -12.57
C ASP A 3484 -73.28 20.43 -13.18
N ALA A 3485 -74.05 21.48 -13.47
CA ALA A 3485 -75.38 21.27 -14.02
C ALA A 3485 -75.34 20.77 -15.46
N PHE A 3486 -74.40 21.27 -16.28
CA PHE A 3486 -74.34 20.72 -17.63
C PHE A 3486 -73.70 19.34 -17.67
N ALA A 3487 -72.79 19.03 -16.75
CA ALA A 3487 -72.30 17.65 -16.67
C ALA A 3487 -73.41 16.70 -16.21
N ALA A 3488 -74.26 17.14 -15.29
CA ALA A 3488 -75.44 16.35 -14.90
C ALA A 3488 -76.39 16.16 -16.07
N MET A 3489 -76.65 17.23 -16.82
CA MET A 3489 -77.56 17.15 -17.96
C MET A 3489 -76.98 16.28 -19.07
N ALA A 3490 -75.68 16.39 -19.32
CA ALA A 3490 -75.03 15.59 -20.36
C ALA A 3490 -74.99 14.11 -19.96
N CYS A 3491 -74.80 13.84 -18.66
CA CYS A 3491 -74.78 12.45 -18.21
C CYS A 3491 -76.17 11.85 -18.27
N ALA A 3492 -77.19 12.61 -17.89
CA ALA A 3492 -78.56 12.09 -17.99
C ALA A 3492 -79.00 11.94 -19.44
N GLU A 3493 -78.50 12.80 -20.34
CA GLU A 3493 -78.78 12.61 -21.76
C GLU A 3493 -78.05 11.42 -22.34
N MET A 3494 -76.84 11.12 -21.84
CA MET A 3494 -76.14 9.91 -22.27
C MET A 3494 -76.87 8.65 -21.81
N LEU A 3495 -77.38 8.64 -20.58
CA LEU A 3495 -78.13 7.47 -20.13
C LEU A 3495 -79.51 7.39 -20.78
N LYS A 3496 -80.11 8.52 -21.15
CA LYS A 3496 -81.38 8.51 -21.85
C LYS A 3496 -81.25 8.24 -23.35
N GLY A 3497 -80.05 8.36 -23.91
CA GLY A 3497 -79.88 8.05 -25.32
C GLY A 3497 -79.96 6.58 -25.67
N ASP A 3498 -79.50 5.70 -24.77
CA ASP A 3498 -79.26 4.31 -25.13
C ASP A 3498 -80.12 3.30 -24.37
N LEU A 3499 -80.00 3.26 -23.03
CA LEU A 3499 -80.74 2.45 -22.04
C LEU A 3499 -80.45 0.95 -22.10
N LEU A 3500 -79.86 0.45 -23.20
CA LEU A 3500 -79.67 -0.99 -23.34
C LEU A 3500 -78.43 -1.37 -24.13
N LYS A 3501 -77.64 -0.43 -24.66
CA LYS A 3501 -76.77 -0.77 -25.78
C LYS A 3501 -75.49 -1.56 -25.49
N PRO A 3502 -74.70 -1.32 -24.39
CA PRO A 3502 -73.60 -2.25 -24.10
C PRO A 3502 -74.11 -3.62 -23.68
N SER A 3503 -75.03 -3.63 -22.72
CA SER A 3503 -75.82 -4.74 -22.20
C SER A 3503 -76.78 -4.12 -21.21
N PRO A 3504 -77.84 -4.82 -20.79
CA PRO A 3504 -78.57 -4.36 -19.60
C PRO A 3504 -77.77 -4.43 -18.31
N LYS A 3505 -76.85 -5.40 -18.17
CA LYS A 3505 -76.09 -5.56 -16.93
C LYS A 3505 -75.10 -4.43 -16.70
N ALA A 3506 -74.35 -4.06 -17.74
CA ALA A 3506 -73.39 -2.98 -17.64
C ALA A 3506 -74.08 -1.64 -17.50
N TRP A 3507 -75.27 -1.52 -18.10
CA TRP A 3507 -76.08 -0.33 -17.88
C TRP A 3507 -76.51 -0.23 -16.40
N LEU A 3508 -76.87 -1.36 -15.76
CA LEU A 3508 -77.15 -1.28 -14.32
C LEU A 3508 -75.94 -0.91 -13.48
N GLN A 3509 -74.74 -1.44 -13.78
CA GLN A 3509 -73.57 -1.02 -13.00
C GLN A 3509 -73.27 0.46 -13.20
N LEU A 3510 -73.40 0.95 -14.43
CA LEU A 3510 -73.10 2.34 -14.68
C LEU A 3510 -74.14 3.27 -14.04
N VAL A 3511 -75.42 2.89 -14.04
CA VAL A 3511 -76.41 3.79 -13.42
C VAL A 3511 -76.37 3.69 -11.89
N LYS A 3512 -76.02 2.53 -11.32
CA LYS A 3512 -75.91 2.44 -9.87
C LYS A 3512 -74.64 3.03 -9.31
N ASN A 3513 -73.57 3.13 -10.11
CA ASN A 3513 -72.40 3.86 -9.63
C ASN A 3513 -72.62 5.37 -9.64
N LEU A 3514 -73.29 5.91 -10.67
CA LEU A 3514 -73.57 7.34 -10.69
C LEU A 3514 -74.81 7.74 -9.91
N SER A 3515 -75.47 6.79 -9.23
CA SER A 3515 -76.68 7.10 -8.47
C SER A 3515 -76.39 8.08 -7.33
N THR A 3516 -75.33 7.82 -6.57
CA THR A 3516 -75.02 8.68 -5.42
C THR A 3516 -74.60 10.11 -5.79
N PRO A 3517 -73.66 10.37 -6.73
CA PRO A 3517 -73.31 11.78 -7.00
C PRO A 3517 -74.44 12.56 -7.65
N LEU A 3518 -75.17 11.92 -8.57
CA LEU A 3518 -76.24 12.59 -9.29
C LEU A 3518 -77.43 12.82 -8.36
N GLU A 3519 -77.57 11.99 -7.33
CA GLU A 3519 -78.59 12.28 -6.33
C GLU A 3519 -78.11 13.39 -5.38
N LEU A 3520 -76.80 13.47 -5.12
CA LEU A 3520 -76.27 14.56 -4.29
C LEU A 3520 -76.39 15.92 -4.95
N VAL A 3521 -76.25 16.00 -6.27
CA VAL A 3521 -76.36 17.31 -6.93
C VAL A 3521 -77.80 17.84 -6.86
N CYS A 3522 -78.79 16.97 -7.02
CA CYS A 3522 -80.17 17.44 -7.01
C CYS A 3522 -80.75 17.51 -5.60
N SER A 3523 -80.03 18.17 -4.68
CA SER A 3523 -80.48 18.36 -3.32
C SER A 3523 -80.24 19.81 -2.90
N GLU A 3524 -81.15 20.33 -2.08
CA GLU A 3524 -81.13 21.74 -1.71
C GLU A 3524 -80.05 22.09 -0.69
N GLY A 3525 -79.50 21.09 0.01
CA GLY A 3525 -78.31 21.28 0.82
C GLY A 3525 -77.02 21.49 0.04
N TYR A 3526 -76.92 20.88 -1.14
CA TYR A 3526 -75.74 21.08 -1.98
C TYR A 3526 -75.78 22.46 -2.63
N LEU A 3527 -76.81 22.72 -3.45
CA LEU A 3527 -77.08 24.02 -4.06
C LEU A 3527 -77.69 24.94 -3.01
N CYS A 3528 -76.82 25.61 -2.26
CA CYS A 3528 -77.26 26.55 -1.23
C CYS A 3528 -77.87 27.80 -1.86
N ASP A 3529 -77.09 28.55 -2.64
CA ASP A 3529 -77.69 29.63 -3.42
C ASP A 3529 -76.89 29.89 -4.68
N SER A 3530 -77.62 30.28 -5.72
CA SER A 3530 -77.10 30.70 -7.02
C SER A 3530 -78.21 31.47 -7.74
N GLY A 3531 -78.04 31.71 -9.03
CA GLY A 3531 -79.09 32.32 -9.81
C GLY A 3531 -80.23 31.35 -10.10
N SER A 3532 -81.33 31.92 -10.60
CA SER A 3532 -82.55 31.17 -10.87
C SER A 3532 -82.42 30.20 -12.05
N MET A 3533 -81.49 30.45 -12.98
CA MET A 3533 -81.30 29.53 -14.10
C MET A 3533 -80.70 28.21 -13.64
N THR A 3534 -79.76 28.24 -12.68
CA THR A 3534 -79.20 27.00 -12.14
C THR A 3534 -80.27 26.20 -11.40
N ARG A 3535 -81.14 26.89 -10.67
CA ARG A 3535 -82.25 26.21 -10.01
C ARG A 3535 -83.24 25.63 -11.02
N SER A 3536 -83.46 26.31 -12.14
CA SER A 3536 -84.35 25.76 -13.16
C SER A 3536 -83.75 24.51 -13.79
N VAL A 3537 -82.44 24.54 -14.03
CA VAL A 3537 -81.73 23.39 -14.58
C VAL A 3537 -81.76 22.23 -13.60
N ILE A 3538 -81.64 22.50 -12.29
CA ILE A 3538 -81.75 21.37 -11.36
C ILE A 3538 -83.16 20.80 -11.35
N GLN A 3539 -84.25 21.61 -11.53
CA GLN A 3539 -85.55 20.90 -11.61
C GLN A 3539 -85.64 19.98 -12.84
N GLU A 3540 -85.16 20.41 -14.03
CA GLU A 3540 -85.21 19.42 -15.13
C GLU A 3540 -84.28 18.22 -14.88
N VAL A 3541 -83.12 18.42 -14.23
CA VAL A 3541 -82.26 17.30 -13.86
C VAL A 3541 -82.96 16.38 -12.86
N ARG A 3542 -83.74 16.95 -11.93
CA ARG A 3542 -84.52 16.17 -10.97
C ARG A 3542 -85.55 15.30 -11.69
N ALA A 3543 -86.28 15.90 -12.63
CA ALA A 3543 -87.33 15.16 -13.34
C ALA A 3543 -86.74 14.05 -14.20
N LEU A 3544 -85.67 14.37 -14.95
CA LEU A 3544 -85.07 13.38 -15.83
C LEU A 3544 -84.39 12.26 -15.04
N TRP A 3545 -83.81 12.57 -13.87
CA TRP A 3545 -83.25 11.53 -13.03
C TRP A 3545 -84.32 10.70 -12.34
N ASN A 3546 -85.47 11.30 -12.01
CA ASN A 3546 -86.56 10.51 -11.47
C ASN A 3546 -87.06 9.50 -12.49
N ARG A 3547 -87.17 9.92 -13.76
CA ARG A 3547 -87.55 8.98 -14.82
C ARG A 3547 -86.52 7.86 -14.95
N ILE A 3548 -85.22 8.21 -15.02
CA ILE A 3548 -84.16 7.23 -15.23
C ILE A 3548 -84.04 6.29 -14.03
N PHE A 3549 -84.26 6.80 -12.83
CA PHE A 3549 -84.13 5.99 -11.63
C PHE A 3549 -85.35 5.08 -11.47
N SER A 3550 -86.53 5.52 -11.93
CA SER A 3550 -87.71 4.66 -11.91
C SER A 3550 -87.55 3.51 -12.91
N ILE A 3551 -86.93 3.82 -14.06
CA ILE A 3551 -86.57 2.79 -15.03
C ILE A 3551 -85.54 1.84 -14.43
N ALA A 3552 -84.64 2.35 -13.58
CA ALA A 3552 -83.65 1.48 -12.96
C ALA A 3552 -84.29 0.50 -11.96
N LEU A 3553 -85.28 0.95 -11.19
CA LEU A 3553 -86.03 0.01 -10.34
C LEU A 3553 -86.80 -1.02 -11.17
N PHE A 3554 -87.42 -0.57 -12.28
CA PHE A 3554 -88.16 -1.50 -13.13
C PHE A 3554 -87.25 -2.57 -13.73
N VAL A 3555 -86.08 -2.18 -14.23
CA VAL A 3555 -85.13 -3.15 -14.82
C VAL A 3555 -84.65 -4.13 -13.75
N GLU A 3556 -84.12 -3.63 -12.63
CA GLU A 3556 -83.54 -4.52 -11.61
C GLU A 3556 -84.61 -5.33 -10.88
N HIS A 3557 -85.89 -5.02 -11.05
CA HIS A 3557 -86.95 -5.77 -10.41
C HIS A 3557 -87.63 -6.79 -11.33
N VAL A 3558 -87.79 -6.52 -12.63
CA VAL A 3558 -88.43 -7.50 -13.48
C VAL A 3558 -87.50 -8.08 -14.56
N LEU A 3559 -86.56 -7.30 -15.11
CA LEU A 3559 -85.84 -7.77 -16.29
C LEU A 3559 -84.76 -8.78 -15.92
N LEU A 3560 -83.98 -8.51 -14.87
CA LEU A 3560 -83.00 -9.52 -14.44
C LEU A 3560 -83.66 -10.70 -13.75
N GLY A 3561 -84.87 -10.51 -13.21
CA GLY A 3561 -85.64 -11.64 -12.70
C GLY A 3561 -86.05 -12.59 -13.79
N THR A 3562 -86.63 -12.06 -14.88
CA THR A 3562 -87.03 -12.95 -15.97
C THR A 3562 -85.88 -13.37 -16.87
N GLU A 3563 -84.72 -12.70 -16.80
CA GLU A 3563 -83.50 -13.26 -17.38
C GLU A 3563 -82.83 -14.30 -16.49
N SER A 3564 -83.14 -14.36 -15.20
CA SER A 3564 -82.54 -15.37 -14.35
C SER A 3564 -83.38 -16.61 -14.19
N HIS A 3565 -84.70 -16.47 -13.99
CA HIS A 3565 -85.55 -17.62 -13.68
C HIS A 3565 -86.30 -18.13 -14.91
N ILE A 3566 -87.13 -17.27 -15.51
CA ILE A 3566 -88.05 -17.72 -16.57
C ILE A 3566 -87.88 -16.94 -17.88
N PRO A 3567 -86.98 -17.40 -18.80
CA PRO A 3567 -86.67 -16.66 -20.02
C PRO A 3567 -87.72 -16.78 -21.13
N GLU A 3568 -89.00 -16.56 -20.76
CA GLU A 3568 -90.11 -16.62 -21.72
C GLU A 3568 -90.99 -15.37 -21.67
N LEU A 3569 -90.51 -14.27 -21.08
CA LEU A 3569 -91.32 -13.07 -20.93
C LEU A 3569 -90.56 -11.80 -21.29
N SER A 3570 -89.29 -11.90 -21.67
CA SER A 3570 -88.49 -10.71 -22.03
C SER A 3570 -88.96 -9.90 -23.24
N PRO A 3571 -89.38 -10.47 -24.39
CA PRO A 3571 -89.89 -9.60 -25.46
C PRO A 3571 -91.22 -8.91 -25.17
N LEU A 3572 -91.89 -9.19 -24.05
CA LEU A 3572 -93.06 -8.43 -23.65
C LEU A 3572 -92.68 -7.23 -22.78
N VAL A 3573 -91.96 -7.50 -21.70
CA VAL A 3573 -91.60 -6.42 -20.76
C VAL A 3573 -90.54 -5.48 -21.37
N THR A 3574 -89.73 -5.96 -22.32
CA THR A 3574 -88.85 -5.03 -23.03
C THR A 3574 -89.60 -4.11 -23.98
N THR A 3575 -90.85 -4.46 -24.33
CA THR A 3575 -91.75 -3.55 -25.03
C THR A 3575 -92.39 -2.60 -24.03
N TYR A 3576 -92.76 -3.12 -22.84
CA TYR A 3576 -93.41 -2.27 -21.85
C TYR A 3576 -92.44 -1.27 -21.24
N VAL A 3577 -91.13 -1.49 -21.38
CA VAL A 3577 -90.14 -0.47 -21.02
C VAL A 3577 -90.34 0.75 -21.91
N SER A 3578 -90.42 0.55 -23.23
CA SER A 3578 -90.66 1.66 -24.14
C SER A 3578 -92.07 2.24 -23.98
N LEU A 3579 -93.04 1.41 -23.59
CA LEU A 3579 -94.38 1.94 -23.33
C LEU A 3579 -94.41 2.87 -22.10
N LEU A 3580 -93.70 2.50 -21.02
CA LEU A 3580 -93.60 3.43 -19.90
C LEU A 3580 -92.78 4.65 -20.27
N ASP A 3581 -91.78 4.49 -21.14
CA ASP A 3581 -91.01 5.64 -21.59
C ASP A 3581 -91.84 6.60 -22.43
N LYS A 3582 -92.72 6.10 -23.30
CA LYS A 3582 -93.60 6.98 -24.08
C LYS A 3582 -94.69 7.63 -23.23
N CYS A 3583 -95.17 6.95 -22.18
CA CYS A 3583 -96.19 7.61 -21.36
C CYS A 3583 -95.61 8.68 -20.43
N LEU A 3584 -94.36 8.51 -19.97
CA LEU A 3584 -93.74 9.43 -19.01
C LEU A 3584 -92.93 10.66 -19.51
N GLU A 3585 -92.66 10.90 -20.82
CA GLU A 3585 -91.84 12.09 -21.16
C GLU A 3585 -92.54 13.41 -20.86
N GLU A 3586 -93.87 13.44 -20.90
CA GLU A 3586 -94.60 14.68 -20.66
C GLU A 3586 -94.59 15.07 -19.17
N ASP A 3587 -95.10 14.23 -18.26
CA ASP A 3587 -95.10 14.63 -16.86
C ASP A 3587 -94.30 13.66 -15.97
N SER A 3588 -93.12 14.13 -15.57
CA SER A 3588 -92.18 13.41 -14.71
C SER A 3588 -92.34 13.77 -13.24
N ASN A 3589 -93.58 13.67 -12.73
CA ASN A 3589 -93.84 14.05 -11.34
C ASN A 3589 -94.85 13.06 -10.76
N LEU A 3590 -94.33 12.02 -10.11
CA LEU A 3590 -95.13 10.93 -9.56
C LEU A 3590 -95.92 11.33 -8.33
N LYS A 3591 -95.75 12.56 -7.83
CA LYS A 3591 -96.51 13.04 -6.68
C LYS A 3591 -97.95 13.37 -7.00
N THR A 3592 -98.34 13.50 -8.27
CA THR A 3592 -99.73 13.76 -8.59
C THR A 3592 -100.42 12.48 -9.06
N CYS A 3593 -101.66 12.61 -9.51
CA CYS A 3593 -102.54 11.46 -9.72
C CYS A 3593 -102.27 10.75 -11.05
N ARG A 3594 -102.25 11.52 -12.18
CA ARG A 3594 -102.37 10.90 -13.50
C ARG A 3594 -101.20 9.99 -13.90
N PRO A 3595 -99.91 10.35 -13.72
CA PRO A 3595 -98.88 9.33 -14.00
C PRO A 3595 -98.89 8.15 -13.05
N PHE A 3596 -99.38 8.33 -11.82
CA PHE A 3596 -99.50 7.21 -10.88
C PHE A 3596 -100.56 6.22 -11.37
N VAL A 3597 -101.70 6.76 -11.83
CA VAL A 3597 -102.75 5.93 -12.41
C VAL A 3597 -102.26 5.29 -13.70
N ALA A 3598 -101.43 6.02 -14.46
CA ALA A 3598 -100.88 5.46 -15.70
C ALA A 3598 -99.93 4.29 -15.43
N VAL A 3599 -99.06 4.40 -14.41
CA VAL A 3599 -98.16 3.28 -14.11
C VAL A 3599 -98.94 2.09 -13.55
N MET A 3600 -99.99 2.32 -12.72
CA MET A 3600 -100.79 1.16 -12.24
C MET A 3600 -101.47 0.46 -13.42
N THR A 3601 -102.07 1.22 -14.34
CA THR A 3601 -102.76 0.61 -15.48
C THR A 3601 -101.79 -0.07 -16.44
N THR A 3602 -100.59 0.51 -16.61
CA THR A 3602 -99.59 -0.12 -17.46
C THR A 3602 -99.10 -1.42 -16.83
N LEU A 3603 -98.97 -1.45 -15.50
CA LEU A 3603 -98.60 -2.69 -14.83
C LEU A 3603 -99.73 -3.71 -14.90
N CYS A 3604 -100.98 -3.25 -14.83
CA CYS A 3604 -102.12 -4.16 -14.85
C CYS A 3604 -102.30 -4.82 -16.22
N ASP A 3605 -102.24 -4.03 -17.31
CA ASP A 3605 -102.41 -4.69 -18.59
C ASP A 3605 -101.14 -5.39 -19.04
N CYS A 3606 -99.98 -5.01 -18.48
CA CYS A 3606 -98.78 -5.83 -18.59
C CYS A 3606 -99.01 -7.20 -17.98
N LYS A 3607 -99.63 -7.25 -16.79
CA LYS A 3607 -99.87 -8.52 -16.11
C LYS A 3607 -100.88 -9.37 -16.88
N ASP A 3608 -101.93 -8.75 -17.42
CA ASP A 3608 -102.95 -9.58 -18.04
C ASP A 3608 -102.51 -10.07 -19.42
N LYS A 3609 -101.78 -9.23 -20.18
CA LYS A 3609 -101.22 -9.69 -21.45
C LYS A 3609 -100.09 -10.68 -21.20
N ALA A 3610 -99.44 -10.58 -20.04
CA ALA A 3610 -98.49 -11.60 -19.61
C ALA A 3610 -99.18 -12.93 -19.41
N SER A 3611 -100.30 -12.95 -18.68
CA SER A 3611 -101.03 -14.20 -18.43
C SER A 3611 -101.54 -14.85 -19.72
N LYS A 3612 -102.05 -14.05 -20.67
CA LYS A 3612 -102.42 -14.65 -21.95
C LYS A 3612 -101.21 -15.15 -22.73
N LYS A 3613 -100.06 -14.48 -22.62
CA LYS A 3613 -98.83 -15.07 -23.15
C LYS A 3613 -98.45 -16.36 -22.43
N PHE A 3614 -98.69 -16.45 -21.12
CA PHE A 3614 -98.30 -17.64 -20.38
C PHE A 3614 -99.12 -18.86 -20.75
N SER A 3615 -100.40 -18.87 -20.42
CA SER A 3615 -101.07 -20.17 -20.34
C SER A 3615 -102.48 -20.17 -20.94
N ARG A 3616 -102.60 -19.71 -22.19
CA ARG A 3616 -103.78 -19.87 -23.04
C ARG A 3616 -105.02 -19.18 -22.44
N PHE A 3617 -104.93 -17.84 -22.40
CA PHE A 3617 -106.06 -16.94 -22.18
C PHE A 3617 -106.72 -17.14 -20.80
N GLY A 3618 -105.99 -16.72 -19.76
CA GLY A 3618 -106.63 -16.60 -18.47
C GLY A 3618 -106.45 -17.67 -17.41
N ILE A 3619 -105.23 -17.87 -16.90
CA ILE A 3619 -105.08 -18.42 -15.56
C ILE A 3619 -105.84 -17.59 -14.53
N GLN A 3620 -106.85 -18.19 -13.88
CA GLN A 3620 -107.59 -17.38 -12.93
C GLN A 3620 -107.48 -18.00 -11.54
N PRO A 3621 -107.62 -17.19 -10.49
CA PRO A 3621 -107.91 -17.75 -9.16
C PRO A 3621 -109.26 -18.43 -9.12
N CYS A 3622 -109.37 -19.41 -8.23
CA CYS A 3622 -110.62 -20.09 -7.98
C CYS A 3622 -111.67 -19.11 -7.49
N PHE A 3623 -112.88 -19.22 -8.04
CA PHE A 3623 -113.98 -18.32 -7.67
C PHE A 3623 -114.36 -18.46 -6.20
N ILE A 3624 -114.18 -19.65 -5.62
CA ILE A 3624 -114.57 -19.87 -4.23
C ILE A 3624 -113.60 -19.18 -3.28
N CYS A 3625 -112.32 -19.58 -3.32
CA CYS A 3625 -111.32 -19.09 -2.38
C CYS A 3625 -110.74 -17.73 -2.75
N HIS A 3626 -111.00 -17.23 -3.96
CA HIS A 3626 -110.49 -15.96 -4.51
C HIS A 3626 -108.96 -15.92 -4.56
N GLY A 3627 -108.31 -17.09 -4.66
CA GLY A 3627 -106.87 -17.12 -4.65
C GLY A 3627 -106.32 -18.23 -5.52
N ASP A 3628 -104.99 -18.37 -5.49
CA ASP A 3628 -104.30 -19.27 -6.39
C ASP A 3628 -104.60 -20.73 -6.06
N ALA A 3629 -104.69 -21.54 -7.10
CA ALA A 3629 -105.15 -22.92 -6.98
C ALA A 3629 -104.03 -23.83 -6.48
N GLN A 3630 -104.41 -24.77 -5.62
CA GLN A 3630 -103.51 -25.82 -5.16
C GLN A 3630 -104.11 -27.15 -5.59
N ASP A 3631 -103.25 -28.01 -6.18
CA ASP A 3631 -103.59 -29.22 -6.93
C ASP A 3631 -104.61 -28.88 -8.02
N PRO A 3632 -104.18 -28.23 -9.09
CA PRO A 3632 -105.13 -27.49 -9.96
C PRO A 3632 -105.95 -28.42 -10.84
N VAL A 3633 -107.27 -28.33 -10.69
CA VAL A 3633 -108.22 -29.09 -11.50
C VAL A 3633 -108.74 -28.17 -12.60
N CYS A 3634 -108.77 -28.67 -13.83
CA CYS A 3634 -109.25 -27.85 -14.94
C CYS A 3634 -110.64 -28.32 -15.37
N LEU A 3635 -111.56 -27.37 -15.46
CA LEU A 3635 -112.88 -27.62 -16.01
C LEU A 3635 -112.79 -27.75 -17.53
N PRO A 3636 -113.80 -28.33 -18.17
CA PRO A 3636 -113.86 -28.26 -19.65
C PRO A 3636 -114.03 -26.86 -20.21
N CYS A 3637 -114.39 -25.87 -19.39
CA CYS A 3637 -114.54 -24.48 -19.84
C CYS A 3637 -113.35 -23.60 -19.48
N ASP A 3638 -112.15 -24.20 -19.37
CA ASP A 3638 -110.90 -23.50 -19.05
C ASP A 3638 -111.01 -22.73 -17.73
N HIS A 3639 -111.33 -23.46 -16.65
CA HIS A 3639 -111.40 -22.88 -15.32
C HIS A 3639 -110.42 -23.60 -14.40
N VAL A 3640 -109.62 -22.82 -13.67
CA VAL A 3640 -108.64 -23.34 -12.73
C VAL A 3640 -109.17 -23.10 -11.32
N TYR A 3641 -109.47 -24.18 -10.61
CA TYR A 3641 -110.02 -24.12 -9.26
C TYR A 3641 -109.14 -24.88 -8.29
N CYS A 3642 -109.35 -24.62 -7.00
CA CYS A 3642 -108.71 -25.39 -5.95
C CYS A 3642 -109.30 -26.79 -5.90
N LEU A 3643 -108.48 -27.76 -5.48
CA LEU A 3643 -108.98 -29.12 -5.29
C LEU A 3643 -109.86 -29.24 -4.06
N ARG A 3644 -109.46 -28.59 -2.96
CA ARG A 3644 -110.27 -28.64 -1.74
C ARG A 3644 -111.61 -27.93 -1.93
N CYS A 3645 -111.61 -26.83 -2.69
CA CYS A 3645 -112.83 -26.08 -2.93
C CYS A 3645 -113.78 -26.85 -3.84
N ILE A 3646 -113.25 -27.55 -4.84
CA ILE A 3646 -114.14 -28.30 -5.72
C ILE A 3646 -114.60 -29.61 -5.08
N GLN A 3647 -113.82 -30.18 -4.14
CA GLN A 3647 -114.35 -31.36 -3.46
C GLN A 3647 -115.37 -30.98 -2.39
N THR A 3648 -115.24 -29.81 -1.76
CA THR A 3648 -116.30 -29.37 -0.86
C THR A 3648 -117.44 -28.66 -1.57
N TRP A 3649 -117.33 -28.40 -2.87
CA TRP A 3649 -118.39 -27.69 -3.60
C TRP A 3649 -119.18 -28.56 -4.56
N LEU A 3650 -118.55 -29.45 -5.30
CA LEU A 3650 -119.22 -30.10 -6.41
C LEU A 3650 -120.10 -31.27 -5.98
N ILE A 3651 -119.80 -31.89 -4.84
CA ILE A 3651 -120.49 -33.12 -4.41
C ILE A 3651 -121.98 -33.01 -4.11
N PRO A 3652 -122.63 -31.83 -3.79
CA PRO A 3652 -124.10 -31.82 -3.84
C PRO A 3652 -124.63 -31.60 -5.23
N GLY A 3653 -125.95 -31.39 -5.36
CA GLY A 3653 -126.55 -31.21 -6.67
C GLY A 3653 -126.28 -29.88 -7.36
N GLN A 3654 -125.02 -29.53 -7.57
CA GLN A 3654 -124.63 -28.34 -8.30
C GLN A 3654 -123.49 -28.70 -9.26
N MET A 3655 -123.69 -29.78 -10.02
CA MET A 3655 -122.73 -30.28 -11.00
C MET A 3655 -122.73 -29.36 -12.21
N MET A 3656 -122.06 -28.20 -12.07
CA MET A 3656 -122.17 -27.08 -13.01
C MET A 3656 -120.97 -26.15 -12.78
N CYS A 3657 -121.01 -24.92 -13.36
CA CYS A 3657 -119.87 -24.02 -13.12
C CYS A 3657 -120.27 -22.78 -12.30
N PRO A 3658 -119.43 -22.36 -11.35
CA PRO A 3658 -119.70 -21.09 -10.66
C PRO A 3658 -119.54 -19.84 -11.53
N TYR A 3659 -118.65 -19.85 -12.52
CA TYR A 3659 -118.40 -18.62 -13.29
C TYR A 3659 -119.29 -18.49 -14.53
N CYS A 3660 -119.18 -19.45 -15.45
CA CYS A 3660 -119.85 -19.36 -16.76
C CYS A 3660 -121.05 -20.29 -16.87
N LEU A 3661 -121.45 -20.93 -15.76
CA LEU A 3661 -122.68 -21.73 -15.64
C LEU A 3661 -122.70 -22.93 -16.59
N THR A 3662 -121.52 -23.49 -16.89
CA THR A 3662 -121.39 -24.63 -17.79
C THR A 3662 -121.41 -25.94 -16.99
N ASP A 3663 -122.29 -26.85 -17.41
CA ASP A 3663 -122.42 -28.17 -16.80
C ASP A 3663 -121.20 -29.03 -17.05
N LEU A 3664 -120.52 -29.47 -15.97
CA LEU A 3664 -119.39 -30.39 -16.13
C LEU A 3664 -119.91 -31.83 -16.15
N PRO A 3665 -119.59 -32.61 -17.19
CA PRO A 3665 -120.26 -33.91 -17.38
C PRO A 3665 -120.00 -35.01 -16.36
N ASP A 3666 -118.74 -35.43 -16.19
CA ASP A 3666 -118.44 -36.62 -15.41
C ASP A 3666 -118.01 -36.35 -13.97
N LYS A 3667 -116.87 -35.70 -13.79
CA LYS A 3667 -116.14 -35.71 -12.51
C LYS A 3667 -114.96 -34.75 -12.66
N PHE A 3668 -114.43 -34.29 -11.52
CA PHE A 3668 -113.22 -33.47 -11.51
C PHE A 3668 -111.93 -34.29 -11.62
N SER A 3669 -111.92 -35.21 -12.58
CA SER A 3669 -110.88 -36.19 -12.95
C SER A 3669 -109.67 -35.62 -13.70
N PRO A 3670 -109.79 -34.65 -14.67
CA PRO A 3670 -108.55 -34.08 -15.24
C PRO A 3670 -107.81 -33.12 -14.31
N THR A 3671 -106.74 -33.63 -13.75
CA THR A 3671 -105.66 -32.83 -13.20
C THR A 3671 -104.49 -32.79 -14.18
N VAL A 3672 -103.82 -31.64 -14.20
CA VAL A 3672 -102.77 -31.29 -15.14
C VAL A 3672 -101.46 -31.20 -14.36
N SER A 3673 -100.65 -32.25 -14.47
CA SER A 3673 -99.35 -32.32 -13.82
C SER A 3673 -98.21 -31.76 -14.66
N GLN A 3674 -98.49 -31.17 -15.82
CA GLN A 3674 -97.46 -30.62 -16.68
C GLN A 3674 -97.52 -29.10 -16.82
N ASP A 3675 -98.67 -28.58 -17.24
CA ASP A 3675 -98.92 -27.15 -17.44
C ASP A 3675 -99.21 -26.31 -16.19
N HIS A 3676 -100.24 -26.67 -15.40
CA HIS A 3676 -100.70 -25.70 -14.39
C HIS A 3676 -99.80 -25.45 -13.17
N ARG A 3677 -98.99 -26.40 -12.68
CA ARG A 3677 -98.09 -25.97 -11.59
C ARG A 3677 -97.05 -24.97 -12.07
N LYS A 3678 -96.40 -25.22 -13.21
CA LYS A 3678 -95.42 -24.25 -13.69
C LYS A 3678 -96.08 -22.95 -14.15
N ALA A 3679 -97.33 -23.01 -14.63
CA ALA A 3679 -98.04 -21.78 -15.00
C ALA A 3679 -98.36 -20.93 -13.78
N ILE A 3680 -98.89 -21.55 -12.71
CA ILE A 3680 -99.19 -20.83 -11.48
C ILE A 3680 -97.91 -20.37 -10.79
N GLU A 3681 -96.83 -21.15 -10.92
CA GLU A 3681 -95.53 -20.78 -10.37
C GLU A 3681 -94.97 -19.53 -11.04
N LYS A 3682 -94.98 -19.49 -12.36
CA LYS A 3682 -94.45 -18.33 -13.08
C LYS A 3682 -95.32 -17.11 -12.86
N HIS A 3683 -96.65 -17.28 -12.82
CA HIS A 3683 -97.52 -16.14 -12.60
C HIS A 3683 -97.43 -15.63 -11.15
N ALA A 3684 -97.13 -16.53 -10.21
CA ALA A 3684 -96.93 -16.12 -8.82
C ALA A 3684 -95.61 -15.39 -8.64
N GLN A 3685 -94.55 -15.87 -9.29
CA GLN A 3685 -93.27 -15.14 -9.26
C GLN A 3685 -93.42 -13.76 -9.90
N PHE A 3686 -94.24 -13.68 -10.96
CA PHE A 3686 -94.44 -12.40 -11.63
C PHE A 3686 -95.24 -11.44 -10.76
N ARG A 3687 -96.28 -11.93 -10.06
CA ARG A 3687 -97.03 -11.04 -9.19
C ARG A 3687 -96.21 -10.61 -7.98
N HIS A 3688 -95.30 -11.47 -7.48
CA HIS A 3688 -94.44 -11.05 -6.36
C HIS A 3688 -93.46 -9.98 -6.79
N MET A 3689 -92.86 -10.14 -7.98
CA MET A 3689 -91.90 -9.16 -8.46
C MET A 3689 -92.59 -7.84 -8.77
N CYS A 3690 -93.80 -7.88 -9.34
CA CYS A 3690 -94.50 -6.65 -9.65
C CYS A 3690 -95.02 -5.95 -8.39
N ASN A 3691 -95.41 -6.70 -7.35
CA ASN A 3691 -95.84 -6.03 -6.13
C ASN A 3691 -94.66 -5.45 -5.37
N SER A 3692 -93.49 -6.10 -5.46
CA SER A 3692 -92.27 -5.53 -4.90
C SER A 3692 -91.86 -4.27 -5.64
N PHE A 3693 -92.02 -4.28 -6.98
CA PHE A 3693 -91.85 -3.09 -7.81
C PHE A 3693 -92.77 -1.95 -7.35
N PHE A 3694 -94.06 -2.25 -7.10
CA PHE A 3694 -95.01 -1.18 -6.78
C PHE A 3694 -94.71 -0.60 -5.40
N VAL A 3695 -94.35 -1.46 -4.43
CA VAL A 3695 -94.07 -0.96 -3.09
C VAL A 3695 -92.75 -0.19 -3.07
N ASP A 3696 -91.79 -0.56 -3.93
CA ASP A 3696 -90.56 0.23 -3.99
C ASP A 3696 -90.82 1.59 -4.61
N LEU A 3697 -91.74 1.67 -5.59
CA LEU A 3697 -92.06 2.98 -6.17
C LEU A 3697 -92.81 3.86 -5.19
N VAL A 3698 -93.76 3.31 -4.44
CA VAL A 3698 -94.48 4.16 -3.49
C VAL A 3698 -93.61 4.48 -2.28
N SER A 3699 -92.61 3.66 -1.95
CA SER A 3699 -91.69 4.02 -0.88
C SER A 3699 -90.71 5.11 -1.32
N THR A 3700 -90.13 4.97 -2.52
CA THR A 3700 -89.06 5.87 -2.93
C THR A 3700 -89.58 7.14 -3.62
N MET A 3701 -90.26 6.99 -4.76
CA MET A 3701 -90.60 8.13 -5.61
C MET A 3701 -91.86 8.86 -5.19
N CYS A 3702 -92.85 8.18 -4.61
CA CYS A 3702 -94.03 8.92 -4.19
C CYS A 3702 -93.77 9.78 -2.95
N PHE A 3703 -92.78 9.43 -2.15
CA PHE A 3703 -92.48 10.14 -0.90
C PHE A 3703 -91.06 10.72 -0.81
N LYS A 3704 -90.61 11.43 -1.84
CA LYS A 3704 -89.18 11.72 -1.99
C LYS A 3704 -88.71 12.75 -0.96
N ASP A 3705 -89.24 13.97 -1.04
CA ASP A 3705 -88.78 15.10 -0.26
C ASP A 3705 -89.79 15.44 0.84
N ASN A 3706 -89.54 16.54 1.53
CA ASN A 3706 -90.36 16.97 2.66
C ASN A 3706 -91.73 17.51 2.26
N THR A 3707 -91.98 17.81 0.98
CA THR A 3707 -93.38 18.16 0.76
C THR A 3707 -94.22 16.92 0.47
N PRO A 3708 -95.44 16.85 0.98
CA PRO A 3708 -96.28 15.66 0.73
C PRO A 3708 -96.88 15.68 -0.67
N PRO A 3709 -97.32 14.51 -1.19
CA PRO A 3709 -98.00 14.48 -2.49
C PRO A 3709 -99.40 15.08 -2.44
N GLU A 3710 -100.11 15.05 -3.56
CA GLU A 3710 -101.40 15.71 -3.64
C GLU A 3710 -102.48 14.87 -2.96
N LYS A 3711 -103.72 15.36 -3.01
CA LYS A 3711 -104.81 14.74 -2.26
C LYS A 3711 -105.31 13.47 -2.93
N SER A 3712 -105.53 13.53 -4.25
CA SER A 3712 -106.20 12.45 -4.96
C SER A 3712 -105.31 11.22 -5.12
N VAL A 3713 -103.99 11.41 -5.19
CA VAL A 3713 -103.08 10.26 -5.25
C VAL A 3713 -103.09 9.52 -3.91
N ILE A 3714 -103.20 10.25 -2.80
CA ILE A 3714 -103.27 9.62 -1.50
C ILE A 3714 -104.61 8.92 -1.33
N ASP A 3715 -105.67 9.51 -1.90
CA ASP A 3715 -106.97 8.86 -1.88
C ASP A 3715 -106.98 7.57 -2.70
N THR A 3716 -106.34 7.57 -3.88
CA THR A 3716 -106.25 6.34 -4.65
C THR A 3716 -105.34 5.28 -4.03
N LEU A 3717 -104.28 5.67 -3.30
CA LEU A 3717 -103.49 4.67 -2.59
C LEU A 3717 -104.30 4.03 -1.48
N LEU A 3718 -105.01 4.83 -0.69
CA LEU A 3718 -105.84 4.26 0.38
C LEU A 3718 -107.03 3.48 -0.17
N SER A 3719 -107.50 3.79 -1.38
CA SER A 3719 -108.59 3.01 -1.98
C SER A 3719 -108.12 1.77 -2.71
N LEU A 3720 -106.83 1.66 -3.04
CA LEU A 3720 -106.35 0.45 -3.71
C LEU A 3720 -105.98 -0.65 -2.72
N LEU A 3721 -106.13 -0.39 -1.42
CA LEU A 3721 -106.05 -1.41 -0.39
C LEU A 3721 -107.32 -2.24 -0.26
N PHE A 3722 -108.41 -1.85 -0.92
CA PHE A 3722 -109.69 -2.51 -0.76
C PHE A 3722 -110.14 -3.15 -2.06
N VAL A 3723 -110.91 -4.22 -1.92
CA VAL A 3723 -111.26 -5.14 -3.00
C VAL A 3723 -112.80 -5.22 -3.12
N GLN A 3724 -113.44 -4.04 -3.12
CA GLN A 3724 -114.89 -3.84 -2.94
C GLN A 3724 -115.82 -4.71 -3.78
N LYS A 3725 -117.11 -4.73 -3.39
CA LYS A 3725 -118.12 -5.76 -3.58
C LYS A 3725 -118.07 -6.58 -4.86
N GLU A 3726 -118.11 -7.90 -4.71
CA GLU A 3726 -118.21 -8.84 -5.82
C GLU A 3726 -119.19 -9.93 -5.43
N LEU A 3727 -119.98 -10.39 -6.41
CA LEU A 3727 -121.10 -11.29 -6.13
C LEU A 3727 -120.60 -12.68 -5.75
N LEU A 3728 -121.05 -13.16 -4.59
CA LEU A 3728 -120.76 -14.52 -4.14
C LEU A 3728 -122.05 -15.28 -3.89
N HIS A 3735 -116.48 -14.00 1.02
CA HIS A 3735 -116.37 -12.95 2.03
C HIS A 3735 -116.03 -11.61 1.38
N ARG A 3736 -116.90 -10.63 1.61
CA ARG A 3736 -116.71 -9.29 1.06
C ARG A 3736 -115.62 -8.52 1.82
N GLU A 3737 -115.04 -7.54 1.12
CA GLU A 3737 -114.30 -6.41 1.69
C GLU A 3737 -113.06 -6.84 2.48
N HIS A 3738 -112.13 -7.49 1.78
CA HIS A 3738 -110.85 -7.84 2.38
C HIS A 3738 -109.88 -6.65 2.30
N THR A 3739 -108.62 -6.92 2.62
CA THR A 3739 -107.56 -5.91 2.61
C THR A 3739 -106.31 -6.61 2.06
N LYS A 3740 -105.64 -5.98 1.10
CA LYS A 3740 -104.51 -6.62 0.44
C LYS A 3740 -103.22 -5.84 0.63
N SER A 3741 -102.12 -6.48 0.23
CA SER A 3741 -100.77 -6.10 0.62
C SER A 3741 -100.12 -5.19 -0.44
N LEU A 3742 -100.78 -4.05 -0.66
CA LEU A 3742 -100.33 -3.00 -1.60
C LEU A 3742 -100.10 -3.52 -3.02
N SER A 3743 -101.16 -4.02 -3.63
CA SER A 3743 -101.00 -4.56 -4.96
C SER A 3743 -101.84 -3.75 -5.94
N PRO A 3744 -101.36 -3.52 -7.18
CA PRO A 3744 -102.19 -2.86 -8.18
C PRO A 3744 -103.13 -3.81 -8.91
N PHE A 3745 -103.20 -5.05 -8.45
CA PHE A 3745 -103.97 -6.10 -9.09
C PHE A 3745 -105.26 -6.33 -8.30
N ASP A 3746 -105.98 -7.38 -8.66
CA ASP A 3746 -107.16 -7.80 -7.94
C ASP A 3746 -107.07 -9.24 -7.49
N ASP A 3747 -106.26 -10.06 -8.15
CA ASP A 3747 -106.21 -11.50 -7.94
C ASP A 3747 -105.11 -11.92 -6.97
N VAL A 3748 -105.08 -11.30 -5.80
CA VAL A 3748 -104.34 -11.78 -4.64
C VAL A 3748 -105.22 -11.55 -3.41
N VAL A 3749 -105.24 -12.51 -2.49
CA VAL A 3749 -106.24 -12.48 -1.42
C VAL A 3749 -105.59 -12.90 -0.11
N ASP A 3750 -106.23 -12.49 0.98
CA ASP A 3750 -106.09 -13.08 2.30
C ASP A 3750 -107.51 -13.20 2.82
N GLN A 3751 -107.93 -14.43 3.14
CA GLN A 3751 -109.31 -14.68 3.58
C GLN A 3751 -109.53 -14.47 5.08
N THR A 3752 -108.98 -13.38 5.61
CA THR A 3752 -109.07 -12.79 6.94
C THR A 3752 -108.60 -11.35 6.78
N PRO A 3753 -109.37 -10.35 7.21
CA PRO A 3753 -108.95 -8.96 7.01
C PRO A 3753 -107.79 -8.58 7.92
N VAL A 3754 -106.61 -8.55 7.33
CA VAL A 3754 -105.37 -8.14 7.98
C VAL A 3754 -105.13 -6.65 7.78
N ILE A 3755 -104.53 -6.01 8.77
CA ILE A 3755 -104.23 -4.58 8.74
C ILE A 3755 -102.75 -4.35 9.02
N ARG A 3756 -102.01 -3.85 8.02
CA ARG A 3756 -100.58 -3.61 8.14
C ARG A 3756 -100.31 -2.20 8.63
N SER A 3757 -99.03 -1.84 8.66
CA SER A 3757 -98.60 -0.53 9.13
C SER A 3757 -97.55 0.10 8.23
N VAL A 3758 -97.50 -0.27 6.95
CA VAL A 3758 -96.48 0.26 6.06
C VAL A 3758 -96.91 1.64 5.55
N LEU A 3759 -98.16 1.78 5.11
CA LEU A 3759 -98.65 3.07 4.62
C LEU A 3759 -98.77 4.06 5.76
N LEU A 3760 -99.02 3.57 6.97
CA LEU A 3760 -99.15 4.45 8.12
C LEU A 3760 -97.80 5.09 8.45
N LYS A 3761 -96.72 4.29 8.46
CA LYS A 3761 -95.41 4.88 8.70
C LYS A 3761 -94.95 5.75 7.53
N LEU A 3762 -95.28 5.38 6.29
CA LEU A 3762 -94.90 6.23 5.16
C LEU A 3762 -95.74 7.49 4.99
N LEU A 3763 -96.92 7.59 5.61
CA LEU A 3763 -97.62 8.87 5.60
C LEU A 3763 -97.09 9.81 6.69
N LEU A 3764 -96.65 9.26 7.81
CA LEU A 3764 -96.19 10.01 8.98
C LEU A 3764 -94.69 10.31 8.96
N LYS A 3765 -94.06 10.35 7.79
CA LYS A 3765 -92.72 10.89 7.68
C LYS A 3765 -92.74 12.39 7.50
N TYR A 3766 -93.92 12.96 7.22
CA TYR A 3766 -94.10 14.38 7.07
C TYR A 3766 -94.47 15.00 8.42
N SER A 3767 -94.79 16.29 8.41
CA SER A 3767 -95.32 16.92 9.60
C SER A 3767 -96.72 16.39 9.88
N PHE A 3768 -97.03 16.20 11.16
CA PHE A 3768 -98.31 15.62 11.56
C PHE A 3768 -99.49 16.55 11.27
N HIS A 3769 -99.24 17.86 11.19
CA HIS A 3769 -100.29 18.86 11.06
C HIS A 3769 -101.05 18.75 9.73
N GLU A 3770 -100.45 18.13 8.71
CA GLU A 3770 -101.05 18.06 7.38
C GLU A 3770 -101.50 16.66 6.97
N VAL A 3771 -101.35 15.65 7.83
CA VAL A 3771 -101.78 14.30 7.48
C VAL A 3771 -102.75 13.73 8.51
N LYS A 3772 -103.43 14.60 9.24
CA LYS A 3772 -104.42 14.16 10.23
C LYS A 3772 -105.65 13.55 9.55
N ASP A 3773 -106.24 14.29 8.62
CA ASP A 3773 -107.53 13.91 8.02
C ASP A 3773 -107.42 12.67 7.14
N TYR A 3774 -106.26 12.43 6.51
CA TYR A 3774 -106.12 11.27 5.63
C TYR A 3774 -106.14 9.97 6.43
N ILE A 3775 -105.31 9.88 7.48
CA ILE A 3775 -105.30 8.70 8.33
C ILE A 3775 -106.61 8.59 9.10
N GLN A 3776 -107.22 9.74 9.45
CA GLN A 3776 -108.56 9.73 10.06
C GLN A 3776 -109.60 9.11 9.13
N ASN A 3777 -109.56 9.43 7.83
CA ASN A 3777 -110.51 8.86 6.88
C ASN A 3777 -110.24 7.37 6.68
N TYR A 3778 -108.97 6.98 6.71
CA TYR A 3778 -108.61 5.56 6.64
C TYR A 3778 -109.14 4.83 7.88
N LEU A 3779 -109.08 5.49 9.05
CA LEU A 3779 -109.62 4.93 10.27
C LEU A 3779 -111.13 4.78 10.21
N THR A 3780 -111.83 5.77 9.63
CA THR A 3780 -113.28 5.66 9.51
C THR A 3780 -113.66 4.55 8.52
N GLN A 3781 -112.86 4.34 7.47
CA GLN A 3781 -113.12 3.23 6.55
C GLN A 3781 -112.93 1.87 7.21
N LEU A 3782 -111.81 1.69 7.94
CA LEU A 3782 -111.57 0.43 8.65
C LEU A 3782 -112.64 0.16 9.71
N GLU A 3783 -113.13 1.22 10.37
CA GLU A 3783 -114.18 1.02 11.35
C GLU A 3783 -115.51 0.71 10.69
N LYS A 3784 -115.79 1.28 9.51
CA LYS A 3784 -117.10 1.05 8.93
C LYS A 3784 -117.18 -0.26 8.16
N LYS A 3785 -116.05 -0.86 7.77
CA LYS A 3785 -116.13 -2.12 7.04
C LYS A 3785 -115.38 -3.29 7.68
N ALA A 3786 -114.37 -3.05 8.51
CA ALA A 3786 -113.52 -4.14 8.96
C ALA A 3786 -113.56 -4.35 10.47
N PHE A 3787 -113.47 -3.28 11.27
CA PHE A 3787 -113.38 -3.42 12.72
C PHE A 3787 -114.57 -2.77 13.43
N LEU A 3788 -115.79 -3.11 13.01
CA LEU A 3788 -117.02 -2.56 13.56
C LEU A 3788 -117.14 -2.81 15.06
N THR A 3789 -117.27 -4.08 15.47
CA THR A 3789 -117.33 -4.47 16.88
C THR A 3789 -116.33 -5.61 17.13
N GLU A 3790 -115.06 -5.26 17.30
CA GLU A 3790 -114.02 -6.25 17.60
C GLU A 3790 -113.03 -5.63 18.58
N ASP A 3791 -111.88 -6.27 18.74
CA ASP A 3791 -110.81 -5.77 19.61
C ASP A 3791 -110.10 -4.60 18.95
N LYS A 3792 -110.67 -3.40 19.13
CA LYS A 3792 -110.03 -2.18 18.65
C LYS A 3792 -108.83 -1.75 19.48
N THR A 3793 -108.61 -2.38 20.65
CA THR A 3793 -107.41 -2.12 21.45
C THR A 3793 -106.12 -2.42 20.69
N GLU A 3794 -106.10 -3.48 19.87
CA GLU A 3794 -104.87 -3.84 19.17
C GLU A 3794 -104.55 -2.83 18.07
N LEU A 3795 -105.57 -2.41 17.32
CA LEU A 3795 -105.36 -1.40 16.29
C LEU A 3795 -105.02 -0.04 16.91
N TYR A 3796 -105.67 0.32 18.03
CA TYR A 3796 -105.34 1.59 18.67
C TYR A 3796 -103.91 1.60 19.22
N LEU A 3797 -103.45 0.47 19.79
CA LEU A 3797 -102.06 0.41 20.24
C LEU A 3797 -101.10 0.47 19.06
N LEU A 3798 -101.50 -0.14 17.93
CA LEU A 3798 -100.71 -0.07 16.70
C LEU A 3798 -100.60 1.38 16.20
N PHE A 3799 -101.71 2.13 16.26
CA PHE A 3799 -101.69 3.53 15.82
C PHE A 3799 -100.86 4.38 16.78
N ILE A 3800 -100.93 4.10 18.08
CA ILE A 3800 -100.15 4.85 19.06
C ILE A 3800 -98.66 4.59 18.84
N SER A 3801 -98.33 3.34 18.51
CA SER A 3801 -96.95 2.99 18.25
C SER A 3801 -96.45 3.62 16.94
N CYS A 3802 -97.30 3.70 15.91
CA CYS A 3802 -96.86 4.34 14.67
C CYS A 3802 -96.67 5.86 14.84
N LEU A 3803 -97.53 6.52 15.62
CA LEU A 3803 -97.32 7.95 15.88
C LEU A 3803 -96.09 8.19 16.75
N GLU A 3804 -95.85 7.34 17.76
CA GLU A 3804 -94.67 7.59 18.58
C GLU A 3804 -93.39 7.25 17.81
N ASP A 3805 -93.42 6.27 16.90
CA ASP A 3805 -92.28 6.06 16.03
C ASP A 3805 -92.08 7.24 15.07
N SER A 3806 -93.16 7.85 14.60
CA SER A 3806 -93.04 9.04 13.76
C SER A 3806 -92.42 10.22 14.52
N VAL A 3807 -92.79 10.40 15.78
CA VAL A 3807 -92.18 11.51 16.53
C VAL A 3807 -90.73 11.18 16.90
N HIS A 3808 -90.40 9.90 17.16
CA HIS A 3808 -89.00 9.49 17.32
C HIS A 3808 -88.18 9.81 16.08
N GLN A 3809 -88.75 9.61 14.89
CA GLN A 3809 -88.02 9.92 13.67
C GLN A 3809 -87.90 11.42 13.46
N LYS A 3810 -88.97 12.17 13.76
CA LYS A 3810 -88.94 13.61 13.55
C LYS A 3810 -88.11 14.35 14.59
N THR A 3811 -87.78 13.71 15.72
CA THR A 3811 -86.89 14.30 16.70
C THR A 3811 -85.44 13.82 16.56
N SER A 3812 -85.22 12.52 16.36
CA SER A 3812 -83.86 12.00 16.36
C SER A 3812 -83.13 12.29 15.06
N ALA A 3813 -83.82 12.16 13.92
CA ALA A 3813 -83.23 12.57 12.65
C ALA A 3813 -83.25 14.08 12.45
N GLY A 3814 -84.01 14.82 13.27
CA GLY A 3814 -83.91 16.26 13.28
C GLY A 3814 -82.73 16.75 14.11
N CYS A 3815 -82.38 18.01 13.91
CA CYS A 3815 -81.20 18.61 14.51
C CYS A 3815 -81.65 19.77 15.40
N ARG A 3816 -81.87 19.48 16.68
CA ARG A 3816 -82.08 20.51 17.69
C ARG A 3816 -81.65 19.97 19.04
N ASN A 3817 -81.36 20.89 19.95
CA ASN A 3817 -80.78 20.57 21.24
C ASN A 3817 -81.82 20.00 22.23
N LEU A 3818 -81.35 19.59 23.41
CA LEU A 3818 -82.27 19.09 24.45
C LEU A 3818 -83.09 20.19 25.15
N GLU A 3819 -82.59 21.41 25.21
CA GLU A 3819 -83.29 22.44 25.98
C GLU A 3819 -84.58 22.88 25.29
N GLN A 3820 -84.54 23.02 23.96
CA GLN A 3820 -85.74 23.42 23.22
C GLN A 3820 -86.83 22.35 23.29
N VAL A 3821 -86.45 21.07 23.17
CA VAL A 3821 -87.47 20.01 23.23
C VAL A 3821 -88.01 19.88 24.65
N LEU A 3822 -87.17 20.14 25.67
CA LEU A 3822 -87.65 20.08 27.05
C LEU A 3822 -88.60 21.24 27.32
N ARG A 3823 -88.29 22.44 26.81
CA ARG A 3823 -89.17 23.58 27.01
C ARG A 3823 -90.48 23.42 26.27
N GLU A 3824 -90.47 22.82 25.07
CA GLU A 3824 -91.73 22.68 24.34
C GLU A 3824 -92.59 21.56 24.90
N GLU A 3825 -91.99 20.46 25.37
CA GLU A 3825 -92.81 19.44 26.02
C GLU A 3825 -93.29 19.90 27.40
N GLY A 3826 -92.52 20.75 28.10
CA GLY A 3826 -93.04 21.38 29.31
C GLY A 3826 -94.22 22.30 29.03
N HIS A 3827 -94.13 23.08 27.96
CA HIS A 3827 -95.25 23.94 27.55
C HIS A 3827 -96.45 23.11 27.10
N PHE A 3828 -96.22 21.91 26.55
CA PHE A 3828 -97.30 20.96 26.33
C PHE A 3828 -97.92 20.50 27.64
N LEU A 3829 -97.08 20.30 28.68
CA LEU A 3829 -97.57 19.78 29.95
C LEU A 3829 -98.42 20.82 30.67
N ARG A 3830 -97.89 22.02 30.88
CA ARG A 3830 -98.60 23.01 31.68
C ARG A 3830 -99.75 23.68 30.93
N THR A 3831 -99.89 23.45 29.63
CA THR A 3831 -101.06 23.90 28.88
C THR A 3831 -101.92 22.73 28.39
N TYR A 3832 -101.79 21.57 29.02
CA TYR A 3832 -102.57 20.38 28.64
C TYR A 3832 -103.98 20.56 29.20
N SER A 3833 -104.92 20.91 28.34
CA SER A 3833 -106.32 20.75 28.67
C SER A 3833 -106.65 19.26 28.74
N PRO A 3834 -107.37 18.81 29.80
CA PRO A 3834 -107.70 17.38 29.92
C PRO A 3834 -108.56 16.82 28.79
N GLY A 3835 -109.76 17.38 28.61
CA GLY A 3835 -110.67 17.07 27.52
C GLY A 3835 -111.01 15.61 27.25
N LEU A 3836 -110.89 14.75 28.26
CA LEU A 3836 -110.95 13.32 28.03
C LEU A 3836 -112.37 12.81 27.82
N GLN A 3837 -113.39 13.64 28.03
CA GLN A 3837 -114.78 13.24 27.82
C GLN A 3837 -115.15 13.17 26.35
N GLY A 3838 -114.34 13.73 25.45
CA GLY A 3838 -114.63 13.73 24.03
C GLY A 3838 -114.45 12.40 23.33
N GLN A 3839 -113.22 11.90 23.29
CA GLN A 3839 -112.91 10.64 22.63
C GLN A 3839 -112.98 9.44 23.58
N GLU A 3840 -113.78 9.52 24.63
CA GLU A 3840 -113.92 8.40 25.55
C GLU A 3840 -114.76 7.22 25.04
N PRO A 3841 -116.11 7.39 24.85
CA PRO A 3841 -117.04 6.33 25.28
C PRO A 3841 -116.96 4.94 24.64
N VAL A 3842 -117.28 4.76 23.36
CA VAL A 3842 -117.24 3.42 22.77
C VAL A 3842 -116.54 3.38 21.41
N ARG A 3843 -116.58 4.48 20.65
CA ARG A 3843 -116.10 4.44 19.26
C ARG A 3843 -115.27 5.65 18.86
N ILE A 3844 -115.41 6.80 19.52
CA ILE A 3844 -114.81 8.04 19.07
C ILE A 3844 -113.33 8.03 19.44
N ALA A 3845 -112.46 7.99 18.43
CA ALA A 3845 -111.01 8.05 18.69
C ALA A 3845 -110.37 8.89 17.59
N SER A 3846 -110.24 10.19 17.87
CA SER A 3846 -109.55 11.09 16.96
C SER A 3846 -108.05 10.81 16.95
N VAL A 3847 -107.40 11.18 15.85
CA VAL A 3847 -105.95 11.07 15.76
C VAL A 3847 -105.24 12.11 16.63
N GLU A 3848 -105.92 13.21 16.97
CA GLU A 3848 -105.41 14.13 17.97
C GLU A 3848 -105.35 13.49 19.36
N TYR A 3849 -106.31 12.64 19.67
CA TYR A 3849 -106.34 11.98 20.97
C TYR A 3849 -105.21 10.97 21.10
N LEU A 3850 -105.00 10.16 20.05
CA LEU A 3850 -103.89 9.22 20.07
C LEU A 3850 -102.54 9.92 19.98
N GLN A 3851 -102.50 11.12 19.36
CA GLN A 3851 -101.27 11.90 19.40
C GLN A 3851 -100.99 12.45 20.79
N GLU A 3852 -102.02 12.87 21.53
CA GLU A 3852 -101.82 13.31 22.91
C GLU A 3852 -101.36 12.17 23.81
N VAL A 3853 -101.94 10.97 23.64
CA VAL A 3853 -101.53 9.84 24.49
C VAL A 3853 -100.11 9.40 24.15
N ALA A 3854 -99.74 9.34 22.85
CA ALA A 3854 -98.37 8.99 22.52
C ALA A 3854 -97.37 10.06 22.95
N ARG A 3855 -97.76 11.33 22.94
CA ARG A 3855 -96.85 12.40 23.36
C ARG A 3855 -96.63 12.35 24.87
N VAL A 3856 -97.68 12.04 25.64
CA VAL A 3856 -97.48 11.93 27.08
C VAL A 3856 -96.75 10.63 27.41
N ARG A 3857 -96.86 9.59 26.56
CA ARG A 3857 -96.03 8.39 26.78
C ARG A 3857 -94.54 8.68 26.56
N LEU A 3858 -94.19 9.53 25.58
CA LEU A 3858 -92.76 9.87 25.48
C LEU A 3858 -92.32 10.83 26.58
N CYS A 3859 -93.20 11.72 27.03
CA CYS A 3859 -92.86 12.55 28.19
C CYS A 3859 -92.61 11.70 29.43
N LEU A 3860 -93.43 10.68 29.66
CA LEU A 3860 -93.19 9.80 30.80
C LEU A 3860 -91.99 8.88 30.57
N ASP A 3861 -91.68 8.58 29.31
CA ASP A 3861 -90.47 7.82 28.98
C ASP A 3861 -89.21 8.62 29.30
N LEU A 3862 -89.22 9.91 28.92
CA LEU A 3862 -88.13 10.81 29.27
C LEU A 3862 -88.02 10.98 30.78
N ALA A 3863 -89.16 11.10 31.47
CA ALA A 3863 -89.13 11.26 32.92
C ALA A 3863 -88.62 10.00 33.62
N ALA A 3864 -88.94 8.83 33.07
CA ALA A 3864 -88.46 7.59 33.68
C ALA A 3864 -86.98 7.37 33.40
N ASP A 3865 -86.51 7.78 32.21
CA ASP A 3865 -85.08 7.80 31.94
C ASP A 3865 -84.35 8.74 32.89
N PHE A 3866 -84.97 9.89 33.19
CA PHE A 3866 -84.35 10.83 34.12
C PHE A 3866 -84.35 10.30 35.54
N LEU A 3867 -85.37 9.54 35.94
CA LEU A 3867 -85.38 8.95 37.27
C LEU A 3867 -84.35 7.82 37.40
N SER A 3868 -84.21 7.00 36.34
CA SER A 3868 -83.17 5.98 36.34
C SER A 3868 -81.77 6.58 36.32
N GLU A 3869 -81.61 7.75 35.69
CA GLU A 3869 -80.36 8.51 35.80
C GLU A 3869 -80.22 9.09 37.22
N LEU A 3870 -81.34 9.43 37.84
CA LEU A 3870 -81.35 10.16 39.11
C LEU A 3870 -80.90 9.26 40.25
N GLN A 3871 -81.41 8.02 40.28
CA GLN A 3871 -81.05 7.10 41.35
C GLN A 3871 -79.58 6.68 41.23
N GLU A 3872 -79.06 6.54 40.00
CA GLU A 3872 -77.69 6.06 39.85
C GLU A 3872 -76.67 7.13 40.23
N GLY A 3873 -76.96 8.42 39.96
CA GLY A 3873 -75.96 9.46 40.12
C GLY A 3873 -76.46 10.67 40.89
N SER A 3874 -75.87 11.82 40.57
CA SER A 3874 -76.02 13.05 41.35
C SER A 3874 -77.16 13.93 40.82
N GLU A 3875 -77.15 15.20 41.24
CA GLU A 3875 -78.16 16.21 40.93
C GLU A 3875 -78.25 16.46 39.42
N LEU A 3876 -79.40 16.97 38.99
CA LEU A 3876 -79.77 17.02 37.57
C LEU A 3876 -79.89 18.44 37.04
N ALA A 3877 -78.95 19.32 37.41
CA ALA A 3877 -78.60 20.56 36.70
C ALA A 3877 -79.76 21.56 36.60
N GLU A 3878 -80.72 21.49 37.53
CA GLU A 3878 -81.70 22.54 37.85
C GLU A 3878 -82.77 22.73 36.76
N ASP A 3879 -82.59 22.12 35.58
CA ASP A 3879 -83.59 22.16 34.51
C ASP A 3879 -84.31 20.83 34.29
N LYS A 3880 -83.60 19.70 34.37
CA LYS A 3880 -84.24 18.39 34.45
C LYS A 3880 -85.06 18.26 35.73
N ARG A 3881 -84.64 18.94 36.80
CA ARG A 3881 -85.43 19.02 38.03
C ARG A 3881 -86.76 19.69 37.78
N ARG A 3882 -86.76 20.77 37.00
CA ARG A 3882 -88.01 21.47 36.67
C ARG A 3882 -88.91 20.59 35.79
N PHE A 3883 -88.31 19.85 34.85
CA PHE A 3883 -89.09 18.95 34.01
C PHE A 3883 -89.73 17.83 34.82
N LEU A 3884 -88.97 17.24 35.75
CA LEU A 3884 -89.54 16.21 36.62
C LEU A 3884 -90.59 16.78 37.58
N LYS A 3885 -90.42 18.04 37.99
CA LYS A 3885 -91.43 18.72 38.78
C LYS A 3885 -92.72 18.90 37.97
N HIS A 3886 -92.60 19.22 36.68
CA HIS A 3886 -93.78 19.35 35.84
C HIS A 3886 -94.45 18.01 35.57
N VAL A 3887 -93.66 16.94 35.46
CA VAL A 3887 -94.23 15.59 35.35
C VAL A 3887 -94.96 15.22 36.64
N GLU A 3888 -94.42 15.63 37.79
CA GLU A 3888 -95.07 15.41 39.07
C GLU A 3888 -96.39 16.17 39.17
N GLU A 3889 -96.41 17.42 38.70
CA GLU A 3889 -97.63 18.22 38.75
C GLU A 3889 -98.68 17.68 37.78
N PHE A 3890 -98.24 17.19 36.62
CA PHE A 3890 -99.15 16.57 35.65
C PHE A 3890 -99.79 15.31 36.23
N CYS A 3891 -98.99 14.43 36.84
CA CYS A 3891 -99.55 13.18 37.33
C CYS A 3891 -100.34 13.37 38.63
N THR A 3892 -100.07 14.43 39.41
CA THR A 3892 -100.87 14.68 40.60
C THR A 3892 -102.10 15.54 40.29
N ARG A 3893 -102.18 16.14 39.10
CA ARG A 3893 -103.37 16.91 38.74
C ARG A 3893 -104.49 16.02 38.23
N VAL A 3894 -104.20 15.13 37.28
CA VAL A 3894 -105.22 14.29 36.67
C VAL A 3894 -105.24 12.94 37.40
N ASN A 3895 -106.43 12.33 37.49
CA ASN A 3895 -106.59 11.01 38.07
C ASN A 3895 -106.53 9.90 37.02
N ASN A 3896 -105.87 10.14 35.90
CA ASN A 3896 -105.77 9.19 34.79
C ASN A 3896 -104.57 8.25 34.99
N ASP A 3897 -104.55 7.59 36.16
CA ASP A 3897 -103.39 6.88 36.70
C ASP A 3897 -102.97 5.66 35.88
N TRP A 3898 -103.65 5.33 34.77
CA TRP A 3898 -103.10 4.42 33.78
C TRP A 3898 -101.74 4.88 33.26
N HIS A 3899 -101.54 6.20 33.14
CA HIS A 3899 -100.24 6.68 32.70
C HIS A 3899 -99.18 6.50 33.79
N ARG A 3900 -99.60 6.46 35.05
CA ARG A 3900 -98.67 6.16 36.13
C ARG A 3900 -98.32 4.67 36.14
N VAL A 3901 -99.30 3.82 35.80
CA VAL A 3901 -99.04 2.41 35.56
C VAL A 3901 -98.04 2.23 34.41
N TYR A 3902 -98.16 3.06 33.37
CA TYR A 3902 -97.17 3.03 32.29
C TYR A 3902 -95.79 3.46 32.78
N LEU A 3903 -95.75 4.47 33.66
CA LEU A 3903 -94.47 4.93 34.21
C LEU A 3903 -93.79 3.84 35.03
N VAL A 3904 -94.56 3.13 35.85
CA VAL A 3904 -93.94 2.08 36.65
C VAL A 3904 -93.62 0.85 35.81
N ARG A 3905 -94.33 0.63 34.71
CA ARG A 3905 -93.98 -0.47 33.82
C ARG A 3905 -92.71 -0.15 33.04
N LYS A 3906 -92.49 1.12 32.71
CA LYS A 3906 -91.27 1.51 32.02
C LYS A 3906 -90.08 1.46 32.97
N LEU A 3907 -90.25 1.90 34.21
CA LEU A 3907 -89.16 1.80 35.18
C LEU A 3907 -88.86 0.36 35.59
N SER A 3908 -89.89 -0.51 35.61
CA SER A 3908 -89.63 -1.93 35.85
C SER A 3908 -88.98 -2.59 34.64
N SER A 3909 -89.24 -2.10 33.44
CA SER A 3909 -88.63 -2.69 32.24
C SER A 3909 -87.16 -2.29 32.11
N GLN A 3910 -86.84 -1.03 32.38
CA GLN A 3910 -85.49 -0.53 32.13
C GLN A 3910 -84.47 -1.02 33.15
N ARG A 3911 -84.89 -1.24 34.40
CA ARG A 3911 -83.90 -1.57 35.42
C ARG A 3911 -84.15 -2.87 36.16
N GLY A 3912 -85.40 -3.18 36.50
CA GLY A 3912 -85.63 -4.37 37.30
C GLY A 3912 -86.66 -4.20 38.40
N MET A 3913 -87.06 -5.31 39.02
CA MET A 3913 -88.14 -5.27 40.02
C MET A 3913 -87.63 -4.67 41.33
N GLU A 3914 -86.39 -4.99 41.70
CA GLU A 3914 -85.82 -4.49 42.95
C GLU A 3914 -85.53 -2.99 42.87
N PHE A 3915 -85.45 -2.44 41.67
CA PHE A 3915 -85.32 -0.99 41.48
C PHE A 3915 -86.55 -0.25 41.99
N VAL A 3916 -87.74 -0.66 41.57
CA VAL A 3916 -88.94 -0.02 42.11
C VAL A 3916 -89.24 -0.48 43.53
N GLN A 3917 -88.69 -1.62 43.97
CA GLN A 3917 -88.74 -1.94 45.40
C GLN A 3917 -87.93 -0.95 46.22
N SER A 3918 -86.75 -0.57 45.73
CA SER A 3918 -85.95 0.46 46.39
C SER A 3918 -86.63 1.83 46.32
N PHE A 3919 -87.39 2.08 45.25
CA PHE A 3919 -88.28 3.24 45.24
C PHE A 3919 -89.42 3.15 46.23
N SER A 3920 -89.81 1.94 46.65
CA SER A 3920 -91.03 1.75 47.42
C SER A 3920 -90.82 1.85 48.93
N LYS A 3921 -89.85 2.64 49.38
CA LYS A 3921 -89.60 2.86 50.79
C LYS A 3921 -90.44 4.04 51.31
N GLN A 3922 -90.10 4.53 52.50
CA GLN A 3922 -91.04 5.26 53.36
C GLN A 3922 -90.63 6.71 53.62
N GLY A 3923 -90.37 7.47 52.57
CA GLY A 3923 -89.87 8.82 52.75
C GLY A 3923 -88.87 9.25 51.70
N HIS A 3924 -88.68 8.40 50.70
CA HIS A 3924 -87.91 8.77 49.53
C HIS A 3924 -88.62 9.89 48.77
N PRO A 3925 -87.92 10.97 48.40
CA PRO A 3925 -88.55 12.06 47.64
C PRO A 3925 -88.76 11.76 46.16
N CYS A 3926 -89.25 10.55 45.85
CA CYS A 3926 -89.75 10.16 44.54
C CYS A 3926 -91.01 9.32 44.68
N GLN A 3927 -91.73 9.50 45.80
CA GLN A 3927 -92.86 8.65 46.15
C GLN A 3927 -94.08 8.93 45.28
N TRP A 3928 -94.13 10.09 44.62
CA TRP A 3928 -95.25 10.50 43.78
C TRP A 3928 -95.38 9.72 42.49
N VAL A 3929 -94.43 8.83 42.16
CA VAL A 3929 -94.53 8.00 40.97
C VAL A 3929 -95.37 6.75 41.21
N PHE A 3930 -95.95 6.59 42.39
CA PHE A 3930 -96.76 5.44 42.77
C PHE A 3930 -98.19 5.91 43.10
N PRO A 3931 -99.20 5.12 42.71
CA PRO A 3931 -100.59 5.50 43.01
C PRO A 3931 -100.90 5.43 44.50
N ARG A 3932 -102.06 5.99 44.84
CA ARG A 3932 -102.40 6.29 46.24
C ARG A 3932 -102.70 5.05 47.06
N LYS A 3933 -103.12 3.94 46.44
CA LYS A 3933 -103.51 2.79 47.24
C LYS A 3933 -102.36 1.80 47.45
N VAL A 3934 -101.38 1.79 46.55
CA VAL A 3934 -100.30 0.79 46.62
C VAL A 3934 -99.30 1.08 47.73
N ILE A 3935 -99.24 2.31 48.25
CA ILE A 3935 -98.28 2.65 49.28
C ILE A 3935 -98.82 2.48 50.71
N ALA A 3936 -100.06 2.87 50.99
CA ALA A 3936 -100.62 2.66 52.33
C ALA A 3936 -100.80 1.19 52.72
N GLN A 3937 -100.96 0.27 51.77
CA GLN A 3937 -101.07 -1.16 52.12
C GLN A 3937 -99.82 -1.95 51.75
N GLN A 3938 -98.64 -1.34 51.91
CA GLN A 3938 -97.38 -2.00 51.63
C GLN A 3938 -96.50 -1.90 52.87
N LYS A 3939 -96.04 -3.04 53.37
CA LYS A 3939 -95.20 -3.10 54.57
C LYS A 3939 -93.74 -2.85 54.21
N ASP A 3940 -92.86 -3.03 55.19
CA ASP A 3940 -91.42 -2.89 55.00
C ASP A 3940 -90.72 -4.24 54.89
N HIS A 3941 -91.49 -5.33 54.84
CA HIS A 3941 -90.94 -6.68 54.74
C HIS A 3941 -91.06 -7.20 53.30
N VAL A 3942 -90.78 -6.33 52.34
CA VAL A 3942 -90.88 -6.66 50.92
C VAL A 3942 -89.73 -7.56 50.48
N SER A 3943 -89.98 -8.86 50.46
CA SER A 3943 -88.96 -9.85 50.20
C SER A 3943 -88.69 -9.94 48.70
N LEU A 3944 -87.74 -10.79 48.33
CA LEU A 3944 -87.23 -10.79 46.96
C LEU A 3944 -87.82 -11.96 46.18
N MET A 3945 -87.55 -11.94 44.88
CA MET A 3945 -88.06 -12.93 43.94
C MET A 3945 -87.17 -14.16 43.91
N ASP A 3946 -87.79 -15.34 43.81
CA ASP A 3946 -87.05 -16.59 43.75
C ASP A 3946 -87.04 -17.03 42.29
N ARG A 3947 -85.96 -16.69 41.62
CA ARG A 3947 -85.74 -16.88 40.20
C ARG A 3947 -85.48 -18.34 39.82
N TYR A 3948 -85.32 -19.23 40.79
CA TYR A 3948 -84.99 -20.62 40.54
C TYR A 3948 -86.20 -21.51 40.37
N LEU A 3949 -87.39 -20.92 40.25
CA LEU A 3949 -88.63 -21.64 39.94
C LEU A 3949 -88.70 -21.99 38.44
N VAL A 3950 -87.64 -21.63 37.68
CA VAL A 3950 -87.42 -22.10 36.32
C VAL A 3950 -87.41 -23.62 36.24
N HIS A 3951 -86.88 -24.28 37.28
CA HIS A 3951 -86.95 -25.73 37.42
C HIS A 3951 -88.41 -26.20 37.47
N GLY A 3952 -89.17 -25.68 38.42
CA GLY A 3952 -90.63 -25.73 38.34
C GLY A 3952 -91.22 -27.02 38.84
N ASN A 3953 -92.14 -26.91 39.81
CA ASN A 3953 -93.08 -27.95 40.27
C ASN A 3953 -92.43 -29.18 40.90
N GLU A 3954 -91.09 -29.20 40.95
CA GLU A 3954 -90.32 -30.13 41.76
C GLU A 3954 -89.23 -29.46 42.57
N TYR A 3955 -88.79 -28.26 42.17
CA TYR A 3955 -88.05 -27.38 43.09
C TYR A 3955 -88.98 -26.65 44.04
N LYS A 3956 -90.21 -26.34 43.60
CA LYS A 3956 -91.16 -25.62 44.44
C LYS A 3956 -91.57 -26.43 45.65
N ALA A 3957 -91.77 -27.75 45.47
CA ALA A 3957 -92.14 -28.61 46.59
C ALA A 3957 -91.01 -28.72 47.61
N VAL A 3958 -89.78 -28.90 47.13
CA VAL A 3958 -88.68 -29.09 48.07
C VAL A 3958 -88.29 -27.76 48.72
N ARG A 3959 -88.53 -26.62 48.06
CA ARG A 3959 -88.25 -25.36 48.74
C ARG A 3959 -89.36 -25.02 49.74
N ASP A 3960 -90.60 -25.43 49.48
CA ASP A 3960 -91.65 -25.25 50.47
C ASP A 3960 -91.40 -26.12 51.69
N ALA A 3961 -90.97 -27.37 51.48
CA ALA A 3961 -90.67 -28.24 52.61
C ALA A 3961 -89.40 -27.80 53.34
N THR A 3962 -88.45 -27.17 52.62
CA THR A 3962 -87.29 -26.62 53.27
C THR A 3962 -87.64 -25.38 54.10
N ALA A 3963 -88.61 -24.59 53.64
CA ALA A 3963 -89.12 -23.50 54.49
C ALA A 3963 -89.88 -24.04 55.70
N LYS A 3964 -90.54 -25.19 55.56
CA LYS A 3964 -91.17 -25.83 56.71
C LYS A 3964 -90.13 -26.27 57.73
N ALA A 3965 -89.09 -26.98 57.29
CA ALA A 3965 -88.00 -27.37 58.19
C ALA A 3965 -87.19 -26.19 58.70
N VAL A 3966 -87.24 -25.03 58.03
CA VAL A 3966 -86.74 -23.79 58.63
C VAL A 3966 -87.62 -23.35 59.79
N LEU A 3967 -88.94 -23.33 59.59
CA LEU A 3967 -89.82 -22.78 60.63
C LEU A 3967 -89.97 -23.75 61.82
N GLU A 3968 -90.13 -25.05 61.56
CA GLU A 3968 -90.18 -26.01 62.65
C GLU A 3968 -88.77 -26.57 62.87
N CYS A 3969 -88.66 -27.64 63.65
CA CYS A 3969 -87.39 -28.34 63.82
C CYS A 3969 -87.38 -29.72 63.16
N LYS A 3970 -88.52 -30.17 62.63
CA LYS A 3970 -88.58 -31.49 62.00
C LYS A 3970 -87.99 -31.42 60.61
N THR A 3971 -87.06 -32.34 60.32
CA THR A 3971 -86.32 -32.33 59.06
C THR A 3971 -86.67 -33.47 58.13
N LEU A 3972 -87.59 -34.36 58.51
CA LEU A 3972 -87.99 -35.44 57.60
C LEU A 3972 -88.86 -34.96 56.44
N ASP A 3973 -89.48 -33.78 56.56
CA ASP A 3973 -90.35 -33.25 55.51
C ASP A 3973 -89.63 -32.99 54.19
N ILE A 3974 -88.38 -32.52 54.25
CA ILE A 3974 -87.59 -32.37 53.02
C ILE A 3974 -87.34 -33.74 52.36
N GLY A 3975 -87.06 -34.77 53.17
CA GLY A 3975 -86.88 -36.10 52.61
C GLY A 3975 -88.16 -36.68 52.02
N ASN A 3976 -89.31 -36.33 52.61
CA ASN A 3976 -90.58 -36.78 52.04
C ASN A 3976 -90.89 -36.07 50.73
N ALA A 3977 -90.57 -34.77 50.65
CA ALA A 3977 -90.75 -34.04 49.40
C ALA A 3977 -89.77 -34.51 48.32
N LEU A 3978 -88.54 -34.87 48.69
CA LEU A 3978 -87.57 -35.38 47.73
C LEU A 3978 -87.96 -36.76 47.19
N MET A 3979 -88.57 -37.61 48.00
CA MET A 3979 -89.10 -38.87 47.50
C MET A 3979 -90.47 -38.71 46.85
N ALA A 3980 -91.04 -37.50 46.85
CA ALA A 3980 -92.25 -37.22 46.06
C ALA A 3980 -91.92 -36.55 44.74
N CYS A 3981 -90.81 -36.93 44.11
CA CYS A 3981 -90.38 -36.29 42.87
C CYS A 3981 -89.76 -37.32 41.93
N ARG A 3982 -89.98 -37.08 40.63
CA ARG A 3982 -89.30 -37.79 39.55
C ARG A 3982 -88.07 -36.98 39.18
N SER A 3983 -87.45 -37.26 38.00
CA SER A 3983 -86.29 -36.56 37.43
C SER A 3983 -85.04 -36.65 38.29
N PRO A 3984 -84.29 -37.76 38.17
CA PRO A 3984 -83.34 -38.21 39.20
C PRO A 3984 -82.10 -37.35 39.47
N LYS A 3985 -81.20 -37.95 40.26
CA LYS A 3985 -80.16 -37.52 41.19
C LYS A 3985 -79.37 -36.22 40.99
N PRO A 3986 -78.87 -35.82 39.76
CA PRO A 3986 -78.25 -34.48 39.67
C PRO A 3986 -79.16 -33.28 39.89
N GLN A 3987 -80.32 -33.26 39.23
CA GLN A 3987 -81.25 -32.14 39.43
C GLN A 3987 -81.85 -32.18 40.83
N GLN A 3988 -82.07 -33.37 41.40
CA GLN A 3988 -82.56 -33.45 42.78
C GLN A 3988 -81.56 -32.85 43.76
N THR A 3989 -80.26 -33.12 43.56
CA THR A 3989 -79.25 -32.55 44.43
C THR A 3989 -79.17 -31.04 44.25
N ALA A 3990 -79.35 -30.58 43.00
CA ALA A 3990 -79.35 -29.15 42.73
C ALA A 3990 -80.54 -28.46 43.38
N TYR A 3991 -81.72 -29.11 43.33
CA TYR A 3991 -82.91 -28.59 44.01
C TYR A 3991 -82.68 -28.47 45.51
N LEU A 3992 -82.09 -29.50 46.12
CA LEU A 3992 -81.88 -29.49 47.56
C LEU A 3992 -80.88 -28.42 47.99
N LEU A 3993 -79.75 -28.32 47.28
CA LEU A 3993 -78.73 -27.35 47.64
C LEU A 3993 -79.19 -25.92 47.39
N LEU A 3994 -79.93 -25.71 46.30
CA LEU A 3994 -80.46 -24.38 46.01
C LEU A 3994 -81.59 -24.00 46.97
N ALA A 3995 -82.35 -24.98 47.47
CA ALA A 3995 -83.36 -24.72 48.48
C ALA A 3995 -82.71 -24.30 49.79
N LEU A 3996 -81.64 -25.02 50.17
CA LEU A 3996 -80.87 -24.64 51.36
C LEU A 3996 -80.28 -23.24 51.23
N TYR A 3997 -79.81 -22.88 50.02
CA TYR A 3997 -79.28 -21.53 49.80
C TYR A 3997 -80.39 -20.50 49.99
N THR A 3998 -81.54 -20.71 49.35
CA THR A 3998 -82.56 -19.66 49.34
C THR A 3998 -83.17 -19.49 50.72
N GLU A 3999 -83.22 -20.56 51.52
CA GLU A 3999 -83.72 -20.43 52.88
C GLU A 3999 -82.71 -19.72 53.78
N VAL A 4000 -81.44 -20.13 53.76
CA VAL A 4000 -80.47 -19.46 54.63
C VAL A 4000 -80.19 -18.03 54.17
N ALA A 4001 -80.39 -17.74 52.89
CA ALA A 4001 -80.20 -16.39 52.37
C ALA A 4001 -81.37 -15.50 52.77
N ALA A 4002 -82.61 -15.98 52.62
CA ALA A 4002 -83.78 -15.24 53.07
C ALA A 4002 -83.81 -15.07 54.58
N LEU A 4003 -83.11 -15.92 55.33
CA LEU A 4003 -82.95 -15.67 56.77
C LEU A 4003 -81.87 -14.63 57.03
N TYR A 4004 -80.69 -14.76 56.40
CA TYR A 4004 -79.55 -13.93 56.76
C TYR A 4004 -79.68 -12.51 56.24
N ARG A 4005 -80.39 -12.31 55.12
CA ARG A 4005 -80.50 -10.97 54.53
C ARG A 4005 -81.46 -10.13 55.38
N SER A 4006 -82.58 -10.71 55.78
CA SER A 4006 -83.62 -9.94 56.45
C SER A 4006 -83.18 -9.59 57.87
N PRO A 4007 -83.41 -8.36 58.32
CA PRO A 4007 -82.92 -7.95 59.65
C PRO A 4007 -83.70 -8.55 60.81
N ASN A 4008 -84.91 -9.04 60.58
CA ASN A 4008 -85.72 -9.57 61.68
C ASN A 4008 -85.30 -10.98 62.08
N GLY A 4009 -85.05 -11.86 61.11
CA GLY A 4009 -84.71 -13.23 61.41
C GLY A 4009 -83.30 -13.66 61.07
N SER A 4010 -82.31 -12.82 61.37
CA SER A 4010 -80.93 -13.11 61.01
C SER A 4010 -80.39 -14.23 61.89
N LEU A 4011 -79.65 -15.16 61.25
CA LEU A 4011 -78.92 -16.26 61.90
C LEU A 4011 -79.87 -17.17 62.66
N HIS A 4012 -80.89 -17.66 61.95
CA HIS A 4012 -81.91 -18.57 62.47
C HIS A 4012 -81.49 -20.05 62.58
N PRO A 4013 -80.77 -20.67 61.62
CA PRO A 4013 -80.34 -22.07 61.85
C PRO A 4013 -79.37 -22.27 63.00
N GLU A 4014 -78.67 -21.22 63.45
CA GLU A 4014 -77.90 -21.34 64.70
C GLU A 4014 -78.77 -21.53 65.93
N ALA A 4015 -80.04 -21.12 65.88
CA ALA A 4015 -80.96 -21.26 67.01
C ALA A 4015 -81.49 -22.69 67.09
N LYS A 4016 -80.58 -23.61 67.47
CA LYS A 4016 -80.84 -25.04 67.71
C LYS A 4016 -81.38 -25.78 66.48
N GLN A 4017 -81.19 -25.24 65.28
CA GLN A 4017 -81.77 -25.82 64.08
C GLN A 4017 -80.74 -26.37 63.10
N LEU A 4018 -79.47 -25.99 63.22
CA LEU A 4018 -78.43 -26.61 62.41
C LEU A 4018 -78.19 -28.07 62.79
N GLU A 4019 -78.54 -28.46 64.02
CA GLU A 4019 -78.45 -29.86 64.44
C GLU A 4019 -79.41 -30.73 63.63
N ALA A 4020 -80.61 -30.23 63.34
CA ALA A 4020 -81.61 -31.00 62.61
C ALA A 4020 -81.21 -31.20 61.16
N VAL A 4021 -80.79 -30.12 60.49
CA VAL A 4021 -80.41 -30.24 59.08
C VAL A 4021 -79.08 -31.01 58.96
N ASN A 4022 -78.20 -30.91 59.95
CA ASN A 4022 -76.98 -31.72 59.93
C ASN A 4022 -77.28 -33.19 60.23
N LYS A 4023 -78.35 -33.46 60.99
CA LYS A 4023 -78.80 -34.84 61.18
C LYS A 4023 -79.35 -35.41 59.88
N PHE A 4024 -80.05 -34.56 59.11
CA PHE A 4024 -80.50 -34.96 57.78
C PHE A 4024 -79.32 -35.20 56.84
N ILE A 4025 -78.24 -34.42 57.00
CA ILE A 4025 -77.03 -34.66 56.22
C ILE A 4025 -76.42 -36.02 56.56
N LYS A 4026 -76.28 -36.30 57.86
CA LYS A 4026 -75.72 -37.56 58.32
C LYS A 4026 -76.61 -38.76 57.99
N GLU A 4027 -77.91 -38.54 57.84
CA GLU A 4027 -78.80 -39.66 57.53
C GLU A 4027 -78.90 -39.87 56.03
N SER A 4028 -79.36 -38.86 55.29
CA SER A 4028 -79.70 -39.07 53.89
C SER A 4028 -78.42 -39.05 53.05
N LYS A 4029 -78.25 -40.09 52.22
CA LYS A 4029 -77.09 -40.25 51.34
C LYS A 4029 -77.25 -39.50 50.03
N ILE A 4030 -78.34 -38.74 49.87
CA ILE A 4030 -78.58 -37.96 48.67
C ILE A 4030 -77.59 -36.81 48.48
N LEU A 4031 -76.98 -36.30 49.56
CA LEU A 4031 -75.97 -35.25 49.43
C LEU A 4031 -74.68 -35.45 50.23
N SER A 4032 -74.49 -36.58 50.92
CA SER A 4032 -73.28 -36.81 51.70
C SER A 4032 -72.19 -37.50 50.87
N ASP A 4033 -71.91 -36.90 49.71
CA ASP A 4033 -70.75 -37.02 48.82
C ASP A 4033 -69.77 -35.89 49.13
N PRO A 4034 -68.48 -36.22 49.36
CA PRO A 4034 -67.58 -35.31 50.10
C PRO A 4034 -67.27 -33.97 49.42
N ASN A 4035 -67.55 -33.83 48.12
CA ASN A 4035 -67.47 -32.51 47.48
C ASN A 4035 -68.77 -31.75 47.71
N ILE A 4036 -69.90 -32.44 47.60
CA ILE A 4036 -71.19 -31.82 47.95
C ILE A 4036 -71.18 -31.52 49.45
N ARG A 4037 -70.56 -32.40 50.24
CA ARG A 4037 -70.53 -32.24 51.69
C ARG A 4037 -69.64 -31.08 52.10
N CYS A 4038 -68.47 -30.91 51.45
CA CYS A 4038 -67.63 -29.76 51.74
C CYS A 4038 -68.23 -28.45 51.20
N PHE A 4039 -69.14 -28.54 50.22
CA PHE A 4039 -69.89 -27.35 49.82
C PHE A 4039 -70.96 -27.02 50.86
N ALA A 4040 -71.65 -28.05 51.34
CA ALA A 4040 -72.82 -27.87 52.20
C ALA A 4040 -72.42 -27.43 53.60
N ARG A 4041 -71.28 -27.92 54.12
CA ARG A 4041 -70.80 -27.40 55.40
C ARG A 4041 -70.47 -25.90 55.29
N SER A 4042 -69.89 -25.48 54.18
CA SER A 4042 -69.60 -24.06 53.99
C SER A 4042 -70.86 -23.22 53.83
N LEU A 4043 -71.89 -23.77 53.16
CA LEU A 4043 -73.20 -23.12 53.06
C LEU A 4043 -74.03 -23.09 54.35
N VAL A 4044 -73.90 -24.08 55.24
CA VAL A 4044 -74.69 -24.05 56.48
C VAL A 4044 -74.21 -22.94 57.44
N ASP A 4045 -72.91 -22.89 57.74
CA ASP A 4045 -72.41 -21.93 58.72
C ASP A 4045 -71.93 -20.62 58.10
N ASN A 4046 -72.39 -20.27 56.89
CA ASN A 4046 -72.15 -18.97 56.25
C ASN A 4046 -70.67 -18.72 55.97
N THR A 4047 -69.88 -19.79 55.80
CA THR A 4047 -68.46 -19.69 55.53
C THR A 4047 -68.13 -20.05 54.08
N LEU A 4048 -69.04 -19.73 53.17
CA LEU A 4048 -68.80 -19.76 51.73
C LEU A 4048 -68.44 -18.36 51.26
N PRO A 4049 -67.29 -18.18 50.58
CA PRO A 4049 -66.83 -16.82 50.26
C PRO A 4049 -67.44 -16.20 49.01
N LEU A 4050 -68.74 -16.41 48.79
CA LEU A 4050 -69.46 -15.67 47.77
C LEU A 4050 -70.44 -14.66 48.33
N LEU A 4051 -70.89 -14.83 49.57
CA LEU A 4051 -71.74 -13.82 50.21
C LEU A 4051 -70.96 -12.55 50.57
N LYS A 4052 -69.65 -12.66 50.76
CA LYS A 4052 -68.82 -11.48 51.01
C LYS A 4052 -68.19 -10.91 49.74
N ILE A 4053 -69.02 -10.68 48.72
CA ILE A 4053 -68.52 -10.28 47.40
C ILE A 4053 -68.19 -8.80 47.40
N ARG A 4054 -68.65 -8.07 48.43
CA ARG A 4054 -68.40 -6.65 48.74
C ARG A 4054 -68.53 -5.68 47.54
N SER A 4055 -69.63 -5.81 46.81
CA SER A 4055 -70.02 -4.80 45.84
C SER A 4055 -70.87 -3.77 46.59
N ALA A 4056 -70.46 -2.51 46.55
CA ALA A 4056 -71.11 -1.50 47.38
C ALA A 4056 -72.35 -0.88 46.73
N ASN A 4057 -72.77 -1.37 45.57
CA ASN A 4057 -73.98 -0.85 44.93
C ASN A 4057 -75.23 -1.42 45.61
N SER A 4058 -75.16 -2.67 46.09
CA SER A 4058 -76.18 -3.38 46.88
C SER A 4058 -77.45 -3.77 46.15
N ILE A 4059 -77.63 -3.43 44.88
CA ILE A 4059 -78.69 -4.05 44.07
C ILE A 4059 -78.18 -5.11 43.13
N LEU A 4060 -77.19 -4.82 42.26
CA LEU A 4060 -76.65 -5.89 41.42
C LEU A 4060 -75.78 -6.87 42.20
N LYS A 4061 -75.36 -6.51 43.41
CA LYS A 4061 -74.62 -7.41 44.29
C LYS A 4061 -75.41 -8.68 44.58
N GLY A 4062 -76.72 -8.53 44.79
CA GLY A 4062 -77.57 -9.70 45.01
C GLY A 4062 -77.57 -10.62 43.81
N THR A 4063 -77.72 -10.05 42.62
CA THR A 4063 -77.73 -10.81 41.37
C THR A 4063 -76.40 -11.51 41.12
N VAL A 4064 -75.28 -10.84 41.42
CA VAL A 4064 -73.97 -11.44 41.22
C VAL A 4064 -73.77 -12.62 42.17
N THR A 4065 -74.23 -12.49 43.43
CA THR A 4065 -74.18 -13.61 44.37
C THR A 4065 -75.03 -14.77 43.86
N GLU A 4066 -76.23 -14.47 43.32
CA GLU A 4066 -77.12 -15.52 42.83
C GLU A 4066 -76.52 -16.24 41.63
N MET A 4067 -75.90 -15.49 40.70
CA MET A 4067 -75.28 -16.13 39.54
C MET A 4067 -74.07 -16.97 39.93
N ALA A 4068 -73.31 -16.52 40.93
CA ALA A 4068 -72.14 -17.28 41.34
C ALA A 4068 -72.51 -18.58 42.03
N VAL A 4069 -73.46 -18.52 42.97
CA VAL A 4069 -73.86 -19.77 43.62
C VAL A 4069 -74.68 -20.67 42.70
N HIS A 4070 -75.35 -20.11 41.67
CA HIS A 4070 -76.07 -20.95 40.73
C HIS A 4070 -75.09 -21.72 39.85
N VAL A 4071 -74.05 -21.04 39.34
CA VAL A 4071 -73.12 -21.74 38.47
C VAL A 4071 -72.25 -22.69 39.28
N ALA A 4072 -72.00 -22.38 40.57
CA ALA A 4072 -71.27 -23.33 41.41
C ALA A 4072 -72.11 -24.57 41.73
N THR A 4073 -73.42 -24.38 41.98
CA THR A 4073 -74.33 -25.50 42.19
C THR A 4073 -74.43 -26.38 40.95
N ILE A 4074 -74.44 -25.75 39.77
CA ILE A 4074 -74.55 -26.51 38.53
C ILE A 4074 -73.26 -27.27 38.25
N LEU A 4075 -72.10 -26.65 38.52
CA LEU A 4075 -70.82 -27.32 38.29
C LEU A 4075 -70.59 -28.46 39.27
N LEU A 4076 -71.06 -28.34 40.51
CA LEU A 4076 -70.93 -29.45 41.44
C LEU A 4076 -71.91 -30.57 41.11
N CYS A 4077 -73.20 -30.23 40.97
CA CYS A 4077 -74.23 -31.25 40.77
C CYS A 4077 -74.19 -31.85 39.36
N GLY A 4078 -73.59 -31.16 38.40
CA GLY A 4078 -73.55 -31.66 37.03
C GLY A 4078 -72.38 -32.56 36.71
N HIS A 4079 -72.68 -33.83 36.43
CA HIS A 4079 -71.68 -34.83 36.05
C HIS A 4079 -71.73 -34.96 34.53
N ASN A 4080 -71.03 -34.05 33.85
CA ASN A 4080 -71.16 -33.90 32.41
C ASN A 4080 -69.82 -33.51 31.80
N GLN A 4081 -69.56 -34.03 30.60
CA GLN A 4081 -68.26 -33.87 29.94
C GLN A 4081 -68.01 -32.42 29.59
N ILE A 4082 -69.05 -31.70 29.18
CA ILE A 4082 -68.99 -30.33 28.70
C ILE A 4082 -69.09 -29.39 29.92
N LEU A 4083 -68.92 -29.96 31.10
CA LEU A 4083 -68.65 -29.18 32.31
C LEU A 4083 -67.31 -29.53 32.94
N LYS A 4084 -66.50 -30.38 32.29
CA LYS A 4084 -65.22 -30.79 32.87
C LYS A 4084 -64.15 -29.67 32.82
N PRO A 4085 -64.10 -28.79 31.78
CA PRO A 4085 -63.23 -27.60 31.92
C PRO A 4085 -63.65 -26.65 33.03
N LEU A 4086 -64.92 -26.24 33.05
CA LEU A 4086 -65.40 -25.18 33.96
C LEU A 4086 -65.26 -25.57 35.44
N ARG A 4087 -65.39 -26.87 35.76
CA ARG A 4087 -65.09 -27.34 37.11
C ARG A 4087 -63.64 -27.04 37.49
N ASN A 4088 -62.70 -27.37 36.59
CA ASN A 4088 -61.31 -26.98 36.76
C ASN A 4088 -61.13 -25.47 36.83
N LEU A 4089 -62.07 -24.69 36.28
CA LEU A 4089 -61.94 -23.24 36.37
C LEU A 4089 -62.46 -22.73 37.69
N ALA A 4090 -63.21 -23.55 38.44
CA ALA A 4090 -63.83 -23.09 39.67
C ALA A 4090 -63.29 -23.74 40.93
N PHE A 4091 -62.54 -24.85 40.83
CA PHE A 4091 -61.99 -25.47 42.02
C PHE A 4091 -60.52 -25.87 41.93
N TYR A 4092 -59.86 -25.75 40.78
CA TYR A 4092 -58.43 -26.06 40.67
C TYR A 4092 -57.68 -25.01 39.84
N PRO A 4093 -57.62 -23.76 40.31
CA PRO A 4093 -56.97 -22.73 39.47
C PRO A 4093 -55.45 -22.88 39.38
N VAL A 4094 -54.81 -23.47 40.39
CA VAL A 4094 -53.38 -23.79 40.28
C VAL A 4094 -53.12 -24.87 39.23
N ASN A 4095 -54.11 -25.71 38.91
CA ASN A 4095 -54.02 -26.67 37.84
C ASN A 4095 -54.43 -26.06 36.51
N MET A 4096 -54.90 -24.82 36.51
CA MET A 4096 -55.17 -24.03 35.32
C MET A 4096 -53.99 -23.07 35.07
N ALA A 4097 -52.77 -23.57 35.36
CA ALA A 4097 -51.52 -22.82 35.24
C ALA A 4097 -51.11 -22.56 33.79
N ASN A 4098 -51.36 -21.34 33.31
CA ASN A 4098 -51.11 -20.86 31.94
C ASN A 4098 -51.71 -21.78 30.88
N ALA A 4099 -53.02 -21.90 30.93
CA ALA A 4099 -53.83 -22.65 29.98
C ALA A 4099 -54.49 -21.70 28.98
N PHE A 4100 -54.71 -22.19 27.77
CA PHE A 4100 -55.36 -21.38 26.74
C PHE A 4100 -56.82 -21.26 27.18
N LEU A 4101 -57.11 -20.15 27.86
CA LEU A 4101 -58.41 -19.90 28.46
C LEU A 4101 -59.45 -19.57 27.38
N PRO A 4102 -60.72 -19.96 27.60
CA PRO A 4102 -61.76 -19.70 26.60
C PRO A 4102 -62.21 -18.26 26.42
N THR A 4103 -62.73 -18.00 25.22
CA THR A 4103 -63.20 -16.69 24.72
C THR A 4103 -62.16 -15.59 24.82
N MET A 4104 -60.92 -15.92 24.50
CA MET A 4104 -59.93 -14.85 24.44
C MET A 4104 -59.60 -14.53 22.99
N PRO A 4105 -59.18 -13.31 22.69
CA PRO A 4105 -58.77 -12.97 21.32
C PRO A 4105 -57.51 -13.71 20.90
N GLU A 4106 -57.24 -13.68 19.61
CA GLU A 4106 -56.20 -14.53 19.03
C GLU A 4106 -55.76 -13.95 17.70
N ASP A 4107 -54.45 -13.89 17.48
CA ASP A 4107 -53.89 -13.34 16.25
C ASP A 4107 -54.08 -14.28 15.05
N THR A 4174 -51.78 -17.00 19.88
CA THR A 4174 -52.04 -17.78 21.08
C THR A 4174 -52.48 -16.87 22.23
N GLN A 4175 -51.48 -16.39 22.99
CA GLN A 4175 -51.63 -15.39 24.05
C GLN A 4175 -52.57 -15.88 25.16
N THR A 4176 -52.06 -16.87 25.89
CA THR A 4176 -52.74 -17.48 27.03
C THR A 4176 -53.12 -16.47 28.11
N GLY A 4177 -54.04 -16.88 28.98
CA GLY A 4177 -54.46 -16.12 30.13
C GLY A 4177 -55.75 -15.34 29.98
N HIS A 4178 -55.83 -14.18 30.65
CA HIS A 4178 -57.03 -13.35 30.65
C HIS A 4178 -56.69 -11.92 30.19
N VAL A 4179 -56.15 -11.81 28.98
CA VAL A 4179 -55.67 -10.52 28.51
C VAL A 4179 -56.85 -9.63 28.09
N LEU A 4180 -57.39 -8.90 29.07
CA LEU A 4180 -58.45 -7.92 28.87
C LEU A 4180 -58.20 -6.73 29.79
N GLY A 4181 -58.47 -5.52 29.28
CA GLY A 4181 -58.17 -4.30 30.00
C GLY A 4181 -59.14 -4.01 31.14
N SER A 4182 -59.11 -2.75 31.59
CA SER A 4182 -60.09 -2.27 32.55
C SER A 4182 -61.49 -2.25 31.94
N PRO A 4183 -62.52 -2.64 32.70
CA PRO A 4183 -63.89 -2.64 32.16
C PRO A 4183 -64.46 -1.25 31.89
N GLN A 4184 -63.87 -0.19 32.45
CA GLN A 4184 -64.27 1.18 32.11
C GLN A 4184 -63.49 1.71 30.91
N SER A 4185 -63.42 0.90 29.86
CA SER A 4185 -62.69 1.26 28.65
C SER A 4185 -63.64 1.90 27.64
N SER A 4186 -63.08 2.80 26.83
CA SER A 4186 -63.81 3.42 25.73
C SER A 4186 -63.71 2.61 24.44
N GLY A 4187 -63.40 1.32 24.56
CA GLY A 4187 -63.12 0.47 23.42
C GLY A 4187 -64.36 0.03 22.66
N VAL A 4188 -64.10 -0.71 21.58
CA VAL A 4188 -65.16 -1.35 20.81
C VAL A 4188 -65.85 -2.42 21.66
N ALA A 4189 -67.09 -2.78 21.27
CA ALA A 4189 -68.04 -3.66 21.96
C ALA A 4189 -67.62 -5.15 21.97
N GLU A 4190 -66.37 -5.49 21.64
CA GLU A 4190 -65.82 -6.85 21.70
C GLU A 4190 -66.59 -7.78 20.76
N VAL A 4191 -66.42 -7.48 19.47
CA VAL A 4191 -66.93 -8.31 18.38
C VAL A 4191 -66.39 -9.73 18.49
N SER A 4192 -67.24 -10.71 18.15
CA SER A 4192 -66.91 -12.14 18.24
C SER A 4192 -65.67 -12.47 17.40
N ASP A 4193 -64.94 -13.47 17.84
CA ASP A 4193 -63.65 -13.78 17.23
C ASP A 4193 -63.82 -14.71 16.02
N ARG A 4194 -62.73 -15.38 15.66
CA ARG A 4194 -62.43 -16.05 14.38
C ARG A 4194 -63.55 -16.84 13.69
N GLY A 4195 -64.45 -17.48 14.44
CA GLY A 4195 -65.44 -18.30 13.79
C GLY A 4195 -66.82 -18.43 14.42
N GLN A 4196 -67.20 -17.54 15.31
CA GLN A 4196 -68.29 -17.83 16.22
C GLN A 4196 -69.39 -16.78 16.06
N SER A 4197 -70.63 -17.19 16.38
CA SER A 4197 -71.73 -16.25 16.50
C SER A 4197 -71.54 -15.34 17.72
N PRO A 4198 -72.03 -14.11 17.66
CA PRO A 4198 -71.87 -13.20 18.82
C PRO A 4198 -72.68 -13.56 20.05
N VAL A 4199 -73.86 -14.16 19.89
CA VAL A 4199 -74.67 -14.52 21.05
C VAL A 4199 -74.06 -15.67 21.85
N VAL A 4200 -73.59 -16.71 21.16
CA VAL A 4200 -72.87 -17.81 21.82
C VAL A 4200 -71.57 -17.33 22.42
N PHE A 4201 -70.90 -16.37 21.76
CA PHE A 4201 -69.66 -15.81 22.27
C PHE A 4201 -69.86 -15.06 23.58
N ILE A 4202 -70.85 -14.16 23.64
CA ILE A 4202 -71.04 -13.40 24.88
C ILE A 4202 -71.66 -14.27 25.99
N LEU A 4203 -72.43 -15.30 25.63
CA LEU A 4203 -72.94 -16.22 26.66
C LEU A 4203 -71.85 -17.09 27.23
N THR A 4204 -70.93 -17.55 26.37
CA THR A 4204 -69.81 -18.37 26.81
C THR A 4204 -68.81 -17.53 27.60
N ARG A 4205 -68.62 -16.27 27.22
CA ARG A 4205 -67.82 -15.33 28.01
C ARG A 4205 -68.43 -15.10 29.38
N LEU A 4206 -69.76 -15.06 29.47
CA LEU A 4206 -70.41 -14.79 30.74
C LEU A 4206 -70.31 -15.99 31.68
N LEU A 4207 -70.58 -17.19 31.16
CA LEU A 4207 -70.40 -18.41 31.95
C LEU A 4207 -68.94 -18.65 32.33
N THR A 4208 -68.01 -18.28 31.45
CA THR A 4208 -66.59 -18.40 31.75
C THR A 4208 -66.18 -17.48 32.88
N HIS A 4209 -66.60 -16.20 32.80
CA HIS A 4209 -66.27 -15.26 33.86
C HIS A 4209 -66.97 -15.62 35.18
N LEU A 4210 -68.15 -16.25 35.11
CA LEU A 4210 -68.75 -16.73 36.35
C LEU A 4210 -67.98 -17.88 36.99
N ALA A 4211 -67.54 -18.87 36.21
CA ALA A 4211 -66.75 -19.93 36.84
C ALA A 4211 -65.33 -19.51 37.25
N MET A 4212 -64.68 -18.59 36.52
CA MET A 4212 -63.39 -18.08 37.01
C MET A 4212 -63.58 -17.28 38.30
N LEU A 4213 -64.69 -16.53 38.43
CA LEU A 4213 -64.92 -15.75 39.65
C LEU A 4213 -65.23 -16.67 40.83
N VAL A 4214 -65.94 -17.77 40.57
CA VAL A 4214 -66.19 -18.77 41.62
C VAL A 4214 -64.86 -19.38 42.08
N GLY A 4215 -63.95 -19.65 41.13
CA GLY A 4215 -62.62 -20.10 41.51
C GLY A 4215 -61.76 -19.00 42.11
N ALA A 4216 -62.06 -17.74 41.82
CA ALA A 4216 -61.28 -16.59 42.28
C ALA A 4216 -61.61 -16.22 43.71
N THR A 4217 -62.82 -16.55 44.17
CA THR A 4217 -63.18 -16.31 45.55
C THR A 4217 -62.50 -17.28 46.51
N HIS A 4218 -62.03 -18.43 46.01
CA HIS A 4218 -61.34 -19.40 46.87
C HIS A 4218 -59.90 -18.96 47.11
N ASN A 4219 -59.09 -18.89 46.05
CA ASN A 4219 -57.66 -18.60 46.17
C ASN A 4219 -57.25 -17.53 45.17
N PRO A 4220 -57.29 -16.26 45.58
CA PRO A 4220 -57.01 -15.16 44.64
C PRO A 4220 -55.56 -15.06 44.17
N GLN A 4221 -54.60 -15.73 44.82
CA GLN A 4221 -53.24 -15.72 44.32
C GLN A 4221 -53.10 -16.52 43.02
N ALA A 4222 -53.90 -17.58 42.87
CA ALA A 4222 -53.86 -18.30 41.60
C ALA A 4222 -54.53 -17.52 40.49
N LEU A 4223 -55.49 -16.66 40.84
CA LEU A 4223 -56.02 -15.77 39.81
C LEU A 4223 -55.18 -14.52 39.62
N THR A 4224 -54.21 -14.26 40.50
CA THR A 4224 -53.19 -13.29 40.15
C THR A 4224 -52.17 -13.90 39.18
N VAL A 4225 -51.86 -15.18 39.34
CA VAL A 4225 -50.89 -15.79 38.42
C VAL A 4225 -51.56 -16.22 37.11
N ILE A 4226 -52.89 -16.22 37.05
CA ILE A 4226 -53.59 -16.42 35.78
C ILE A 4226 -53.96 -15.10 35.11
N ILE A 4227 -54.59 -14.16 35.80
CA ILE A 4227 -55.01 -12.92 35.16
C ILE A 4227 -53.82 -11.97 35.13
N LYS A 4228 -53.54 -11.41 33.97
CA LYS A 4228 -52.23 -10.82 33.71
C LYS A 4228 -52.00 -9.45 34.35
N PRO A 4229 -52.78 -8.35 34.06
CA PRO A 4229 -52.23 -7.02 34.38
C PRO A 4229 -52.26 -6.58 35.85
N TRP A 4230 -53.32 -6.85 36.61
CA TRP A 4230 -53.37 -6.24 37.93
C TRP A 4230 -52.53 -7.02 38.93
N VAL A 4231 -52.37 -6.43 40.12
CA VAL A 4231 -51.72 -7.07 41.26
C VAL A 4231 -52.55 -6.78 42.51
N GLN A 4232 -53.65 -6.05 42.35
CA GLN A 4232 -54.37 -5.52 43.52
C GLN A 4232 -55.51 -6.40 44.03
N ASP A 4233 -56.53 -6.63 43.20
CA ASP A 4233 -57.69 -7.42 43.64
C ASP A 4233 -58.44 -8.04 42.48
N PRO A 4234 -58.98 -9.25 42.64
CA PRO A 4234 -59.80 -9.85 41.58
C PRO A 4234 -61.28 -9.52 41.65
N GLN A 4235 -61.80 -9.23 42.85
CA GLN A 4235 -63.25 -9.21 43.05
C GLN A 4235 -63.94 -8.01 42.38
N GLY A 4236 -63.44 -6.80 42.60
CA GLY A 4236 -64.04 -5.62 41.97
C GLY A 4236 -63.89 -5.56 40.46
N PHE A 4237 -62.77 -6.05 39.94
CA PHE A 4237 -62.53 -6.10 38.50
C PHE A 4237 -63.56 -7.00 37.81
N LEU A 4238 -63.80 -8.19 38.37
CA LEU A 4238 -64.80 -9.07 37.78
C LEU A 4238 -66.21 -8.62 38.08
N GLN A 4239 -66.44 -7.88 39.17
CA GLN A 4239 -67.76 -7.28 39.37
C GLN A 4239 -68.07 -6.25 38.29
N GLN A 4240 -67.07 -5.45 37.90
CA GLN A 4240 -67.26 -4.51 36.81
C GLN A 4240 -67.49 -5.24 35.48
N HIS A 4241 -66.79 -6.36 35.27
CA HIS A 4241 -67.01 -7.15 34.05
C HIS A 4241 -68.40 -7.78 34.02
N ILE A 4242 -68.88 -8.29 35.15
CA ILE A 4242 -70.22 -8.89 35.19
C ILE A 4242 -71.28 -7.81 35.05
N GLN A 4243 -71.01 -6.60 35.56
CA GLN A 4243 -71.90 -5.46 35.34
C GLN A 4243 -71.98 -5.10 33.86
N ARG A 4244 -70.84 -5.07 33.18
CA ARG A 4244 -70.84 -4.73 31.76
C ARG A 4244 -71.53 -5.83 30.94
N ASP A 4245 -71.36 -7.10 31.33
CA ASP A 4245 -72.03 -8.15 30.60
C ASP A 4245 -73.54 -8.18 30.84
N LEU A 4246 -74.00 -7.88 32.07
CA LEU A 4246 -75.44 -7.82 32.30
C LEU A 4246 -76.10 -6.62 31.61
N GLU A 4247 -75.41 -5.47 31.57
CA GLU A 4247 -75.94 -4.32 30.83
C GLU A 4247 -76.04 -4.64 29.34
N GLN A 4248 -74.99 -5.25 28.76
CA GLN A 4248 -75.04 -5.58 27.34
C GLN A 4248 -76.10 -6.65 27.05
N LEU A 4249 -76.35 -7.58 27.97
CA LEU A 4249 -77.40 -8.57 27.65
C LEU A 4249 -78.80 -7.99 27.78
N THR A 4250 -79.05 -7.08 28.73
CA THR A 4250 -80.39 -6.47 28.71
C THR A 4250 -80.56 -5.36 27.67
N LYS A 4251 -79.48 -4.80 27.11
CA LYS A 4251 -79.61 -4.03 25.87
C LYS A 4251 -79.90 -4.94 24.69
N MET A 4252 -79.15 -6.03 24.56
CA MET A 4252 -79.11 -6.85 23.36
C MET A 4252 -80.39 -7.65 23.16
N LEU A 4253 -80.98 -8.20 24.21
CA LEU A 4253 -82.26 -8.87 24.06
C LEU A 4253 -83.37 -7.87 24.26
N GLY A 4254 -84.41 -7.93 23.42
CA GLY A 4254 -85.48 -6.96 23.53
C GLY A 4254 -86.52 -7.39 24.55
N ARG A 4255 -86.07 -7.56 25.78
CA ARG A 4255 -86.85 -8.02 26.91
C ARG A 4255 -86.79 -6.97 28.01
N SER A 4256 -87.40 -7.28 29.14
CA SER A 4256 -87.16 -6.51 30.35
C SER A 4256 -85.86 -7.00 30.99
N ALA A 4257 -85.54 -6.47 32.17
CA ALA A 4257 -84.34 -6.93 32.88
C ALA A 4257 -84.56 -8.33 33.43
N ASP A 4258 -85.72 -8.53 34.08
CA ASP A 4258 -86.06 -9.82 34.67
C ASP A 4258 -86.12 -10.92 33.63
N GLU A 4259 -86.64 -10.61 32.44
CA GLU A 4259 -86.77 -11.63 31.41
C GLU A 4259 -85.42 -12.03 30.82
N THR A 4260 -84.46 -11.10 30.71
CA THR A 4260 -83.11 -11.50 30.27
C THR A 4260 -82.41 -12.32 31.34
N ILE A 4261 -82.65 -11.99 32.61
CA ILE A 4261 -82.14 -12.84 33.70
C ILE A 4261 -82.81 -14.21 33.65
N HIS A 4262 -84.10 -14.25 33.31
CA HIS A 4262 -84.77 -15.52 33.12
C HIS A 4262 -84.16 -16.31 31.95
N VAL A 4263 -83.69 -15.62 30.91
CA VAL A 4263 -83.03 -16.28 29.78
C VAL A 4263 -81.71 -16.92 30.23
N VAL A 4264 -80.93 -16.19 31.05
CA VAL A 4264 -79.65 -16.73 31.52
C VAL A 4264 -79.92 -17.94 32.43
N HIS A 4265 -80.92 -17.85 33.34
CA HIS A 4265 -81.26 -19.01 34.17
C HIS A 4265 -81.77 -20.18 33.33
N LEU A 4266 -82.48 -19.90 32.23
CA LEU A 4266 -82.88 -20.98 31.31
C LEU A 4266 -81.66 -21.68 30.73
N ILE A 4267 -80.63 -20.93 30.33
CA ILE A 4267 -79.49 -21.58 29.69
C ILE A 4267 -78.64 -22.38 30.70
N LEU A 4268 -78.44 -21.83 31.92
CA LEU A 4268 -77.78 -22.62 32.96
C LEU A 4268 -78.58 -23.84 33.39
N SER A 4269 -79.91 -23.73 33.50
CA SER A 4269 -80.67 -24.90 33.88
C SER A 4269 -80.69 -25.92 32.76
N SER A 4270 -80.74 -25.45 31.50
CA SER A 4270 -80.86 -26.36 30.37
C SER A 4270 -79.56 -27.07 30.06
N LEU A 4271 -78.43 -26.61 30.60
CA LEU A 4271 -77.15 -27.22 30.27
C LEU A 4271 -76.85 -28.41 31.19
N LEU A 4272 -77.78 -28.76 32.08
CA LEU A 4272 -77.67 -29.81 33.08
C LEU A 4272 -78.28 -31.14 32.66
N ARG A 4273 -79.49 -31.11 32.09
CA ARG A 4273 -80.25 -32.32 31.76
C ARG A 4273 -79.90 -32.89 30.37
N VAL A 4274 -78.72 -32.55 29.84
CA VAL A 4274 -78.38 -32.74 28.44
C VAL A 4274 -77.44 -33.95 28.33
N GLN A 4275 -77.70 -34.96 29.19
CA GLN A 4275 -76.88 -36.14 29.50
C GLN A 4275 -76.17 -36.87 28.36
N SER A 4276 -76.62 -36.70 27.11
CA SER A 4276 -76.03 -37.37 25.96
C SER A 4276 -74.57 -36.99 25.73
N HIS A 4277 -73.66 -37.91 26.05
CA HIS A 4277 -72.22 -37.67 25.97
C HIS A 4277 -71.69 -38.14 24.61
N GLY A 4278 -71.30 -37.17 23.78
CA GLY A 4278 -70.66 -37.42 22.51
C GLY A 4278 -69.55 -36.42 22.33
N VAL A 4279 -68.96 -36.03 23.47
CA VAL A 4279 -68.10 -34.85 23.57
C VAL A 4279 -66.68 -35.39 23.77
N LEU A 4280 -66.40 -36.54 23.16
CA LEU A 4280 -65.10 -37.18 23.29
C LEU A 4280 -64.02 -36.37 22.56
N ASN A 4281 -62.77 -36.78 22.78
CA ASN A 4281 -61.59 -36.33 22.04
C ASN A 4281 -61.33 -34.82 22.20
N PHE A 4282 -61.10 -34.41 23.45
CA PHE A 4282 -60.35 -33.19 23.72
C PHE A 4282 -59.74 -33.29 25.11
N ASN A 4283 -58.59 -32.63 25.28
CA ASN A 4283 -57.91 -32.58 26.56
C ASN A 4283 -58.72 -31.81 27.60
N ALA A 4284 -58.88 -32.40 28.79
CA ALA A 4284 -59.67 -31.81 29.85
C ALA A 4284 -58.96 -30.67 30.59
N GLU A 4285 -57.84 -30.16 30.08
CA GLU A 4285 -57.09 -29.09 30.72
C GLU A 4285 -57.16 -27.78 29.96
N LEU A 4286 -57.74 -27.77 28.75
CA LEU A 4286 -57.66 -26.69 27.77
C LEU A 4286 -56.21 -26.26 27.52
N SER A 4287 -55.44 -27.20 26.99
CA SER A 4287 -54.01 -26.98 26.74
C SER A 4287 -53.68 -26.71 25.28
N THR A 4288 -54.48 -27.21 24.34
CA THR A 4288 -54.26 -27.01 22.91
C THR A 4288 -55.46 -26.31 22.28
N LYS A 4289 -55.20 -25.55 21.21
CA LYS A 4289 -56.27 -24.80 20.56
C LYS A 4289 -57.28 -25.68 19.84
N GLY A 4290 -56.86 -26.87 19.38
CA GLY A 4290 -57.82 -27.81 18.82
C GLY A 4290 -58.82 -28.35 19.83
N CYS A 4291 -58.34 -28.60 21.05
CA CYS A 4291 -59.24 -29.08 22.10
C CYS A 4291 -60.20 -27.99 22.56
N ARG A 4292 -59.69 -26.76 22.66
CA ARG A 4292 -60.54 -25.62 22.98
C ARG A 4292 -61.58 -25.37 21.90
N ASN A 4293 -61.18 -25.47 20.63
CA ASN A 4293 -62.14 -25.23 19.54
C ASN A 4293 -63.18 -26.33 19.43
N ASN A 4294 -62.78 -27.58 19.70
CA ASN A 4294 -63.74 -28.67 19.72
C ASN A 4294 -64.74 -28.54 20.88
N TRP A 4295 -64.25 -28.10 22.05
CA TRP A 4295 -65.12 -27.74 23.16
C TRP A 4295 -66.10 -26.64 22.74
N GLU A 4296 -65.58 -25.62 22.03
CA GLU A 4296 -66.40 -24.53 21.50
C GLU A 4296 -67.48 -25.04 20.58
N LYS A 4297 -67.16 -26.01 19.71
CA LYS A 4297 -68.13 -26.50 18.74
C LYS A 4297 -69.25 -27.27 19.44
N HIS A 4298 -68.92 -28.10 20.43
CA HIS A 4298 -69.99 -28.83 21.12
C HIS A 4298 -70.81 -27.90 22.02
N PHE A 4299 -70.16 -26.92 22.64
CA PHE A 4299 -70.90 -26.01 23.51
C PHE A 4299 -71.74 -25.04 22.69
N GLU A 4300 -71.28 -24.67 21.49
CA GLU A 4300 -72.10 -23.92 20.55
C GLU A 4300 -73.29 -24.72 20.07
N THR A 4301 -73.10 -26.03 19.88
CA THR A 4301 -74.21 -26.92 19.52
C THR A 4301 -75.30 -26.92 20.60
N LEU A 4302 -74.91 -27.07 21.87
CA LEU A 4302 -75.91 -27.10 22.93
C LEU A 4302 -76.55 -25.73 23.15
N LEU A 4303 -75.76 -24.64 23.05
CA LEU A 4303 -76.34 -23.31 23.21
C LEU A 4303 -77.32 -22.97 22.08
N LEU A 4304 -77.05 -23.40 20.85
CA LEU A 4304 -78.02 -23.14 19.79
C LEU A 4304 -79.27 -24.00 19.95
N ARG A 4305 -79.09 -25.26 20.37
CA ARG A 4305 -80.21 -26.15 20.66
C ARG A 4305 -81.10 -25.63 21.78
N GLU A 4306 -80.57 -24.83 22.70
CA GLU A 4306 -81.42 -24.23 23.70
C GLU A 4306 -81.87 -22.80 23.39
N LEU A 4307 -81.13 -22.06 22.58
CA LEU A 4307 -81.50 -20.69 22.21
C LEU A 4307 -82.59 -20.66 21.16
N LYS A 4308 -82.74 -21.75 20.38
CA LYS A 4308 -83.85 -21.81 19.44
C LYS A 4308 -85.21 -22.00 20.10
N HIS A 4309 -85.27 -22.39 21.38
CA HIS A 4309 -86.46 -23.02 21.96
C HIS A 4309 -86.85 -22.30 23.26
N LEU A 4310 -86.72 -20.98 23.29
CA LEU A 4310 -87.00 -20.19 24.49
C LEU A 4310 -88.30 -19.38 24.42
N ASP A 4311 -88.69 -18.92 23.24
CA ASP A 4311 -89.87 -18.08 23.05
C ASP A 4311 -91.19 -18.80 23.30
N LYS A 4312 -91.19 -20.12 23.33
CA LYS A 4312 -92.33 -20.95 23.74
C LYS A 4312 -92.28 -21.37 25.20
N ASN A 4313 -91.30 -20.88 25.95
CA ASN A 4313 -91.15 -21.15 27.38
C ASN A 4313 -91.29 -19.91 28.26
N LEU A 4314 -90.76 -18.76 27.82
CA LEU A 4314 -90.79 -17.56 28.64
C LEU A 4314 -92.17 -17.00 29.04
N PRO A 4315 -93.25 -17.05 28.24
CA PRO A 4315 -94.56 -16.70 28.82
C PRO A 4315 -95.06 -17.67 29.88
N ALA A 4316 -94.73 -18.96 29.78
CA ALA A 4316 -95.10 -19.90 30.84
C ALA A 4316 -94.30 -19.66 32.12
N ILE A 4317 -93.03 -19.28 32.00
CA ILE A 4317 -92.25 -18.95 33.19
C ILE A 4317 -92.76 -17.66 33.83
N ASN A 4318 -93.20 -16.69 33.01
CA ASN A 4318 -93.82 -15.50 33.57
C ASN A 4318 -95.16 -15.82 34.25
N ALA A 4319 -95.90 -16.82 33.77
CA ALA A 4319 -97.14 -17.20 34.46
C ALA A 4319 -96.86 -17.88 35.81
N LEU A 4320 -95.90 -18.80 35.84
CA LEU A 4320 -95.58 -19.49 37.10
C LEU A 4320 -94.94 -18.56 38.12
N ILE A 4321 -93.99 -17.72 37.71
CA ILE A 4321 -93.37 -16.83 38.69
C ILE A 4321 -94.30 -15.67 39.02
N SER A 4322 -95.27 -15.36 38.15
CA SER A 4322 -96.29 -14.40 38.49
C SER A 4322 -97.29 -14.97 39.50
N GLN A 4323 -97.38 -16.29 39.61
CA GLN A 4323 -98.38 -16.90 40.49
C GLN A 4323 -97.69 -17.70 41.60
N ASP A 4324 -96.48 -17.29 41.99
CA ASP A 4324 -95.87 -17.78 43.22
C ASP A 4324 -96.55 -17.15 44.44
N GLU A 4325 -96.70 -17.93 45.51
CA GLU A 4325 -97.52 -17.49 46.63
C GLU A 4325 -96.77 -16.75 47.74
N ARG A 4326 -95.84 -15.83 47.46
CA ARG A 4326 -95.46 -14.85 48.49
C ARG A 4326 -95.24 -13.46 47.91
N ILE A 4327 -94.98 -13.35 46.61
CA ILE A 4327 -94.86 -12.06 45.94
C ILE A 4327 -96.23 -11.60 45.45
N SER A 4328 -97.14 -12.55 45.21
CA SER A 4328 -98.46 -12.26 44.65
C SER A 4328 -99.28 -11.36 45.59
N SER A 4329 -99.01 -11.40 46.89
CA SER A 4329 -99.67 -10.48 47.81
C SER A 4329 -99.11 -9.06 47.70
N ASN A 4330 -97.84 -8.93 47.30
CA ASN A 4330 -97.20 -7.62 47.16
C ASN A 4330 -97.84 -6.91 45.97
N PRO A 4331 -98.48 -5.75 46.16
CA PRO A 4331 -99.21 -5.09 45.06
C PRO A 4331 -98.34 -4.39 44.03
N VAL A 4332 -97.02 -4.55 44.03
CA VAL A 4332 -96.22 -3.97 42.96
C VAL A 4332 -96.00 -4.96 41.81
N THR A 4333 -95.91 -6.26 42.09
CA THR A 4333 -95.81 -7.26 41.03
C THR A 4333 -97.12 -7.54 40.31
N LYS A 4334 -98.27 -7.10 40.82
CA LYS A 4334 -99.51 -7.30 40.09
C LYS A 4334 -99.72 -6.23 39.03
N ILE A 4335 -99.33 -4.98 39.32
CA ILE A 4335 -99.41 -3.91 38.34
C ILE A 4335 -98.28 -3.93 37.33
N ILE A 4336 -97.39 -4.93 37.40
CA ILE A 4336 -96.26 -5.01 36.48
C ILE A 4336 -96.26 -6.36 35.77
N TYR A 4337 -96.23 -7.45 36.53
CA TYR A 4337 -95.68 -8.72 36.04
C TYR A 4337 -96.80 -9.70 35.67
N GLY A 4338 -97.87 -9.24 35.04
CA GLY A 4338 -98.76 -10.20 34.42
C GLY A 4338 -100.16 -10.27 35.01
N ASP A 4339 -100.58 -9.20 35.65
CA ASP A 4339 -101.96 -9.11 36.10
C ASP A 4339 -102.56 -7.81 35.63
N PRO A 4340 -103.85 -7.79 35.28
CA PRO A 4340 -104.50 -6.52 34.95
C PRO A 4340 -104.64 -5.64 36.18
N ALA A 4341 -104.36 -4.35 36.00
CA ALA A 4341 -104.33 -3.37 37.08
C ALA A 4341 -105.71 -2.82 37.43
N THR A 4342 -106.79 -3.52 37.08
CA THR A 4342 -108.13 -3.02 37.33
C THR A 4342 -108.60 -3.25 38.76
N PHE A 4343 -107.82 -3.98 39.58
CA PHE A 4343 -108.16 -4.16 40.97
C PHE A 4343 -107.93 -2.90 41.78
N LEU A 4344 -107.03 -2.03 41.32
CA LEU A 4344 -106.81 -0.69 41.84
C LEU A 4344 -108.10 0.12 41.67
N PRO A 4345 -108.82 0.44 42.75
CA PRO A 4345 -110.19 0.97 42.57
C PRO A 4345 -110.24 2.42 42.12
N HIS A 4346 -109.19 3.20 42.39
CA HIS A 4346 -109.14 4.61 41.99
C HIS A 4346 -108.57 4.70 40.57
N LEU A 4347 -109.45 4.52 39.58
CA LEU A 4347 -108.98 4.42 38.21
C LEU A 4347 -110.08 4.90 37.28
N PRO A 4348 -109.74 5.36 36.07
CA PRO A 4348 -110.77 5.64 35.07
C PRO A 4348 -111.46 4.35 34.63
N GLN A 4349 -112.69 4.49 34.15
CA GLN A 4349 -113.55 3.34 33.89
C GLN A 4349 -113.09 2.57 32.66
N LYS A 4350 -113.85 1.55 32.30
CA LYS A 4350 -113.49 0.69 31.18
C LYS A 4350 -113.77 1.41 29.87
N SER A 4351 -112.73 2.03 29.32
CA SER A 4351 -112.80 2.67 28.01
C SER A 4351 -112.09 1.80 26.98
N ILE A 4352 -112.32 2.14 25.71
CA ILE A 4352 -111.66 1.42 24.62
C ILE A 4352 -110.17 1.79 24.52
N ILE A 4353 -109.73 2.91 25.11
CA ILE A 4353 -108.33 3.31 25.03
C ILE A 4353 -107.63 3.03 26.37
N HIS A 4354 -108.37 2.82 27.46
CA HIS A 4354 -107.76 2.61 28.76
C HIS A 4354 -107.69 1.13 29.15
N CYS A 4355 -107.44 0.25 28.18
CA CYS A 4355 -107.12 -1.13 28.51
C CYS A 4355 -105.69 -1.23 29.03
N SER A 4356 -105.34 -2.40 29.57
CA SER A 4356 -104.01 -2.56 30.16
C SER A 4356 -102.93 -2.69 29.09
N LYS A 4357 -103.24 -3.37 27.98
CA LYS A 4357 -102.23 -3.60 26.94
C LYS A 4357 -101.87 -2.32 26.20
N ILE A 4358 -102.79 -1.35 26.16
CA ILE A 4358 -102.51 -0.07 25.54
C ILE A 4358 -101.53 0.75 26.38
N TRP A 4359 -101.57 0.58 27.70
CA TRP A 4359 -100.62 1.24 28.59
C TRP A 4359 -99.54 0.29 29.07
N SER A 4360 -99.12 -0.62 28.20
CA SER A 4360 -97.99 -1.51 28.44
C SER A 4360 -96.69 -0.85 27.98
N CYS A 4361 -95.58 -1.54 28.23
CA CYS A 4361 -94.28 -1.12 27.76
C CYS A 4361 -93.87 -1.94 26.54
N ARG A 4362 -92.89 -1.42 25.80
CA ARG A 4362 -92.38 -2.13 24.63
C ARG A 4362 -90.91 -1.78 24.44
N ARG A 4363 -90.31 -2.38 23.41
CA ARG A 4363 -88.89 -2.25 23.16
C ARG A 4363 -88.53 -0.86 22.63
N LYS A 4364 -87.23 -0.56 22.68
CA LYS A 4364 -86.60 0.49 21.89
C LYS A 4364 -85.62 -0.21 20.94
N ILE A 4365 -85.91 -0.20 19.64
CA ILE A 4365 -85.20 -1.06 18.70
C ILE A 4365 -83.80 -0.51 18.45
N THR A 4366 -82.79 -1.33 18.72
CA THR A 4366 -81.38 -1.00 18.58
C THR A 4366 -80.69 -1.95 17.61
N VAL A 4367 -79.38 -1.74 17.47
CA VAL A 4367 -78.55 -2.50 16.53
C VAL A 4367 -78.33 -3.93 17.03
N GLU A 4368 -78.17 -4.11 18.34
CA GLU A 4368 -77.83 -5.43 18.90
C GLU A 4368 -78.99 -6.40 18.74
N TYR A 4369 -80.22 -5.90 18.85
CA TYR A 4369 -81.40 -6.73 18.60
C TYR A 4369 -81.45 -7.14 17.14
N LEU A 4370 -81.06 -6.24 16.24
CA LEU A 4370 -80.95 -6.57 14.83
C LEU A 4370 -79.91 -7.64 14.58
N GLN A 4371 -78.80 -7.60 15.31
CA GLN A 4371 -77.80 -8.63 15.13
C GLN A 4371 -78.30 -9.97 15.65
N HIS A 4372 -79.04 -9.96 16.75
CA HIS A 4372 -79.65 -11.20 17.22
C HIS A 4372 -80.67 -11.75 16.23
N ILE A 4373 -81.49 -10.86 15.64
CA ILE A 4373 -82.50 -11.29 14.68
C ILE A 4373 -81.87 -11.82 13.39
N VAL A 4374 -80.76 -11.23 12.90
CA VAL A 4374 -80.13 -11.82 11.72
C VAL A 4374 -79.56 -13.22 12.01
N GLU A 4375 -78.92 -13.46 13.18
CA GLU A 4375 -78.49 -14.86 13.37
C GLU A 4375 -79.59 -15.91 13.66
N GLN A 4376 -80.76 -15.63 14.29
CA GLN A 4376 -81.70 -16.79 14.32
C GLN A 4376 -82.31 -17.10 12.95
N LYS A 4377 -82.63 -16.10 12.12
CA LYS A 4377 -83.44 -16.34 10.92
C LYS A 4377 -82.60 -16.62 9.65
N ASN A 4378 -81.43 -17.25 9.83
CA ASN A 4378 -80.56 -17.75 8.75
C ASN A 4378 -80.05 -16.66 7.80
N GLY A 4379 -79.34 -15.71 8.40
CA GLY A 4379 -78.79 -14.54 7.76
C GLY A 4379 -77.59 -14.79 6.87
N LYS A 4380 -76.95 -15.96 6.97
CA LYS A 4380 -75.79 -16.25 6.12
C LYS A 4380 -76.13 -16.54 4.66
N GLU A 4381 -77.35 -16.97 4.33
CA GLU A 4381 -77.67 -17.21 2.93
C GLU A 4381 -78.46 -16.04 2.35
N THR A 4382 -79.58 -15.67 2.99
CA THR A 4382 -80.50 -14.71 2.37
C THR A 4382 -80.01 -13.27 2.51
N VAL A 4383 -79.56 -12.86 3.70
CA VAL A 4383 -79.24 -11.44 3.87
C VAL A 4383 -77.79 -11.21 4.35
N PRO A 4384 -76.81 -11.31 3.44
CA PRO A 4384 -75.41 -11.36 3.86
C PRO A 4384 -74.79 -10.01 4.21
N VAL A 4385 -75.23 -8.97 3.49
CA VAL A 4385 -74.67 -7.62 3.63
C VAL A 4385 -75.02 -7.01 4.98
N LEU A 4386 -76.27 -7.18 5.43
CA LEU A 4386 -76.64 -6.68 6.75
C LEU A 4386 -75.92 -7.40 7.87
N TRP A 4387 -75.65 -8.70 7.72
CA TRP A 4387 -74.90 -9.42 8.74
C TRP A 4387 -73.48 -8.85 8.83
N HIS A 4388 -72.82 -8.66 7.68
CA HIS A 4388 -71.48 -8.09 7.73
C HIS A 4388 -71.46 -6.62 8.13
N PHE A 4389 -72.55 -5.88 7.90
CA PHE A 4389 -72.58 -4.49 8.37
C PHE A 4389 -72.74 -4.42 9.88
N LEU A 4390 -73.64 -5.22 10.46
CA LEU A 4390 -73.82 -5.24 11.91
C LEU A 4390 -72.65 -5.90 12.64
N GLN A 4391 -71.88 -6.77 11.96
CA GLN A 4391 -70.75 -7.41 12.60
C GLN A 4391 -69.66 -6.41 12.96
N LYS A 4392 -69.38 -5.47 12.06
CA LYS A 4392 -68.32 -4.50 12.30
C LYS A 4392 -68.82 -3.07 12.33
N GLU A 4393 -69.92 -2.79 13.04
CA GLU A 4393 -70.52 -1.46 12.98
C GLU A 4393 -69.72 -0.44 13.77
N ALA A 4394 -69.27 -0.81 14.97
CA ALA A 4394 -68.59 0.13 15.86
C ALA A 4394 -67.22 0.55 15.35
N GLU A 4395 -66.61 -0.19 14.42
CA GLU A 4395 -65.42 0.32 13.76
C GLU A 4395 -65.75 1.19 12.54
N LEU A 4396 -66.85 0.94 11.85
CA LEU A 4396 -67.21 1.87 10.76
C LEU A 4396 -67.83 3.15 11.29
N ARG A 4397 -68.16 3.24 12.58
CA ARG A 4397 -68.56 4.52 13.14
C ARG A 4397 -67.43 5.56 13.12
N LEU A 4398 -66.18 5.12 13.05
CA LEU A 4398 -65.02 5.98 13.26
C LEU A 4398 -64.19 6.19 11.99
N VAL A 4399 -64.69 5.75 10.83
CA VAL A 4399 -64.07 6.06 9.54
C VAL A 4399 -64.23 7.53 9.14
N LYS A 4400 -65.24 8.23 9.69
CA LYS A 4400 -65.36 9.69 9.52
C LYS A 4400 -64.11 10.45 9.96
N PHE A 4401 -63.38 9.94 10.94
CA PHE A 4401 -62.22 10.63 11.46
C PHE A 4401 -60.93 10.32 10.71
N LEU A 4402 -61.01 9.57 9.62
CA LEU A 4402 -59.82 9.13 8.86
C LEU A 4402 -59.19 10.24 8.01
N PRO A 4403 -59.93 11.15 7.33
CA PRO A 4403 -59.23 12.27 6.68
C PRO A 4403 -58.58 13.23 7.66
N GLU A 4404 -59.08 13.31 8.90
CA GLU A 4404 -58.44 14.17 9.90
C GLU A 4404 -57.09 13.60 10.33
N ILE A 4405 -57.02 12.31 10.61
CA ILE A 4405 -55.74 11.71 10.99
C ILE A 4405 -54.81 11.57 9.80
N LEU A 4406 -55.34 11.53 8.57
CA LEU A 4406 -54.45 11.59 7.43
C LEU A 4406 -53.95 13.00 7.16
N ALA A 4407 -54.72 14.03 7.53
CA ALA A 4407 -54.20 15.39 7.53
C ALA A 4407 -53.06 15.53 8.53
N LEU A 4408 -53.22 14.90 9.70
CA LEU A 4408 -52.14 14.84 10.70
C LEU A 4408 -50.89 14.19 10.13
N GLN A 4409 -51.05 13.01 9.51
CA GLN A 4409 -49.88 12.29 9.05
C GLN A 4409 -49.22 12.96 7.84
N ARG A 4410 -50.01 13.62 6.98
CA ARG A 4410 -49.42 14.38 5.88
C ARG A 4410 -48.68 15.60 6.39
N ASP A 4411 -49.20 16.27 7.43
CA ASP A 4411 -48.46 17.42 7.98
C ASP A 4411 -47.21 17.00 8.72
N LEU A 4412 -47.21 15.82 9.35
CA LEU A 4412 -46.00 15.38 10.03
C LEU A 4412 -44.94 14.86 9.05
N VAL A 4413 -45.36 14.17 7.98
CA VAL A 4413 -44.42 13.81 6.92
C VAL A 4413 -43.85 15.05 6.25
N LYS A 4414 -44.69 16.07 6.02
CA LYS A 4414 -44.23 17.30 5.40
C LYS A 4414 -43.32 18.11 6.33
N GLN A 4415 -43.49 17.97 7.64
CA GLN A 4415 -42.69 18.75 8.59
C GLN A 4415 -41.42 18.02 9.04
N PHE A 4416 -41.49 16.70 9.23
CA PHE A 4416 -40.41 15.97 9.88
C PHE A 4416 -39.78 14.92 8.98
N GLN A 4417 -39.44 15.28 7.74
CA GLN A 4417 -38.76 14.37 6.84
C GLN A 4417 -37.25 14.33 7.15
N ASN A 4418 -36.94 13.68 8.26
CA ASN A 4418 -35.58 13.60 8.80
C ASN A 4418 -35.44 12.24 9.48
N VAL A 4419 -34.31 12.04 10.18
CA VAL A 4419 -34.04 10.87 11.00
C VAL A 4419 -33.11 11.27 12.15
N SER A 4420 -33.48 10.86 13.37
CA SER A 4420 -32.72 11.07 14.61
C SER A 4420 -32.45 12.55 14.91
N ARG A 4421 -33.40 13.42 14.58
CA ARG A 4421 -33.22 14.86 14.78
C ARG A 4421 -34.31 15.50 15.64
N VAL A 4422 -35.53 14.99 15.62
CA VAL A 4422 -36.64 15.51 16.40
C VAL A 4422 -36.39 15.39 17.91
N GLU A 4423 -36.29 16.53 18.60
CA GLU A 4423 -35.80 16.58 19.98
C GLU A 4423 -36.93 16.79 20.97
N TYR A 4424 -38.17 16.54 20.55
CA TYR A 4424 -39.33 16.74 21.40
C TYR A 4424 -39.59 15.48 22.22
N SER A 4425 -39.81 15.67 23.52
CA SER A 4425 -40.09 14.54 24.40
C SER A 4425 -41.57 14.16 24.36
N SER A 4426 -42.45 15.06 24.76
CA SER A 4426 -43.85 14.75 24.90
C SER A 4426 -44.70 15.64 23.99
N ILE A 4427 -45.94 15.20 23.77
CA ILE A 4427 -46.82 15.82 22.78
C ILE A 4427 -47.24 17.21 23.23
N ARG A 4428 -47.47 17.38 24.53
CA ARG A 4428 -47.90 18.67 25.06
C ARG A 4428 -46.80 19.74 24.92
N GLY A 4429 -45.53 19.34 25.02
CA GLY A 4429 -44.46 20.28 24.80
C GLY A 4429 -44.33 20.71 23.35
N PHE A 4430 -44.65 19.80 22.42
CA PHE A 4430 -44.63 20.15 21.00
C PHE A 4430 -45.83 21.02 20.61
N ILE A 4431 -47.00 20.76 21.20
CA ILE A 4431 -48.19 21.54 20.86
C ILE A 4431 -48.10 22.97 21.39
N HIS A 4432 -47.48 23.18 22.56
CA HIS A 4432 -47.24 24.54 23.03
C HIS A 4432 -46.03 25.19 22.39
N SER A 4433 -45.27 24.46 21.58
CA SER A 4433 -44.14 25.02 20.85
C SER A 4433 -44.54 25.66 19.52
N HIS A 4434 -45.81 25.97 19.33
CA HIS A 4434 -46.31 26.65 18.15
C HIS A 4434 -46.82 28.04 18.54
N SER A 4435 -46.53 29.03 17.71
CA SER A 4435 -46.90 30.41 18.05
C SER A 4435 -48.27 30.82 17.53
N SER A 4436 -48.65 30.40 16.32
CA SER A 4436 -49.96 30.71 15.76
C SER A 4436 -51.06 29.91 16.46
N ASP A 4437 -51.86 30.60 17.29
CA ASP A 4437 -52.75 29.96 18.25
C ASP A 4437 -53.86 29.14 17.61
N GLY A 4438 -54.33 29.58 16.42
CA GLY A 4438 -55.31 28.79 15.70
C GLY A 4438 -54.76 27.44 15.25
N LEU A 4439 -53.48 27.40 14.89
CA LEU A 4439 -52.88 26.13 14.51
C LEU A 4439 -52.67 25.24 15.73
N ARG A 4440 -52.44 25.85 16.90
CA ARG A 4440 -52.40 25.10 18.16
C ARG A 4440 -53.72 24.43 18.45
N LYS A 4441 -54.84 25.17 18.35
CA LYS A 4441 -56.12 24.55 18.66
C LYS A 4441 -56.55 23.57 17.57
N LEU A 4442 -56.13 23.80 16.31
CA LEU A 4442 -56.42 22.87 15.24
C LEU A 4442 -55.69 21.54 15.47
N LEU A 4443 -54.39 21.62 15.80
CA LEU A 4443 -53.64 20.41 16.17
C LEU A 4443 -54.20 19.75 17.42
N HIS A 4444 -54.74 20.55 18.35
CA HIS A 4444 -55.34 19.99 19.57
C HIS A 4444 -56.60 19.20 19.24
N ASP A 4445 -57.41 19.72 18.32
CA ASP A 4445 -58.61 19.03 17.90
C ASP A 4445 -58.27 17.74 17.15
N ARG A 4446 -57.29 17.81 16.25
CA ARG A 4446 -56.94 16.61 15.49
C ARG A 4446 -56.25 15.56 16.38
N ILE A 4447 -55.45 15.98 17.36
CA ILE A 4447 -54.81 15.01 18.22
C ILE A 4447 -55.81 14.44 19.22
N THR A 4448 -56.86 15.20 19.57
CA THR A 4448 -57.89 14.66 20.45
C THR A 4448 -58.71 13.61 19.72
N ILE A 4449 -58.99 13.87 18.43
CA ILE A 4449 -59.62 12.89 17.56
C ILE A 4449 -58.77 11.62 17.42
N PHE A 4450 -57.45 11.80 17.25
CA PHE A 4450 -56.56 10.66 17.08
C PHE A 4450 -56.46 9.84 18.37
N LEU A 4451 -56.39 10.50 19.53
CA LEU A 4451 -56.34 9.75 20.78
C LEU A 4451 -57.66 9.05 21.08
N SER A 4452 -58.80 9.65 20.72
CA SER A 4452 -60.08 8.97 20.93
C SER A 4452 -60.24 7.75 20.02
N THR A 4453 -59.86 7.86 18.74
CA THR A 4453 -59.91 6.69 17.85
C THR A 4453 -58.94 5.61 18.32
N TRP A 4454 -57.75 6.00 18.79
CA TRP A 4454 -56.78 5.00 19.26
C TRP A 4454 -57.25 4.32 20.53
N ASN A 4455 -57.79 5.07 21.50
CA ASN A 4455 -58.30 4.46 22.72
C ASN A 4455 -59.51 3.58 22.45
N ALA A 4456 -60.28 3.87 21.39
CA ALA A 4456 -61.36 2.98 21.00
C ALA A 4456 -60.84 1.68 20.37
N LEU A 4457 -59.98 1.77 19.37
CA LEU A 4457 -59.74 0.63 18.50
C LEU A 4457 -58.55 -0.27 18.92
N ARG A 4458 -57.91 0.00 20.06
CA ARG A 4458 -56.63 -0.68 20.34
C ARG A 4458 -56.76 -2.09 20.92
N ARG A 4459 -57.64 -2.92 20.36
CA ARG A 4459 -57.67 -4.33 20.75
C ARG A 4459 -57.75 -5.28 19.56
N SER A 4460 -58.41 -4.83 18.48
CA SER A 4460 -58.50 -5.59 17.24
C SER A 4460 -57.23 -5.54 16.41
N LEU A 4461 -56.34 -4.59 16.67
CA LEU A 4461 -55.12 -4.44 15.88
C LEU A 4461 -54.13 -5.59 16.10
N GLU A 4462 -54.00 -6.06 17.32
CA GLU A 4462 -53.05 -7.12 17.67
C GLU A 4462 -53.61 -8.51 17.47
N THR A 4463 -54.84 -8.64 16.96
CA THR A 4463 -55.44 -9.94 16.68
C THR A 4463 -56.11 -10.04 15.31
N ASN A 4464 -56.34 -8.93 14.62
CA ASN A 4464 -56.93 -8.99 13.29
C ASN A 4464 -56.18 -8.16 12.26
N GLY A 4465 -55.29 -7.27 12.68
CA GLY A 4465 -54.49 -6.52 11.73
C GLY A 4465 -53.45 -7.42 11.05
N GLU A 4466 -53.11 -7.08 9.81
CA GLU A 4466 -52.12 -7.88 9.10
C GLU A 4466 -50.71 -7.55 9.52
N ILE A 4467 -50.50 -6.38 10.13
CA ILE A 4467 -49.20 -5.95 10.62
C ILE A 4467 -49.03 -6.38 12.08
N LYS A 4468 -48.15 -7.34 12.32
CA LYS A 4468 -47.93 -7.90 13.65
C LYS A 4468 -47.17 -6.90 14.51
N LEU A 4469 -47.84 -6.34 15.51
CA LEU A 4469 -47.27 -5.35 16.40
C LEU A 4469 -47.29 -5.83 17.85
N PRO A 4470 -46.26 -5.49 18.64
CA PRO A 4470 -46.19 -5.94 20.04
C PRO A 4470 -47.19 -5.32 21.02
N LYS A 4471 -47.12 -5.80 22.26
CA LYS A 4471 -48.08 -5.55 23.33
C LYS A 4471 -47.66 -4.41 24.26
N ASP A 4472 -46.56 -3.73 23.98
CA ASP A 4472 -46.10 -2.58 24.72
C ASP A 4472 -46.66 -1.29 24.11
N TYR A 4473 -47.53 -1.43 23.11
CA TYR A 4473 -48.14 -0.31 22.42
C TYR A 4473 -49.54 0.00 22.93
N CYS A 4474 -50.39 -1.03 23.10
CA CYS A 4474 -51.80 -0.86 23.42
C CYS A 4474 -52.14 -1.27 24.85
N CYS A 4475 -51.18 -1.26 25.76
CA CYS A 4475 -51.47 -1.63 27.15
C CYS A 4475 -51.69 -0.42 28.05
N SER A 4476 -52.01 0.74 27.49
CA SER A 4476 -52.25 1.93 28.28
C SER A 4476 -53.14 2.88 27.50
N ASP A 4477 -53.79 3.78 28.24
CA ASP A 4477 -54.65 4.79 27.64
C ASP A 4477 -53.78 5.99 27.30
N LEU A 4478 -53.66 6.30 26.00
CA LEU A 4478 -52.79 7.39 25.60
C LEU A 4478 -53.43 8.73 25.93
N ASP A 4479 -52.59 9.73 26.20
CA ASP A 4479 -53.06 11.04 26.61
C ASP A 4479 -52.18 12.11 25.97
N LEU A 4480 -52.46 13.37 26.33
CA LEU A 4480 -51.72 14.51 25.78
C LEU A 4480 -50.33 14.66 26.40
N ASP A 4481 -50.04 14.01 27.51
CA ASP A 4481 -48.70 14.03 28.09
C ASP A 4481 -47.91 12.75 27.81
N ALA A 4482 -48.32 11.95 26.82
CA ALA A 4482 -47.58 10.73 26.52
C ALA A 4482 -46.36 11.06 25.64
N GLU A 4483 -45.73 10.02 25.10
CA GLU A 4483 -44.56 10.19 24.26
C GLU A 4483 -44.97 10.74 22.89
N PHE A 4484 -44.01 11.40 22.23
CA PHE A 4484 -44.23 12.07 20.95
C PHE A 4484 -44.00 11.21 19.72
N GLU A 4485 -43.24 10.12 19.80
CA GLU A 4485 -42.97 9.31 18.62
C GLU A 4485 -44.11 8.37 18.23
N VAL A 4486 -45.24 8.40 18.94
CA VAL A 4486 -46.39 7.56 18.57
C VAL A 4486 -47.23 8.14 17.45
N ILE A 4487 -46.95 9.36 17.01
CA ILE A 4487 -47.73 10.00 15.95
C ILE A 4487 -46.94 10.14 14.66
N LEU A 4488 -45.63 9.89 14.68
CA LEU A 4488 -44.82 9.93 13.47
C LEU A 4488 -44.90 8.57 12.80
N PRO A 4489 -45.51 8.44 11.61
CA PRO A 4489 -45.86 7.12 11.03
C PRO A 4489 -44.73 6.32 10.40
N ARG A 4490 -43.94 5.66 11.24
CA ARG A 4490 -42.88 4.79 10.76
C ARG A 4490 -43.43 3.38 10.55
N ARG A 4491 -42.54 2.40 10.32
CA ARG A 4491 -42.98 1.03 10.06
C ARG A 4491 -42.27 -0.07 10.83
N GLN A 4492 -41.34 0.25 11.73
CA GLN A 4492 -40.70 -0.81 12.50
C GLN A 4492 -40.91 -0.67 14.01
N GLY A 4493 -40.55 0.45 14.60
CA GLY A 4493 -40.54 0.51 16.05
C GLY A 4493 -41.26 1.69 16.65
N LEU A 4494 -42.36 1.40 17.38
CA LEU A 4494 -43.16 2.32 18.20
C LEU A 4494 -43.91 3.38 17.38
N GLY A 4495 -43.68 3.43 16.07
CA GLY A 4495 -44.39 4.28 15.14
C GLY A 4495 -45.36 3.53 14.28
N LEU A 4496 -45.54 2.22 14.54
CA LEU A 4496 -46.58 1.37 13.97
C LEU A 4496 -47.98 1.71 14.46
N CYS A 4497 -48.11 2.58 15.45
CA CYS A 4497 -49.43 3.00 15.92
C CYS A 4497 -50.25 3.72 14.84
N GLY A 4498 -49.75 4.85 14.33
CA GLY A 4498 -50.46 5.58 13.29
C GLY A 4498 -50.63 4.80 11.99
N THR A 4499 -49.57 4.10 11.57
CA THR A 4499 -49.59 3.38 10.31
C THR A 4499 -50.49 2.16 10.39
N ALA A 4500 -50.41 1.42 11.51
CA ALA A 4500 -51.27 0.27 11.69
C ALA A 4500 -52.74 0.68 11.83
N LEU A 4501 -53.01 1.85 12.43
CA LEU A 4501 -54.39 2.30 12.54
C LEU A 4501 -54.98 2.68 11.19
N VAL A 4502 -54.23 3.45 10.38
CA VAL A 4502 -54.73 3.83 9.06
C VAL A 4502 -54.85 2.63 8.14
N SER A 4503 -53.87 1.72 8.16
CA SER A 4503 -53.92 0.53 7.32
C SER A 4503 -55.03 -0.42 7.75
N TYR A 4504 -55.35 -0.48 9.05
CA TYR A 4504 -56.45 -1.34 9.47
C TYR A 4504 -57.81 -0.76 9.08
N LEU A 4505 -57.94 0.58 9.12
CA LEU A 4505 -59.19 1.17 8.64
C LEU A 4505 -59.36 0.95 7.13
N ILE A 4506 -58.28 1.09 6.36
CA ILE A 4506 -58.34 0.79 4.93
C ILE A 4506 -58.66 -0.68 4.68
N SER A 4507 -58.09 -1.59 5.49
CA SER A 4507 -58.37 -3.01 5.30
C SER A 4507 -59.80 -3.40 5.65
N LEU A 4508 -60.38 -2.80 6.72
CA LEU A 4508 -61.78 -3.06 7.03
C LEU A 4508 -62.69 -2.56 5.92
N HIS A 4509 -62.48 -1.31 5.49
CA HIS A 4509 -63.28 -0.72 4.41
C HIS A 4509 -63.16 -1.53 3.12
N ASN A 4510 -61.93 -1.96 2.77
CA ASN A 4510 -61.75 -2.69 1.53
C ASN A 4510 -62.28 -4.12 1.63
N ASN A 4511 -62.27 -4.72 2.83
CA ASN A 4511 -62.89 -6.04 3.00
C ASN A 4511 -64.39 -5.97 2.86
N MET A 4512 -65.02 -4.91 3.40
CA MET A 4512 -66.48 -4.85 3.30
C MET A 4512 -66.93 -4.47 1.88
N VAL A 4513 -66.20 -3.58 1.21
CA VAL A 4513 -66.57 -3.26 -0.17
C VAL A 4513 -66.28 -4.45 -1.08
N TYR A 4514 -65.23 -5.23 -0.78
CA TYR A 4514 -65.00 -6.49 -1.49
C TYR A 4514 -66.14 -7.49 -1.30
N THR A 4515 -66.72 -7.55 -0.09
CA THR A 4515 -67.86 -8.46 0.15
C THR A 4515 -69.08 -8.02 -0.66
N VAL A 4516 -69.33 -6.71 -0.69
CA VAL A 4516 -70.40 -6.13 -1.49
C VAL A 4516 -70.15 -6.39 -2.97
N GLN A 4517 -68.93 -6.13 -3.42
CA GLN A 4517 -68.49 -6.21 -4.80
C GLN A 4517 -68.25 -7.64 -5.26
N LYS A 4518 -68.38 -8.62 -4.37
CA LYS A 4518 -68.45 -10.02 -4.74
C LYS A 4518 -69.85 -10.59 -4.73
N PHE A 4519 -70.74 -10.09 -3.86
CA PHE A 4519 -72.10 -10.63 -3.81
C PHE A 4519 -72.93 -10.24 -5.04
N SER A 4520 -73.19 -8.95 -5.25
CA SER A 4520 -74.13 -8.55 -6.31
C SER A 4520 -73.54 -7.79 -7.49
N ASN A 4521 -72.60 -6.86 -7.29
CA ASN A 4521 -72.19 -6.02 -8.42
C ASN A 4521 -71.28 -6.73 -9.42
N GLU A 4522 -70.52 -7.72 -8.97
CA GLU A 4522 -69.77 -8.69 -9.79
C GLU A 4522 -68.60 -8.12 -10.61
N ASP A 4523 -68.47 -6.80 -10.72
CA ASP A 4523 -67.44 -5.96 -11.36
C ASP A 4523 -67.73 -4.50 -11.10
N ASN A 4524 -66.65 -3.72 -10.95
CA ASN A 4524 -66.55 -2.27 -10.93
C ASN A 4524 -65.07 -1.95 -11.05
N SER A 4525 -64.73 -0.85 -11.72
CA SER A 4525 -63.34 -0.44 -11.77
C SER A 4525 -63.06 0.89 -11.05
N TYR A 4526 -64.00 1.38 -10.25
CA TYR A 4526 -63.83 2.67 -9.57
C TYR A 4526 -62.94 2.52 -8.34
N SER A 4527 -61.72 3.06 -8.41
CA SER A 4527 -60.72 2.88 -7.36
C SER A 4527 -59.92 4.16 -7.25
N VAL A 4528 -59.98 4.83 -6.09
CA VAL A 4528 -59.19 6.04 -5.89
C VAL A 4528 -58.04 5.77 -4.92
N ASP A 4529 -56.97 6.53 -5.10
CA ASP A 4529 -55.77 6.52 -4.28
C ASP A 4529 -55.98 7.28 -2.97
N ILE A 4530 -54.96 7.30 -2.13
CA ILE A 4530 -55.00 7.91 -0.81
C ILE A 4530 -54.33 9.29 -0.84
N SER A 4531 -54.27 9.90 -2.02
CA SER A 4531 -53.75 11.25 -2.14
C SER A 4531 -54.84 12.32 -2.18
N GLU A 4532 -56.08 11.93 -2.48
CA GLU A 4532 -57.15 12.91 -2.57
C GLU A 4532 -58.40 12.46 -1.81
N VAL A 4533 -58.22 11.71 -0.73
CA VAL A 4533 -59.36 11.32 0.10
C VAL A 4533 -59.89 12.56 0.83
N ALA A 4534 -61.03 13.06 0.37
CA ALA A 4534 -61.78 14.04 1.14
C ALA A 4534 -62.75 13.35 2.09
N ASP A 4535 -63.68 14.13 2.63
CA ASP A 4535 -64.68 13.60 3.56
C ASP A 4535 -65.69 12.72 2.84
N LEU A 4536 -66.03 13.06 1.60
CA LEU A 4536 -67.11 12.44 0.85
C LEU A 4536 -66.74 11.08 0.26
N HIS A 4537 -65.54 10.58 0.50
CA HIS A 4537 -65.14 9.29 -0.03
C HIS A 4537 -65.30 8.15 0.97
N VAL A 4538 -65.27 8.45 2.27
CA VAL A 4538 -65.37 7.41 3.28
C VAL A 4538 -66.84 7.24 3.69
N ILE A 4539 -67.15 6.06 4.22
CA ILE A 4539 -68.48 5.75 4.74
C ILE A 4539 -68.69 6.51 6.05
N SER A 4540 -69.53 7.55 6.02
CA SER A 4540 -69.74 8.41 7.19
C SER A 4540 -71.23 8.55 7.45
N TYR A 4541 -71.60 8.45 8.73
CA TYR A 4541 -72.98 8.66 9.20
C TYR A 4541 -72.94 8.93 10.69
N GLU A 4542 -74.11 8.94 11.33
CA GLU A 4542 -74.20 8.90 12.79
C GLU A 4542 -75.28 7.91 13.19
N VAL A 4543 -75.16 7.39 14.40
CA VAL A 4543 -76.10 6.38 14.85
C VAL A 4543 -77.40 6.99 15.37
N GLU A 4544 -77.33 8.08 16.15
CA GLU A 4544 -78.55 8.64 16.73
C GLU A 4544 -79.27 9.61 15.79
N ARG A 4545 -78.78 9.81 14.57
CA ARG A 4545 -79.43 10.77 13.68
C ARG A 4545 -79.69 10.17 12.31
N ASP A 4546 -78.84 9.24 11.89
CA ASP A 4546 -78.89 8.70 10.54
C ASP A 4546 -79.08 7.20 10.45
N LEU A 4547 -78.71 6.43 11.47
CA LEU A 4547 -78.92 4.99 11.41
C LEU A 4547 -80.23 4.56 12.06
N ASN A 4548 -80.49 5.00 13.29
CA ASN A 4548 -81.68 4.57 14.01
C ASN A 4548 -83.03 4.95 13.38
N PRO A 4549 -83.25 6.14 12.79
CA PRO A 4549 -84.53 6.32 12.08
C PRO A 4549 -84.74 5.53 10.79
N LEU A 4550 -83.69 5.16 10.04
CA LEU A 4550 -83.95 4.30 8.87
C LEU A 4550 -84.37 2.89 9.28
N ILE A 4551 -83.72 2.33 10.30
CA ILE A 4551 -84.05 0.99 10.77
C ILE A 4551 -85.40 0.99 11.48
N LEU A 4552 -85.72 2.07 12.18
CA LEU A 4552 -87.01 2.22 12.84
C LEU A 4552 -88.12 2.46 11.82
N SER A 4553 -87.78 2.83 10.58
CA SER A 4553 -88.72 3.05 9.51
C SER A 4553 -89.11 1.77 8.77
N ASN A 4554 -88.62 0.60 9.20
CA ASN A 4554 -88.92 -0.66 8.53
C ASN A 4554 -89.32 -1.78 9.49
N CYS A 4555 -89.69 -1.46 10.72
CA CYS A 4555 -90.34 -2.43 11.60
C CYS A 4555 -91.84 -2.39 11.34
N GLN A 4556 -92.39 -3.47 10.78
CA GLN A 4556 -93.78 -3.51 10.33
C GLN A 4556 -94.64 -4.26 11.35
N TYR A 4557 -95.80 -3.67 11.66
CA TYR A 4557 -96.74 -4.16 12.66
C TYR A 4557 -97.88 -4.91 11.97
N GLN A 4558 -98.06 -6.19 12.32
CA GLN A 4558 -99.10 -7.00 11.71
C GLN A 4558 -100.06 -7.48 12.79
N VAL A 4559 -101.35 -7.29 12.53
CA VAL A 4559 -102.45 -7.66 13.44
C VAL A 4559 -103.43 -8.59 12.71
N GLN A 4560 -103.60 -9.79 13.24
CA GLN A 4560 -104.56 -10.74 12.70
C GLN A 4560 -105.96 -10.42 13.26
N GLN A 4561 -106.98 -11.11 12.74
CA GLN A 4561 -108.35 -10.95 13.23
C GLN A 4561 -108.51 -11.37 14.69
N GLY A 4562 -107.82 -12.44 15.10
CA GLY A 4562 -107.91 -12.90 16.48
C GLY A 4562 -107.34 -11.92 17.49
N GLY A 4563 -106.34 -11.15 17.09
CA GLY A 4563 -105.79 -10.07 17.89
C GLY A 4563 -104.42 -10.44 18.39
N GLU A 4564 -103.41 -9.97 17.67
CA GLU A 4564 -102.01 -10.19 18.01
C GLU A 4564 -101.24 -8.92 17.63
N THR A 4565 -99.92 -8.95 17.80
CA THR A 4565 -99.07 -7.87 17.30
C THR A 4565 -97.70 -8.50 16.99
N SER A 4566 -97.50 -8.82 15.72
CA SER A 4566 -96.25 -9.41 15.23
C SER A 4566 -95.39 -8.31 14.64
N GLN A 4567 -94.14 -8.23 15.10
CA GLN A 4567 -93.16 -7.32 14.53
C GLN A 4567 -92.31 -8.07 13.50
N GLU A 4568 -92.36 -7.59 12.26
CA GLU A 4568 -91.65 -8.22 11.17
C GLU A 4568 -90.62 -7.23 10.63
N PHE A 4569 -89.40 -7.73 10.42
CA PHE A 4569 -88.34 -7.01 9.72
C PHE A 4569 -88.31 -7.46 8.27
N ASP A 4570 -88.94 -6.67 7.39
CA ASP A 4570 -88.84 -6.91 5.95
C ASP A 4570 -87.46 -6.48 5.47
N LEU A 4571 -86.55 -7.47 5.38
CA LEU A 4571 -85.14 -7.22 5.16
C LEU A 4571 -84.80 -6.66 3.78
N GLU A 4572 -85.66 -6.89 2.78
CA GLU A 4572 -85.40 -6.34 1.45
C GLU A 4572 -85.46 -4.81 1.43
N LYS A 4573 -86.46 -4.20 2.09
CA LYS A 4573 -86.54 -2.74 2.09
C LYS A 4573 -85.42 -2.09 2.90
N ILE A 4574 -85.03 -2.70 4.01
CA ILE A 4574 -83.90 -2.17 4.77
C ILE A 4574 -82.59 -2.34 4.01
N GLN A 4575 -82.44 -3.44 3.26
CA GLN A 4575 -81.26 -3.62 2.41
C GLN A 4575 -81.19 -2.57 1.31
N ARG A 4576 -82.32 -2.31 0.65
CA ARG A 4576 -82.35 -1.29 -0.42
C ARG A 4576 -82.13 0.11 0.13
N GLN A 4577 -82.55 0.36 1.37
CA GLN A 4577 -82.34 1.69 1.94
C GLN A 4577 -80.90 1.87 2.42
N ILE A 4578 -80.34 0.86 3.11
CA ILE A 4578 -78.98 0.97 3.64
C ILE A 4578 -77.95 0.98 2.50
N SER A 4579 -78.18 0.17 1.45
CA SER A 4579 -77.30 0.11 0.28
C SER A 4579 -77.23 1.42 -0.49
N SER A 4580 -78.37 1.98 -0.89
CA SER A 4580 -78.35 3.16 -1.75
C SER A 4580 -78.16 4.47 -1.02
N ARG A 4581 -77.67 4.48 0.21
CA ARG A 4581 -77.30 5.78 0.76
C ARG A 4581 -75.87 5.82 1.28
N PHE A 4582 -75.37 4.73 1.86
CA PHE A 4582 -74.04 4.67 2.46
C PHE A 4582 -73.03 3.86 1.65
N LEU A 4583 -73.31 2.61 1.32
CA LEU A 4583 -72.27 1.67 0.93
C LEU A 4583 -72.44 1.21 -0.52
N GLN A 4584 -72.84 2.15 -1.38
CA GLN A 4584 -72.84 1.91 -2.81
C GLN A 4584 -72.52 3.23 -3.50
N GLY A 4585 -71.61 3.18 -4.47
CA GLY A 4585 -71.01 4.37 -5.00
C GLY A 4585 -69.70 4.75 -4.34
N LYS A 4586 -69.12 3.86 -3.56
CA LYS A 4586 -67.86 4.07 -2.88
C LYS A 4586 -66.73 3.34 -3.59
N PRO A 4587 -65.52 3.92 -3.60
CA PRO A 4587 -64.39 3.27 -4.28
C PRO A 4587 -63.87 2.03 -3.58
N ARG A 4588 -62.82 1.43 -4.17
CA ARG A 4588 -62.12 0.30 -3.58
C ARG A 4588 -60.68 0.77 -3.37
N LEU A 4589 -60.37 1.10 -2.12
CA LEU A 4589 -59.14 1.82 -1.80
C LEU A 4589 -57.90 0.95 -1.99
N THR A 4590 -56.83 1.58 -2.48
CA THR A 4590 -55.55 0.92 -2.71
C THR A 4590 -54.49 1.55 -1.80
N LEU A 4591 -53.46 0.77 -1.47
CA LEU A 4591 -52.52 1.12 -0.42
C LEU A 4591 -51.26 1.83 -0.96
N LYS A 4592 -51.42 2.61 -2.02
CA LYS A 4592 -50.26 3.21 -2.69
C LYS A 4592 -49.70 4.42 -1.93
N GLY A 4593 -50.51 5.47 -1.78
CA GLY A 4593 -49.96 6.73 -1.28
C GLY A 4593 -50.06 7.03 0.20
N ILE A 4594 -49.83 6.02 1.03
CA ILE A 4594 -49.85 6.16 2.49
C ILE A 4594 -48.71 7.10 2.92
N PRO A 4595 -48.95 8.07 3.81
CA PRO A 4595 -47.84 8.90 4.30
C PRO A 4595 -46.89 8.06 5.15
N THR A 4596 -45.61 8.02 4.75
CA THR A 4596 -44.63 7.16 5.40
C THR A 4596 -43.24 7.79 5.33
N LEU A 4597 -42.65 8.06 6.49
CA LEU A 4597 -41.25 8.47 6.56
C LEU A 4597 -40.37 7.23 6.42
N VAL A 4598 -39.17 7.39 5.86
CA VAL A 4598 -38.33 6.24 5.63
C VAL A 4598 -37.21 6.21 6.68
N TYR A 4599 -36.93 5.01 7.18
CA TYR A 4599 -35.93 4.68 8.19
C TYR A 4599 -34.53 4.32 7.69
N ARG A 4600 -34.39 3.21 6.95
CA ARG A 4600 -33.09 2.72 6.51
C ARG A 4600 -32.49 3.54 5.38
N ARG A 4601 -31.18 3.76 5.49
CA ARG A 4601 -30.41 4.66 4.65
C ARG A 4601 -29.78 3.86 3.52
N ASP A 4602 -30.20 4.09 2.28
CA ASP A 4602 -30.03 3.09 1.23
C ASP A 4602 -28.63 3.16 0.63
N TRP A 4603 -27.60 2.98 1.45
CA TRP A 4603 -26.19 2.83 1.08
C TRP A 4603 -25.67 1.40 1.31
N ASN A 4604 -26.45 0.36 1.02
CA ASN A 4604 -25.88 -0.98 1.11
C ASN A 4604 -25.19 -1.43 -0.17
N TYR A 4605 -25.23 -0.59 -1.22
CA TYR A 4605 -24.71 -0.89 -2.59
C TYR A 4605 -25.42 -2.04 -3.31
N GLU A 4606 -26.40 -2.67 -2.69
CA GLU A 4606 -26.94 -3.90 -3.28
C GLU A 4606 -28.26 -3.70 -4.01
N HIS A 4607 -29.09 -2.76 -3.56
CA HIS A 4607 -30.23 -2.33 -4.38
C HIS A 4607 -29.75 -1.65 -5.65
N LEU A 4608 -28.61 -0.96 -5.57
CA LEU A 4608 -28.01 -0.36 -6.76
C LEU A 4608 -27.58 -1.45 -7.75
N PHE A 4609 -27.00 -2.53 -7.25
CA PHE A 4609 -26.51 -3.62 -8.09
C PHE A 4609 -27.67 -4.37 -8.74
N MET A 4610 -28.74 -4.59 -7.97
CA MET A 4610 -29.88 -5.30 -8.53
C MET A 4610 -30.60 -4.41 -9.55
N ASP A 4611 -30.48 -3.08 -9.41
CA ASP A 4611 -31.01 -2.16 -10.41
C ASP A 4611 -30.19 -2.18 -11.72
N ILE A 4612 -28.86 -2.27 -11.63
CA ILE A 4612 -28.07 -2.43 -12.87
C ILE A 4612 -28.34 -3.78 -13.55
N LYS A 4613 -28.52 -4.87 -12.79
CA LYS A 4613 -28.84 -6.10 -13.53
C LYS A 4613 -30.26 -6.06 -14.12
N ASN A 4614 -31.17 -5.28 -13.53
CA ASN A 4614 -32.48 -5.11 -14.14
C ASN A 4614 -32.47 -4.30 -15.44
N LYS A 4615 -31.91 -3.07 -15.45
CA LYS A 4615 -32.05 -2.29 -16.69
C LYS A 4615 -31.20 -2.78 -17.87
N MET A 4616 -29.97 -3.23 -17.63
CA MET A 4616 -29.05 -3.52 -18.73
C MET A 4616 -28.51 -4.93 -18.61
N ALA A 4617 -27.94 -5.41 -19.71
CA ALA A 4617 -27.37 -6.76 -19.83
C ALA A 4617 -25.86 -6.64 -19.66
N GLN A 4618 -25.43 -6.76 -18.40
CA GLN A 4618 -24.07 -6.52 -17.97
C GLN A 4618 -23.22 -7.75 -18.27
N SER A 4619 -22.24 -7.59 -19.18
CA SER A 4619 -21.28 -8.62 -19.51
C SER A 4619 -20.08 -8.56 -18.57
N SER A 4620 -19.13 -9.48 -18.78
CA SER A 4620 -17.87 -9.43 -18.03
C SER A 4620 -16.78 -8.70 -18.82
N LEU A 4621 -15.63 -8.52 -18.17
CA LEU A 4621 -14.47 -7.80 -18.70
C LEU A 4621 -13.63 -8.71 -19.59
N PRO A 4622 -13.09 -8.18 -20.69
CA PRO A 4622 -12.14 -8.94 -21.50
C PRO A 4622 -10.82 -9.16 -20.76
N ASN A 4623 -10.09 -10.19 -21.21
CA ASN A 4623 -8.81 -10.52 -20.57
C ASN A 4623 -7.69 -9.53 -20.92
N LEU A 4624 -7.79 -8.82 -22.04
CA LEU A 4624 -6.79 -7.81 -22.39
C LEU A 4624 -7.09 -6.46 -21.76
N ALA A 4625 -8.37 -6.14 -21.58
CA ALA A 4625 -8.73 -4.89 -20.91
C ALA A 4625 -8.33 -4.89 -19.45
N ILE A 4626 -8.25 -6.07 -18.82
CA ILE A 4626 -7.73 -6.18 -17.45
C ILE A 4626 -6.28 -5.71 -17.38
N SER A 4627 -5.45 -6.19 -18.32
CA SER A 4627 -4.05 -5.77 -18.38
C SER A 4627 -3.92 -4.30 -18.73
N THR A 4628 -4.82 -3.80 -19.59
CA THR A 4628 -4.82 -2.39 -19.97
C THR A 4628 -5.12 -1.50 -18.77
N ILE A 4629 -6.20 -1.80 -18.04
CA ILE A 4629 -6.60 -0.95 -16.91
C ILE A 4629 -5.76 -1.21 -15.67
N SER A 4630 -4.96 -2.27 -15.64
CA SER A 4630 -4.09 -2.49 -14.51
C SER A 4630 -2.68 -1.97 -14.72
N GLY A 4631 -2.23 -1.87 -15.98
CA GLY A 4631 -0.93 -1.26 -16.23
C GLY A 4631 -0.96 0.24 -16.06
N GLN A 4632 -2.05 0.88 -16.45
CA GLN A 4632 -2.21 2.33 -16.42
C GLN A 4632 -2.60 2.87 -15.04
N LEU A 4633 -2.85 1.99 -14.07
CA LEU A 4633 -3.31 2.42 -12.74
C LEU A 4633 -2.40 1.86 -11.65
N GLN A 4634 -1.09 1.98 -11.84
CA GLN A 4634 -0.16 1.58 -10.80
C GLN A 4634 -0.03 2.61 -9.68
N SER A 4635 -0.34 3.87 -9.92
CA SER A 4635 -0.39 4.84 -8.83
C SER A 4635 -1.61 4.61 -7.94
N TYR A 4636 -1.46 4.99 -6.67
CA TYR A 4636 -2.55 4.84 -5.71
C TYR A 4636 -3.55 6.00 -5.81
N SER A 4637 -3.04 7.21 -6.04
CA SER A 4637 -3.89 8.39 -6.19
C SER A 4637 -4.79 8.31 -7.42
N ASP A 4638 -4.29 7.69 -8.49
CA ASP A 4638 -5.12 7.50 -9.69
C ASP A 4638 -6.22 6.50 -9.40
N ALA A 4639 -5.93 5.50 -8.58
CA ALA A 4639 -6.94 4.53 -8.18
C ALA A 4639 -8.03 5.19 -7.34
N CYS A 4640 -7.64 6.06 -6.40
CA CYS A 4640 -8.63 6.77 -5.58
C CYS A 4640 -9.49 7.72 -6.41
N GLU A 4641 -8.87 8.40 -7.38
CA GLU A 4641 -9.62 9.31 -8.26
C GLU A 4641 -10.60 8.52 -9.13
N ALA A 4642 -10.14 7.39 -9.66
CA ALA A 4642 -10.96 6.51 -10.48
C ALA A 4642 -12.13 5.95 -9.67
N LEU A 4643 -11.87 5.55 -8.41
CA LEU A 4643 -12.94 5.02 -7.58
C LEU A 4643 -13.98 6.09 -7.25
N SER A 4644 -13.54 7.35 -7.06
CA SER A 4644 -14.51 8.41 -6.81
C SER A 4644 -15.37 8.68 -8.05
N ILE A 4645 -14.74 8.72 -9.22
CA ILE A 4645 -15.45 8.88 -10.49
C ILE A 4645 -16.46 7.75 -10.70
N ILE A 4646 -16.03 6.50 -10.47
CA ILE A 4646 -16.95 5.42 -10.76
C ILE A 4646 -18.00 5.20 -9.67
N GLU A 4647 -17.78 5.65 -8.43
CA GLU A 4647 -18.88 5.65 -7.46
C GLU A 4647 -19.94 6.68 -7.84
N ILE A 4648 -19.50 7.87 -8.30
CA ILE A 4648 -20.47 8.86 -8.80
C ILE A 4648 -21.24 8.33 -10.01
N THR A 4649 -20.54 7.70 -10.96
CA THR A 4649 -21.26 7.26 -12.16
C THR A 4649 -22.11 6.02 -11.90
N LEU A 4650 -21.79 5.21 -10.89
CA LEU A 4650 -22.71 4.13 -10.56
C LEU A 4650 -23.91 4.63 -9.78
N GLY A 4651 -23.72 5.70 -8.99
CA GLY A 4651 -24.87 6.37 -8.40
C GLY A 4651 -25.81 6.97 -9.42
N PHE A 4652 -25.28 7.46 -10.54
CA PHE A 4652 -26.14 7.89 -11.64
C PHE A 4652 -26.78 6.73 -12.38
N LEU A 4653 -26.01 5.69 -12.70
CA LEU A 4653 -26.51 4.59 -13.52
C LEU A 4653 -27.52 3.73 -12.78
N SER A 4654 -27.49 3.75 -11.45
CA SER A 4654 -28.42 2.92 -10.67
C SER A 4654 -29.84 3.45 -10.74
N THR A 4655 -30.05 4.70 -10.33
CA THR A 4655 -31.38 5.30 -10.28
C THR A 4655 -31.77 6.04 -11.57
N ALA A 4656 -31.27 5.59 -12.71
CA ALA A 4656 -31.74 6.07 -14.02
C ALA A 4656 -31.43 4.99 -15.05
N GLY A 4657 -31.50 5.34 -16.34
CA GLY A 4657 -31.26 4.40 -17.40
C GLY A 4657 -29.88 4.56 -18.01
N GLY A 4658 -29.51 3.58 -18.82
CA GLY A 4658 -28.24 3.63 -19.53
C GLY A 4658 -28.15 2.87 -20.83
N ASP A 4659 -27.56 3.48 -21.85
CA ASP A 4659 -27.32 2.80 -23.12
C ASP A 4659 -26.17 1.83 -22.88
N PRO A 4660 -26.35 0.52 -23.09
CA PRO A 4660 -25.27 -0.44 -22.82
C PRO A 4660 -24.10 -0.43 -23.79
N GLY A 4661 -24.08 0.36 -24.87
CA GLY A 4661 -22.79 0.55 -25.50
C GLY A 4661 -22.05 1.74 -24.91
N MET A 4662 -21.64 2.68 -25.78
CA MET A 4662 -21.26 4.06 -25.47
C MET A 4662 -20.09 4.11 -24.47
N ASP A 4663 -18.90 3.84 -24.99
CA ASP A 4663 -17.58 3.93 -24.32
C ASP A 4663 -17.49 5.09 -23.33
N LEU A 4664 -16.96 4.78 -22.14
CA LEU A 4664 -17.24 5.52 -20.89
C LEU A 4664 -16.78 6.98 -20.94
N ASN A 4665 -15.80 7.31 -21.78
CA ASN A 4665 -15.43 8.71 -21.92
C ASN A 4665 -16.56 9.54 -22.53
N VAL A 4666 -17.29 8.99 -23.50
CA VAL A 4666 -18.34 9.82 -24.12
C VAL A 4666 -19.55 9.92 -23.20
N TYR A 4667 -19.58 9.14 -22.13
CA TYR A 4667 -20.46 9.41 -20.99
C TYR A 4667 -19.89 10.49 -20.05
N ILE A 4668 -18.58 10.44 -19.75
CA ILE A 4668 -17.99 11.32 -18.74
C ILE A 4668 -17.94 12.80 -19.13
N GLU A 4669 -17.25 13.18 -20.22
CA GLU A 4669 -17.08 14.63 -20.42
C GLU A 4669 -18.30 15.38 -20.97
N GLU A 4670 -19.21 14.75 -21.70
CA GLU A 4670 -20.28 15.51 -22.34
C GLU A 4670 -21.65 15.28 -21.73
N VAL A 4671 -21.98 14.08 -21.28
CA VAL A 4671 -23.31 13.84 -20.73
C VAL A 4671 -23.42 14.42 -19.32
N LEU A 4672 -22.64 13.94 -18.35
CA LEU A 4672 -22.73 14.59 -17.05
C LEU A 4672 -21.69 15.69 -16.91
N ARG A 4673 -21.05 16.08 -18.01
CA ARG A 4673 -20.29 17.31 -18.19
C ARG A 4673 -19.14 17.44 -17.18
N MET A 4674 -18.55 16.31 -16.80
CA MET A 4674 -17.44 16.31 -15.86
C MET A 4674 -16.20 16.92 -16.50
N CYS A 4675 -15.44 17.68 -15.71
CA CYS A 4675 -14.27 18.38 -16.23
C CYS A 4675 -13.08 17.41 -16.33
N ASP A 4676 -11.88 17.95 -16.51
CA ASP A 4676 -10.66 17.14 -16.58
C ASP A 4676 -10.10 16.94 -15.16
N GLN A 4677 -10.32 15.76 -14.59
CA GLN A 4677 -9.67 15.43 -13.33
C GLN A 4677 -8.19 15.07 -13.54
N THR A 4678 -7.91 13.98 -14.26
CA THR A 4678 -6.57 13.53 -14.64
C THR A 4678 -6.69 12.77 -15.95
N ALA A 4679 -5.64 12.86 -16.77
CA ALA A 4679 -5.63 12.15 -18.04
C ALA A 4679 -5.43 10.65 -17.86
N GLN A 4680 -4.83 10.22 -16.75
CA GLN A 4680 -4.49 8.81 -16.55
C GLN A 4680 -5.74 7.94 -16.40
N VAL A 4681 -6.73 8.40 -15.63
CA VAL A 4681 -7.95 7.61 -15.47
C VAL A 4681 -8.78 7.60 -16.74
N LEU A 4682 -8.63 8.60 -17.61
CA LEU A 4682 -9.39 8.60 -18.85
C LEU A 4682 -8.74 7.70 -19.89
N LYS A 4683 -7.41 7.70 -19.94
CA LYS A 4683 -6.69 6.71 -20.75
C LYS A 4683 -6.90 5.29 -20.22
N ALA A 4684 -7.16 5.14 -18.92
CA ALA A 4684 -7.59 3.84 -18.41
C ALA A 4684 -8.97 3.46 -18.90
N PHE A 4685 -9.95 4.36 -18.72
CA PHE A 4685 -11.35 4.07 -19.05
C PHE A 4685 -11.66 4.13 -20.55
N SER A 4686 -10.67 4.42 -21.40
CA SER A 4686 -10.91 4.55 -22.84
C SER A 4686 -11.45 3.29 -23.50
N ARG A 4687 -11.17 2.11 -22.96
CA ARG A 4687 -11.60 0.90 -23.67
C ARG A 4687 -12.64 0.13 -22.85
N CYS A 4688 -13.63 0.84 -22.31
CA CYS A 4688 -14.68 0.21 -21.51
C CYS A 4688 -16.02 0.87 -21.83
N GLN A 4689 -17.08 0.06 -21.85
CA GLN A 4689 -18.45 0.51 -21.98
C GLN A 4689 -19.23 0.23 -20.70
N LEU A 4690 -20.51 0.66 -20.67
CA LEU A 4690 -21.28 0.63 -19.44
C LEU A 4690 -21.79 -0.75 -19.07
N ARG A 4691 -21.60 -1.78 -19.90
CA ARG A 4691 -21.98 -3.10 -19.42
C ARG A 4691 -20.92 -3.76 -18.56
N HIS A 4692 -19.82 -3.07 -18.25
CA HIS A 4692 -18.73 -3.64 -17.47
C HIS A 4692 -18.64 -3.05 -16.07
N ILE A 4693 -19.45 -2.00 -15.79
CA ILE A 4693 -19.21 -1.05 -14.70
C ILE A 4693 -19.04 -1.71 -13.33
N ILE A 4694 -20.02 -2.53 -12.92
CA ILE A 4694 -19.98 -3.18 -11.60
C ILE A 4694 -18.76 -4.07 -11.48
N ALA A 4695 -18.50 -4.89 -12.52
CA ALA A 4695 -17.31 -5.73 -12.53
C ALA A 4695 -16.06 -4.87 -12.54
N LEU A 4696 -16.10 -3.79 -13.35
CA LEU A 4696 -15.02 -2.81 -13.36
C LEU A 4696 -14.82 -2.23 -11.98
N TRP A 4697 -15.96 -1.90 -11.32
CA TRP A 4697 -15.93 -1.33 -9.98
C TRP A 4697 -15.27 -2.29 -9.00
N GLN A 4698 -15.70 -3.56 -9.04
CA GLN A 4698 -15.23 -4.47 -8.00
C GLN A 4698 -13.78 -4.80 -8.25
N PHE A 4699 -13.37 -4.77 -9.53
CA PHE A 4699 -11.99 -5.02 -9.89
C PHE A 4699 -11.12 -3.95 -9.25
N LEU A 4700 -11.52 -2.69 -9.48
CA LEU A 4700 -10.73 -1.57 -9.02
C LEU A 4700 -10.76 -1.51 -7.51
N SER A 4701 -11.86 -1.99 -6.91
CA SER A 4701 -12.00 -2.02 -5.45
C SER A 4701 -10.95 -2.96 -4.88
N ALA A 4702 -10.88 -4.18 -5.42
CA ALA A 4702 -9.89 -5.16 -5.00
C ALA A 4702 -8.50 -4.63 -5.27
N HIS A 4703 -8.35 -3.90 -6.39
CA HIS A 4703 -7.05 -3.41 -6.80
C HIS A 4703 -6.55 -2.41 -5.78
N LYS A 4704 -7.45 -1.58 -5.23
CA LYS A 4704 -7.04 -0.61 -4.23
C LYS A 4704 -6.53 -1.32 -2.99
N SER A 4705 -7.24 -2.40 -2.59
CA SER A 4705 -6.84 -3.13 -1.41
C SER A 4705 -5.51 -3.82 -1.62
N GLU A 4706 -5.24 -4.29 -2.85
CA GLU A 4706 -3.99 -5.00 -3.00
C GLU A 4706 -2.84 -4.03 -3.10
N GLN A 4707 -3.12 -2.76 -3.47
CA GLN A 4707 -2.09 -1.73 -3.34
C GLN A 4707 -1.77 -1.48 -1.88
N ARG A 4708 -2.81 -1.52 -1.02
CA ARG A 4708 -2.62 -1.46 0.42
C ARG A 4708 -1.79 -2.63 0.93
N LEU A 4709 -1.76 -3.74 0.20
CA LEU A 4709 -0.94 -4.87 0.63
C LEU A 4709 0.53 -4.62 0.30
N ARG A 4710 0.83 -3.94 -0.82
CA ARG A 4710 2.23 -3.85 -1.21
C ARG A 4710 2.94 -2.64 -0.63
N LEU A 4711 2.21 -1.72 -0.01
CA LEU A 4711 2.82 -0.61 0.67
C LEU A 4711 2.90 -0.81 2.18
N ASN A 4712 2.53 -2.00 2.66
CA ASN A 4712 2.62 -2.43 4.06
C ASN A 4712 1.85 -1.50 5.01
N LYS A 4713 0.53 -1.45 4.81
CA LYS A 4713 -0.33 -0.62 5.63
C LYS A 4713 -1.40 -1.45 6.30
N GLU A 4714 -2.04 -0.85 7.31
CA GLU A 4714 -3.21 -1.44 7.94
C GLU A 4714 -4.36 -1.23 6.97
N LEU A 4715 -4.84 -2.30 6.36
CA LEU A 4715 -5.53 -2.20 5.10
C LEU A 4715 -7.05 -2.28 5.20
N PHE A 4716 -7.61 -2.50 6.38
CA PHE A 4716 -9.07 -2.41 6.49
C PHE A 4716 -9.51 -1.34 7.48
N ARG A 4717 -9.02 -1.40 8.73
CA ARG A 4717 -9.02 -0.33 9.72
C ARG A 4717 -10.42 0.08 10.23
N GLU A 4718 -11.49 -0.46 9.66
CA GLU A 4718 -12.84 0.01 9.97
C GLU A 4718 -13.75 -1.15 10.32
N ILE A 4719 -13.43 -2.34 9.81
CA ILE A 4719 -14.21 -3.54 10.08
C ILE A 4719 -13.94 -4.02 11.50
N ASP A 4720 -14.77 -4.96 11.97
CA ASP A 4720 -14.66 -5.47 13.32
C ASP A 4720 -13.41 -6.32 13.53
N VAL A 4721 -12.91 -6.31 14.78
CA VAL A 4721 -11.75 -7.11 15.19
C VAL A 4721 -12.02 -8.61 15.30
N GLN A 4722 -13.28 -9.04 15.43
CA GLN A 4722 -13.57 -10.48 15.50
C GLN A 4722 -13.17 -11.26 14.24
N TYR A 4723 -13.26 -10.67 13.06
CA TYR A 4723 -12.82 -11.37 11.86
C TYR A 4723 -11.34 -11.22 11.56
N LYS A 4724 -10.62 -10.36 12.26
CA LYS A 4724 -9.23 -10.04 11.91
C LYS A 4724 -8.24 -10.84 12.77
N GLU A 4725 -8.28 -12.16 12.61
CA GLU A 4725 -7.37 -13.06 13.31
C GLU A 4725 -6.60 -13.91 12.30
N GLU A 4726 -5.55 -14.56 12.80
CA GLU A 4726 -4.66 -15.35 11.96
C GLU A 4726 -5.18 -16.76 11.73
N LEU A 4727 -4.82 -17.33 10.58
CA LEU A 4727 -4.99 -18.75 10.34
C LEU A 4727 -4.01 -19.58 11.17
N SER A 4728 -4.40 -20.80 11.48
CA SER A 4728 -3.44 -21.77 11.98
C SER A 4728 -2.71 -22.42 10.80
N THR A 4729 -1.80 -23.35 11.12
CA THR A 4729 -0.93 -23.93 10.09
C THR A 4729 -1.70 -24.91 9.19
N GLN A 4730 -2.65 -25.65 9.77
CA GLN A 4730 -3.43 -26.62 9.00
C GLN A 4730 -4.37 -25.94 8.01
N HIS A 4731 -5.02 -24.86 8.45
CA HIS A 4731 -5.94 -24.14 7.56
C HIS A 4731 -5.19 -23.48 6.42
N GLN A 4732 -4.00 -22.94 6.67
CA GLN A 4732 -3.27 -22.31 5.58
C GLN A 4732 -2.55 -23.31 4.70
N ARG A 4733 -2.29 -24.53 5.20
CA ARG A 4733 -1.81 -25.60 4.33
C ARG A 4733 -2.91 -26.09 3.40
N LEU A 4734 -4.13 -26.26 3.93
CA LEU A 4734 -5.26 -26.59 3.07
C LEU A 4734 -5.61 -25.46 2.11
N LEU A 4735 -5.42 -24.21 2.54
CA LEU A 4735 -5.59 -23.06 1.66
C LEU A 4735 -4.58 -23.08 0.52
N GLY A 4736 -3.31 -23.38 0.82
CA GLY A 4736 -2.31 -23.49 -0.23
C GLY A 4736 -2.58 -24.64 -1.18
N THR A 4737 -3.12 -25.76 -0.66
CA THR A 4737 -3.55 -26.86 -1.49
C THR A 4737 -4.69 -26.44 -2.42
N PHE A 4738 -5.60 -25.59 -1.94
CA PHE A 4738 -6.62 -25.02 -2.81
C PHE A 4738 -6.02 -24.09 -3.86
N LEU A 4739 -5.12 -23.20 -3.44
CA LEU A 4739 -4.60 -22.16 -4.32
C LEU A 4739 -3.61 -22.68 -5.36
N ASN A 4740 -3.08 -23.89 -5.18
CA ASN A 4740 -2.23 -24.46 -6.22
C ASN A 4740 -3.03 -24.77 -7.49
N GLU A 4741 -4.31 -25.09 -7.36
CA GLU A 4741 -5.22 -25.28 -8.50
C GLU A 4741 -6.45 -24.40 -8.24
N ALA A 4742 -6.34 -23.13 -8.65
CA ALA A 4742 -7.40 -22.16 -8.35
C ALA A 4742 -7.38 -21.03 -9.36
N GLY A 4743 -8.56 -20.58 -9.75
CA GLY A 4743 -8.71 -19.36 -10.52
C GLY A 4743 -8.68 -18.16 -9.60
N LEU A 4744 -7.46 -17.77 -9.19
CA LEU A 4744 -7.24 -16.68 -8.24
C LEU A 4744 -7.85 -15.37 -8.70
N ASP A 4745 -7.78 -15.11 -10.02
CA ASP A 4745 -8.19 -13.85 -10.64
C ASP A 4745 -9.68 -13.60 -10.49
N ALA A 4746 -10.50 -14.62 -10.26
CA ALA A 4746 -11.89 -14.44 -9.91
C ALA A 4746 -12.18 -14.70 -8.45
N PHE A 4747 -11.39 -15.59 -7.83
CA PHE A 4747 -11.52 -15.94 -6.42
C PHE A 4747 -11.34 -14.74 -5.49
N LEU A 4748 -10.20 -14.05 -5.56
CA LEU A 4748 -10.01 -12.95 -4.61
C LEU A 4748 -10.89 -11.75 -4.94
N LEU A 4749 -11.33 -11.64 -6.20
CA LEU A 4749 -12.29 -10.60 -6.57
C LEU A 4749 -13.65 -10.81 -5.92
N GLU A 4750 -14.21 -12.03 -6.02
CA GLU A 4750 -15.49 -12.30 -5.38
C GLU A 4750 -15.36 -12.26 -3.86
N LEU A 4751 -14.25 -12.73 -3.31
CA LEU A 4751 -14.08 -12.68 -1.86
C LEU A 4751 -13.96 -11.25 -1.36
N HIS A 4752 -13.24 -10.38 -2.10
CA HIS A 4752 -13.12 -9.01 -1.66
C HIS A 4752 -14.41 -8.21 -1.81
N GLU A 4753 -15.20 -8.46 -2.86
CA GLU A 4753 -16.53 -7.84 -2.93
C GLU A 4753 -17.41 -8.30 -1.77
N MET A 4754 -17.40 -9.59 -1.43
CA MET A 4754 -18.25 -10.05 -0.33
C MET A 4754 -17.83 -9.45 1.02
N ILE A 4755 -16.51 -9.35 1.26
CA ILE A 4755 -16.06 -8.78 2.54
C ILE A 4755 -16.39 -7.29 2.64
N VAL A 4756 -16.14 -6.49 1.59
CA VAL A 4756 -16.36 -5.05 1.73
C VAL A 4756 -17.80 -4.64 1.44
N LEU A 4757 -18.65 -5.59 1.05
CA LEU A 4757 -20.08 -5.31 0.94
C LEU A 4757 -20.91 -5.90 2.06
N LYS A 4758 -20.43 -6.95 2.72
CA LYS A 4758 -21.21 -7.68 3.72
C LYS A 4758 -20.60 -7.66 5.10
N LEU A 4759 -19.28 -7.75 5.23
CA LEU A 4759 -18.62 -7.84 6.53
C LEU A 4759 -18.23 -6.44 7.01
N LYS A 4760 -19.26 -5.60 7.13
CA LYS A 4760 -19.05 -4.16 7.25
C LYS A 4760 -18.53 -3.76 8.63
N GLY A 4761 -18.82 -4.56 9.65
CA GLY A 4761 -18.45 -4.20 11.00
C GLY A 4761 -19.56 -4.46 12.01
N PRO A 4762 -20.10 -3.39 12.60
CA PRO A 4762 -21.23 -3.54 13.54
C PRO A 4762 -22.50 -3.99 12.83
N ARG A 4763 -23.15 -4.99 13.44
CA ARG A 4763 -24.25 -5.78 12.88
C ARG A 4763 -23.85 -6.38 11.51
N ALA A 4764 -22.88 -7.29 11.59
CA ALA A 4764 -22.51 -8.11 10.45
C ALA A 4764 -22.60 -9.61 10.72
N ALA A 4765 -22.85 -10.01 11.97
CA ALA A 4765 -23.09 -11.40 12.35
C ALA A 4765 -24.57 -11.79 12.27
N ASN A 4766 -25.37 -11.08 11.46
CA ASN A 4766 -26.78 -11.38 11.36
C ASN A 4766 -27.04 -12.67 10.57
N SER A 4767 -26.55 -12.73 9.34
CA SER A 4767 -26.66 -13.94 8.52
C SER A 4767 -25.31 -14.60 8.24
N PHE A 4768 -24.25 -14.14 8.90
CA PHE A 4768 -22.85 -14.44 8.62
C PHE A 4768 -22.11 -14.76 9.91
N ASN A 4769 -22.67 -15.73 10.64
CA ASN A 4769 -22.19 -16.45 11.82
C ASN A 4769 -20.71 -16.77 11.62
N PRO A 4770 -19.82 -16.36 12.55
CA PRO A 4770 -18.40 -16.68 12.40
C PRO A 4770 -17.99 -18.06 12.86
N ASN A 4771 -18.78 -19.07 12.50
CA ASN A 4771 -18.38 -20.47 12.65
C ASN A 4771 -18.80 -21.32 11.46
N TRP A 4772 -19.42 -20.74 10.44
CA TRP A 4772 -19.70 -21.44 9.19
C TRP A 4772 -18.44 -21.61 8.33
N SER A 4773 -18.60 -22.34 7.23
CA SER A 4773 -17.57 -22.50 6.21
C SER A 4773 -17.73 -21.46 5.10
N LEU A 4774 -16.61 -21.08 4.48
CA LEU A 4774 -16.62 -20.10 3.39
C LEU A 4774 -17.27 -20.66 2.13
N LYS A 4775 -17.19 -21.98 1.92
CA LYS A 4775 -17.75 -22.58 0.71
C LYS A 4775 -19.27 -22.44 0.65
N ASP A 4776 -19.94 -22.69 1.77
CA ASP A 4776 -21.40 -22.61 1.78
C ASP A 4776 -21.90 -21.18 1.62
N THR A 4777 -21.26 -20.20 2.29
CA THR A 4777 -21.71 -18.82 2.12
C THR A 4777 -21.36 -18.27 0.73
N LEU A 4778 -20.28 -18.74 0.10
CA LEU A 4778 -19.98 -18.24 -1.23
C LEU A 4778 -20.89 -18.84 -2.28
N VAL A 4779 -21.23 -20.12 -2.16
CA VAL A 4779 -22.15 -20.66 -3.15
C VAL A 4779 -23.58 -20.14 -2.93
N SER A 4780 -23.93 -19.79 -1.67
CA SER A 4780 -25.27 -19.27 -1.37
C SER A 4780 -25.38 -17.83 -1.81
N TYR A 4781 -24.29 -17.09 -1.72
CA TYR A 4781 -24.27 -15.74 -2.22
C TYR A 4781 -24.32 -15.78 -3.75
N MET A 4782 -23.65 -16.77 -4.34
CA MET A 4782 -23.42 -16.85 -5.77
C MET A 4782 -24.37 -17.85 -6.51
N GLU A 4783 -25.62 -18.03 -6.05
CA GLU A 4783 -26.59 -18.64 -6.99
C GLU A 4783 -27.64 -17.61 -7.35
N THR A 4784 -27.60 -16.42 -6.75
CA THR A 4784 -28.55 -15.36 -7.10
C THR A 4784 -28.30 -14.83 -8.50
N LYS A 4785 -27.10 -14.32 -8.76
CA LYS A 4785 -26.86 -13.65 -10.03
C LYS A 4785 -25.78 -14.29 -10.87
N ASP A 4786 -24.62 -14.64 -10.30
CA ASP A 4786 -23.44 -14.92 -11.11
C ASP A 4786 -23.50 -16.32 -11.71
N SER A 4787 -23.04 -16.44 -12.96
CA SER A 4787 -22.88 -17.72 -13.64
C SER A 4787 -21.42 -18.10 -13.87
N ASP A 4788 -20.52 -17.78 -12.94
CA ASP A 4788 -19.11 -18.14 -13.10
C ASP A 4788 -18.71 -19.58 -12.75
N ILE A 4789 -17.40 -19.71 -12.58
CA ILE A 4789 -16.60 -20.90 -12.29
C ILE A 4789 -16.84 -21.36 -10.85
N LEU A 4790 -17.71 -22.37 -10.72
CA LEU A 4790 -18.32 -22.90 -9.50
C LEU A 4790 -17.89 -24.30 -9.07
N SER A 4791 -17.64 -25.21 -10.01
CA SER A 4791 -17.13 -26.54 -9.67
C SER A 4791 -15.75 -26.57 -9.00
N GLU A 4792 -14.86 -25.60 -9.26
CA GLU A 4792 -13.56 -25.64 -8.58
C GLU A 4792 -13.73 -25.39 -7.09
N VAL A 4793 -14.53 -24.39 -6.69
CA VAL A 4793 -14.76 -24.18 -5.26
C VAL A 4793 -15.76 -25.18 -4.68
N GLU A 4794 -16.42 -25.99 -5.52
CA GLU A 4794 -17.26 -27.05 -4.96
C GLU A 4794 -16.45 -28.30 -4.65
N SER A 4795 -15.53 -28.70 -5.53
CA SER A 4795 -14.79 -29.94 -5.27
C SER A 4795 -13.44 -29.75 -4.61
N GLN A 4796 -12.92 -28.52 -4.52
CA GLN A 4796 -11.55 -28.31 -4.05
C GLN A 4796 -11.39 -27.44 -2.80
N PHE A 4797 -12.39 -26.60 -2.44
CA PHE A 4797 -12.12 -25.73 -1.30
C PHE A 4797 -12.25 -26.48 0.04
N PRO A 4798 -11.43 -26.12 1.02
CA PRO A 4798 -11.51 -26.76 2.35
C PRO A 4798 -12.80 -26.49 3.13
N GLU A 4799 -13.32 -27.56 3.74
CA GLU A 4799 -14.63 -27.57 4.38
C GLU A 4799 -14.65 -26.93 5.77
N GLU A 4800 -13.49 -26.64 6.36
CA GLU A 4800 -13.38 -26.27 7.77
C GLU A 4800 -12.47 -25.05 7.96
N ILE A 4801 -12.72 -24.01 7.15
CA ILE A 4801 -11.90 -22.81 7.22
C ILE A 4801 -12.20 -21.93 8.45
N LEU A 4802 -13.37 -22.10 9.09
CA LEU A 4802 -13.73 -21.46 10.36
C LEU A 4802 -13.79 -19.93 10.24
N MET A 4803 -14.92 -19.41 9.74
CA MET A 4803 -15.17 -18.06 9.23
C MET A 4803 -14.46 -16.87 9.89
N SER A 4804 -14.27 -16.93 11.21
CA SER A 4804 -13.62 -15.85 11.96
C SER A 4804 -12.19 -15.53 11.49
N SER A 4805 -11.54 -16.46 10.80
CA SER A 4805 -10.34 -16.17 10.02
C SER A 4805 -10.70 -15.99 8.54
N CYS A 4806 -11.31 -14.85 8.24
CA CYS A 4806 -11.79 -14.56 6.88
C CYS A 4806 -10.77 -13.82 6.04
N ILE A 4807 -10.30 -12.66 6.51
CA ILE A 4807 -9.52 -11.76 5.66
C ILE A 4807 -8.06 -12.17 5.54
N SER A 4808 -7.57 -13.04 6.43
CA SER A 4808 -6.21 -13.56 6.28
C SER A 4808 -6.11 -14.54 5.11
N VAL A 4809 -7.20 -15.24 4.78
CA VAL A 4809 -7.28 -16.00 3.54
C VAL A 4809 -7.15 -15.09 2.33
N TRP A 4810 -7.76 -13.90 2.39
CA TRP A 4810 -7.62 -12.95 1.28
C TRP A 4810 -6.21 -12.40 1.20
N LYS A 4811 -5.58 -12.15 2.36
CA LYS A 4811 -4.20 -11.66 2.39
C LYS A 4811 -3.25 -12.69 1.79
N ILE A 4812 -3.46 -13.97 2.09
CA ILE A 4812 -2.61 -15.02 1.54
C ILE A 4812 -2.83 -15.17 0.04
N ALA A 4813 -4.09 -15.05 -0.40
CA ALA A 4813 -4.41 -15.13 -1.82
C ALA A 4813 -3.80 -13.96 -2.60
N ALA A 4814 -3.88 -12.75 -2.05
CA ALA A 4814 -3.32 -11.60 -2.74
C ALA A 4814 -1.80 -11.57 -2.70
N THR A 4815 -1.18 -12.11 -1.65
CA THR A 4815 0.28 -12.16 -1.65
C THR A 4815 0.79 -13.29 -2.55
N ARG A 4816 -0.01 -14.33 -2.78
CA ARG A 4816 0.37 -15.32 -3.79
C ARG A 4816 0.22 -14.74 -5.19
N LYS A 4817 -0.83 -13.93 -5.41
CA LYS A 4817 -0.99 -13.18 -6.65
C LYS A 4817 0.22 -12.27 -6.89
N TRP A 4818 0.68 -11.58 -5.85
CA TRP A 4818 1.82 -10.68 -5.99
C TRP A 4818 3.12 -11.42 -6.20
N ASP A 4819 3.29 -12.60 -5.60
CA ASP A 4819 4.50 -13.38 -5.86
C ASP A 4819 4.51 -13.89 -7.29
N ARG A 4820 3.33 -14.27 -7.82
CA ARG A 4820 3.26 -14.70 -9.22
C ARG A 4820 3.52 -13.55 -10.19
N GLN A 4821 2.90 -12.39 -9.98
CA GLN A 4821 3.06 -11.32 -10.98
C GLN A 4821 4.28 -10.43 -10.75
N SER A 4822 5.04 -10.63 -9.67
CA SER A 4822 6.22 -9.81 -9.43
C SER A 4822 7.50 -10.61 -9.40
N ARG A 4823 7.51 -11.76 -8.70
CA ARG A 4823 8.71 -12.58 -8.65
C ARG A 4823 8.99 -13.24 -10.00
N GLY A 4824 7.94 -13.60 -10.73
CA GLY A 4824 8.09 -14.15 -12.06
C GLY A 4824 8.44 -13.10 -13.11
N GLY A 4825 7.73 -11.98 -13.10
CA GLY A 4825 7.97 -10.92 -14.05
C GLY A 4825 8.12 -9.55 -13.40
#